data_2ERM
#
_entry.id   2ERM
#
_cell.length_a   1.000
_cell.length_b   1.000
_cell.length_c   1.000
_cell.angle_alpha   90.00
_cell.angle_beta   90.00
_cell.angle_gamma   90.00
#
_symmetry.space_group_name_H-M   'P 1'
#
loop_
_entity.id
_entity.type
_entity.pdbx_description
1 polymer 'Heparin-binding growth factor 1'
2 branched '2-deoxy-2-(sulfoamino)-alpha-D-glucopyranose-(1-4)-2-O-sulfo-alpha-L-idopyranuronic acid-(1-4)-2-acetamido-2-deoxy-6-O-sulfo-alpha-D-glucopyranose-(1-4)-alpha-L-idopyranuronic acid-(1-4)-2-deoxy-2-(sulfoamino)-alpha-D-glucopyranose-(1-4)-2-O-sulfo-alpha-L-idopyranuronic acid'
3 non-polymer 'ISOPROPYL ALCOHOL'
#
_entity_poly.entity_id   1
_entity_poly.type   'polypeptide(L)'
_entity_poly.pdbx_seq_one_letter_code
;NLPPGNYKKPKLLYCSNGGHFLRILPDGTVDGTRDRSDQHIQLQLSAESVGEVYIKSTETGQYLAMDTDGLLYGSQTPNE
ECLFLERLEENHYNTYISKKHAEKNWFVGLKKNGSCKRGPRTHYGQKAILFLPLPVSSD
;
_entity_poly.pdbx_strand_id   A
#
# COMPACT_ATOMS: atom_id res chain seq x y z
N TYR A 7 15.61 5.47 -5.40
CA TYR A 7 15.44 4.62 -6.60
C TYR A 7 14.66 5.36 -7.70
N LYS A 8 14.88 4.98 -8.96
CA LYS A 8 14.10 5.45 -10.11
C LYS A 8 12.59 5.21 -9.91
N LYS A 9 11.85 6.27 -9.58
CA LYS A 9 10.47 6.21 -9.11
C LYS A 9 9.54 5.36 -10.02
N PRO A 10 8.87 4.33 -9.46
CA PRO A 10 7.98 3.44 -10.20
C PRO A 10 6.53 3.96 -10.18
N LYS A 11 5.65 3.31 -9.42
CA LYS A 11 4.22 3.58 -9.39
C LYS A 11 3.89 4.58 -8.29
N LEU A 12 3.56 5.80 -8.69
CA LEU A 12 3.14 6.85 -7.77
C LEU A 12 1.72 6.56 -7.30
N LEU A 13 1.58 5.63 -6.35
CA LEU A 13 0.31 5.22 -5.74
C LEU A 13 -0.32 6.34 -4.90
N TYR A 14 -1.11 7.18 -5.56
CA TYR A 14 -1.95 8.21 -4.95
C TYR A 14 -3.13 7.59 -4.20
N CYS A 15 -3.18 7.70 -2.87
CA CYS A 15 -4.37 7.29 -2.11
C CYS A 15 -5.53 8.24 -2.41
N SER A 16 -6.69 7.68 -2.77
CA SER A 16 -7.81 8.49 -3.24
C SER A 16 -8.47 9.34 -2.16
N ASN A 17 -8.21 9.08 -0.87
CA ASN A 17 -8.65 9.92 0.25
C ASN A 17 -7.64 11.03 0.54
N GLY A 18 -8.06 12.29 0.46
CA GLY A 18 -7.17 13.42 0.77
C GLY A 18 -6.15 13.73 -0.35
N GLY A 19 -5.48 12.70 -0.88
CA GLY A 19 -4.73 12.76 -2.13
C GLY A 19 -3.20 12.81 -1.97
N HIS A 20 -2.66 12.14 -0.96
CA HIS A 20 -1.24 11.87 -0.78
C HIS A 20 -0.80 10.60 -1.51
N PHE A 21 0.46 10.58 -1.93
CA PHE A 21 1.16 9.39 -2.40
C PHE A 21 1.58 8.53 -1.21
N LEU A 22 1.42 7.21 -1.36
CA LEU A 22 1.84 6.23 -0.35
C LEU A 22 3.36 6.28 -0.12
N ARG A 23 3.80 6.51 1.13
CA ARG A 23 5.20 6.63 1.52
C ARG A 23 5.58 5.58 2.56
N ILE A 24 6.77 4.98 2.43
CA ILE A 24 7.32 4.01 3.39
C ILE A 24 8.66 4.51 3.94
N LEU A 25 8.78 4.62 5.26
CA LEU A 25 9.88 5.30 5.93
C LEU A 25 11.00 4.34 6.38
N PRO A 26 12.25 4.82 6.50
CA PRO A 26 13.43 4.05 6.90
C PRO A 26 13.22 2.98 7.97
N ASP A 27 12.65 3.39 9.10
CA ASP A 27 12.32 2.57 10.25
C ASP A 27 11.45 1.35 9.89
N GLY A 28 10.61 1.49 8.86
CA GLY A 28 9.61 0.50 8.47
C GLY A 28 8.22 1.08 8.26
N THR A 29 7.80 2.07 9.05
CA THR A 29 6.41 2.52 9.01
C THR A 29 5.98 3.10 7.66
N VAL A 30 4.67 3.32 7.53
CA VAL A 30 4.05 3.83 6.30
C VAL A 30 3.11 4.98 6.61
N ASP A 31 2.96 5.87 5.64
CA ASP A 31 2.14 7.07 5.73
C ASP A 31 1.84 7.69 4.34
N GLY A 32 1.31 8.91 4.35
CA GLY A 32 0.94 9.68 3.16
C GLY A 32 1.85 10.89 3.00
N THR A 33 2.44 11.08 1.82
CA THR A 33 3.15 12.32 1.48
C THR A 33 2.51 12.96 0.26
N ARG A 34 2.25 14.26 0.30
CA ARG A 34 1.47 14.92 -0.73
C ARG A 34 2.14 14.89 -2.13
N ASP A 35 3.47 14.70 -2.19
CA ASP A 35 4.23 14.78 -3.44
C ASP A 35 5.10 13.54 -3.73
N ARG A 36 4.94 12.96 -4.92
CA ARG A 36 5.83 11.96 -5.51
C ARG A 36 7.33 12.29 -5.43
N SER A 37 7.68 13.57 -5.31
CA SER A 37 9.05 14.06 -5.17
C SER A 37 9.68 13.65 -3.84
N ASP A 38 8.89 13.16 -2.88
CA ASP A 38 9.37 12.75 -1.57
C ASP A 38 10.52 11.73 -1.66
N GLN A 39 11.35 11.66 -0.62
CA GLN A 39 12.47 10.75 -0.52
C GLN A 39 12.06 9.27 -0.66
N HIS A 40 10.90 8.86 -0.15
CA HIS A 40 10.65 7.46 0.19
C HIS A 40 9.28 6.92 -0.27
N ILE A 41 8.91 7.21 -1.53
CA ILE A 41 7.68 6.73 -2.16
C ILE A 41 7.91 5.59 -3.17
N GLN A 42 9.12 5.00 -3.18
CA GLN A 42 9.51 3.99 -4.16
C GLN A 42 9.15 2.57 -3.71
N LEU A 43 7.84 2.28 -3.67
CA LEU A 43 7.28 0.98 -3.29
C LEU A 43 6.77 0.21 -4.51
N GLN A 44 7.21 -1.05 -4.63
CA GLN A 44 6.96 -1.91 -5.79
C GLN A 44 6.29 -3.23 -5.41
N LEU A 45 5.26 -3.62 -6.16
CA LEU A 45 4.47 -4.82 -5.91
C LEU A 45 5.12 -6.09 -6.50
N SER A 46 5.77 -6.87 -5.63
CA SER A 46 6.42 -8.11 -5.99
C SER A 46 5.38 -9.25 -6.02
N ALA A 47 4.86 -9.58 -7.20
CA ALA A 47 3.80 -10.58 -7.34
C ALA A 47 4.20 -11.98 -6.82
N GLU A 48 3.40 -12.54 -5.91
CA GLU A 48 3.44 -13.93 -5.52
C GLU A 48 2.86 -14.81 -6.64
N SER A 49 1.75 -14.36 -7.23
CA SER A 49 1.04 -15.04 -8.32
C SER A 49 0.08 -14.09 -9.02
N VAL A 50 -0.84 -14.66 -9.80
CA VAL A 50 -1.80 -13.97 -10.66
C VAL A 50 -2.90 -13.21 -9.90
N GLY A 51 -2.49 -12.30 -9.01
CA GLY A 51 -3.38 -11.51 -8.17
C GLY A 51 -2.69 -11.05 -6.88
N GLU A 52 -1.97 -11.96 -6.23
CA GLU A 52 -1.32 -11.71 -4.95
C GLU A 52 0.08 -11.11 -5.10
N VAL A 53 0.39 -10.16 -4.21
CA VAL A 53 1.59 -9.33 -4.24
C VAL A 53 2.16 -9.03 -2.86
N TYR A 54 3.49 -8.86 -2.80
CA TYR A 54 4.20 -8.31 -1.65
C TYR A 54 4.76 -6.93 -2.01
N ILE A 55 4.26 -5.86 -1.40
CA ILE A 55 4.77 -4.51 -1.67
C ILE A 55 6.07 -4.25 -0.90
N LYS A 56 7.18 -4.14 -1.63
CA LYS A 56 8.50 -3.89 -1.07
C LYS A 56 8.99 -2.47 -1.40
N SER A 57 9.63 -1.78 -0.43
CA SER A 57 10.49 -0.64 -0.76
C SER A 57 11.58 -1.11 -1.73
N THR A 58 11.57 -0.61 -2.96
CA THR A 58 12.50 -0.98 -4.03
C THR A 58 13.94 -1.08 -3.54
N GLU A 59 14.48 0.06 -3.12
CA GLU A 59 15.79 0.21 -2.51
C GLU A 59 15.89 -0.35 -1.08
N THR A 60 15.30 0.34 -0.09
CA THR A 60 15.59 0.05 1.32
C THR A 60 14.99 -1.26 1.85
N GLY A 61 14.06 -1.88 1.12
CA GLY A 61 13.81 -3.31 1.27
C GLY A 61 12.63 -3.68 2.17
N GLN A 62 12.06 -2.70 2.89
CA GLN A 62 11.01 -2.97 3.87
C GLN A 62 9.73 -3.42 3.16
N TYR A 63 9.08 -4.45 3.71
CA TYR A 63 7.89 -5.08 3.17
C TYR A 63 6.63 -4.48 3.78
N LEU A 64 5.90 -3.62 3.06
CA LEU A 64 4.71 -2.96 3.55
C LEU A 64 3.69 -4.01 4.03
N ALA A 65 3.39 -3.99 5.33
CA ALA A 65 2.69 -5.05 6.04
C ALA A 65 1.53 -4.48 6.86
N MET A 66 0.44 -5.23 6.97
CA MET A 66 -0.68 -4.94 7.86
C MET A 66 -0.71 -5.97 9.00
N ASP A 67 -0.71 -5.52 10.26
CA ASP A 67 -0.53 -6.40 11.41
C ASP A 67 -1.84 -7.03 11.92
N THR A 68 -1.87 -7.43 13.20
CA THR A 68 -2.89 -8.32 13.76
C THR A 68 -4.20 -7.64 14.14
N ASP A 69 -4.17 -6.36 14.50
CA ASP A 69 -5.34 -5.50 14.63
C ASP A 69 -5.72 -4.96 13.24
N GLY A 70 -4.69 -4.70 12.44
CA GLY A 70 -4.71 -4.13 11.11
C GLY A 70 -3.90 -2.84 10.99
N LEU A 71 -3.03 -2.51 11.96
CA LEU A 71 -2.10 -1.38 11.85
C LEU A 71 -1.10 -1.61 10.72
N LEU A 72 -0.82 -0.58 9.92
CA LEU A 72 0.14 -0.69 8.83
C LEU A 72 1.57 -0.40 9.31
N TYR A 73 2.53 -1.13 8.75
CA TYR A 73 3.94 -1.07 9.10
C TYR A 73 4.82 -1.64 7.97
N GLY A 74 6.09 -1.89 8.25
CA GLY A 74 7.03 -2.53 7.33
C GLY A 74 7.72 -3.74 7.98
N SER A 75 7.60 -4.93 7.39
CA SER A 75 8.33 -6.11 7.83
C SER A 75 9.72 -6.17 7.21
N GLN A 76 10.60 -6.95 7.83
CA GLN A 76 11.90 -7.33 7.30
C GLN A 76 11.75 -8.30 6.11
N THR A 77 10.78 -9.20 6.22
CA THR A 77 10.52 -10.30 5.30
C THR A 77 9.24 -10.11 4.50
N PRO A 78 9.10 -10.78 3.34
CA PRO A 78 7.81 -11.01 2.74
C PRO A 78 7.08 -12.05 3.60
N ASN A 79 5.93 -11.70 4.17
CA ASN A 79 5.09 -12.61 4.94
C ASN A 79 3.64 -12.15 4.82
N GLU A 80 2.68 -12.97 5.21
CA GLU A 80 1.30 -12.84 4.76
C GLU A 80 0.65 -11.46 5.07
N GLU A 81 1.10 -10.78 6.14
CA GLU A 81 0.77 -9.42 6.52
C GLU A 81 1.02 -8.43 5.37
N CYS A 82 2.10 -8.70 4.63
CA CYS A 82 2.50 -8.00 3.43
C CYS A 82 1.84 -8.53 2.15
N LEU A 83 1.16 -9.69 2.23
CA LEU A 83 0.62 -10.37 1.07
C LEU A 83 -0.76 -9.83 0.71
N PHE A 84 -0.79 -8.93 -0.26
CA PHE A 84 -1.99 -8.28 -0.72
C PHE A 84 -2.53 -8.94 -1.99
N LEU A 85 -3.80 -9.32 -2.02
CA LEU A 85 -4.53 -9.54 -3.26
C LEU A 85 -4.78 -8.16 -3.89
N GLU A 86 -4.10 -7.89 -5.00
CA GLU A 86 -4.32 -6.71 -5.82
C GLU A 86 -5.59 -6.86 -6.67
N ARG A 87 -6.24 -5.75 -7.02
CA ARG A 87 -7.08 -5.61 -8.20
C ARG A 87 -7.55 -4.18 -8.45
N LEU A 88 -7.81 -3.83 -9.72
CA LEU A 88 -8.39 -2.57 -10.12
C LEU A 88 -9.91 -2.52 -9.90
N GLU A 89 -10.38 -1.52 -9.17
CA GLU A 89 -11.79 -1.31 -8.84
C GLU A 89 -12.39 -0.14 -9.63
N GLU A 90 -12.16 1.10 -9.18
CA GLU A 90 -12.56 2.32 -9.89
C GLU A 90 -11.66 2.49 -11.14
N ASN A 91 -11.95 3.46 -12.02
CA ASN A 91 -11.35 3.61 -13.35
C ASN A 91 -9.82 3.71 -13.34
N HIS A 92 -9.16 2.55 -13.26
CA HIS A 92 -7.71 2.35 -13.13
C HIS A 92 -7.20 2.69 -11.72
N TYR A 93 -7.98 2.37 -10.69
CA TYR A 93 -7.60 2.51 -9.29
C TYR A 93 -7.44 1.13 -8.64
N ASN A 94 -6.23 0.87 -8.14
CA ASN A 94 -5.81 -0.39 -7.56
C ASN A 94 -6.27 -0.54 -6.10
N THR A 95 -6.24 -1.78 -5.59
CA THR A 95 -6.66 -2.09 -4.22
C THR A 95 -5.94 -3.33 -3.68
N TYR A 96 -5.21 -3.14 -2.59
CA TYR A 96 -4.39 -4.16 -1.95
C TYR A 96 -5.10 -4.75 -0.72
N ILE A 97 -5.84 -5.85 -0.92
CA ILE A 97 -6.62 -6.52 0.13
C ILE A 97 -5.75 -7.57 0.84
N SER A 98 -5.64 -7.56 2.17
CA SER A 98 -4.83 -8.57 2.85
C SER A 98 -5.31 -10.02 2.61
N LYS A 99 -4.50 -10.85 1.95
CA LYS A 99 -4.74 -12.27 1.77
C LYS A 99 -4.61 -13.07 3.08
N LYS A 100 -3.96 -12.50 4.10
CA LYS A 100 -3.97 -13.04 5.46
C LYS A 100 -5.36 -12.80 6.07
N HIS A 101 -5.74 -11.53 6.18
CA HIS A 101 -7.04 -11.15 6.73
C HIS A 101 -8.16 -11.27 5.69
N ALA A 102 -8.23 -12.43 5.02
CA ALA A 102 -9.09 -12.66 3.85
C ALA A 102 -10.53 -13.10 4.21
N GLU A 103 -10.92 -12.98 5.48
CA GLU A 103 -12.27 -13.22 5.95
C GLU A 103 -13.00 -11.88 6.00
N LYS A 104 -12.50 -10.97 6.85
CA LYS A 104 -12.94 -9.59 6.89
C LYS A 104 -12.53 -8.82 5.62
N ASN A 105 -11.37 -9.14 5.04
CA ASN A 105 -10.84 -8.52 3.83
C ASN A 105 -10.51 -7.04 4.05
N TRP A 106 -9.46 -6.80 4.84
CA TRP A 106 -8.94 -5.47 5.18
C TRP A 106 -8.12 -4.85 4.04
N PHE A 107 -8.06 -3.52 3.99
CA PHE A 107 -7.42 -2.76 2.91
C PHE A 107 -6.46 -1.69 3.46
N VAL A 108 -5.25 -1.60 2.93
CA VAL A 108 -4.19 -0.72 3.43
C VAL A 108 -4.37 0.78 3.09
N GLY A 109 -5.52 1.37 3.42
CA GLY A 109 -5.85 2.77 3.12
C GLY A 109 -5.15 3.81 4.02
N LEU A 110 -5.24 5.10 3.65
CA LEU A 110 -4.68 6.22 4.42
C LEU A 110 -5.75 7.11 5.07
N LYS A 111 -5.54 7.44 6.35
CA LYS A 111 -6.20 8.50 7.11
C LYS A 111 -5.93 9.90 6.50
N LYS A 112 -6.97 10.73 6.36
CA LYS A 112 -7.03 12.03 5.65
C LYS A 112 -5.77 12.88 5.70
N ASN A 113 -5.22 13.09 6.89
CA ASN A 113 -4.04 13.90 7.14
C ASN A 113 -2.82 13.45 6.31
N GLY A 114 -2.76 12.15 5.98
CA GLY A 114 -1.64 11.50 5.31
C GLY A 114 -0.91 10.53 6.25
N SER A 115 -1.65 9.62 6.90
CA SER A 115 -1.06 8.55 7.69
C SER A 115 -1.83 7.25 7.48
N CYS A 116 -1.25 6.12 7.86
CA CYS A 116 -1.92 4.82 7.76
C CYS A 116 -3.31 4.80 8.40
N LYS A 117 -4.29 4.20 7.72
CA LYS A 117 -5.54 3.78 8.34
C LYS A 117 -5.47 2.29 8.67
N ARG A 118 -5.84 1.94 9.89
CA ARG A 118 -5.67 0.64 10.51
C ARG A 118 -6.94 -0.21 10.39
N GLY A 119 -6.81 -1.46 9.96
CA GLY A 119 -7.76 -2.52 10.31
C GLY A 119 -9.25 -2.27 10.02
N PRO A 120 -10.13 -2.74 10.92
CA PRO A 120 -11.08 -3.74 10.46
C PRO A 120 -12.42 -3.17 10.00
N ARG A 121 -12.38 -1.95 9.46
CA ARG A 121 -13.45 -1.36 8.67
C ARG A 121 -12.92 -0.66 7.41
N THR A 122 -11.62 -0.82 7.10
CA THR A 122 -11.10 -0.47 5.78
C THR A 122 -11.73 -1.39 4.74
N HIS A 123 -12.56 -0.82 3.86
CA HIS A 123 -13.44 -1.63 3.02
C HIS A 123 -14.11 -0.87 1.86
N TYR A 124 -14.92 -1.59 1.08
CA TYR A 124 -15.69 -1.07 -0.04
C TYR A 124 -16.76 -0.05 0.38
N GLY A 125 -16.32 1.17 0.71
CA GLY A 125 -17.20 2.30 1.00
C GLY A 125 -16.46 3.63 0.83
N GLN A 126 -15.36 3.81 1.55
CA GLN A 126 -14.50 4.99 1.45
C GLN A 126 -13.65 4.98 0.19
N LYS A 127 -13.28 6.17 -0.31
CA LYS A 127 -12.22 6.26 -1.31
C LYS A 127 -10.85 5.82 -0.75
N ALA A 128 -10.59 5.98 0.56
CA ALA A 128 -9.34 5.58 1.23
C ALA A 128 -8.71 4.27 0.75
N ILE A 129 -9.51 3.25 0.44
CA ILE A 129 -9.00 1.97 -0.04
C ILE A 129 -8.44 2.00 -1.48
N LEU A 130 -8.91 2.94 -2.31
CA LEU A 130 -8.54 3.07 -3.71
C LEU A 130 -7.19 3.78 -3.88
N PHE A 131 -6.26 3.17 -4.61
CA PHE A 131 -4.97 3.78 -4.95
C PHE A 131 -4.79 3.95 -6.46
N LEU A 132 -4.59 5.19 -6.92
CA LEU A 132 -4.34 5.50 -8.32
C LEU A 132 -2.82 5.55 -8.59
N PRO A 133 -2.23 4.57 -9.30
CA PRO A 133 -0.83 4.64 -9.69
C PRO A 133 -0.63 5.62 -10.85
N LEU A 134 0.27 6.59 -10.69
CA LEU A 134 0.90 7.23 -11.84
C LEU A 134 2.25 6.51 -12.10
N PRO A 135 2.34 5.56 -13.03
CA PRO A 135 3.60 4.89 -13.33
C PRO A 135 4.59 5.82 -14.04
N VAL A 136 5.67 6.20 -13.35
CA VAL A 136 6.77 6.97 -13.95
C VAL A 136 7.73 6.00 -14.66
N SER A 137 8.50 5.20 -13.91
CA SER A 137 9.24 4.11 -14.52
C SER A 137 8.31 2.94 -14.91
N SER A 138 8.61 2.26 -16.01
CA SER A 138 7.89 1.05 -16.40
C SER A 138 8.39 -0.19 -15.66
N ASP A 139 8.27 -0.20 -14.32
CA ASP A 139 8.32 -1.37 -13.49
C ASP A 139 7.08 -1.41 -12.58
N TYR A 7 12.78 15.01 -7.61
CA TYR A 7 13.85 14.03 -7.94
C TYR A 7 13.29 12.59 -7.89
N LYS A 8 14.06 11.61 -8.40
CA LYS A 8 13.58 10.25 -8.70
C LYS A 8 12.52 10.22 -9.82
N LYS A 9 12.14 9.01 -10.22
CA LYS A 9 11.14 8.67 -11.24
C LYS A 9 10.15 7.64 -10.66
N PRO A 10 9.59 7.86 -9.45
CA PRO A 10 9.09 6.77 -8.62
C PRO A 10 7.76 6.21 -9.10
N LYS A 11 7.47 4.95 -8.74
CA LYS A 11 6.10 4.44 -8.84
C LYS A 11 5.19 5.12 -7.81
N LEU A 12 4.12 5.74 -8.28
CA LEU A 12 3.29 6.65 -7.49
C LEU A 12 1.89 6.06 -7.27
N LEU A 13 1.69 5.42 -6.11
CA LEU A 13 0.37 4.95 -5.67
C LEU A 13 -0.37 6.08 -4.94
N TYR A 14 -1.23 6.81 -5.66
CA TYR A 14 -1.90 8.03 -5.21
C TYR A 14 -3.22 7.74 -4.48
N CYS A 15 -3.21 7.81 -3.15
CA CYS A 15 -4.37 7.56 -2.30
C CYS A 15 -5.48 8.60 -2.49
N SER A 16 -6.73 8.19 -2.69
CA SER A 16 -7.84 9.08 -3.00
C SER A 16 -8.40 9.82 -1.76
N ASN A 17 -7.54 10.23 -0.83
CA ASN A 17 -7.89 10.81 0.47
C ASN A 17 -7.81 12.35 0.50
N GLY A 18 -7.57 12.97 -0.66
CA GLY A 18 -6.94 14.29 -0.78
C GLY A 18 -5.73 14.24 -1.72
N GLY A 19 -5.10 13.05 -1.82
CA GLY A 19 -4.13 12.71 -2.85
C GLY A 19 -2.72 12.43 -2.32
N HIS A 20 -2.58 11.71 -1.21
CA HIS A 20 -1.28 11.32 -0.71
C HIS A 20 -0.72 10.10 -1.46
N PHE A 21 0.48 10.24 -2.02
CA PHE A 21 1.27 9.14 -2.52
C PHE A 21 1.72 8.25 -1.35
N LEU A 22 1.56 6.93 -1.49
CA LEU A 22 1.93 5.98 -0.44
C LEU A 22 3.45 5.98 -0.18
N ARG A 23 3.87 6.32 1.04
CA ARG A 23 5.27 6.40 1.48
C ARG A 23 5.58 5.32 2.54
N ILE A 24 6.71 4.62 2.41
CA ILE A 24 7.19 3.62 3.38
C ILE A 24 8.49 4.09 4.06
N LEU A 25 8.56 4.05 5.39
CA LEU A 25 9.62 4.72 6.14
C LEU A 25 10.77 3.76 6.52
N PRO A 26 12.02 4.25 6.52
CA PRO A 26 13.17 3.60 7.13
C PRO A 26 12.90 2.89 8.46
N ASP A 27 12.27 3.60 9.39
CA ASP A 27 11.91 3.09 10.71
C ASP A 27 11.01 1.83 10.67
N GLY A 28 10.31 1.60 9.55
CA GLY A 28 9.42 0.45 9.37
C GLY A 28 7.94 0.82 9.24
N THR A 29 7.50 2.06 9.54
CA THR A 29 6.11 2.44 9.33
C THR A 29 5.77 2.77 7.86
N VAL A 30 4.52 3.16 7.63
CA VAL A 30 4.02 3.61 6.34
C VAL A 30 2.99 4.73 6.54
N ASP A 31 2.80 5.57 5.54
CA ASP A 31 1.86 6.69 5.57
C ASP A 31 1.69 7.33 4.17
N GLY A 32 1.04 8.49 4.13
CA GLY A 32 0.84 9.34 2.97
C GLY A 32 1.84 10.47 2.89
N THR A 33 2.27 10.83 1.68
CA THR A 33 2.90 12.13 1.41
C THR A 33 2.25 12.80 0.19
N ARG A 34 1.98 14.09 0.27
CA ARG A 34 1.15 14.75 -0.73
C ARG A 34 1.87 15.03 -2.06
N ASP A 35 3.21 14.93 -2.07
CA ASP A 35 4.05 15.19 -3.24
C ASP A 35 4.73 13.93 -3.82
N ARG A 36 5.15 14.01 -5.08
CA ARG A 36 5.78 12.96 -5.86
C ARG A 36 7.30 12.86 -5.67
N SER A 37 7.93 13.87 -5.06
CA SER A 37 9.38 13.94 -4.85
C SER A 37 9.76 13.89 -3.36
N ASP A 38 8.92 13.27 -2.53
CA ASP A 38 9.23 12.96 -1.14
C ASP A 38 10.45 12.04 -1.03
N GLN A 39 10.96 11.84 0.20
CA GLN A 39 12.04 10.92 0.46
C GLN A 39 11.71 9.47 0.10
N HIS A 40 10.50 8.97 0.36
CA HIS A 40 10.30 7.51 0.38
C HIS A 40 9.02 6.95 -0.27
N ILE A 41 8.69 7.45 -1.46
CA ILE A 41 7.61 6.91 -2.31
C ILE A 41 8.07 5.83 -3.29
N GLN A 42 9.37 5.60 -3.43
CA GLN A 42 9.94 4.62 -4.37
C GLN A 42 9.65 3.15 -3.99
N LEU A 43 8.38 2.75 -4.16
CA LEU A 43 7.91 1.37 -3.93
C LEU A 43 8.17 0.46 -5.13
N GLN A 44 8.15 -0.84 -4.88
CA GLN A 44 8.44 -1.93 -5.79
C GLN A 44 7.49 -3.11 -5.55
N LEU A 45 6.48 -3.25 -6.41
CA LEU A 45 5.61 -4.41 -6.40
C LEU A 45 6.40 -5.69 -6.76
N SER A 46 6.14 -6.78 -6.04
CA SER A 46 6.58 -8.14 -6.34
C SER A 46 5.40 -9.10 -6.18
N ALA A 47 4.90 -9.66 -7.28
CA ALA A 47 3.72 -10.53 -7.28
C ALA A 47 4.03 -11.92 -6.71
N GLU A 48 3.13 -12.45 -5.88
CA GLU A 48 3.11 -13.86 -5.50
C GLU A 48 2.50 -14.70 -6.62
N SER A 49 1.42 -14.19 -7.21
CA SER A 49 0.58 -14.85 -8.21
C SER A 49 -0.30 -13.82 -8.93
N VAL A 50 -1.19 -14.30 -9.80
CA VAL A 50 -2.07 -13.52 -10.68
C VAL A 50 -3.18 -12.76 -9.92
N GLY A 51 -2.77 -11.89 -9.00
CA GLY A 51 -3.66 -11.10 -8.15
C GLY A 51 -2.98 -10.68 -6.85
N GLU A 52 -2.29 -11.61 -6.21
CA GLU A 52 -1.63 -11.39 -4.93
C GLU A 52 -0.20 -10.84 -5.05
N VAL A 53 0.09 -9.86 -4.18
CA VAL A 53 1.28 -9.02 -4.23
C VAL A 53 1.92 -8.78 -2.86
N TYR A 54 3.25 -8.58 -2.90
CA TYR A 54 4.09 -8.10 -1.83
C TYR A 54 4.76 -6.81 -2.32
N ILE A 55 4.71 -5.69 -1.58
CA ILE A 55 5.29 -4.42 -2.02
C ILE A 55 6.55 -4.08 -1.21
N LYS A 56 7.71 -4.13 -1.86
CA LYS A 56 9.00 -3.79 -1.26
C LYS A 56 9.28 -2.28 -1.40
N SER A 57 9.98 -1.65 -0.46
CA SER A 57 10.74 -0.43 -0.77
C SER A 57 11.85 -0.77 -1.76
N THR A 58 12.08 0.04 -2.80
CA THR A 58 13.12 -0.27 -3.79
C THR A 58 14.49 -0.51 -3.15
N GLU A 59 15.06 0.53 -2.54
CA GLU A 59 16.41 0.51 -2.01
C GLU A 59 16.59 -0.27 -0.70
N THR A 60 15.82 0.07 0.35
CA THR A 60 16.01 -0.41 1.72
C THR A 60 15.62 -1.88 1.89
N GLY A 61 14.60 -2.35 1.18
CA GLY A 61 14.16 -3.74 1.30
C GLY A 61 13.25 -3.98 2.51
N GLN A 62 12.23 -3.12 2.67
CA GLN A 62 11.21 -3.20 3.72
C GLN A 62 9.85 -3.39 3.05
N TYR A 63 9.02 -4.30 3.58
CA TYR A 63 7.96 -4.96 2.83
C TYR A 63 6.55 -4.57 3.29
N LEU A 64 5.94 -3.58 2.62
CA LEU A 64 4.65 -2.98 2.99
C LEU A 64 3.59 -4.01 3.39
N ALA A 65 3.03 -3.90 4.61
CA ALA A 65 2.26 -4.96 5.27
C ALA A 65 1.20 -4.43 6.23
N MET A 66 0.21 -5.26 6.57
CA MET A 66 -0.88 -4.96 7.50
C MET A 66 -0.89 -5.98 8.64
N ASP A 67 -0.76 -5.54 9.90
CA ASP A 67 -0.40 -6.44 11.00
C ASP A 67 -1.59 -7.21 11.60
N THR A 68 -1.53 -7.48 12.91
CA THR A 68 -2.40 -8.35 13.68
C THR A 68 -3.62 -7.61 14.22
N ASP A 69 -3.45 -6.35 14.64
CA ASP A 69 -4.56 -5.42 14.85
C ASP A 69 -5.06 -4.92 13.47
N GLY A 70 -4.10 -4.73 12.58
CA GLY A 70 -4.21 -4.26 11.21
C GLY A 70 -3.50 -2.93 10.98
N LEU A 71 -2.60 -2.52 11.87
CA LEU A 71 -1.72 -1.37 11.63
C LEU A 71 -0.89 -1.62 10.37
N LEU A 72 -0.80 -0.61 9.50
CA LEU A 72 -0.03 -0.68 8.28
C LEU A 72 1.43 -0.27 8.53
N TYR A 73 2.37 -1.08 8.06
CA TYR A 73 3.81 -1.00 8.34
C TYR A 73 4.62 -1.62 7.18
N GLY A 74 5.88 -1.94 7.42
CA GLY A 74 6.76 -2.69 6.52
C GLY A 74 7.40 -3.90 7.23
N SER A 75 7.16 -5.12 6.74
CA SER A 75 7.79 -6.33 7.24
C SER A 75 9.27 -6.39 6.83
N GLN A 76 10.03 -7.30 7.44
CA GLN A 76 11.39 -7.61 7.01
C GLN A 76 11.37 -8.41 5.70
N THR A 77 10.62 -9.51 5.73
CA THR A 77 10.39 -10.44 4.63
C THR A 77 8.97 -10.27 4.06
N PRO A 78 8.74 -10.74 2.82
CA PRO A 78 7.40 -10.78 2.22
C PRO A 78 6.59 -11.89 2.89
N ASN A 79 6.06 -11.62 4.08
CA ASN A 79 5.32 -12.58 4.90
C ASN A 79 3.80 -12.34 4.79
N GLU A 80 2.95 -13.19 5.36
CA GLU A 80 1.51 -13.17 5.14
C GLU A 80 0.84 -11.77 5.28
N GLU A 81 1.22 -11.01 6.31
CA GLU A 81 0.80 -9.64 6.59
C GLU A 81 1.12 -8.71 5.41
N CYS A 82 2.24 -9.01 4.75
CA CYS A 82 2.69 -8.32 3.56
C CYS A 82 1.85 -8.67 2.31
N LEU A 83 1.08 -9.76 2.36
CA LEU A 83 0.45 -10.34 1.18
C LEU A 83 -0.90 -9.69 0.90
N PHE A 84 -0.92 -8.76 -0.05
CA PHE A 84 -2.15 -8.11 -0.46
C PHE A 84 -2.70 -8.74 -1.74
N LEU A 85 -3.97 -9.17 -1.75
CA LEU A 85 -4.70 -9.40 -2.98
C LEU A 85 -4.99 -8.03 -3.61
N GLU A 86 -4.32 -7.70 -4.71
CA GLU A 86 -4.57 -6.48 -5.44
C GLU A 86 -5.84 -6.62 -6.29
N ARG A 87 -6.66 -5.57 -6.33
CA ARG A 87 -7.80 -5.45 -7.24
C ARG A 87 -7.83 -4.04 -7.84
N LEU A 88 -7.97 -3.94 -9.17
CA LEU A 88 -8.42 -2.72 -9.82
C LEU A 88 -9.95 -2.58 -9.69
N GLU A 89 -10.43 -1.45 -9.13
CA GLU A 89 -11.86 -1.19 -8.99
C GLU A 89 -12.46 -0.70 -10.31
N GLU A 90 -12.21 -1.45 -11.40
CA GLU A 90 -12.54 -1.13 -12.78
C GLU A 90 -11.95 0.21 -13.25
N ASN A 91 -12.49 1.33 -12.78
CA ASN A 91 -12.09 2.67 -13.17
C ASN A 91 -10.78 3.11 -12.47
N HIS A 92 -9.67 2.48 -12.85
CA HIS A 92 -8.30 2.98 -12.69
C HIS A 92 -7.72 2.85 -11.28
N TYR A 93 -8.51 3.20 -10.25
CA TYR A 93 -8.11 3.06 -8.85
C TYR A 93 -7.98 1.60 -8.45
N ASN A 94 -6.88 1.24 -7.78
CA ASN A 94 -6.66 -0.09 -7.21
C ASN A 94 -6.79 -0.10 -5.69
N THR A 95 -6.95 -1.30 -5.15
CA THR A 95 -7.05 -1.63 -3.73
C THR A 95 -6.16 -2.84 -3.44
N TYR A 96 -5.71 -2.94 -2.19
CA TYR A 96 -4.77 -3.95 -1.71
C TYR A 96 -5.32 -4.62 -0.44
N ILE A 97 -5.86 -5.84 -0.59
CA ILE A 97 -6.68 -6.52 0.41
C ILE A 97 -5.90 -7.67 1.08
N SER A 98 -5.59 -7.53 2.35
CA SER A 98 -4.72 -8.43 3.12
C SER A 98 -5.17 -9.91 3.07
N LYS A 99 -4.50 -10.75 2.27
CA LYS A 99 -4.91 -12.12 1.99
C LYS A 99 -4.77 -13.08 3.18
N LYS A 100 -3.99 -12.71 4.21
CA LYS A 100 -4.00 -13.43 5.48
C LYS A 100 -5.38 -13.30 6.11
N HIS A 101 -5.85 -12.06 6.24
CA HIS A 101 -7.14 -11.70 6.82
C HIS A 101 -8.28 -11.93 5.82
N ALA A 102 -8.33 -13.15 5.25
CA ALA A 102 -9.16 -13.51 4.10
C ALA A 102 -10.67 -13.43 4.34
N GLU A 103 -11.11 -13.41 5.59
CA GLU A 103 -12.50 -13.36 5.99
C GLU A 103 -12.93 -11.91 6.27
N LYS A 104 -12.21 -11.21 7.15
CA LYS A 104 -12.50 -9.80 7.42
C LYS A 104 -12.23 -8.92 6.18
N ASN A 105 -11.17 -9.21 5.44
CA ASN A 105 -10.74 -8.49 4.23
C ASN A 105 -10.35 -7.05 4.55
N TRP A 106 -9.14 -6.87 5.10
CA TRP A 106 -8.59 -5.58 5.52
C TRP A 106 -7.79 -4.91 4.41
N PHE A 107 -7.94 -3.59 4.29
CA PHE A 107 -7.44 -2.84 3.13
C PHE A 107 -6.32 -1.89 3.53
N VAL A 108 -5.26 -1.81 2.73
CA VAL A 108 -4.37 -0.65 2.79
C VAL A 108 -5.20 0.63 2.63
N GLY A 109 -5.12 1.60 3.55
CA GLY A 109 -5.69 2.93 3.35
C GLY A 109 -5.08 4.01 4.24
N LEU A 110 -5.24 5.29 3.87
CA LEU A 110 -4.67 6.45 4.57
C LEU A 110 -5.75 7.46 5.02
N LYS A 111 -5.63 8.00 6.24
CA LYS A 111 -6.44 9.11 6.75
C LYS A 111 -6.36 10.35 5.88
N LYS A 112 -7.26 11.32 6.11
CA LYS A 112 -7.26 12.59 5.39
C LYS A 112 -5.91 13.33 5.47
N ASN A 113 -5.28 13.32 6.65
CA ASN A 113 -3.97 13.94 6.84
C ASN A 113 -2.83 13.18 6.14
N GLY A 114 -3.02 11.88 5.85
CA GLY A 114 -1.99 10.99 5.32
C GLY A 114 -1.62 9.81 6.24
N SER A 115 -1.90 9.88 7.56
CA SER A 115 -1.51 8.81 8.49
C SER A 115 -2.23 7.48 8.18
N CYS A 116 -1.54 6.34 8.23
CA CYS A 116 -2.09 5.06 7.81
C CYS A 116 -3.27 4.57 8.68
N LYS A 117 -4.22 3.86 8.06
CA LYS A 117 -5.44 3.36 8.69
C LYS A 117 -5.26 1.94 9.26
N ARG A 118 -5.79 1.67 10.45
CA ARG A 118 -5.71 0.37 11.09
C ARG A 118 -6.86 -0.57 10.68
N GLY A 119 -6.53 -1.77 10.20
CA GLY A 119 -7.38 -2.93 10.44
C GLY A 119 -8.82 -2.79 10.02
N PRO A 120 -9.73 -3.23 10.90
CA PRO A 120 -10.93 -3.86 10.43
C PRO A 120 -12.03 -2.83 10.19
N ARG A 121 -11.69 -1.54 10.28
CA ARG A 121 -12.52 -0.41 9.87
C ARG A 121 -12.30 -0.06 8.40
N THR A 122 -11.11 -0.32 7.84
CA THR A 122 -10.68 0.20 6.52
C THR A 122 -11.73 -0.04 5.43
N HIS A 123 -11.66 -1.24 4.82
CA HIS A 123 -12.71 -1.85 4.02
C HIS A 123 -13.24 -1.01 2.83
N TYR A 124 -14.28 -1.50 2.16
CA TYR A 124 -15.04 -0.68 1.22
C TYR A 124 -15.91 0.35 1.96
N GLY A 125 -15.26 1.30 2.67
CA GLY A 125 -15.98 2.31 3.45
C GLY A 125 -15.13 3.52 3.86
N GLN A 126 -14.23 3.97 2.98
CA GLN A 126 -13.49 5.23 3.03
C GLN A 126 -12.59 5.37 1.79
N LYS A 127 -12.61 6.51 1.07
CA LYS A 127 -11.81 6.63 -0.16
C LYS A 127 -10.31 6.45 0.09
N ALA A 128 -9.86 6.69 1.32
CA ALA A 128 -8.62 6.20 1.91
C ALA A 128 -8.10 4.89 1.29
N ILE A 129 -8.97 3.91 1.04
CA ILE A 129 -8.55 2.60 0.53
C ILE A 129 -8.27 2.55 -0.99
N LEU A 130 -8.66 3.58 -1.75
CA LEU A 130 -8.56 3.64 -3.21
C LEU A 130 -7.27 4.34 -3.66
N PHE A 131 -6.38 3.64 -4.38
CA PHE A 131 -5.09 4.18 -4.84
C PHE A 131 -5.01 4.22 -6.37
N LEU A 132 -4.85 5.41 -6.97
CA LEU A 132 -4.58 5.53 -8.40
C LEU A 132 -3.10 5.20 -8.67
N PRO A 133 -2.77 4.13 -9.40
CA PRO A 133 -1.40 3.72 -9.64
C PRO A 133 -0.80 4.45 -10.84
N LEU A 134 0.32 5.16 -10.65
CA LEU A 134 1.13 5.70 -11.73
C LEU A 134 2.53 5.05 -11.64
N PRO A 135 2.69 3.82 -12.15
CA PRO A 135 3.90 3.04 -11.97
C PRO A 135 4.98 3.48 -12.98
N VAL A 136 5.48 4.72 -12.84
CA VAL A 136 6.54 5.27 -13.70
C VAL A 136 7.72 4.29 -13.81
N SER A 137 8.18 3.78 -12.67
CA SER A 137 9.17 2.72 -12.55
C SER A 137 10.59 3.17 -12.94
N SER A 138 11.55 2.24 -12.81
CA SER A 138 12.98 2.54 -12.78
C SER A 138 13.27 3.76 -11.89
N ASP A 139 12.79 3.68 -10.64
CA ASP A 139 12.61 4.78 -9.70
C ASP A 139 13.84 5.70 -9.54
N TYR A 7 13.39 7.52 -3.77
CA TYR A 7 14.22 8.64 -4.24
C TYR A 7 14.50 8.49 -5.74
N LYS A 8 15.00 7.31 -6.14
CA LYS A 8 14.50 6.68 -7.36
C LYS A 8 12.96 6.52 -7.25
N LYS A 9 12.28 6.34 -8.38
CA LYS A 9 10.82 6.43 -8.49
C LYS A 9 10.19 5.24 -9.25
N PRO A 10 10.30 4.02 -8.71
CA PRO A 10 9.82 2.78 -9.32
C PRO A 10 8.33 2.80 -9.67
N LYS A 11 7.42 2.58 -8.72
CA LYS A 11 5.97 2.55 -8.95
C LYS A 11 5.25 3.35 -7.85
N LEU A 12 4.46 4.36 -8.24
CA LEU A 12 4.00 5.40 -7.31
C LEU A 12 2.50 5.31 -7.02
N LEU A 13 2.14 4.91 -5.80
CA LEU A 13 0.74 4.72 -5.36
C LEU A 13 0.16 6.00 -4.75
N TYR A 14 -0.46 6.85 -5.58
CA TYR A 14 -1.32 7.96 -5.14
C TYR A 14 -2.65 7.41 -4.59
N CYS A 15 -3.29 8.11 -3.65
CA CYS A 15 -4.60 7.74 -3.11
C CYS A 15 -5.69 8.76 -3.48
N SER A 16 -6.84 8.28 -3.94
CA SER A 16 -7.97 9.15 -4.33
C SER A 16 -8.59 9.93 -3.17
N ASN A 17 -8.23 9.62 -1.91
CA ASN A 17 -8.49 10.48 -0.75
C ASN A 17 -7.70 11.79 -0.84
N GLY A 18 -7.99 12.63 -1.82
CA GLY A 18 -7.30 13.89 -2.05
C GLY A 18 -5.91 13.73 -2.66
N GLY A 19 -4.99 13.04 -1.97
CA GLY A 19 -3.59 12.94 -2.41
C GLY A 19 -2.87 11.68 -1.93
N HIS A 20 -2.38 11.72 -0.70
CA HIS A 20 -1.55 10.73 -0.01
C HIS A 20 -0.88 9.68 -0.91
N PHE A 21 0.28 10.03 -1.45
CA PHE A 21 1.21 9.03 -1.92
C PHE A 21 1.54 8.09 -0.76
N LEU A 22 1.38 6.77 -0.95
CA LEU A 22 1.73 5.76 0.05
C LEU A 22 3.25 5.75 0.25
N ARG A 23 3.73 6.04 1.46
CA ARG A 23 5.15 6.38 1.68
C ARG A 23 5.68 5.81 3.00
N ILE A 24 6.82 5.10 2.92
CA ILE A 24 7.39 4.36 4.06
C ILE A 24 8.39 5.22 4.86
N LEU A 25 8.88 4.74 6.01
CA LEU A 25 9.98 5.34 6.75
C LEU A 25 10.99 4.26 7.22
N PRO A 26 12.28 4.62 7.41
CA PRO A 26 13.37 3.69 7.69
C PRO A 26 13.12 2.68 8.80
N ASP A 27 12.70 3.22 9.95
CA ASP A 27 12.34 2.51 11.17
C ASP A 27 11.38 1.32 10.94
N GLY A 28 10.51 1.42 9.94
CA GLY A 28 9.49 0.43 9.66
C GLY A 28 8.07 0.98 9.59
N THR A 29 7.78 2.21 10.05
CA THR A 29 6.44 2.77 9.84
C THR A 29 6.20 3.24 8.41
N VAL A 30 4.97 3.69 8.17
CA VAL A 30 4.49 4.17 6.88
C VAL A 30 3.37 5.20 7.11
N ASP A 31 3.12 6.00 6.08
CA ASP A 31 2.17 7.11 6.09
C ASP A 31 1.75 7.55 4.67
N GLY A 32 0.87 8.56 4.64
CA GLY A 32 0.27 9.18 3.46
C GLY A 32 0.80 10.61 3.29
N THR A 33 1.35 10.92 2.12
CA THR A 33 2.10 12.17 1.93
C THR A 33 1.73 12.93 0.65
N ARG A 34 1.87 14.25 0.70
CA ARG A 34 1.56 15.17 -0.40
C ARG A 34 2.38 14.99 -1.68
N ASP A 35 3.57 14.37 -1.60
CA ASP A 35 4.66 14.59 -2.55
C ASP A 35 5.34 13.30 -3.08
N ARG A 36 5.30 13.13 -4.40
CA ARG A 36 6.01 12.10 -5.17
C ARG A 36 7.55 12.17 -5.10
N SER A 37 8.12 13.17 -4.42
CA SER A 37 9.54 13.29 -4.12
C SER A 37 9.83 13.24 -2.61
N ASP A 38 8.88 12.81 -1.76
CA ASP A 38 9.07 12.73 -0.31
C ASP A 38 9.99 11.56 0.11
N GLN A 39 11.20 11.51 -0.44
CA GLN A 39 12.18 10.43 -0.37
C GLN A 39 11.66 9.00 -0.63
N HIS A 40 10.92 8.42 0.32
CA HIS A 40 10.62 6.98 0.35
C HIS A 40 9.22 6.60 -0.15
N ILE A 41 8.92 7.04 -1.38
CA ILE A 41 7.77 6.58 -2.19
C ILE A 41 8.16 5.41 -3.10
N GLN A 42 9.37 4.84 -2.93
CA GLN A 42 9.98 3.92 -3.90
C GLN A 42 9.41 2.49 -3.92
N LEU A 43 8.08 2.35 -4.01
CA LEU A 43 7.40 1.08 -4.00
C LEU A 43 7.50 0.32 -5.33
N GLN A 44 7.44 -1.01 -5.23
CA GLN A 44 7.46 -1.98 -6.31
C GLN A 44 6.50 -3.12 -5.97
N LEU A 45 5.53 -3.39 -6.86
CA LEU A 45 4.56 -4.45 -6.65
C LEU A 45 5.13 -5.81 -7.07
N SER A 46 5.80 -6.47 -6.13
CA SER A 46 6.37 -7.79 -6.36
C SER A 46 5.26 -8.85 -6.36
N ALA A 47 4.61 -9.05 -7.51
CA ALA A 47 3.57 -10.05 -7.69
C ALA A 47 4.01 -11.47 -7.29
N GLU A 48 3.27 -12.09 -6.36
CA GLU A 48 3.38 -13.51 -6.03
C GLU A 48 2.79 -14.37 -7.15
N SER A 49 1.66 -13.91 -7.69
CA SER A 49 0.82 -14.60 -8.65
C SER A 49 -0.14 -13.60 -9.32
N VAL A 50 -1.05 -14.10 -10.15
CA VAL A 50 -2.00 -13.35 -10.97
C VAL A 50 -3.09 -12.66 -10.14
N GLY A 51 -2.68 -11.77 -9.21
CA GLY A 51 -3.54 -11.05 -8.30
C GLY A 51 -2.82 -10.62 -7.04
N GLU A 52 -2.07 -11.54 -6.43
CA GLU A 52 -1.39 -11.31 -5.16
C GLU A 52 -0.02 -10.63 -5.32
N VAL A 53 0.27 -9.70 -4.41
CA VAL A 53 1.44 -8.83 -4.44
C VAL A 53 2.11 -8.63 -3.07
N TYR A 54 3.44 -8.56 -3.08
CA TYR A 54 4.26 -8.07 -1.99
C TYR A 54 4.76 -6.66 -2.35
N ILE A 55 4.43 -5.65 -1.55
CA ILE A 55 4.80 -4.27 -1.85
C ILE A 55 6.19 -3.96 -1.29
N LYS A 56 7.20 -3.93 -2.17
CA LYS A 56 8.59 -3.69 -1.77
C LYS A 56 9.04 -2.24 -1.94
N SER A 57 9.59 -1.63 -0.90
CA SER A 57 10.19 -0.29 -0.97
C SER A 57 11.66 -0.38 -1.44
N THR A 58 11.86 -0.50 -2.75
CA THR A 58 13.12 -0.85 -3.42
C THR A 58 14.40 -0.48 -2.66
N GLU A 59 14.75 0.80 -2.66
CA GLU A 59 16.00 1.34 -2.11
C GLU A 59 16.25 0.93 -0.65
N THR A 60 15.25 1.10 0.22
CA THR A 60 15.35 0.72 1.63
C THR A 60 15.23 -0.80 1.83
N GLY A 61 14.57 -1.49 0.89
CA GLY A 61 14.44 -2.94 0.86
C GLY A 61 13.28 -3.47 1.71
N GLN A 62 12.42 -2.61 2.27
CA GLN A 62 11.39 -3.04 3.20
C GLN A 62 10.20 -3.68 2.45
N TYR A 63 9.27 -4.25 3.23
CA TYR A 63 8.08 -4.96 2.77
C TYR A 63 6.83 -4.33 3.37
N LEU A 64 6.19 -3.39 2.66
CA LEU A 64 4.99 -2.70 3.12
C LEU A 64 3.88 -3.71 3.43
N ALA A 65 3.35 -3.69 4.66
CA ALA A 65 2.56 -4.77 5.25
C ALA A 65 1.49 -4.25 6.20
N MET A 66 0.58 -5.15 6.64
CA MET A 66 -0.42 -4.85 7.65
C MET A 66 -0.32 -5.81 8.86
N ASP A 67 -0.32 -5.28 10.08
CA ASP A 67 -0.13 -6.05 11.31
C ASP A 67 -1.44 -6.70 11.80
N THR A 68 -1.55 -6.93 13.11
CA THR A 68 -2.49 -7.81 13.77
C THR A 68 -3.80 -7.09 14.15
N ASP A 69 -3.72 -5.81 14.52
CA ASP A 69 -4.85 -4.92 14.68
C ASP A 69 -5.37 -4.48 13.30
N GLY A 70 -4.41 -4.24 12.40
CA GLY A 70 -4.54 -3.68 11.07
C GLY A 70 -3.63 -2.46 10.83
N LEU A 71 -2.60 -2.27 11.65
CA LEU A 71 -1.58 -1.24 11.47
C LEU A 71 -0.79 -1.46 10.18
N LEU A 72 -0.89 -0.52 9.23
CA LEU A 72 0.02 -0.41 8.11
C LEU A 72 1.46 -0.19 8.62
N TYR A 73 2.41 -1.00 8.18
CA TYR A 73 3.83 -0.93 8.55
C TYR A 73 4.72 -1.43 7.41
N GLY A 74 6.01 -1.64 7.67
CA GLY A 74 7.00 -2.16 6.74
C GLY A 74 7.88 -3.24 7.37
N SER A 75 7.75 -4.50 6.93
CA SER A 75 8.58 -5.60 7.44
C SER A 75 9.96 -5.66 6.77
N GLN A 76 10.81 -6.50 7.33
CA GLN A 76 12.02 -7.03 6.73
C GLN A 76 11.72 -8.20 5.78
N THR A 77 10.66 -8.95 6.08
CA THR A 77 10.31 -10.22 5.46
C THR A 77 9.14 -10.15 4.46
N PRO A 78 9.11 -11.07 3.48
CA PRO A 78 7.96 -11.29 2.61
C PRO A 78 6.92 -12.13 3.37
N ASN A 79 6.26 -11.56 4.38
CA ASN A 79 5.26 -12.30 5.14
C ASN A 79 3.87 -12.14 4.52
N GLU A 80 2.94 -13.02 4.85
CA GLU A 80 1.55 -12.94 4.45
C GLU A 80 0.89 -11.60 4.84
N GLU A 81 1.41 -10.92 5.86
CA GLU A 81 1.07 -9.55 6.24
C GLU A 81 1.44 -8.53 5.17
N CYS A 82 2.55 -8.80 4.48
CA CYS A 82 2.97 -8.05 3.30
C CYS A 82 2.16 -8.42 2.05
N LEU A 83 1.48 -9.56 2.06
CA LEU A 83 0.87 -10.15 0.88
C LEU A 83 -0.54 -9.62 0.68
N PHE A 84 -0.66 -8.63 -0.20
CA PHE A 84 -1.96 -8.13 -0.61
C PHE A 84 -2.49 -8.92 -1.80
N LEU A 85 -3.78 -8.79 -2.06
CA LEU A 85 -4.47 -9.16 -3.28
C LEU A 85 -4.88 -7.84 -3.96
N GLU A 86 -4.27 -7.54 -5.10
CA GLU A 86 -4.58 -6.36 -5.89
C GLU A 86 -5.92 -6.56 -6.63
N ARG A 87 -6.63 -5.45 -6.87
CA ARG A 87 -7.73 -5.37 -7.80
C ARG A 87 -7.98 -3.90 -8.19
N LEU A 88 -7.93 -3.60 -9.49
CA LEU A 88 -8.59 -2.44 -10.03
C LEU A 88 -10.12 -2.60 -9.95
N GLU A 89 -10.79 -1.74 -9.18
CA GLU A 89 -12.22 -1.55 -9.33
C GLU A 89 -12.47 -0.92 -10.69
N GLU A 90 -13.54 -1.32 -11.39
CA GLU A 90 -13.82 -0.89 -12.76
C GLU A 90 -13.83 0.64 -12.86
N ASN A 91 -14.26 1.33 -11.80
CA ASN A 91 -14.03 2.77 -11.60
C ASN A 91 -12.56 3.13 -11.32
N HIS A 92 -11.64 2.69 -12.17
CA HIS A 92 -10.22 3.03 -12.25
C HIS A 92 -9.36 2.43 -11.12
N TYR A 93 -9.76 2.68 -9.88
CA TYR A 93 -8.87 2.65 -8.73
C TYR A 93 -8.48 1.26 -8.23
N ASN A 94 -7.19 1.08 -7.92
CA ASN A 94 -6.58 -0.13 -7.39
C ASN A 94 -6.83 -0.28 -5.88
N THR A 95 -6.72 -1.53 -5.39
CA THR A 95 -7.09 -1.90 -4.02
C THR A 95 -6.29 -3.11 -3.53
N TYR A 96 -5.54 -2.93 -2.45
CA TYR A 96 -4.67 -3.95 -1.87
C TYR A 96 -5.33 -4.62 -0.66
N ILE A 97 -6.03 -5.74 -0.90
CA ILE A 97 -6.77 -6.47 0.13
C ILE A 97 -5.86 -7.51 0.79
N SER A 98 -5.70 -7.50 2.12
CA SER A 98 -4.79 -8.46 2.76
C SER A 98 -5.18 -9.92 2.50
N LYS A 99 -4.29 -10.72 1.87
CA LYS A 99 -4.47 -12.15 1.74
C LYS A 99 -4.37 -12.90 3.08
N LYS A 100 -3.75 -12.27 4.09
CA LYS A 100 -3.81 -12.73 5.48
C LYS A 100 -5.20 -12.46 6.04
N HIS A 101 -5.57 -11.19 6.15
CA HIS A 101 -6.83 -10.79 6.76
C HIS A 101 -7.98 -10.82 5.73
N ALA A 102 -8.08 -11.93 5.00
CA ALA A 102 -8.94 -12.06 3.82
C ALA A 102 -10.41 -12.30 4.17
N GLU A 103 -10.67 -12.95 5.31
CA GLU A 103 -12.01 -13.30 5.79
C GLU A 103 -12.69 -12.05 6.38
N LYS A 104 -11.97 -11.32 7.24
CA LYS A 104 -12.38 -10.01 7.71
C LYS A 104 -12.27 -8.97 6.57
N ASN A 105 -11.37 -9.23 5.62
CA ASN A 105 -11.25 -8.56 4.33
C ASN A 105 -10.72 -7.12 4.47
N TRP A 106 -9.53 -6.98 5.05
CA TRP A 106 -8.95 -5.67 5.36
C TRP A 106 -8.23 -5.05 4.16
N PHE A 107 -8.34 -3.73 4.04
CA PHE A 107 -7.78 -2.96 2.93
C PHE A 107 -6.83 -1.89 3.50
N VAL A 108 -5.54 -1.95 3.17
CA VAL A 108 -4.63 -0.87 3.57
C VAL A 108 -5.06 0.45 2.92
N GLY A 109 -5.27 1.50 3.74
CA GLY A 109 -5.75 2.80 3.26
C GLY A 109 -5.11 3.97 4.03
N LEU A 110 -5.30 5.19 3.51
CA LEU A 110 -4.66 6.41 4.01
C LEU A 110 -5.68 7.47 4.44
N LYS A 111 -5.30 8.32 5.40
CA LYS A 111 -6.17 9.23 6.13
C LYS A 111 -5.88 10.70 5.80
N LYS A 112 -6.90 11.56 5.92
CA LYS A 112 -6.87 13.02 5.68
C LYS A 112 -5.57 13.69 6.13
N ASN A 113 -5.19 13.48 7.40
CA ASN A 113 -4.05 14.10 8.07
C ASN A 113 -2.71 13.43 7.72
N GLY A 114 -2.70 12.47 6.79
CA GLY A 114 -1.51 11.73 6.39
C GLY A 114 -1.30 10.45 7.18
N SER A 115 -2.06 10.20 8.26
CA SER A 115 -1.95 8.91 8.96
C SER A 115 -2.58 7.76 8.15
N CYS A 116 -2.57 6.58 8.74
CA CYS A 116 -3.03 5.32 8.15
C CYS A 116 -4.47 5.02 8.55
N LYS A 117 -5.28 4.45 7.64
CA LYS A 117 -6.59 3.88 7.97
C LYS A 117 -6.42 2.37 8.15
N ARG A 118 -6.56 1.92 9.39
CA ARG A 118 -6.19 0.57 9.82
C ARG A 118 -7.36 -0.42 9.78
N GLY A 119 -7.05 -1.68 9.46
CA GLY A 119 -7.83 -2.79 10.02
C GLY A 119 -9.31 -2.80 9.69
N PRO A 120 -10.13 -3.19 10.68
CA PRO A 120 -11.34 -3.92 10.38
C PRO A 120 -12.53 -2.96 10.26
N ARG A 121 -12.26 -1.77 9.70
CA ARG A 121 -13.22 -0.74 9.36
C ARG A 121 -12.79 0.00 8.08
N THR A 122 -11.87 -0.58 7.29
CA THR A 122 -11.39 -0.03 6.03
C THR A 122 -12.40 -0.33 4.92
N HIS A 123 -12.25 -1.47 4.24
CA HIS A 123 -13.25 -1.96 3.29
C HIS A 123 -13.53 -0.97 2.15
N TYR A 124 -14.60 -1.18 1.37
CA TYR A 124 -14.93 -0.34 0.23
C TYR A 124 -15.51 1.04 0.61
N GLY A 125 -15.80 1.86 -0.40
CA GLY A 125 -16.48 3.14 -0.25
C GLY A 125 -15.51 4.26 0.15
N GLN A 126 -14.76 4.07 1.23
CA GLN A 126 -13.77 5.02 1.69
C GLN A 126 -12.64 5.17 0.65
N LYS A 127 -12.62 6.27 -0.13
CA LYS A 127 -11.53 6.64 -1.03
C LYS A 127 -10.15 6.42 -0.42
N ALA A 128 -10.04 6.55 0.91
CA ALA A 128 -8.94 6.03 1.73
C ALA A 128 -8.21 4.80 1.17
N ILE A 129 -8.95 3.80 0.67
CA ILE A 129 -8.45 2.53 0.16
C ILE A 129 -8.28 2.48 -1.38
N LEU A 130 -8.77 3.50 -2.10
CA LEU A 130 -8.85 3.52 -3.56
C LEU A 130 -7.64 4.26 -4.14
N PHE A 131 -6.67 3.49 -4.65
CA PHE A 131 -5.39 4.03 -5.15
C PHE A 131 -5.40 4.26 -6.67
N LEU A 132 -4.67 5.28 -7.13
CA LEU A 132 -4.33 5.46 -8.54
C LEU A 132 -2.82 5.27 -8.70
N PRO A 133 -2.35 4.06 -9.04
CA PRO A 133 -0.92 3.82 -9.19
C PRO A 133 -0.42 4.42 -10.50
N LEU A 134 0.79 4.97 -10.47
CA LEU A 134 1.57 5.30 -11.66
C LEU A 134 2.65 4.22 -11.84
N PRO A 135 2.36 3.11 -12.53
CA PRO A 135 3.29 2.00 -12.67
C PRO A 135 4.35 2.32 -13.74
N VAL A 136 5.14 3.36 -13.53
CA VAL A 136 5.94 3.93 -14.61
C VAL A 136 6.90 2.95 -15.28
N SER A 137 6.80 2.92 -16.61
CA SER A 137 7.54 2.06 -17.54
C SER A 137 8.98 2.53 -17.75
N SER A 138 9.69 2.76 -16.64
CA SER A 138 11.05 3.30 -16.53
C SER A 138 11.31 3.49 -15.03
N ASP A 139 12.02 2.56 -14.41
CA ASP A 139 11.94 2.31 -12.97
C ASP A 139 12.98 3.12 -12.17
N TYR A 7 11.40 0.08 -10.99
CA TYR A 7 12.68 0.70 -10.58
C TYR A 7 12.43 1.97 -9.75
N LYS A 8 13.48 2.70 -9.34
CA LYS A 8 13.34 3.96 -8.63
C LYS A 8 12.41 4.93 -9.39
N LYS A 9 11.38 5.45 -8.71
CA LYS A 9 10.09 5.84 -9.29
C LYS A 9 9.30 4.61 -9.82
N PRO A 10 8.76 3.80 -8.89
CA PRO A 10 7.92 2.66 -9.22
C PRO A 10 6.45 3.07 -9.39
N LYS A 11 5.59 2.82 -8.41
CA LYS A 11 4.20 3.28 -8.42
C LYS A 11 4.02 4.51 -7.54
N LEU A 12 3.65 5.62 -8.15
CA LEU A 12 3.31 6.84 -7.40
C LEU A 12 1.89 6.68 -6.86
N LEU A 13 1.74 5.87 -5.80
CA LEU A 13 0.46 5.47 -5.21
C LEU A 13 -0.26 6.63 -4.51
N TYR A 14 -1.02 7.42 -5.28
CA TYR A 14 -1.91 8.49 -4.83
C TYR A 14 -3.20 7.93 -4.22
N CYS A 15 -3.46 8.20 -2.95
CA CYS A 15 -4.69 7.80 -2.27
C CYS A 15 -5.89 8.66 -2.70
N SER A 16 -6.80 8.08 -3.51
CA SER A 16 -7.88 8.77 -4.23
C SER A 16 -8.47 10.00 -3.50
N ASN A 17 -9.08 9.76 -2.33
CA ASN A 17 -9.63 10.83 -1.47
C ASN A 17 -8.83 11.02 -0.17
N GLY A 18 -7.65 10.41 -0.08
CA GLY A 18 -6.66 10.70 0.95
C GLY A 18 -5.76 11.87 0.55
N GLY A 19 -5.62 12.12 -0.76
CA GLY A 19 -4.81 13.23 -1.29
C GLY A 19 -3.32 12.89 -1.32
N HIS A 20 -2.84 12.28 -0.25
CA HIS A 20 -1.45 11.88 -0.10
C HIS A 20 -1.03 10.70 -0.97
N PHE A 21 0.27 10.67 -1.26
CA PHE A 21 1.01 9.56 -1.85
C PHE A 21 1.56 8.67 -0.73
N LEU A 22 1.40 7.35 -0.87
CA LEU A 22 1.87 6.38 0.12
C LEU A 22 3.40 6.33 0.23
N ARG A 23 3.95 6.50 1.45
CA ARG A 23 5.39 6.51 1.68
C ARG A 23 5.80 5.84 3.00
N ILE A 24 7.04 5.31 3.04
CA ILE A 24 7.57 4.47 4.13
C ILE A 24 8.55 5.24 5.04
N LEU A 25 8.77 4.79 6.29
CA LEU A 25 9.81 5.30 7.18
C LEU A 25 10.71 4.17 7.75
N PRO A 26 12.01 4.44 7.94
CA PRO A 26 13.03 3.50 8.42
C PRO A 26 12.60 2.50 9.49
N ASP A 27 12.03 3.02 10.58
CA ASP A 27 11.53 2.27 11.73
C ASP A 27 10.60 1.11 11.32
N GLY A 28 9.84 1.30 10.23
CA GLY A 28 8.83 0.37 9.82
C GLY A 28 7.52 1.03 9.37
N THR A 29 7.08 2.15 9.97
CA THR A 29 5.75 2.67 9.61
C THR A 29 5.64 3.13 8.15
N VAL A 30 4.39 3.24 7.71
CA VAL A 30 3.99 3.88 6.47
C VAL A 30 3.04 5.05 6.77
N ASP A 31 2.93 6.00 5.84
CA ASP A 31 2.14 7.22 6.01
C ASP A 31 1.92 7.95 4.65
N GLY A 32 1.23 9.08 4.73
CA GLY A 32 0.88 9.95 3.61
C GLY A 32 1.65 11.28 3.60
N THR A 33 2.14 11.71 2.42
CA THR A 33 2.50 13.11 2.15
C THR A 33 1.82 13.58 0.86
N ARG A 34 1.56 14.88 0.73
CA ARG A 34 0.87 15.43 -0.44
C ARG A 34 1.73 15.48 -1.72
N ASP A 35 3.03 15.22 -1.59
CA ASP A 35 4.00 15.27 -2.68
C ASP A 35 4.55 13.89 -3.14
N ARG A 36 5.41 13.90 -4.17
CA ARG A 36 5.50 12.85 -5.18
C ARG A 36 6.74 12.96 -6.08
N SER A 37 7.93 13.24 -5.51
CA SER A 37 9.19 13.21 -6.23
C SER A 37 9.95 11.93 -5.90
N ASP A 38 10.25 11.74 -4.61
CA ASP A 38 11.14 10.71 -4.13
C ASP A 38 11.17 10.57 -2.59
N GLN A 39 10.12 11.02 -1.93
CA GLN A 39 10.07 11.16 -0.46
C GLN A 39 9.73 9.82 0.22
N HIS A 40 10.51 8.78 -0.10
CA HIS A 40 10.26 7.40 0.36
C HIS A 40 8.90 6.88 -0.13
N ILE A 41 8.44 7.38 -1.28
CA ILE A 41 7.23 6.96 -1.99
C ILE A 41 7.47 5.68 -2.79
N GLN A 42 8.75 5.33 -2.99
CA GLN A 42 9.21 4.34 -3.96
C GLN A 42 8.85 2.88 -3.62
N LEU A 43 7.55 2.50 -3.73
CA LEU A 43 7.09 1.12 -3.53
C LEU A 43 6.73 0.40 -4.85
N GLN A 44 7.16 -0.86 -4.95
CA GLN A 44 7.14 -1.72 -6.13
C GLN A 44 6.59 -3.12 -5.79
N LEU A 45 5.65 -3.63 -6.60
CA LEU A 45 5.04 -4.95 -6.41
C LEU A 45 5.90 -6.14 -6.88
N SER A 46 5.53 -7.34 -6.43
CA SER A 46 6.11 -8.64 -6.83
C SER A 46 5.09 -9.76 -6.58
N ALA A 47 4.60 -10.41 -7.64
CA ALA A 47 3.49 -11.37 -7.52
C ALA A 47 3.85 -12.67 -6.78
N GLU A 48 2.95 -13.10 -5.88
CA GLU A 48 2.88 -14.47 -5.34
C GLU A 48 2.16 -15.38 -6.33
N SER A 49 1.03 -14.90 -6.86
CA SER A 49 0.15 -15.61 -7.78
C SER A 49 -0.67 -14.63 -8.63
N VAL A 50 -1.59 -15.14 -9.44
CA VAL A 50 -2.40 -14.42 -10.41
C VAL A 50 -3.47 -13.54 -9.76
N GLY A 51 -3.04 -12.60 -8.91
CA GLY A 51 -3.90 -11.72 -8.15
C GLY A 51 -3.19 -11.16 -6.90
N GLU A 52 -2.43 -12.01 -6.22
CA GLU A 52 -1.78 -11.66 -4.97
C GLU A 52 -0.30 -11.30 -5.13
N VAL A 53 0.10 -10.29 -4.35
CA VAL A 53 1.36 -9.56 -4.47
C VAL A 53 2.01 -9.24 -3.12
N TYR A 54 3.33 -9.26 -3.11
CA TYR A 54 4.17 -8.61 -2.11
C TYR A 54 4.58 -7.24 -2.65
N ILE A 55 4.81 -6.24 -1.79
CA ILE A 55 5.23 -4.89 -2.18
C ILE A 55 6.47 -4.46 -1.40
N LYS A 56 7.58 -4.20 -2.10
CA LYS A 56 8.84 -3.76 -1.51
C LYS A 56 9.07 -2.26 -1.75
N SER A 57 9.61 -1.53 -0.77
CA SER A 57 10.25 -0.24 -1.02
C SER A 57 11.57 -0.46 -1.76
N THR A 58 11.73 0.05 -2.99
CA THR A 58 12.82 -0.35 -3.88
C THR A 58 14.19 -0.18 -3.25
N GLU A 59 14.59 1.04 -2.94
CA GLU A 59 15.86 1.35 -2.29
C GLU A 59 15.86 1.05 -0.79
N THR A 60 14.90 1.62 -0.06
CA THR A 60 15.00 1.78 1.40
C THR A 60 14.87 0.48 2.20
N GLY A 61 14.27 -0.56 1.62
CA GLY A 61 14.40 -1.93 2.13
C GLY A 61 13.37 -2.31 3.20
N GLN A 62 12.09 -2.13 2.88
CA GLN A 62 10.94 -2.55 3.68
C GLN A 62 9.95 -3.32 2.78
N TYR A 63 9.18 -4.22 3.38
CA TYR A 63 8.09 -4.97 2.75
C TYR A 63 6.74 -4.44 3.24
N LEU A 64 6.07 -3.57 2.47
CA LEU A 64 4.83 -2.92 2.85
C LEU A 64 3.81 -3.98 3.28
N ALA A 65 3.17 -3.80 4.45
CA ALA A 65 2.41 -4.86 5.08
C ALA A 65 1.31 -4.32 6.00
N MET A 66 0.25 -5.11 6.20
CA MET A 66 -0.78 -4.88 7.20
C MET A 66 -0.68 -5.98 8.26
N ASP A 67 -0.54 -5.66 9.55
CA ASP A 67 -0.18 -6.67 10.54
C ASP A 67 -1.37 -7.54 11.00
N THR A 68 -1.70 -7.52 12.29
CA THR A 68 -2.64 -8.44 12.92
C THR A 68 -3.78 -7.71 13.63
N ASP A 69 -3.49 -6.57 14.24
CA ASP A 69 -4.47 -5.57 14.63
C ASP A 69 -5.05 -4.90 13.35
N GLY A 70 -4.14 -4.69 12.40
CA GLY A 70 -4.32 -4.05 11.11
C GLY A 70 -3.47 -2.79 10.95
N LEU A 71 -2.39 -2.62 11.74
CA LEU A 71 -1.41 -1.56 11.53
C LEU A 71 -0.72 -1.72 10.16
N LEU A 72 -0.63 -0.63 9.40
CA LEU A 72 0.07 -0.59 8.12
C LEU A 72 1.53 -0.16 8.33
N TYR A 73 2.46 -1.04 7.98
CA TYR A 73 3.89 -0.95 8.30
C TYR A 73 4.75 -1.59 7.21
N GLY A 74 6.03 -1.80 7.50
CA GLY A 74 7.03 -2.41 6.64
C GLY A 74 7.71 -3.59 7.33
N SER A 75 7.50 -4.81 6.82
CA SER A 75 8.28 -5.99 7.18
C SER A 75 9.66 -5.93 6.50
N GLN A 76 10.36 -7.05 6.51
CA GLN A 76 11.59 -7.31 5.77
C GLN A 76 11.41 -8.41 4.72
N THR A 77 10.52 -9.34 5.02
CA THR A 77 10.39 -10.62 4.35
C THR A 77 9.01 -10.79 3.70
N PRO A 78 8.87 -11.73 2.75
CA PRO A 78 7.58 -12.11 2.22
C PRO A 78 6.82 -12.92 3.27
N ASN A 79 5.87 -12.29 3.96
CA ASN A 79 4.99 -12.95 4.92
C ASN A 79 3.58 -12.40 4.79
N GLU A 80 2.55 -13.14 5.21
CA GLU A 80 1.16 -12.90 4.85
C GLU A 80 0.65 -11.46 5.08
N GLU A 81 1.21 -10.77 6.08
CA GLU A 81 0.97 -9.38 6.38
C GLU A 81 1.27 -8.51 5.16
N CYS A 82 2.38 -8.84 4.50
CA CYS A 82 2.85 -8.22 3.27
C CYS A 82 2.11 -8.71 2.02
N LEU A 83 1.35 -9.81 2.12
CA LEU A 83 0.77 -10.46 0.95
C LEU A 83 -0.62 -9.90 0.65
N PHE A 84 -0.64 -8.94 -0.26
CA PHE A 84 -1.84 -8.24 -0.69
C PHE A 84 -2.49 -8.96 -1.88
N LEU A 85 -3.72 -9.43 -1.74
CA LEU A 85 -4.57 -9.68 -2.90
C LEU A 85 -4.85 -8.31 -3.55
N GLU A 86 -4.27 -8.06 -4.72
CA GLU A 86 -4.56 -6.86 -5.49
C GLU A 86 -5.95 -6.97 -6.12
N ARG A 87 -6.56 -5.81 -6.38
CA ARG A 87 -7.75 -5.68 -7.19
C ARG A 87 -7.73 -4.26 -7.78
N LEU A 88 -7.31 -4.14 -9.05
CA LEU A 88 -7.36 -2.87 -9.76
C LEU A 88 -8.83 -2.51 -10.05
N GLU A 89 -9.29 -1.38 -9.56
CA GLU A 89 -10.69 -0.96 -9.59
C GLU A 89 -11.15 -0.63 -11.02
N GLU A 90 -12.46 -0.61 -11.26
CA GLU A 90 -13.06 -0.13 -12.51
C GLU A 90 -12.40 1.18 -12.96
N ASN A 91 -12.23 2.14 -12.03
CA ASN A 91 -11.52 3.39 -12.25
C ASN A 91 -10.02 3.27 -11.97
N HIS A 92 -9.40 2.19 -12.43
CA HIS A 92 -7.98 1.87 -12.39
C HIS A 92 -7.42 1.55 -10.99
N TYR A 93 -7.71 2.39 -10.00
CA TYR A 93 -7.14 2.40 -8.65
C TYR A 93 -6.78 1.02 -8.09
N ASN A 94 -5.53 0.80 -7.67
CA ASN A 94 -5.18 -0.42 -6.95
C ASN A 94 -5.99 -0.52 -5.65
N THR A 95 -6.27 -1.75 -5.22
CA THR A 95 -6.79 -2.04 -3.88
C THR A 95 -6.17 -3.31 -3.31
N TYR A 96 -5.28 -3.13 -2.32
CA TYR A 96 -4.42 -4.17 -1.77
C TYR A 96 -4.97 -4.73 -0.44
N ILE A 97 -5.51 -5.96 -0.49
CA ILE A 97 -6.10 -6.68 0.65
C ILE A 97 -5.11 -7.69 1.22
N SER A 98 -4.46 -7.41 2.35
CA SER A 98 -3.61 -8.41 3.02
C SER A 98 -4.40 -9.70 3.28
N LYS A 99 -4.03 -10.84 2.67
CA LYS A 99 -4.97 -11.98 2.58
C LYS A 99 -5.32 -12.64 3.94
N LYS A 100 -4.47 -12.51 4.96
CA LYS A 100 -4.79 -12.88 6.34
C LYS A 100 -5.98 -12.08 6.89
N HIS A 101 -6.31 -10.97 6.21
CA HIS A 101 -7.54 -10.21 6.38
C HIS A 101 -8.44 -10.17 5.13
N ALA A 102 -8.49 -11.27 4.38
CA ALA A 102 -9.37 -11.38 3.21
C ALA A 102 -10.86 -11.39 3.58
N GLU A 103 -11.20 -12.11 4.64
CA GLU A 103 -12.55 -12.32 5.16
C GLU A 103 -13.05 -11.11 5.96
N LYS A 104 -12.23 -10.61 6.89
CA LYS A 104 -12.48 -9.36 7.58
C LYS A 104 -12.40 -8.18 6.59
N ASN A 105 -11.60 -8.36 5.52
CA ASN A 105 -11.62 -7.61 4.28
C ASN A 105 -10.96 -6.23 4.42
N TRP A 106 -9.75 -6.20 4.98
CA TRP A 106 -9.03 -4.96 5.24
C TRP A 106 -8.22 -4.50 4.03
N PHE A 107 -7.72 -3.26 4.07
CA PHE A 107 -6.96 -2.71 2.94
C PHE A 107 -5.82 -1.81 3.41
N VAL A 108 -4.80 -1.70 2.57
CA VAL A 108 -3.97 -0.50 2.54
C VAL A 108 -4.86 0.75 2.42
N GLY A 109 -4.78 1.68 3.38
CA GLY A 109 -5.58 2.91 3.41
C GLY A 109 -4.89 4.04 4.19
N LEU A 110 -4.90 5.25 3.63
CA LEU A 110 -4.35 6.46 4.28
C LEU A 110 -5.46 7.38 4.77
N LYS A 111 -5.22 8.08 5.89
CA LYS A 111 -6.07 9.17 6.34
C LYS A 111 -5.56 10.51 5.79
N LYS A 112 -6.46 11.46 5.52
CA LYS A 112 -6.12 12.78 4.99
C LYS A 112 -5.12 13.55 5.88
N ASN A 113 -5.14 13.28 7.19
CA ASN A 113 -4.19 13.84 8.15
C ASN A 113 -2.75 13.32 7.98
N GLY A 114 -2.56 12.18 7.29
CA GLY A 114 -1.26 11.57 7.04
C GLY A 114 -1.12 10.15 7.59
N SER A 115 -1.67 9.90 8.78
CA SER A 115 -1.51 8.65 9.51
C SER A 115 -2.34 7.48 8.92
N CYS A 116 -1.63 6.41 8.56
CA CYS A 116 -2.14 5.19 7.93
C CYS A 116 -3.22 4.50 8.78
N LYS A 117 -4.32 4.05 8.15
CA LYS A 117 -5.52 3.64 8.87
C LYS A 117 -5.44 2.20 9.38
N ARG A 118 -5.74 1.97 10.66
CA ARG A 118 -5.65 0.63 11.25
C ARG A 118 -6.84 -0.25 10.87
N GLY A 119 -6.57 -1.44 10.33
CA GLY A 119 -7.50 -2.56 10.51
C GLY A 119 -8.92 -2.31 10.08
N PRO A 120 -9.89 -2.71 10.92
CA PRO A 120 -11.10 -3.30 10.40
C PRO A 120 -12.18 -2.22 10.21
N ARG A 121 -11.73 -1.07 9.72
CA ARG A 121 -12.50 0.07 9.22
C ARG A 121 -12.08 0.40 7.77
N THR A 122 -10.91 -0.07 7.31
CA THR A 122 -10.55 -0.07 5.90
C THR A 122 -11.39 -1.10 5.14
N HIS A 123 -12.18 -0.63 4.16
CA HIS A 123 -13.15 -1.45 3.44
C HIS A 123 -13.51 -0.83 2.07
N TYR A 124 -14.10 -1.63 1.17
CA TYR A 124 -14.78 -1.16 -0.04
C TYR A 124 -15.97 -0.25 0.32
N GLY A 125 -15.65 0.99 0.70
CA GLY A 125 -16.57 2.00 1.19
C GLY A 125 -15.87 3.35 1.23
N GLN A 126 -14.68 3.41 1.84
CA GLN A 126 -13.84 4.60 1.82
C GLN A 126 -13.04 4.71 0.52
N LYS A 127 -13.16 5.82 -0.22
CA LYS A 127 -12.24 6.15 -1.30
C LYS A 127 -10.77 6.11 -0.83
N ALA A 128 -10.53 6.34 0.47
CA ALA A 128 -9.25 6.13 1.15
C ALA A 128 -8.54 4.81 0.80
N ILE A 129 -9.27 3.72 0.50
CA ILE A 129 -8.62 2.45 0.14
C ILE A 129 -8.20 2.36 -1.34
N LEU A 130 -8.60 3.34 -2.17
CA LEU A 130 -8.37 3.33 -3.61
C LEU A 130 -7.09 4.07 -3.97
N PHE A 131 -6.05 3.37 -4.44
CA PHE A 131 -4.76 4.00 -4.76
C PHE A 131 -4.52 4.12 -6.27
N LEU A 132 -4.52 5.33 -6.82
CA LEU A 132 -4.12 5.56 -8.21
C LEU A 132 -2.59 5.52 -8.32
N PRO A 133 -2.00 4.63 -9.14
CA PRO A 133 -0.59 4.72 -9.46
C PRO A 133 -0.41 5.77 -10.57
N LEU A 134 0.68 6.56 -10.50
CA LEU A 134 1.37 6.88 -11.74
C LEU A 134 2.36 5.72 -11.99
N PRO A 135 2.12 4.86 -12.99
CA PRO A 135 2.81 3.58 -13.13
C PRO A 135 4.21 3.73 -13.75
N VAL A 136 5.06 4.56 -13.14
CA VAL A 136 6.39 4.88 -13.67
C VAL A 136 7.27 3.62 -13.75
N SER A 137 7.04 2.63 -12.88
CA SER A 137 7.37 1.22 -13.15
C SER A 137 6.14 0.32 -12.93
N SER A 138 5.11 0.47 -13.78
CA SER A 138 3.92 -0.39 -13.87
C SER A 138 2.86 -0.11 -12.79
N ASP A 139 1.65 -0.61 -13.02
CA ASP A 139 0.45 -0.40 -12.21
C ASP A 139 0.58 -0.86 -10.74
N TYR A 7 15.69 -2.77 -12.67
CA TYR A 7 16.23 -2.09 -11.48
C TYR A 7 15.39 -2.31 -10.21
N LYS A 8 14.14 -1.83 -10.16
CA LYS A 8 13.32 -1.87 -8.94
C LYS A 8 11.83 -1.54 -9.18
N LYS A 9 11.24 -2.13 -10.22
CA LYS A 9 9.87 -2.03 -10.75
C LYS A 9 8.87 -1.24 -9.88
N PRO A 10 8.94 0.11 -9.90
CA PRO A 10 8.21 0.95 -8.97
C PRO A 10 6.73 1.14 -9.36
N LYS A 11 5.84 1.21 -8.37
CA LYS A 11 4.46 1.67 -8.57
C LYS A 11 4.06 2.63 -7.46
N LEU A 12 3.78 3.89 -7.83
CA LEU A 12 3.31 4.90 -6.88
C LEU A 12 1.79 4.76 -6.72
N LEU A 13 1.30 4.80 -5.49
CA LEU A 13 -0.10 4.59 -5.16
C LEU A 13 -0.71 5.86 -4.52
N TYR A 14 -1.48 6.61 -5.30
CA TYR A 14 -2.06 7.90 -4.93
C TYR A 14 -3.39 7.72 -4.19
N CYS A 15 -3.34 7.73 -2.85
CA CYS A 15 -4.51 7.60 -1.98
C CYS A 15 -5.47 8.78 -2.16
N SER A 16 -6.50 8.57 -2.99
CA SER A 16 -7.18 9.60 -3.77
C SER A 16 -8.14 10.49 -2.97
N ASN A 17 -8.53 10.04 -1.77
CA ASN A 17 -9.28 10.79 -0.75
C ASN A 17 -8.47 11.96 -0.17
N GLY A 18 -8.02 12.88 -1.03
CA GLY A 18 -7.01 13.89 -0.73
C GLY A 18 -5.87 13.84 -1.76
N GLY A 19 -5.43 12.63 -2.10
CA GLY A 19 -4.38 12.41 -3.09
C GLY A 19 -2.99 12.38 -2.46
N HIS A 20 -2.83 11.51 -1.46
CA HIS A 20 -1.56 11.23 -0.82
C HIS A 20 -0.88 10.02 -1.47
N PHE A 21 0.23 10.26 -2.15
CA PHE A 21 1.14 9.20 -2.57
C PHE A 21 1.59 8.39 -1.35
N LEU A 22 1.38 7.07 -1.41
CA LEU A 22 1.89 6.11 -0.44
C LEU A 22 3.40 6.28 -0.21
N ARG A 23 3.82 6.50 1.04
CA ARG A 23 5.20 6.73 1.44
C ARG A 23 5.58 5.85 2.64
N ILE A 24 6.72 5.15 2.56
CA ILE A 24 7.29 4.42 3.70
C ILE A 24 8.39 5.25 4.39
N LEU A 25 8.73 4.93 5.64
CA LEU A 25 9.92 5.44 6.31
C LEU A 25 10.77 4.27 6.86
N PRO A 26 12.11 4.30 6.68
CA PRO A 26 13.05 3.25 7.07
C PRO A 26 12.77 2.49 8.37
N ASP A 27 12.53 3.24 9.44
CA ASP A 27 12.19 2.75 10.78
C ASP A 27 11.15 1.62 10.75
N GLY A 28 10.21 1.68 9.81
CA GLY A 28 9.12 0.72 9.69
C GLY A 28 7.77 1.39 9.42
N THR A 29 7.55 2.66 9.80
CA THR A 29 6.23 3.26 9.58
C THR A 29 5.94 3.56 8.11
N VAL A 30 4.69 3.91 7.85
CA VAL A 30 4.17 4.30 6.54
C VAL A 30 3.10 5.37 6.71
N ASP A 31 2.91 6.16 5.65
CA ASP A 31 1.98 7.28 5.60
C ASP A 31 1.65 7.69 4.15
N GLY A 32 0.84 8.73 4.04
CA GLY A 32 0.44 9.42 2.81
C GLY A 32 1.13 10.79 2.70
N THR A 33 1.76 11.06 1.56
CA THR A 33 2.37 12.36 1.25
C THR A 33 1.76 12.95 -0.02
N ARG A 34 1.35 14.22 0.01
CA ARG A 34 0.54 14.82 -1.05
C ARG A 34 1.31 15.23 -2.31
N ASP A 35 2.65 15.10 -2.28
CA ASP A 35 3.56 15.40 -3.38
C ASP A 35 4.29 14.15 -3.90
N ARG A 36 4.61 14.12 -5.20
CA ARG A 36 5.30 13.01 -5.87
C ARG A 36 6.82 13.24 -6.04
N SER A 37 7.50 13.82 -5.05
CA SER A 37 8.95 13.85 -4.99
C SER A 37 9.47 13.77 -3.54
N ASP A 38 8.74 13.06 -2.67
CA ASP A 38 9.18 12.74 -1.32
C ASP A 38 10.22 11.59 -1.33
N GLN A 39 10.78 11.28 -0.16
CA GLN A 39 11.94 10.42 0.02
C GLN A 39 11.76 8.96 -0.40
N HIS A 40 10.63 8.34 -0.04
CA HIS A 40 10.42 6.91 -0.23
C HIS A 40 8.96 6.57 -0.59
N ILE A 41 8.53 7.09 -1.73
CA ILE A 41 7.27 6.78 -2.40
C ILE A 41 7.46 5.68 -3.47
N GLN A 42 8.67 5.58 -4.01
CA GLN A 42 9.06 4.71 -5.11
C GLN A 42 9.17 3.22 -4.73
N LEU A 43 8.12 2.66 -4.12
CA LEU A 43 8.09 1.27 -3.69
C LEU A 43 7.95 0.32 -4.90
N GLN A 44 8.72 -0.77 -4.85
CA GLN A 44 8.78 -1.81 -5.86
C GLN A 44 7.57 -2.72 -5.75
N LEU A 45 6.85 -2.97 -6.85
CA LEU A 45 5.80 -3.99 -6.84
C LEU A 45 6.43 -5.35 -7.15
N SER A 46 6.54 -6.23 -6.15
CA SER A 46 6.85 -7.64 -6.36
C SER A 46 5.53 -8.42 -6.42
N ALA A 47 5.32 -9.19 -7.49
CA ALA A 47 4.13 -10.02 -7.67
C ALA A 47 4.46 -11.49 -7.37
N GLU A 48 3.76 -12.06 -6.38
CA GLU A 48 4.05 -13.36 -5.82
C GLU A 48 3.25 -14.46 -6.52
N SER A 49 2.00 -14.16 -6.88
CA SER A 49 1.14 -15.03 -7.67
C SER A 49 0.02 -14.22 -8.34
N VAL A 50 -0.96 -14.92 -8.92
CA VAL A 50 -2.04 -14.44 -9.78
C VAL A 50 -2.86 -13.25 -9.24
N GLY A 51 -2.24 -12.08 -9.21
CA GLY A 51 -2.82 -10.82 -8.72
C GLY A 51 -2.47 -10.52 -7.26
N GLU A 52 -1.53 -11.25 -6.64
CA GLU A 52 -1.12 -11.07 -5.27
C GLU A 52 0.34 -10.64 -5.15
N VAL A 53 0.55 -9.66 -4.28
CA VAL A 53 1.72 -8.77 -4.29
C VAL A 53 2.35 -8.54 -2.91
N TYR A 54 3.66 -8.28 -2.94
CA TYR A 54 4.43 -7.65 -1.89
C TYR A 54 4.97 -6.30 -2.42
N ILE A 55 4.61 -5.19 -1.79
CA ILE A 55 5.24 -3.90 -2.09
C ILE A 55 6.54 -3.79 -1.28
N LYS A 56 7.68 -3.68 -1.95
CA LYS A 56 9.00 -3.65 -1.32
C LYS A 56 9.71 -2.29 -1.41
N SER A 57 10.20 -1.80 -0.26
CA SER A 57 10.90 -0.52 -0.15
C SER A 57 12.36 -0.64 -0.58
N THR A 58 12.58 -1.08 -1.82
CA THR A 58 13.83 -1.61 -2.37
C THR A 58 15.14 -1.08 -1.78
N GLU A 59 15.29 0.24 -1.68
CA GLU A 59 16.41 0.93 -1.05
C GLU A 59 16.81 0.33 0.31
N THR A 60 15.83 0.10 1.18
CA THR A 60 16.00 -0.62 2.46
C THR A 60 15.64 -2.10 2.33
N GLY A 61 14.77 -2.45 1.38
CA GLY A 61 14.41 -3.82 1.04
C GLY A 61 13.33 -4.43 1.95
N GLN A 62 12.55 -3.60 2.65
CA GLN A 62 11.51 -4.04 3.58
C GLN A 62 10.25 -4.47 2.80
N TYR A 63 9.18 -4.78 3.51
CA TYR A 63 7.93 -5.36 3.02
C TYR A 63 6.74 -4.56 3.55
N LEU A 64 6.17 -3.63 2.77
CA LEU A 64 5.02 -2.88 3.22
C LEU A 64 3.84 -3.85 3.42
N ALA A 65 3.25 -3.85 4.62
CA ALA A 65 2.37 -4.90 5.13
C ALA A 65 1.32 -4.34 6.10
N MET A 66 0.27 -5.11 6.35
CA MET A 66 -0.75 -4.83 7.34
C MET A 66 -0.67 -5.88 8.45
N ASP A 67 -0.26 -5.51 9.66
CA ASP A 67 -0.15 -6.48 10.75
C ASP A 67 -1.52 -6.96 11.27
N THR A 68 -1.43 -7.83 12.26
CA THR A 68 -2.50 -8.57 12.93
C THR A 68 -3.59 -7.66 13.52
N ASP A 69 -3.24 -6.47 13.98
CA ASP A 69 -4.18 -5.46 14.46
C ASP A 69 -4.90 -4.76 13.29
N GLY A 70 -4.19 -4.60 12.17
CA GLY A 70 -4.52 -3.61 11.15
C GLY A 70 -3.33 -2.71 10.82
N LEU A 71 -2.45 -2.46 11.81
CA LEU A 71 -1.28 -1.58 11.70
C LEU A 71 -0.51 -1.73 10.37
N LEU A 72 -0.49 -0.65 9.58
CA LEU A 72 0.27 -0.61 8.33
C LEU A 72 1.74 -0.29 8.64
N TYR A 73 2.65 -1.14 8.14
CA TYR A 73 4.07 -1.09 8.52
C TYR A 73 4.99 -1.82 7.53
N GLY A 74 6.30 -1.63 7.67
CA GLY A 74 7.34 -2.33 6.94
C GLY A 74 7.78 -3.60 7.68
N SER A 75 7.34 -4.78 7.23
CA SER A 75 7.92 -6.03 7.68
C SER A 75 9.33 -6.19 7.08
N GLN A 76 10.10 -7.08 7.69
CA GLN A 76 11.47 -7.42 7.32
C GLN A 76 11.46 -8.74 6.56
N THR A 77 10.55 -9.63 6.96
CA THR A 77 10.29 -10.93 6.37
C THR A 77 9.09 -10.89 5.40
N PRO A 78 9.05 -11.80 4.41
CA PRO A 78 7.89 -12.00 3.56
C PRO A 78 6.83 -12.78 4.35
N ASN A 79 5.61 -12.24 4.48
CA ASN A 79 4.55 -12.91 5.22
C ASN A 79 3.16 -12.56 4.67
N GLU A 80 2.17 -13.35 5.06
CA GLU A 80 0.76 -13.18 4.71
C GLU A 80 0.26 -11.75 4.94
N GLU A 81 0.75 -11.11 6.00
CA GLU A 81 0.47 -9.73 6.40
C GLU A 81 0.87 -8.76 5.29
N CYS A 82 1.94 -9.11 4.57
CA CYS A 82 2.44 -8.41 3.41
C CYS A 82 1.66 -8.76 2.12
N LEU A 83 1.03 -9.94 2.05
CA LEU A 83 0.50 -10.47 0.82
C LEU A 83 -0.85 -9.84 0.49
N PHE A 84 -0.80 -8.75 -0.26
CA PHE A 84 -2.01 -8.08 -0.71
C PHE A 84 -2.51 -8.70 -2.01
N LEU A 85 -3.80 -9.06 -2.08
CA LEU A 85 -4.49 -9.27 -3.35
C LEU A 85 -4.71 -7.88 -3.96
N GLU A 86 -4.01 -7.58 -5.06
CA GLU A 86 -4.21 -6.35 -5.81
C GLU A 86 -5.49 -6.46 -6.66
N ARG A 87 -6.32 -5.42 -6.63
CA ARG A 87 -7.45 -5.25 -7.52
C ARG A 87 -7.43 -3.84 -8.12
N LEU A 88 -7.97 -3.70 -9.34
CA LEU A 88 -8.41 -2.44 -9.92
C LEU A 88 -9.93 -2.34 -9.75
N GLU A 89 -10.41 -1.26 -9.13
CA GLU A 89 -11.81 -0.88 -9.21
C GLU A 89 -12.11 -0.40 -10.64
N GLU A 90 -13.36 -0.50 -11.10
CA GLU A 90 -13.75 -0.22 -12.48
C GLU A 90 -13.81 1.30 -12.80
N ASN A 91 -12.82 2.06 -12.33
CA ASN A 91 -12.58 3.48 -12.60
C ASN A 91 -11.15 3.83 -12.18
N HIS A 92 -10.15 3.10 -12.70
CA HIS A 92 -8.73 3.42 -12.60
C HIS A 92 -8.08 3.13 -11.24
N TYR A 93 -8.75 3.50 -10.14
CA TYR A 93 -8.25 3.33 -8.78
C TYR A 93 -7.96 1.86 -8.44
N ASN A 94 -6.76 1.57 -7.94
CA ASN A 94 -6.44 0.30 -7.31
C ASN A 94 -6.96 0.22 -5.87
N THR A 95 -6.98 -1.02 -5.40
CA THR A 95 -7.25 -1.49 -4.05
C THR A 95 -6.33 -2.68 -3.74
N TYR A 96 -5.95 -2.84 -2.47
CA TYR A 96 -4.99 -3.87 -2.01
C TYR A 96 -5.52 -4.54 -0.74
N ILE A 97 -6.01 -5.78 -0.86
CA ILE A 97 -6.74 -6.51 0.19
C ILE A 97 -5.83 -7.55 0.84
N SER A 98 -5.61 -7.52 2.15
CA SER A 98 -4.68 -8.45 2.78
C SER A 98 -5.22 -9.90 2.75
N LYS A 99 -4.44 -10.86 2.21
CA LYS A 99 -4.88 -12.25 2.11
C LYS A 99 -5.03 -12.95 3.46
N LYS A 100 -4.29 -12.51 4.47
CA LYS A 100 -4.46 -12.99 5.84
C LYS A 100 -5.84 -12.57 6.34
N HIS A 101 -6.05 -11.26 6.48
CA HIS A 101 -7.26 -10.71 7.08
C HIS A 101 -8.40 -10.58 6.03
N ALA A 102 -8.57 -11.65 5.23
CA ALA A 102 -9.42 -11.68 4.05
C ALA A 102 -10.89 -11.99 4.36
N GLU A 103 -11.15 -12.68 5.47
CA GLU A 103 -12.49 -13.03 5.94
C GLU A 103 -13.21 -11.79 6.49
N LYS A 104 -12.50 -11.01 7.31
CA LYS A 104 -12.91 -9.67 7.69
C LYS A 104 -12.79 -8.72 6.48
N ASN A 105 -11.74 -8.92 5.67
CA ASN A 105 -11.52 -8.32 4.37
C ASN A 105 -10.93 -6.91 4.48
N TRP A 106 -9.72 -6.84 5.03
CA TRP A 106 -9.04 -5.57 5.30
C TRP A 106 -8.24 -5.06 4.09
N PHE A 107 -8.22 -3.74 3.93
CA PHE A 107 -7.59 -3.05 2.81
C PHE A 107 -6.47 -2.13 3.32
N VAL A 108 -5.43 -1.90 2.51
CA VAL A 108 -4.52 -0.79 2.76
C VAL A 108 -5.32 0.54 2.75
N GLY A 109 -5.04 1.47 3.66
CA GLY A 109 -5.69 2.78 3.70
C GLY A 109 -4.80 3.90 4.28
N LEU A 110 -4.87 5.10 3.70
CA LEU A 110 -4.19 6.29 4.23
C LEU A 110 -5.14 7.50 4.31
N LYS A 111 -4.69 8.49 5.09
CA LYS A 111 -5.20 9.86 5.22
C LYS A 111 -5.72 10.15 6.63
N LYS A 112 -4.83 10.68 7.46
CA LYS A 112 -5.10 11.20 8.79
C LYS A 112 -4.08 12.30 9.09
N ASN A 113 -4.35 13.51 8.62
CA ASN A 113 -3.33 14.55 8.45
C ASN A 113 -2.11 13.98 7.70
N GLY A 114 -2.40 13.21 6.63
CA GLY A 114 -1.39 12.44 5.90
C GLY A 114 -1.17 11.02 6.43
N SER A 115 -1.35 10.79 7.73
CA SER A 115 -1.02 9.50 8.36
C SER A 115 -1.96 8.34 7.96
N CYS A 116 -1.70 7.18 8.55
CA CYS A 116 -2.30 5.86 8.29
C CYS A 116 -3.82 5.78 8.54
N LYS A 117 -4.52 4.94 7.78
CA LYS A 117 -5.85 4.44 8.12
C LYS A 117 -5.90 2.91 7.99
N ARG A 118 -5.98 2.23 9.14
CA ARG A 118 -5.59 0.83 9.29
C ARG A 118 -6.79 -0.11 9.44
N GLY A 119 -6.55 -1.42 9.25
CA GLY A 119 -7.45 -2.43 9.81
C GLY A 119 -8.92 -2.33 9.39
N PRO A 120 -9.81 -2.62 10.34
CA PRO A 120 -10.96 -3.44 10.00
C PRO A 120 -12.16 -2.61 9.53
N ARG A 121 -12.00 -1.29 9.50
CA ARG A 121 -12.97 -0.33 8.99
C ARG A 121 -12.54 0.28 7.64
N THR A 122 -11.41 -0.14 7.06
CA THR A 122 -10.96 0.34 5.74
C THR A 122 -11.99 -0.06 4.68
N HIS A 123 -11.90 -1.31 4.23
CA HIS A 123 -12.98 -2.07 3.61
C HIS A 123 -13.52 -1.46 2.31
N TYR A 124 -14.58 -2.03 1.74
CA TYR A 124 -15.48 -1.25 0.89
C TYR A 124 -16.33 -0.33 1.77
N GLY A 125 -15.66 0.61 2.43
CA GLY A 125 -16.23 1.53 3.42
C GLY A 125 -15.62 2.93 3.29
N GLN A 126 -14.36 3.10 3.70
CA GLN A 126 -13.72 4.42 3.77
C GLN A 126 -12.77 4.68 2.60
N LYS A 127 -12.89 5.86 1.98
CA LYS A 127 -12.27 6.19 0.71
C LYS A 127 -10.74 6.08 0.70
N ALA A 128 -10.08 6.14 1.88
CA ALA A 128 -8.73 5.63 2.10
C ALA A 128 -8.31 4.44 1.22
N ILE A 129 -9.22 3.50 0.93
CA ILE A 129 -8.88 2.34 0.10
C ILE A 129 -8.59 2.64 -1.39
N LEU A 130 -8.99 3.80 -1.92
CA LEU A 130 -8.88 4.11 -3.35
C LEU A 130 -7.51 4.71 -3.73
N PHE A 131 -6.64 3.92 -4.38
CA PHE A 131 -5.30 4.35 -4.79
C PHE A 131 -5.15 4.50 -6.32
N LEU A 132 -5.05 5.72 -6.86
CA LEU A 132 -4.75 5.85 -8.30
C LEU A 132 -3.30 5.42 -8.58
N PRO A 133 -3.04 4.47 -9.48
CA PRO A 133 -1.70 3.93 -9.69
C PRO A 133 -0.91 4.74 -10.73
N LEU A 134 0.36 5.01 -10.42
CA LEU A 134 1.37 5.37 -11.41
C LEU A 134 2.43 4.26 -11.46
N PRO A 135 2.27 3.27 -12.36
CA PRO A 135 3.27 2.23 -12.58
C PRO A 135 4.46 2.82 -13.34
N VAL A 136 5.61 2.97 -12.69
CA VAL A 136 6.75 3.68 -13.27
C VAL A 136 7.36 2.94 -14.48
N SER A 137 7.00 1.66 -14.67
CA SER A 137 7.22 0.93 -15.92
C SER A 137 8.71 0.69 -16.22
N SER A 138 9.35 -0.06 -15.33
CA SER A 138 10.73 -0.53 -15.44
C SER A 138 10.81 -1.94 -14.84
N ASP A 139 11.92 -2.63 -15.05
CA ASP A 139 12.32 -3.71 -14.16
C ASP A 139 12.69 -3.14 -12.77
N TYR A 7 13.03 1.22 -12.82
CA TYR A 7 13.87 1.25 -11.62
C TYR A 7 14.28 2.69 -11.26
N LYS A 8 14.52 2.96 -9.96
CA LYS A 8 14.76 4.29 -9.39
C LYS A 8 13.57 5.25 -9.61
N LYS A 9 12.75 5.46 -8.58
CA LYS A 9 11.39 5.99 -8.73
C LYS A 9 10.58 5.19 -9.76
N PRO A 10 10.50 3.84 -9.62
CA PRO A 10 9.90 2.99 -10.65
C PRO A 10 8.41 3.20 -10.81
N LYS A 11 7.69 3.21 -9.68
CA LYS A 11 6.25 3.04 -9.64
C LYS A 11 5.71 3.68 -8.35
N LEU A 12 4.66 4.48 -8.49
CA LEU A 12 4.18 5.42 -7.47
C LEU A 12 2.71 5.12 -7.13
N LEU A 13 2.38 4.90 -5.84
CA LEU A 13 1.00 4.66 -5.41
C LEU A 13 0.34 5.94 -4.91
N TYR A 14 -0.59 6.51 -5.68
CA TYR A 14 -1.37 7.68 -5.31
C TYR A 14 -2.66 7.30 -4.58
N CYS A 15 -2.76 7.60 -3.29
CA CYS A 15 -3.97 7.36 -2.50
C CYS A 15 -5.00 8.48 -2.70
N SER A 16 -6.29 8.17 -2.59
CA SER A 16 -7.35 9.14 -2.40
C SER A 16 -7.00 10.18 -1.32
N ASN A 17 -6.74 9.70 -0.11
CA ASN A 17 -6.30 10.40 1.10
C ASN A 17 -5.66 11.79 0.85
N GLY A 18 -6.45 12.86 0.81
CA GLY A 18 -5.98 14.22 0.50
C GLY A 18 -4.91 14.30 -0.60
N GLY A 19 -5.02 13.45 -1.63
CA GLY A 19 -4.06 13.31 -2.71
C GLY A 19 -2.63 12.93 -2.27
N HIS A 20 -2.48 12.15 -1.20
CA HIS A 20 -1.21 11.62 -0.74
C HIS A 20 -0.74 10.44 -1.59
N PHE A 21 0.45 10.57 -2.16
CA PHE A 21 1.26 9.40 -2.46
C PHE A 21 1.53 8.61 -1.17
N LEU A 22 1.61 7.29 -1.31
CA LEU A 22 2.29 6.40 -0.39
C LEU A 22 3.60 7.04 0.11
N ARG A 23 3.89 6.94 1.41
CA ARG A 23 5.23 7.13 1.95
C ARG A 23 5.57 5.95 2.88
N ILE A 24 6.83 5.48 2.87
CA ILE A 24 7.25 4.31 3.64
C ILE A 24 8.63 4.57 4.27
N LEU A 25 8.70 4.55 5.61
CA LEU A 25 9.71 5.26 6.37
C LEU A 25 10.66 4.33 7.16
N PRO A 26 11.97 4.61 7.15
CA PRO A 26 13.04 3.84 7.81
C PRO A 26 12.71 3.15 9.13
N ASP A 27 12.15 3.91 10.07
CA ASP A 27 11.71 3.45 11.38
C ASP A 27 10.90 2.15 11.33
N GLY A 28 10.09 1.99 10.28
CA GLY A 28 9.17 0.88 10.14
C GLY A 28 7.81 1.28 9.58
N THR A 29 7.31 2.50 9.83
CA THR A 29 5.94 2.83 9.42
C THR A 29 5.75 3.02 7.91
N VAL A 30 4.48 3.01 7.53
CA VAL A 30 3.98 3.53 6.27
C VAL A 30 3.13 4.77 6.55
N ASP A 31 2.84 5.58 5.53
CA ASP A 31 2.44 6.97 5.70
C ASP A 31 1.89 7.58 4.37
N GLY A 32 1.42 8.83 4.47
CA GLY A 32 0.86 9.66 3.39
C GLY A 32 1.70 10.93 3.15
N THR A 33 2.01 11.25 1.89
CA THR A 33 2.63 12.52 1.53
C THR A 33 2.11 13.04 0.18
N ARG A 34 1.79 14.32 0.08
CA ARG A 34 1.09 14.91 -1.06
C ARG A 34 1.82 14.69 -2.41
N ASP A 35 3.16 14.59 -2.40
CA ASP A 35 3.96 14.68 -3.63
C ASP A 35 5.04 13.58 -3.83
N ARG A 36 5.03 12.99 -5.02
CA ARG A 36 6.02 12.01 -5.49
C ARG A 36 7.50 12.48 -5.42
N SER A 37 7.75 13.78 -5.29
CA SER A 37 9.10 14.31 -5.08
C SER A 37 9.72 13.84 -3.75
N ASP A 38 8.88 13.50 -2.77
CA ASP A 38 9.35 13.09 -1.45
C ASP A 38 10.20 11.80 -1.49
N GLN A 39 10.90 11.53 -0.40
CA GLN A 39 12.05 10.64 -0.31
C GLN A 39 11.71 9.19 -0.69
N HIS A 40 10.81 8.59 0.10
CA HIS A 40 10.52 7.16 0.07
C HIS A 40 9.04 6.92 -0.20
N ILE A 41 8.62 7.18 -1.45
CA ILE A 41 7.22 7.12 -1.89
C ILE A 41 6.98 6.10 -3.02
N GLN A 42 8.02 5.33 -3.37
CA GLN A 42 8.08 4.52 -4.58
C GLN A 42 8.20 3.02 -4.25
N LEU A 43 7.52 2.19 -5.03
CA LEU A 43 7.32 0.77 -4.72
C LEU A 43 7.82 -0.20 -5.80
N GLN A 44 8.16 -1.39 -5.32
CA GLN A 44 8.75 -2.52 -6.00
C GLN A 44 7.91 -3.78 -5.79
N LEU A 45 7.41 -4.37 -6.88
CA LEU A 45 6.39 -5.40 -6.85
C LEU A 45 6.97 -6.82 -6.90
N SER A 46 6.74 -7.61 -5.85
CA SER A 46 6.95 -9.06 -5.84
C SER A 46 5.59 -9.77 -5.91
N ALA A 47 5.07 -9.97 -7.13
CA ALA A 47 3.85 -10.75 -7.34
C ALA A 47 4.03 -12.23 -6.94
N GLU A 48 3.13 -12.73 -6.10
CA GLU A 48 3.08 -14.14 -5.70
C GLU A 48 2.48 -15.01 -6.82
N SER A 49 1.47 -14.47 -7.50
CA SER A 49 0.63 -15.10 -8.50
C SER A 49 -0.27 -14.04 -9.16
N VAL A 50 -1.21 -14.48 -10.00
CA VAL A 50 -2.10 -13.68 -10.83
C VAL A 50 -3.12 -12.84 -10.03
N GLY A 51 -2.64 -11.94 -9.18
CA GLY A 51 -3.44 -11.06 -8.35
C GLY A 51 -2.79 -10.79 -6.99
N GLU A 52 -2.14 -11.80 -6.41
CA GLU A 52 -1.48 -11.70 -5.12
C GLU A 52 -0.07 -11.09 -5.20
N VAL A 53 0.25 -10.24 -4.22
CA VAL A 53 1.43 -9.40 -4.20
C VAL A 53 2.06 -9.24 -2.82
N TYR A 54 3.38 -9.09 -2.81
CA TYR A 54 4.18 -8.52 -1.75
C TYR A 54 4.83 -7.24 -2.30
N ILE A 55 4.62 -6.09 -1.64
CA ILE A 55 5.12 -4.81 -2.14
C ILE A 55 6.33 -4.35 -1.29
N LYS A 56 7.53 -4.42 -1.87
CA LYS A 56 8.77 -3.93 -1.29
C LYS A 56 8.92 -2.43 -1.63
N SER A 57 9.56 -1.59 -0.82
CA SER A 57 10.00 -0.26 -1.27
C SER A 57 11.30 -0.38 -2.06
N THR A 58 11.58 0.47 -3.06
CA THR A 58 12.86 0.35 -3.76
C THR A 58 14.06 0.56 -2.82
N GLU A 59 14.21 1.78 -2.31
CA GLU A 59 15.34 2.24 -1.52
C GLU A 59 15.44 1.56 -0.14
N THR A 60 14.49 1.81 0.77
CA THR A 60 14.57 1.29 2.13
C THR A 60 14.39 -0.24 2.20
N GLY A 61 13.78 -0.85 1.18
CA GLY A 61 13.57 -2.29 1.09
C GLY A 61 12.43 -2.79 1.98
N GLN A 62 11.51 -1.89 2.35
CA GLN A 62 10.47 -2.15 3.34
C GLN A 62 9.25 -2.81 2.70
N TYR A 63 8.73 -3.84 3.35
CA TYR A 63 7.60 -4.64 2.88
C TYR A 63 6.27 -4.04 3.33
N LEU A 64 5.64 -3.24 2.46
CA LEU A 64 4.33 -2.66 2.68
C LEU A 64 3.33 -3.73 3.12
N ALA A 65 2.82 -3.59 4.34
CA ALA A 65 2.12 -4.66 5.05
C ALA A 65 1.12 -4.08 6.05
N MET A 66 0.32 -4.94 6.65
CA MET A 66 -0.49 -4.59 7.82
C MET A 66 -0.36 -5.64 8.93
N ASP A 67 -0.29 -5.20 10.19
CA ASP A 67 -0.06 -6.09 11.32
C ASP A 67 -1.28 -6.99 11.63
N THR A 68 -1.27 -7.65 12.79
CA THR A 68 -2.27 -8.66 13.16
C THR A 68 -3.65 -8.06 13.46
N ASP A 69 -3.72 -6.78 13.83
CA ASP A 69 -4.96 -6.00 13.87
C ASP A 69 -5.00 -4.98 12.71
N GLY A 70 -4.23 -5.24 11.65
CA GLY A 70 -4.28 -4.48 10.42
C GLY A 70 -3.55 -3.14 10.48
N LEU A 71 -2.66 -2.93 11.46
CA LEU A 71 -1.90 -1.70 11.58
C LEU A 71 -0.94 -1.55 10.38
N LEU A 72 -1.21 -0.61 9.48
CA LEU A 72 -0.44 -0.47 8.24
C LEU A 72 1.00 -0.01 8.50
N TYR A 73 1.98 -0.71 7.92
CA TYR A 73 3.40 -0.47 8.13
C TYR A 73 4.28 -0.98 6.97
N GLY A 74 5.60 -0.74 7.04
CA GLY A 74 6.61 -1.12 6.05
C GLY A 74 7.63 -2.06 6.67
N SER A 75 7.37 -3.37 6.58
CA SER A 75 7.94 -4.41 7.42
C SER A 75 9.24 -5.01 6.87
N GLN A 76 9.76 -6.03 7.55
CA GLN A 76 11.06 -6.63 7.24
C GLN A 76 11.00 -7.58 6.03
N THR A 77 9.93 -8.36 5.94
CA THR A 77 9.85 -9.58 5.14
C THR A 77 8.54 -9.71 4.35
N PRO A 78 8.53 -10.50 3.26
CA PRO A 78 7.32 -10.85 2.53
C PRO A 78 6.53 -11.90 3.31
N ASN A 79 5.95 -11.51 4.44
CA ASN A 79 5.08 -12.37 5.26
C ASN A 79 3.61 -12.17 4.88
N GLU A 80 2.73 -13.02 5.38
CA GLU A 80 1.31 -13.02 5.01
C GLU A 80 0.64 -11.64 5.22
N GLU A 81 1.05 -10.92 6.26
CA GLU A 81 0.74 -9.56 6.62
C GLU A 81 1.08 -8.56 5.52
N CYS A 82 2.14 -8.88 4.78
CA CYS A 82 2.56 -8.21 3.57
C CYS A 82 1.81 -8.67 2.31
N LEU A 83 1.13 -9.82 2.37
CA LEU A 83 0.51 -10.45 1.21
C LEU A 83 -0.85 -9.82 0.94
N PHE A 84 -0.90 -8.96 -0.07
CA PHE A 84 -2.14 -8.37 -0.53
C PHE A 84 -2.65 -9.02 -1.81
N LEU A 85 -3.97 -9.00 -2.03
CA LEU A 85 -4.62 -9.29 -3.30
C LEU A 85 -4.92 -7.97 -4.00
N GLU A 86 -4.19 -7.66 -5.07
CA GLU A 86 -4.40 -6.47 -5.89
C GLU A 86 -5.48 -6.72 -6.96
N ARG A 87 -6.43 -5.79 -7.08
CA ARG A 87 -7.21 -5.63 -8.31
C ARG A 87 -7.93 -4.28 -8.38
N LEU A 88 -8.29 -3.86 -9.59
CA LEU A 88 -9.02 -2.63 -9.87
C LEU A 88 -10.34 -2.50 -9.11
N GLU A 89 -10.70 -1.26 -8.74
CA GLU A 89 -11.93 -0.90 -8.03
C GLU A 89 -12.69 0.18 -8.81
N GLU A 90 -12.00 1.28 -9.13
CA GLU A 90 -12.49 2.42 -9.90
C GLU A 90 -11.58 2.69 -11.11
N ASN A 91 -11.89 3.72 -11.89
CA ASN A 91 -11.20 4.11 -13.12
C ASN A 91 -9.68 4.33 -12.91
N HIS A 92 -8.91 3.25 -12.99
CA HIS A 92 -7.48 3.19 -12.69
C HIS A 92 -7.21 3.47 -11.19
N TYR A 93 -8.15 3.10 -10.32
CA TYR A 93 -7.92 3.03 -8.87
C TYR A 93 -8.13 1.60 -8.40
N ASN A 94 -7.07 0.99 -7.88
CA ASN A 94 -7.03 -0.35 -7.35
C ASN A 94 -7.23 -0.35 -5.83
N THR A 95 -7.45 -1.55 -5.30
CA THR A 95 -7.28 -1.83 -3.88
C THR A 95 -6.41 -3.09 -3.69
N TYR A 96 -5.79 -3.16 -2.52
CA TYR A 96 -4.86 -4.21 -2.10
C TYR A 96 -5.42 -4.83 -0.81
N ILE A 97 -6.00 -6.03 -0.92
CA ILE A 97 -6.83 -6.64 0.13
C ILE A 97 -6.09 -7.75 0.86
N SER A 98 -6.15 -7.77 2.19
CA SER A 98 -5.41 -8.68 3.06
C SER A 98 -5.77 -10.17 2.85
N LYS A 99 -5.04 -10.90 1.99
CA LYS A 99 -5.23 -12.32 1.77
C LYS A 99 -4.97 -13.18 3.02
N LYS A 100 -4.19 -12.66 3.96
CA LYS A 100 -3.98 -13.24 5.29
C LYS A 100 -5.22 -13.00 6.14
N HIS A 101 -5.51 -11.73 6.44
CA HIS A 101 -6.67 -11.34 7.22
C HIS A 101 -7.95 -11.33 6.37
N ALA A 102 -8.20 -12.43 5.66
CA ALA A 102 -9.21 -12.53 4.60
C ALA A 102 -10.61 -12.89 5.11
N GLU A 103 -10.76 -13.16 6.40
CA GLU A 103 -12.05 -13.44 7.03
C GLU A 103 -12.82 -12.13 7.26
N LYS A 104 -12.10 -11.07 7.60
CA LYS A 104 -12.55 -9.68 7.65
C LYS A 104 -12.25 -8.94 6.34
N ASN A 105 -11.19 -9.32 5.61
CA ASN A 105 -10.71 -8.70 4.37
C ASN A 105 -10.48 -7.19 4.50
N TRP A 106 -9.34 -6.82 5.07
CA TRP A 106 -8.89 -5.44 5.27
C TRP A 106 -8.19 -4.90 4.03
N PHE A 107 -8.17 -3.59 3.86
CA PHE A 107 -7.72 -2.94 2.63
C PHE A 107 -6.61 -1.93 2.94
N VAL A 108 -5.52 -1.92 2.15
CA VAL A 108 -4.50 -0.87 2.27
C VAL A 108 -5.12 0.52 2.08
N GLY A 109 -5.06 1.38 3.12
CA GLY A 109 -5.69 2.69 3.09
C GLY A 109 -5.04 3.70 4.06
N LEU A 110 -4.89 4.95 3.60
CA LEU A 110 -4.27 6.03 4.36
C LEU A 110 -5.30 7.08 4.83
N LYS A 111 -4.94 7.81 5.89
CA LYS A 111 -5.59 8.93 6.59
C LYS A 111 -5.80 8.66 8.08
N LYS A 112 -4.82 9.08 8.88
CA LYS A 112 -4.92 9.42 10.28
C LYS A 112 -3.99 10.62 10.52
N ASN A 113 -4.56 11.83 10.59
CA ASN A 113 -3.80 13.08 10.49
C ASN A 113 -2.86 13.02 9.27
N GLY A 114 -3.42 12.62 8.13
CA GLY A 114 -2.66 12.38 6.90
C GLY A 114 -2.06 10.96 6.81
N SER A 115 -1.54 10.43 7.92
CA SER A 115 -0.76 9.19 7.92
C SER A 115 -1.60 7.91 7.81
N CYS A 116 -0.99 6.75 8.01
CA CYS A 116 -1.60 5.44 7.78
C CYS A 116 -2.78 5.10 8.71
N LYS A 117 -3.62 4.14 8.30
CA LYS A 117 -4.76 3.63 9.10
C LYS A 117 -4.48 2.22 9.68
N ARG A 118 -5.50 1.65 10.32
CA ARG A 118 -5.46 0.30 10.89
C ARG A 118 -6.69 -0.52 10.48
N GLY A 119 -6.48 -1.68 9.86
CA GLY A 119 -7.43 -2.80 9.96
C GLY A 119 -8.88 -2.46 9.75
N PRO A 120 -9.71 -2.71 10.76
CA PRO A 120 -10.93 -3.44 10.50
C PRO A 120 -12.08 -2.43 10.41
N ARG A 121 -11.91 -1.53 9.44
CA ARG A 121 -12.56 -0.25 9.31
C ARG A 121 -12.39 0.28 7.88
N THR A 122 -11.14 0.27 7.41
CA THR A 122 -10.69 0.70 6.07
C THR A 122 -11.71 0.35 4.97
N HIS A 123 -11.63 -0.89 4.50
CA HIS A 123 -12.71 -1.70 3.93
C HIS A 123 -13.45 -1.08 2.74
N TYR A 124 -14.55 -1.71 2.30
CA TYR A 124 -15.56 -0.99 1.54
C TYR A 124 -16.32 -0.04 2.47
N GLY A 125 -15.60 0.95 3.01
CA GLY A 125 -16.05 1.83 4.08
C GLY A 125 -15.60 3.27 3.85
N GLN A 126 -14.28 3.52 3.88
CA GLN A 126 -13.73 4.89 3.79
C GLN A 126 -12.77 5.05 2.61
N LYS A 127 -12.80 6.20 1.94
CA LYS A 127 -12.16 6.41 0.63
C LYS A 127 -10.67 6.01 0.60
N ALA A 128 -9.97 6.16 1.73
CA ALA A 128 -8.65 5.61 2.02
C ALA A 128 -8.21 4.45 1.12
N ILE A 129 -9.10 3.45 0.97
CA ILE A 129 -8.81 2.25 0.18
C ILE A 129 -8.44 2.53 -1.29
N LEU A 130 -9.07 3.51 -1.93
CA LEU A 130 -8.86 3.77 -3.36
C LEU A 130 -7.43 4.26 -3.65
N PHE A 131 -6.66 3.44 -4.38
CA PHE A 131 -5.24 3.65 -4.67
C PHE A 131 -4.92 3.54 -6.17
N LEU A 132 -4.44 4.62 -6.78
CA LEU A 132 -4.04 4.72 -8.19
C LEU A 132 -2.55 4.37 -8.36
N PRO A 133 -2.19 3.25 -9.02
CA PRO A 133 -0.81 2.93 -9.33
C PRO A 133 -0.36 3.65 -10.60
N LEU A 134 0.68 4.48 -10.48
CA LEU A 134 1.40 5.10 -11.59
C LEU A 134 2.76 4.40 -11.78
N PRO A 135 2.84 3.30 -12.57
CA PRO A 135 4.11 2.77 -13.04
C PRO A 135 4.77 3.74 -14.04
N VAL A 136 6.08 3.97 -13.89
CA VAL A 136 6.87 4.90 -14.71
C VAL A 136 8.06 4.19 -15.37
N SER A 137 8.87 3.47 -14.58
CA SER A 137 10.05 2.73 -15.03
C SER A 137 10.11 1.37 -14.34
N SER A 138 9.85 0.27 -15.07
CA SER A 138 9.77 -1.09 -14.56
C SER A 138 10.77 -1.46 -13.48
N ASP A 139 10.32 -2.17 -12.45
CA ASP A 139 9.08 -2.92 -12.29
C ASP A 139 7.86 -2.06 -11.95
N TYR A 7 4.61 -8.84 -12.84
CA TYR A 7 5.39 -9.50 -11.78
C TYR A 7 6.21 -8.56 -10.89
N LYS A 8 6.74 -7.44 -11.40
CA LYS A 8 7.52 -6.50 -10.60
C LYS A 8 7.18 -5.04 -10.95
N LYS A 9 6.29 -4.40 -10.17
CA LYS A 9 5.81 -3.05 -10.45
C LYS A 9 6.29 -2.02 -9.42
N PRO A 10 7.38 -1.28 -9.71
CA PRO A 10 7.54 0.07 -9.19
C PRO A 10 6.36 0.91 -9.70
N LYS A 11 5.52 1.41 -8.78
CA LYS A 11 4.35 2.21 -9.13
C LYS A 11 4.03 3.21 -8.03
N LEU A 12 3.69 4.45 -8.38
CA LEU A 12 3.31 5.46 -7.40
C LEU A 12 1.80 5.38 -7.17
N LEU A 13 1.40 5.06 -5.93
CA LEU A 13 0.02 4.83 -5.53
C LEU A 13 -0.60 6.10 -4.94
N TYR A 14 -1.31 6.86 -5.78
CA TYR A 14 -1.96 8.12 -5.42
C TYR A 14 -3.30 7.88 -4.69
N CYS A 15 -3.30 7.94 -3.37
CA CYS A 15 -4.50 7.86 -2.55
C CYS A 15 -5.50 8.98 -2.92
N SER A 16 -6.70 8.59 -3.37
CA SER A 16 -7.80 9.48 -3.74
C SER A 16 -7.97 10.63 -2.74
N ASN A 17 -8.34 10.29 -1.50
CA ASN A 17 -8.92 11.25 -0.56
C ASN A 17 -7.85 12.06 0.18
N GLY A 18 -7.06 12.81 -0.59
CA GLY A 18 -5.87 13.50 -0.13
C GLY A 18 -4.83 13.71 -1.25
N GLY A 19 -4.84 12.86 -2.27
CA GLY A 19 -3.91 12.93 -3.40
C GLY A 19 -2.48 12.49 -3.05
N HIS A 20 -2.35 11.66 -2.01
CA HIS A 20 -1.09 11.22 -1.46
C HIS A 20 -0.53 9.97 -2.14
N PHE A 21 0.62 10.11 -2.81
CA PHE A 21 1.52 9.00 -3.05
C PHE A 21 1.80 8.27 -1.72
N LEU A 22 1.49 6.97 -1.66
CA LEU A 22 1.80 6.10 -0.53
C LEU A 22 3.29 6.21 -0.11
N ARG A 23 3.54 6.66 1.11
CA ARG A 23 4.88 6.97 1.62
C ARG A 23 5.25 6.06 2.79
N ILE A 24 6.45 5.46 2.78
CA ILE A 24 7.01 4.80 3.96
C ILE A 24 7.97 5.75 4.70
N LEU A 25 8.18 5.53 6.01
CA LEU A 25 9.10 6.29 6.84
C LEU A 25 10.17 5.37 7.48
N PRO A 26 11.41 5.86 7.67
CA PRO A 26 12.56 5.08 8.16
C PRO A 26 12.30 4.12 9.31
N ASP A 27 11.64 4.62 10.35
CA ASP A 27 11.22 3.88 11.54
C ASP A 27 10.49 2.56 11.21
N GLY A 28 9.78 2.53 10.07
CA GLY A 28 8.98 1.39 9.65
C GLY A 28 7.55 1.77 9.26
N THR A 29 6.95 2.82 9.84
CA THR A 29 5.55 3.13 9.53
C THR A 29 5.33 3.64 8.10
N VAL A 30 4.05 3.79 7.76
CA VAL A 30 3.60 4.25 6.45
C VAL A 30 2.51 5.32 6.58
N ASP A 31 2.40 6.16 5.56
CA ASP A 31 1.66 7.41 5.52
C ASP A 31 1.48 7.89 4.06
N GLY A 32 1.25 9.19 3.85
CA GLY A 32 0.84 9.81 2.60
C GLY A 32 1.61 11.12 2.36
N THR A 33 2.24 11.26 1.19
CA THR A 33 2.80 12.52 0.72
C THR A 33 2.22 12.82 -0.65
N ARG A 34 1.96 14.07 -1.01
CA ARG A 34 1.26 14.33 -2.26
C ARG A 34 1.98 13.68 -3.46
N ASP A 35 3.28 13.95 -3.64
CA ASP A 35 3.98 13.77 -4.90
C ASP A 35 5.43 13.27 -4.72
N ARG A 36 6.16 13.00 -5.81
CA ARG A 36 7.49 12.37 -5.76
C ARG A 36 8.63 13.32 -5.37
N SER A 37 8.40 14.18 -4.38
CA SER A 37 9.38 15.09 -3.78
C SER A 37 9.83 14.59 -2.39
N ASP A 38 9.25 13.50 -1.88
CA ASP A 38 9.51 13.02 -0.53
C ASP A 38 10.76 12.11 -0.48
N GLN A 39 11.05 11.56 0.70
CA GLN A 39 12.21 10.72 0.93
C GLN A 39 12.00 9.26 0.51
N HIS A 40 10.80 8.72 0.72
CA HIS A 40 10.54 7.30 0.50
C HIS A 40 9.10 7.01 0.07
N ILE A 41 8.85 7.33 -1.20
CA ILE A 41 7.72 6.84 -1.99
C ILE A 41 8.15 5.66 -2.91
N GLN A 42 9.37 5.14 -2.75
CA GLN A 42 9.96 4.19 -3.70
C GLN A 42 9.57 2.74 -3.40
N LEU A 43 8.28 2.42 -3.61
CA LEU A 43 7.69 1.11 -3.36
C LEU A 43 7.54 0.27 -4.64
N GLN A 44 7.57 -1.06 -4.48
CA GLN A 44 7.78 -2.03 -5.55
C GLN A 44 6.92 -3.29 -5.34
N LEU A 45 5.82 -3.43 -6.09
CA LEU A 45 4.92 -4.58 -5.97
C LEU A 45 5.51 -5.81 -6.66
N SER A 46 6.01 -6.76 -5.86
CA SER A 46 6.48 -8.06 -6.32
C SER A 46 5.32 -9.06 -6.29
N ALA A 47 4.81 -9.47 -7.45
CA ALA A 47 3.65 -10.35 -7.52
C ALA A 47 3.96 -11.79 -7.10
N GLU A 48 3.13 -12.37 -6.23
CA GLU A 48 3.12 -13.79 -5.93
C GLU A 48 2.47 -14.57 -7.08
N SER A 49 1.36 -14.03 -7.60
CA SER A 49 0.48 -14.66 -8.57
C SER A 49 -0.37 -13.60 -9.29
N VAL A 50 -1.33 -14.05 -10.11
CA VAL A 50 -2.20 -13.25 -10.96
C VAL A 50 -3.24 -12.44 -10.16
N GLY A 51 -2.76 -11.60 -9.24
CA GLY A 51 -3.58 -10.80 -8.35
C GLY A 51 -2.84 -10.41 -7.08
N GLU A 52 -2.19 -11.38 -6.43
CA GLU A 52 -1.53 -11.18 -5.15
C GLU A 52 -0.10 -10.64 -5.26
N VAL A 53 0.24 -9.73 -4.34
CA VAL A 53 1.47 -8.93 -4.31
C VAL A 53 2.09 -8.79 -2.92
N TYR A 54 3.42 -8.75 -2.90
CA TYR A 54 4.25 -8.33 -1.77
C TYR A 54 4.85 -6.95 -2.08
N ILE A 55 4.55 -5.93 -1.28
CA ILE A 55 5.11 -4.59 -1.52
C ILE A 55 6.53 -4.51 -0.96
N LYS A 56 7.51 -4.73 -1.84
CA LYS A 56 8.91 -4.59 -1.54
C LYS A 56 9.31 -3.11 -1.55
N SER A 57 10.17 -2.71 -0.62
CA SER A 57 10.67 -1.35 -0.49
C SER A 57 12.10 -1.28 -1.02
N THR A 58 12.44 -0.26 -1.83
CA THR A 58 13.66 -0.29 -2.64
C THR A 58 14.90 0.34 -1.98
N GLU A 59 14.91 0.56 -0.66
CA GLU A 59 15.96 1.31 0.04
C GLU A 59 17.03 0.37 0.63
N THR A 60 16.59 -0.82 0.97
CA THR A 60 17.27 -1.84 1.76
C THR A 60 16.60 -3.19 1.54
N GLY A 61 15.26 -3.18 1.45
CA GLY A 61 14.47 -4.34 1.03
C GLY A 61 13.31 -4.62 1.98
N GLN A 62 12.74 -3.60 2.63
CA GLN A 62 11.66 -3.77 3.60
C GLN A 62 10.36 -4.24 2.93
N TYR A 63 9.43 -4.79 3.69
CA TYR A 63 8.18 -5.34 3.18
C TYR A 63 6.98 -4.52 3.67
N LEU A 64 6.50 -3.54 2.92
CA LEU A 64 5.36 -2.76 3.35
C LEU A 64 4.12 -3.68 3.43
N ALA A 65 3.51 -3.77 4.61
CA ALA A 65 2.70 -4.91 5.01
C ALA A 65 1.65 -4.51 6.03
N MET A 66 0.61 -5.31 6.18
CA MET A 66 -0.44 -5.17 7.18
C MET A 66 -0.25 -6.25 8.26
N ASP A 67 0.22 -5.86 9.45
CA ASP A 67 0.45 -6.84 10.50
C ASP A 67 -0.86 -7.45 11.03
N THR A 68 -0.69 -8.35 11.99
CA THR A 68 -1.69 -9.17 12.66
C THR A 68 -2.83 -8.35 13.28
N ASP A 69 -2.53 -7.16 13.80
CA ASP A 69 -3.49 -6.22 14.34
C ASP A 69 -4.24 -5.47 13.21
N GLY A 70 -3.58 -5.29 12.06
CA GLY A 70 -3.99 -4.34 11.04
C GLY A 70 -2.92 -3.29 10.74
N LEU A 71 -2.02 -3.03 11.69
CA LEU A 71 -0.92 -2.07 11.58
C LEU A 71 -0.21 -2.10 10.23
N LEU A 72 -0.29 -1.01 9.45
CA LEU A 72 0.50 -0.88 8.23
C LEU A 72 1.94 -0.50 8.55
N TYR A 73 2.89 -1.34 8.14
CA TYR A 73 4.32 -1.16 8.45
C TYR A 73 5.27 -1.89 7.48
N GLY A 74 6.54 -1.48 7.47
CA GLY A 74 7.64 -2.13 6.77
C GLY A 74 8.15 -3.36 7.55
N SER A 75 7.71 -4.56 7.18
CA SER A 75 8.16 -5.79 7.80
C SER A 75 9.52 -6.27 7.26
N GLN A 76 9.99 -7.35 7.85
CA GLN A 76 11.28 -7.99 7.56
C GLN A 76 11.23 -8.85 6.30
N THR A 77 10.15 -9.62 6.15
CA THR A 77 10.08 -10.80 5.30
C THR A 77 8.81 -10.81 4.42
N PRO A 78 8.82 -11.59 3.33
CA PRO A 78 7.62 -11.86 2.55
C PRO A 78 6.78 -12.90 3.29
N ASN A 79 5.67 -12.47 3.90
CA ASN A 79 4.71 -13.35 4.54
C ASN A 79 3.32 -12.74 4.43
N GLU A 80 2.27 -13.51 4.74
CA GLU A 80 0.90 -13.21 4.32
C GLU A 80 0.39 -11.80 4.71
N GLU A 81 0.88 -11.24 5.82
CA GLU A 81 0.68 -9.88 6.29
C GLU A 81 1.03 -8.87 5.19
N CYS A 82 2.12 -9.16 4.48
CA CYS A 82 2.59 -8.40 3.35
C CYS A 82 1.81 -8.68 2.05
N LEU A 83 1.06 -9.78 2.02
CA LEU A 83 0.47 -10.31 0.80
C LEU A 83 -0.88 -9.66 0.51
N PHE A 84 -0.86 -8.58 -0.26
CA PHE A 84 -2.06 -7.87 -0.65
C PHE A 84 -2.63 -8.42 -1.97
N LEU A 85 -3.94 -8.33 -2.17
CA LEU A 85 -4.59 -8.60 -3.45
C LEU A 85 -4.73 -7.28 -4.20
N GLU A 86 -4.00 -7.12 -5.31
CA GLU A 86 -4.04 -5.94 -6.17
C GLU A 86 -5.36 -5.88 -6.94
N ARG A 87 -6.41 -5.36 -6.29
CA ARG A 87 -7.73 -5.25 -6.88
C ARG A 87 -7.89 -3.91 -7.61
N LEU A 88 -7.98 -3.93 -8.94
CA LEU A 88 -8.62 -2.84 -9.70
C LEU A 88 -9.98 -2.52 -9.06
N GLU A 89 -10.33 -1.22 -8.98
CA GLU A 89 -11.45 -0.79 -8.15
C GLU A 89 -12.79 -1.51 -8.41
N GLU A 90 -13.30 -1.70 -9.64
CA GLU A 90 -12.74 -1.55 -10.99
C GLU A 90 -12.38 -0.12 -11.45
N ASN A 91 -13.10 0.91 -11.00
CA ASN A 91 -13.09 2.25 -11.58
C ASN A 91 -11.75 2.99 -11.41
N HIS A 92 -10.76 2.63 -12.21
CA HIS A 92 -9.50 3.36 -12.42
C HIS A 92 -8.49 3.17 -11.28
N TYR A 93 -8.94 3.39 -10.03
CA TYR A 93 -8.13 3.18 -8.84
C TYR A 93 -7.74 1.70 -8.67
N ASN A 94 -6.74 1.45 -7.83
CA ASN A 94 -6.42 0.13 -7.32
C ASN A 94 -6.61 0.11 -5.80
N THR A 95 -6.74 -1.10 -5.27
CA THR A 95 -6.91 -1.42 -3.85
C THR A 95 -6.04 -2.61 -3.49
N TYR A 96 -5.62 -2.68 -2.22
CA TYR A 96 -4.69 -3.69 -1.72
C TYR A 96 -5.29 -4.34 -0.47
N ILE A 97 -5.92 -5.51 -0.67
CA ILE A 97 -6.68 -6.23 0.34
C ILE A 97 -5.82 -7.36 0.92
N SER A 98 -5.63 -7.42 2.23
CA SER A 98 -4.81 -8.48 2.85
C SER A 98 -5.35 -9.89 2.53
N LYS A 99 -4.60 -10.71 1.78
CA LYS A 99 -4.97 -12.09 1.49
C LYS A 99 -5.00 -12.96 2.76
N LYS A 100 -4.31 -12.55 3.83
CA LYS A 100 -4.44 -13.13 5.15
C LYS A 100 -5.78 -12.71 5.75
N HIS A 101 -5.93 -11.40 5.99
CA HIS A 101 -7.12 -10.85 6.63
C HIS A 101 -8.25 -10.63 5.62
N ALA A 102 -8.54 -11.67 4.83
CA ALA A 102 -9.45 -11.62 3.68
C ALA A 102 -10.92 -11.83 4.08
N GLU A 103 -11.15 -12.47 5.23
CA GLU A 103 -12.47 -12.77 5.78
C GLU A 103 -13.04 -11.54 6.49
N LYS A 104 -12.25 -10.91 7.37
CA LYS A 104 -12.52 -9.56 7.84
C LYS A 104 -12.37 -8.53 6.70
N ASN A 105 -11.51 -8.84 5.72
CA ASN A 105 -11.36 -8.13 4.45
C ASN A 105 -10.71 -6.76 4.65
N TRP A 106 -9.51 -6.74 5.23
CA TRP A 106 -8.79 -5.51 5.56
C TRP A 106 -8.03 -4.92 4.37
N PHE A 107 -7.98 -3.59 4.27
CA PHE A 107 -7.42 -2.84 3.13
C PHE A 107 -6.27 -1.92 3.56
N VAL A 108 -5.24 -1.76 2.72
CA VAL A 108 -4.39 -0.57 2.82
C VAL A 108 -5.26 0.70 2.69
N GLY A 109 -5.14 1.66 3.62
CA GLY A 109 -5.84 2.94 3.52
C GLY A 109 -5.11 4.09 4.22
N LEU A 110 -5.22 5.31 3.68
CA LEU A 110 -4.55 6.49 4.22
C LEU A 110 -5.50 7.64 4.64
N LYS A 111 -5.19 8.22 5.80
CA LYS A 111 -5.38 9.63 6.15
C LYS A 111 -6.74 10.05 6.76
N LYS A 112 -6.78 11.33 7.11
CA LYS A 112 -7.92 12.11 7.60
C LYS A 112 -8.44 11.70 8.99
N ASN A 113 -8.18 10.47 9.44
CA ASN A 113 -7.89 10.23 10.85
C ASN A 113 -6.62 11.00 11.28
N GLY A 114 -5.66 11.11 10.35
CA GLY A 114 -4.37 11.78 10.51
C GLY A 114 -3.28 11.10 9.68
N SER A 115 -3.23 9.77 9.73
CA SER A 115 -2.14 8.95 9.19
C SER A 115 -2.67 7.65 8.57
N CYS A 116 -1.90 6.58 8.66
CA CYS A 116 -2.35 5.22 8.38
C CYS A 116 -3.79 4.96 8.86
N LYS A 117 -4.59 4.32 8.02
CA LYS A 117 -5.82 3.66 8.42
C LYS A 117 -5.54 2.16 8.36
N ARG A 118 -5.83 1.44 9.45
CA ARG A 118 -5.32 0.09 9.70
C ARG A 118 -6.46 -0.88 10.00
N GLY A 119 -6.28 -2.17 9.74
CA GLY A 119 -7.12 -3.20 10.34
C GLY A 119 -8.61 -3.00 10.17
N PRO A 120 -9.40 -3.34 11.19
CA PRO A 120 -10.71 -3.89 10.92
C PRO A 120 -11.77 -2.78 10.86
N ARG A 121 -11.36 -1.64 10.29
CA ARG A 121 -12.12 -0.47 9.90
C ARG A 121 -11.73 0.00 8.49
N THR A 122 -10.83 -0.73 7.79
CA THR A 122 -10.45 -0.45 6.41
C THR A 122 -11.21 -1.36 5.45
N HIS A 123 -12.08 -0.76 4.64
CA HIS A 123 -13.05 -1.49 3.82
C HIS A 123 -13.41 -0.75 2.52
N TYR A 124 -14.12 -1.44 1.63
CA TYR A 124 -14.56 -0.92 0.34
C TYR A 124 -15.56 0.23 0.47
N GLY A 125 -15.05 1.43 0.77
CA GLY A 125 -15.86 2.64 0.86
C GLY A 125 -15.02 3.92 0.95
N GLN A 126 -14.32 4.09 2.06
CA GLN A 126 -13.66 5.35 2.39
C GLN A 126 -12.43 5.54 1.52
N LYS A 127 -12.45 6.57 0.66
CA LYS A 127 -11.60 6.59 -0.52
C LYS A 127 -10.10 6.74 -0.20
N ALA A 128 -9.76 7.01 1.07
CA ALA A 128 -8.56 6.53 1.74
C ALA A 128 -7.95 5.24 1.16
N ILE A 129 -8.79 4.24 0.85
CA ILE A 129 -8.39 2.93 0.34
C ILE A 129 -8.19 2.86 -1.19
N LEU A 130 -8.60 3.90 -1.94
CA LEU A 130 -8.55 3.92 -3.40
C LEU A 130 -7.28 4.63 -3.91
N PHE A 131 -6.36 3.87 -4.50
CA PHE A 131 -5.06 4.37 -4.97
C PHE A 131 -4.99 4.42 -6.50
N LEU A 132 -4.97 5.62 -7.09
CA LEU A 132 -4.76 5.76 -8.53
C LEU A 132 -3.31 5.40 -8.88
N PRO A 133 -3.06 4.43 -9.77
CA PRO A 133 -1.72 3.92 -10.01
C PRO A 133 -0.98 4.71 -11.09
N LEU A 134 0.26 5.11 -10.80
CA LEU A 134 1.22 5.56 -11.82
C LEU A 134 2.36 4.54 -11.94
N PRO A 135 2.22 3.50 -12.78
CA PRO A 135 3.17 2.41 -12.89
C PRO A 135 4.37 2.77 -13.77
N VAL A 136 5.59 2.45 -13.31
CA VAL A 136 6.79 2.51 -14.14
C VAL A 136 6.84 1.27 -15.05
N SER A 137 6.58 0.09 -14.47
CA SER A 137 6.33 -1.17 -15.17
C SER A 137 4.92 -1.63 -14.79
N SER A 138 4.11 -2.05 -15.78
CA SER A 138 2.67 -2.28 -15.60
C SER A 138 2.25 -3.75 -15.75
N ASP A 139 3.01 -4.63 -15.10
CA ASP A 139 2.79 -6.07 -15.00
C ASP A 139 2.21 -6.46 -13.61
N TYR A 7 14.69 7.85 -2.19
CA TYR A 7 14.49 7.66 -3.64
C TYR A 7 15.16 6.37 -4.14
N LYS A 8 14.59 5.78 -5.19
CA LYS A 8 15.11 4.69 -6.03
C LYS A 8 13.98 4.23 -6.97
N LYS A 9 14.35 3.67 -8.14
CA LYS A 9 13.47 3.33 -9.27
C LYS A 9 12.19 2.59 -8.83
N PRO A 10 11.02 3.26 -8.73
CA PRO A 10 9.86 2.72 -8.03
C PRO A 10 8.68 2.35 -8.95
N LYS A 11 7.64 1.75 -8.36
CA LYS A 11 6.28 1.70 -8.89
C LYS A 11 5.31 1.99 -7.74
N LEU A 12 4.41 2.98 -7.92
CA LEU A 12 3.82 3.73 -6.81
C LEU A 12 2.31 3.48 -6.62
N LEU A 13 1.85 3.61 -5.38
CA LEU A 13 0.42 3.58 -5.00
C LEU A 13 0.01 4.98 -4.51
N TYR A 14 -0.86 5.68 -5.26
CA TYR A 14 -1.28 7.06 -4.97
C TYR A 14 -2.75 7.13 -4.53
N CYS A 15 -3.01 7.32 -3.23
CA CYS A 15 -4.39 7.26 -2.71
C CYS A 15 -5.22 8.50 -3.06
N SER A 16 -6.43 8.25 -3.57
CA SER A 16 -7.45 9.26 -3.83
C SER A 16 -7.69 10.20 -2.62
N ASN A 17 -8.21 9.66 -1.52
CA ASN A 17 -8.57 10.45 -0.34
C ASN A 17 -7.38 11.20 0.27
N GLY A 18 -7.25 12.49 -0.06
CA GLY A 18 -6.19 13.38 0.37
C GLY A 18 -5.04 13.49 -0.64
N GLY A 19 -5.08 12.74 -1.75
CA GLY A 19 -4.16 12.89 -2.87
C GLY A 19 -2.67 12.73 -2.51
N HIS A 20 -2.34 11.73 -1.68
CA HIS A 20 -1.00 11.36 -1.29
C HIS A 20 -0.50 10.02 -1.84
N PHE A 21 0.79 10.00 -2.13
CA PHE A 21 1.60 8.83 -2.36
C PHE A 21 1.75 8.04 -1.05
N LEU A 22 1.54 6.73 -1.12
CA LEU A 22 1.89 5.82 -0.04
C LEU A 22 3.40 5.90 0.24
N ARG A 23 3.76 6.15 1.51
CA ARG A 23 5.14 6.32 1.96
C ARG A 23 5.43 5.35 3.10
N ILE A 24 6.66 4.82 3.12
CA ILE A 24 7.22 3.96 4.17
C ILE A 24 8.51 4.60 4.67
N LEU A 25 8.70 4.68 5.99
CA LEU A 25 9.86 5.32 6.60
C LEU A 25 10.83 4.27 7.20
N PRO A 26 12.16 4.53 7.14
CA PRO A 26 13.20 3.65 7.66
C PRO A 26 12.92 2.90 8.96
N ASP A 27 12.45 3.62 9.97
CA ASP A 27 12.05 3.11 11.28
C ASP A 27 11.06 1.93 11.18
N GLY A 28 10.22 1.92 10.14
CA GLY A 28 9.20 0.91 9.92
C GLY A 28 7.79 1.49 9.67
N THR A 29 7.49 2.72 10.09
CA THR A 29 6.12 3.23 9.93
C THR A 29 5.75 3.55 8.48
N VAL A 30 4.45 3.80 8.27
CA VAL A 30 3.82 4.06 6.99
C VAL A 30 2.83 5.22 7.08
N ASP A 31 2.73 5.99 5.99
CA ASP A 31 1.88 7.17 5.90
C ASP A 31 1.56 7.62 4.45
N GLY A 32 0.84 8.74 4.34
CA GLY A 32 0.45 9.39 3.10
C GLY A 32 1.20 10.72 2.92
N THR A 33 2.12 10.80 1.95
CA THR A 33 2.80 12.06 1.61
C THR A 33 2.26 12.61 0.30
N ARG A 34 1.89 13.89 0.27
CA ARG A 34 1.15 14.45 -0.86
C ARG A 34 1.88 14.29 -2.21
N ASP A 35 3.21 14.34 -2.21
CA ASP A 35 3.99 14.48 -3.43
C ASP A 35 5.24 13.56 -3.50
N ARG A 36 5.46 12.97 -4.68
CA ARG A 36 6.66 12.20 -5.01
C ARG A 36 7.98 13.01 -4.97
N SER A 37 7.92 14.32 -4.66
CA SER A 37 9.10 15.06 -4.22
C SER A 37 9.71 14.47 -2.93
N ASP A 38 8.89 13.85 -2.09
CA ASP A 38 9.33 13.25 -0.83
C ASP A 38 10.38 12.14 -1.06
N GLN A 39 11.43 12.12 -0.23
CA GLN A 39 12.46 11.11 -0.23
C GLN A 39 11.94 9.67 -0.30
N HIS A 40 10.87 9.35 0.44
CA HIS A 40 10.57 7.96 0.78
C HIS A 40 9.30 7.36 0.14
N ILE A 41 8.85 7.88 -1.01
CA ILE A 41 7.81 7.18 -1.80
C ILE A 41 8.36 5.96 -2.57
N GLN A 42 9.56 5.46 -2.25
CA GLN A 42 10.33 4.55 -3.08
C GLN A 42 9.83 3.09 -3.05
N LEU A 43 8.54 2.90 -3.35
CA LEU A 43 7.86 1.60 -3.33
C LEU A 43 8.04 0.83 -4.63
N GLN A 44 7.77 -0.48 -4.58
CA GLN A 44 7.87 -1.40 -5.69
C GLN A 44 6.79 -2.49 -5.59
N LEU A 45 5.63 -2.24 -6.22
CA LEU A 45 4.60 -3.26 -6.43
C LEU A 45 5.21 -4.45 -7.19
N SER A 46 5.44 -5.57 -6.48
CA SER A 46 6.10 -6.76 -6.97
C SER A 46 5.14 -7.95 -6.96
N ALA A 47 4.65 -8.38 -8.13
CA ALA A 47 3.69 -9.47 -8.21
C ALA A 47 4.23 -10.81 -7.67
N GLU A 48 3.40 -11.57 -6.95
CA GLU A 48 3.73 -12.92 -6.49
C GLU A 48 3.10 -13.98 -7.40
N SER A 49 1.82 -13.78 -7.75
CA SER A 49 1.02 -14.68 -8.57
C SER A 49 -0.20 -13.94 -9.14
N VAL A 50 -1.15 -14.70 -9.71
CA VAL A 50 -2.29 -14.25 -10.50
C VAL A 50 -3.24 -13.27 -9.77
N GLY A 51 -2.78 -12.02 -9.59
CA GLY A 51 -3.49 -10.95 -8.89
C GLY A 51 -2.87 -10.62 -7.51
N GLU A 52 -1.82 -11.34 -7.11
CA GLU A 52 -1.19 -11.17 -5.81
C GLU A 52 0.06 -10.29 -5.94
N VAL A 53 0.32 -9.48 -4.92
CA VAL A 53 1.42 -8.51 -4.91
C VAL A 53 2.06 -8.31 -3.53
N TYR A 54 3.36 -8.01 -3.54
CA TYR A 54 4.11 -7.48 -2.42
C TYR A 54 4.55 -6.05 -2.77
N ILE A 55 4.11 -5.05 -2.00
CA ILE A 55 4.65 -3.70 -2.16
C ILE A 55 6.01 -3.65 -1.46
N LYS A 56 7.08 -3.94 -2.21
CA LYS A 56 8.44 -3.81 -1.69
C LYS A 56 8.78 -2.32 -1.46
N SER A 57 9.79 -2.05 -0.62
CA SER A 57 10.42 -0.75 -0.48
C SER A 57 11.85 -0.84 -0.99
N THR A 58 12.31 0.17 -1.75
CA THR A 58 13.64 0.21 -2.33
C THR A 58 14.56 1.20 -1.59
N GLU A 59 14.40 1.35 -0.27
CA GLU A 59 15.34 2.10 0.56
C GLU A 59 16.56 1.21 0.86
N THR A 60 16.25 -0.07 1.05
CA THR A 60 17.12 -1.17 1.44
C THR A 60 16.46 -2.52 1.10
N GLY A 61 15.14 -2.64 1.28
CA GLY A 61 14.41 -3.84 0.86
C GLY A 61 13.19 -4.22 1.72
N GLN A 62 12.52 -3.28 2.41
CA GLN A 62 11.38 -3.65 3.27
C GLN A 62 10.16 -4.14 2.44
N TYR A 63 9.16 -4.66 3.14
CA TYR A 63 7.85 -5.05 2.64
C TYR A 63 6.78 -4.17 3.29
N LEU A 64 6.11 -3.29 2.54
CA LEU A 64 4.90 -2.67 3.05
C LEU A 64 3.85 -3.75 3.35
N ALA A 65 3.19 -3.70 4.51
CA ALA A 65 2.50 -4.83 5.11
C ALA A 65 1.42 -4.40 6.12
N MET A 66 0.57 -5.34 6.52
CA MET A 66 -0.53 -5.15 7.46
C MET A 66 -0.34 -6.01 8.73
N ASP A 67 -0.17 -5.40 9.91
CA ASP A 67 -0.13 -6.11 11.19
C ASP A 67 -1.47 -6.81 11.50
N THR A 68 -1.54 -7.43 12.68
CA THR A 68 -2.72 -8.07 13.25
C THR A 68 -3.48 -7.15 14.22
N ASP A 69 -2.90 -6.01 14.63
CA ASP A 69 -3.66 -4.92 15.22
C ASP A 69 -4.55 -4.26 14.15
N GLY A 70 -3.99 -4.12 12.94
CA GLY A 70 -4.45 -3.14 11.97
C GLY A 70 -3.31 -2.24 11.48
N LEU A 71 -2.22 -2.13 12.25
CA LEU A 71 -1.03 -1.36 11.91
C LEU A 71 -0.44 -1.72 10.54
N LEU A 72 -0.84 -0.98 9.50
CA LEU A 72 -0.13 -0.97 8.23
C LEU A 72 1.25 -0.29 8.38
N TYR A 73 2.31 -0.98 7.93
CA TYR A 73 3.70 -0.69 8.28
C TYR A 73 4.70 -1.37 7.33
N GLY A 74 5.97 -1.32 7.65
CA GLY A 74 7.04 -2.08 7.03
C GLY A 74 7.30 -3.42 7.75
N SER A 75 7.54 -4.48 6.99
CA SER A 75 8.07 -5.76 7.48
C SER A 75 9.30 -6.16 6.66
N GLN A 76 9.87 -7.32 6.98
CA GLN A 76 11.17 -7.77 6.48
C GLN A 76 11.07 -8.91 5.45
N THR A 77 10.14 -9.83 5.68
CA THR A 77 10.00 -11.09 4.95
C THR A 77 8.73 -11.13 4.09
N PRO A 78 8.69 -11.99 3.05
CA PRO A 78 7.48 -12.23 2.26
C PRO A 78 6.51 -13.09 3.07
N ASN A 79 5.43 -12.49 3.57
CA ASN A 79 4.42 -13.19 4.37
C ASN A 79 3.00 -12.67 4.08
N GLU A 80 2.03 -13.45 4.52
CA GLU A 80 0.59 -13.26 4.36
C GLU A 80 0.08 -11.85 4.76
N GLU A 81 0.77 -11.20 5.69
CA GLU A 81 0.61 -9.84 6.18
C GLU A 81 1.02 -8.82 5.11
N CYS A 82 2.11 -9.16 4.44
CA CYS A 82 2.81 -8.38 3.44
C CYS A 82 2.24 -8.61 2.04
N LEU A 83 1.61 -9.76 1.86
CA LEU A 83 1.03 -10.22 0.61
C LEU A 83 -0.34 -9.60 0.46
N PHE A 84 -0.51 -8.74 -0.54
CA PHE A 84 -1.78 -8.14 -0.87
C PHE A 84 -2.40 -8.85 -2.07
N LEU A 85 -3.68 -9.20 -2.00
CA LEU A 85 -4.47 -9.52 -3.18
C LEU A 85 -4.92 -8.19 -3.82
N GLU A 86 -4.44 -7.89 -5.03
CA GLU A 86 -4.81 -6.69 -5.74
C GLU A 86 -6.19 -6.83 -6.42
N ARG A 87 -6.97 -5.75 -6.37
CA ARG A 87 -8.26 -5.60 -7.07
C ARG A 87 -8.26 -4.23 -7.75
N LEU A 88 -8.20 -4.20 -9.09
CA LEU A 88 -8.51 -3.04 -9.89
C LEU A 88 -10.04 -2.86 -9.79
N GLU A 89 -10.49 -1.77 -9.18
CA GLU A 89 -11.90 -1.49 -8.98
C GLU A 89 -12.52 -0.98 -10.30
N GLU A 90 -13.79 -1.29 -10.56
CA GLU A 90 -14.50 -0.71 -11.71
C GLU A 90 -14.40 0.82 -11.70
N ASN A 91 -14.48 1.47 -10.53
CA ASN A 91 -14.29 2.92 -10.43
C ASN A 91 -12.82 3.37 -10.54
N HIS A 92 -12.11 2.89 -11.57
CA HIS A 92 -10.79 3.33 -12.05
C HIS A 92 -9.62 2.91 -11.15
N TYR A 93 -9.72 3.22 -9.86
CA TYR A 93 -8.66 3.01 -8.88
C TYR A 93 -8.44 1.53 -8.53
N ASN A 94 -7.23 1.18 -8.09
CA ASN A 94 -6.91 -0.13 -7.54
C ASN A 94 -6.99 -0.14 -6.01
N THR A 95 -7.09 -1.36 -5.48
CA THR A 95 -7.20 -1.69 -4.06
C THR A 95 -6.36 -2.92 -3.76
N TYR A 96 -5.97 -3.08 -2.49
CA TYR A 96 -4.99 -4.08 -2.05
C TYR A 96 -5.42 -4.71 -0.72
N ILE A 97 -5.88 -5.97 -0.73
CA ILE A 97 -6.41 -6.69 0.43
C ILE A 97 -5.31 -7.50 1.11
N SER A 98 -5.04 -7.29 2.40
CA SER A 98 -4.10 -8.12 3.15
C SER A 98 -4.51 -9.59 3.12
N LYS A 99 -3.69 -10.47 2.53
CA LYS A 99 -4.05 -11.85 2.29
C LYS A 99 -4.34 -12.64 3.58
N LYS A 100 -3.59 -12.37 4.66
CA LYS A 100 -3.91 -12.91 5.96
C LYS A 100 -5.24 -12.34 6.43
N HIS A 101 -5.27 -11.02 6.59
CA HIS A 101 -6.44 -10.32 7.12
C HIS A 101 -7.56 -10.11 6.10
N ALA A 102 -7.81 -11.13 5.28
CA ALA A 102 -8.82 -11.12 4.22
C ALA A 102 -10.21 -11.45 4.77
N GLU A 103 -10.31 -12.10 5.92
CA GLU A 103 -11.55 -12.54 6.53
C GLU A 103 -12.24 -11.38 7.27
N LYS A 104 -11.45 -10.56 7.98
CA LYS A 104 -11.83 -9.28 8.54
C LYS A 104 -11.84 -8.17 7.46
N ASN A 105 -11.25 -8.45 6.28
CA ASN A 105 -11.35 -7.68 5.03
C ASN A 105 -10.48 -6.42 5.03
N TRP A 106 -9.26 -6.50 5.56
CA TRP A 106 -8.41 -5.33 5.77
C TRP A 106 -7.61 -4.97 4.52
N PHE A 107 -7.65 -3.68 4.16
CA PHE A 107 -6.88 -3.14 3.04
C PHE A 107 -5.85 -2.16 3.58
N VAL A 108 -4.72 -1.99 2.89
CA VAL A 108 -3.94 -0.76 3.07
C VAL A 108 -4.78 0.45 2.63
N GLY A 109 -4.77 1.56 3.39
CA GLY A 109 -5.53 2.75 3.03
C GLY A 109 -4.98 4.02 3.69
N LEU A 110 -5.20 5.19 3.06
CA LEU A 110 -4.68 6.49 3.50
C LEU A 110 -5.79 7.54 3.55
N LYS A 111 -5.72 8.47 4.51
CA LYS A 111 -6.73 9.50 4.73
C LYS A 111 -6.19 10.86 5.19
N LYS A 112 -7.11 11.80 5.43
CA LYS A 112 -6.90 13.23 5.28
C LYS A 112 -6.16 13.93 6.44
N ASN A 113 -5.22 13.25 7.09
CA ASN A 113 -4.18 13.89 7.89
C ASN A 113 -2.82 13.30 7.46
N GLY A 114 -2.64 13.09 6.15
CA GLY A 114 -1.56 12.30 5.58
C GLY A 114 -1.47 10.91 6.21
N SER A 115 -2.62 10.39 6.66
CA SER A 115 -2.69 9.45 7.77
C SER A 115 -3.10 8.06 7.29
N CYS A 116 -2.27 7.07 7.61
CA CYS A 116 -2.56 5.69 7.30
C CYS A 116 -3.74 5.17 8.15
N LYS A 117 -4.71 4.49 7.52
CA LYS A 117 -5.87 3.94 8.21
C LYS A 117 -5.63 2.50 8.62
N ARG A 118 -5.67 2.24 9.92
CA ARG A 118 -5.37 0.91 10.45
C ARG A 118 -6.55 -0.05 10.36
N GLY A 119 -6.27 -1.32 10.01
CA GLY A 119 -7.18 -2.43 10.26
C GLY A 119 -8.63 -2.16 9.95
N PRO A 120 -9.51 -2.33 10.95
CA PRO A 120 -10.76 -2.98 10.66
C PRO A 120 -11.88 -1.95 10.44
N ARG A 121 -11.49 -0.80 9.89
CA ARG A 121 -12.36 0.21 9.29
C ARG A 121 -12.19 0.24 7.77
N THR A 122 -10.97 -0.02 7.27
CA THR A 122 -10.52 0.20 5.89
C THR A 122 -11.54 -0.24 4.84
N HIS A 123 -11.61 -1.55 4.59
CA HIS A 123 -12.72 -2.23 3.92
C HIS A 123 -12.98 -1.82 2.45
N TYR A 124 -13.84 -2.58 1.76
CA TYR A 124 -14.11 -2.36 0.34
C TYR A 124 -14.69 -0.96 0.06
N GLY A 125 -14.45 -0.43 -1.14
CA GLY A 125 -15.16 0.75 -1.65
C GLY A 125 -14.68 2.10 -1.10
N GLN A 126 -14.39 2.18 0.21
CA GLN A 126 -14.00 3.42 0.87
C GLN A 126 -12.88 4.15 0.12
N LYS A 127 -13.00 5.47 -0.08
CA LYS A 127 -12.01 6.26 -0.80
C LYS A 127 -10.62 6.09 -0.16
N ALA A 128 -10.63 5.99 1.18
CA ALA A 128 -9.56 5.49 2.03
C ALA A 128 -8.63 4.46 1.37
N ILE A 129 -9.21 3.45 0.71
CA ILE A 129 -8.48 2.32 0.13
C ILE A 129 -8.31 2.41 -1.40
N LEU A 130 -8.83 3.46 -2.05
CA LEU A 130 -8.78 3.61 -3.51
C LEU A 130 -7.48 4.33 -3.93
N PHE A 131 -6.58 3.60 -4.60
CA PHE A 131 -5.30 4.10 -5.10
C PHE A 131 -5.22 4.13 -6.63
N LEU A 132 -4.68 5.20 -7.19
CA LEU A 132 -4.16 5.18 -8.55
C LEU A 132 -2.80 4.46 -8.55
N PRO A 133 -2.63 3.37 -9.32
CA PRO A 133 -1.33 2.75 -9.50
C PRO A 133 -0.53 3.58 -10.51
N LEU A 134 0.72 3.89 -10.19
CA LEU A 134 1.64 4.59 -11.07
C LEU A 134 2.89 3.72 -11.28
N PRO A 135 2.81 2.72 -12.17
CA PRO A 135 3.98 1.97 -12.60
C PRO A 135 4.86 2.86 -13.49
N VAL A 136 5.76 3.62 -12.86
CA VAL A 136 6.67 4.57 -13.51
C VAL A 136 7.38 3.96 -14.74
N SER A 137 7.64 2.65 -14.71
CA SER A 137 8.05 1.87 -15.88
C SER A 137 7.52 0.44 -15.74
N SER A 138 7.77 -0.42 -16.73
CA SER A 138 7.28 -1.79 -16.75
C SER A 138 8.25 -2.78 -16.08
N ASP A 139 8.58 -2.49 -14.83
CA ASP A 139 9.40 -3.29 -13.93
C ASP A 139 8.55 -3.81 -12.75
N TYR A 7 5.89 3.42 -16.62
CA TYR A 7 7.26 3.99 -16.66
C TYR A 7 7.83 4.16 -15.24
N LYS A 8 9.14 4.41 -15.12
CA LYS A 8 9.92 4.66 -13.89
C LYS A 8 9.83 3.60 -12.76
N LYS A 9 11.00 3.08 -12.35
CA LYS A 9 11.21 1.94 -11.45
C LYS A 9 10.21 1.77 -10.28
N PRO A 10 10.07 2.74 -9.35
CA PRO A 10 9.11 2.59 -8.26
C PRO A 10 7.68 2.55 -8.82
N LYS A 11 6.94 1.48 -8.51
CA LYS A 11 5.56 1.29 -8.95
C LYS A 11 4.61 1.88 -7.92
N LEU A 12 4.09 3.05 -8.28
CA LEU A 12 3.73 4.10 -7.36
C LEU A 12 2.22 4.22 -7.16
N LEU A 13 1.75 4.11 -5.91
CA LEU A 13 0.33 4.14 -5.56
C LEU A 13 -0.10 5.53 -5.02
N TYR A 14 -1.05 6.18 -5.70
CA TYR A 14 -1.57 7.51 -5.39
C TYR A 14 -2.99 7.46 -4.80
N CYS A 15 -3.13 7.73 -3.51
CA CYS A 15 -4.40 7.60 -2.77
C CYS A 15 -5.41 8.71 -3.07
N SER A 16 -6.59 8.35 -3.59
CA SER A 16 -7.69 9.27 -3.88
C SER A 16 -8.08 10.19 -2.70
N ASN A 17 -7.84 9.75 -1.46
CA ASN A 17 -8.24 10.43 -0.23
C ASN A 17 -7.40 11.71 0.06
N GLY A 18 -7.31 12.60 -0.92
CA GLY A 18 -6.46 13.81 -0.89
C GLY A 18 -5.38 13.81 -1.97
N GLY A 19 -5.06 12.65 -2.56
CA GLY A 19 -4.06 12.49 -3.60
C GLY A 19 -2.64 12.34 -3.05
N HIS A 20 -2.48 11.64 -1.92
CA HIS A 20 -1.18 11.33 -1.36
C HIS A 20 -0.53 10.12 -2.05
N PHE A 21 0.71 10.27 -2.48
CA PHE A 21 1.59 9.16 -2.80
C PHE A 21 1.86 8.34 -1.53
N LEU A 22 1.61 7.02 -1.58
CA LEU A 22 1.79 6.10 -0.46
C LEU A 22 3.27 6.02 -0.06
N ARG A 23 3.57 6.33 1.20
CA ARG A 23 4.90 6.73 1.68
C ARG A 23 5.35 5.83 2.85
N ILE A 24 6.43 5.07 2.69
CA ILE A 24 6.90 4.09 3.70
C ILE A 24 8.21 4.52 4.38
N LEU A 25 8.16 4.69 5.70
CA LEU A 25 9.17 5.42 6.46
C LEU A 25 10.26 4.51 7.06
N PRO A 26 11.51 4.99 7.14
CA PRO A 26 12.65 4.30 7.73
C PRO A 26 12.39 3.51 9.01
N ASP A 27 11.76 4.18 9.98
CA ASP A 27 11.37 3.63 11.27
C ASP A 27 10.54 2.35 11.15
N GLY A 28 9.75 2.23 10.07
CA GLY A 28 8.82 1.13 9.86
C GLY A 28 7.41 1.57 9.48
N THR A 29 6.92 2.73 9.91
CA THR A 29 5.51 3.08 9.62
C THR A 29 5.27 3.45 8.14
N VAL A 30 4.01 3.74 7.82
CA VAL A 30 3.58 4.17 6.49
C VAL A 30 2.53 5.28 6.55
N ASP A 31 2.46 6.07 5.48
CA ASP A 31 1.98 7.44 5.49
C ASP A 31 1.57 7.92 4.09
N GLY A 32 1.09 9.16 4.00
CA GLY A 32 0.70 9.86 2.78
C GLY A 32 1.47 11.16 2.59
N THR A 33 2.21 11.30 1.46
CA THR A 33 2.68 12.62 1.03
C THR A 33 1.88 13.11 -0.18
N ARG A 34 1.30 14.29 -0.09
CA ARG A 34 0.64 14.97 -1.20
C ARG A 34 1.55 15.14 -2.43
N ASP A 35 2.88 15.09 -2.26
CA ASP A 35 3.84 15.21 -3.35
C ASP A 35 5.01 14.22 -3.24
N ARG A 36 5.34 13.58 -4.37
CA ARG A 36 6.44 12.63 -4.52
C ARG A 36 7.84 13.30 -4.55
N SER A 37 8.07 14.29 -3.69
CA SER A 37 9.38 14.89 -3.47
C SER A 37 10.21 14.12 -2.44
N ASP A 38 9.57 13.24 -1.66
CA ASP A 38 10.27 12.34 -0.75
C ASP A 38 10.97 11.23 -1.55
N GLN A 39 11.82 10.44 -0.89
CA GLN A 39 12.30 9.15 -1.39
C GLN A 39 11.44 7.99 -0.87
N HIS A 40 10.73 8.20 0.25
CA HIS A 40 9.92 7.19 0.94
C HIS A 40 8.72 6.67 0.13
N ILE A 41 8.35 7.31 -1.00
CA ILE A 41 7.25 6.83 -1.85
C ILE A 41 7.63 5.65 -2.77
N GLN A 42 8.87 5.16 -2.69
CA GLN A 42 9.44 4.21 -3.64
C GLN A 42 8.91 2.77 -3.54
N LEU A 43 7.59 2.55 -3.67
CA LEU A 43 7.05 1.18 -3.61
C LEU A 43 7.32 0.39 -4.89
N GLN A 44 7.31 -0.94 -4.79
CA GLN A 44 7.60 -1.86 -5.88
C GLN A 44 6.82 -3.19 -5.70
N LEU A 45 5.57 -3.19 -6.17
CA LEU A 45 4.65 -4.32 -6.12
C LEU A 45 5.29 -5.58 -6.73
N SER A 46 5.76 -6.49 -5.87
CA SER A 46 6.45 -7.71 -6.27
C SER A 46 5.46 -8.87 -6.28
N ALA A 47 4.94 -9.23 -7.46
CA ALA A 47 3.82 -10.16 -7.60
C ALA A 47 4.17 -11.61 -7.21
N GLU A 48 3.31 -12.22 -6.39
CA GLU A 48 3.26 -13.66 -6.14
C GLU A 48 2.53 -14.38 -7.29
N SER A 49 1.44 -13.77 -7.76
CA SER A 49 0.52 -14.26 -8.77
C SER A 49 -0.26 -13.07 -9.36
N VAL A 50 -1.26 -13.34 -10.20
CA VAL A 50 -2.00 -12.37 -11.02
C VAL A 50 -2.96 -11.46 -10.22
N GLY A 51 -2.51 -10.99 -9.07
CA GLY A 51 -3.25 -10.16 -8.14
C GLY A 51 -2.57 -10.04 -6.79
N GLU A 52 -2.02 -11.12 -6.27
CA GLU A 52 -1.29 -11.06 -5.01
C GLU A 52 0.12 -10.47 -5.18
N VAL A 53 0.42 -9.51 -4.32
CA VAL A 53 1.63 -8.70 -4.36
C VAL A 53 2.28 -8.55 -2.98
N TYR A 54 3.62 -8.54 -2.97
CA TYR A 54 4.44 -8.14 -1.85
C TYR A 54 4.97 -6.73 -2.12
N ILE A 55 4.54 -5.74 -1.33
CA ILE A 55 4.85 -4.34 -1.60
C ILE A 55 6.21 -3.96 -1.00
N LYS A 56 7.25 -4.20 -1.80
CA LYS A 56 8.66 -3.96 -1.46
C LYS A 56 9.03 -2.51 -1.74
N SER A 57 9.56 -1.76 -0.75
CA SER A 57 10.21 -0.47 -1.03
C SER A 57 11.52 -0.69 -1.79
N THR A 58 11.61 -0.14 -3.01
CA THR A 58 12.23 -0.76 -4.16
C THR A 58 13.31 -1.76 -3.79
N GLU A 59 14.45 -1.21 -3.38
CA GLU A 59 15.62 -1.92 -2.92
C GLU A 59 16.01 -1.47 -1.49
N THR A 60 15.18 -0.64 -0.86
CA THR A 60 15.28 -0.28 0.56
C THR A 60 14.77 -1.44 1.44
N GLY A 61 13.86 -2.26 0.92
CA GLY A 61 13.47 -3.53 1.54
C GLY A 61 12.50 -3.38 2.72
N GLN A 62 11.81 -2.24 2.81
CA GLN A 62 10.68 -2.04 3.71
C GLN A 62 9.46 -2.70 3.03
N TYR A 63 9.02 -3.85 3.53
CA TYR A 63 7.92 -4.62 2.95
C TYR A 63 6.57 -4.17 3.53
N LEU A 64 5.86 -3.26 2.87
CA LEU A 64 4.57 -2.75 3.31
C LEU A 64 3.61 -3.91 3.65
N ALA A 65 3.08 -3.93 4.86
CA ALA A 65 2.41 -5.07 5.46
C ALA A 65 1.38 -4.64 6.50
N MET A 66 0.36 -5.48 6.71
CA MET A 66 -0.74 -5.21 7.64
C MET A 66 -0.75 -6.22 8.81
N ASP A 67 -0.37 -5.78 10.01
CA ASP A 67 -0.19 -6.68 11.13
C ASP A 67 -1.52 -7.11 11.77
N THR A 68 -1.45 -7.55 13.02
CA THR A 68 -2.45 -8.36 13.70
C THR A 68 -3.67 -7.56 14.15
N ASP A 69 -3.45 -6.33 14.61
CA ASP A 69 -4.51 -5.37 14.92
C ASP A 69 -5.03 -4.71 13.63
N GLY A 70 -4.10 -4.52 12.69
CA GLY A 70 -4.27 -3.81 11.44
C GLY A 70 -3.25 -2.69 11.22
N LEU A 71 -2.22 -2.59 12.06
CA LEU A 71 -1.07 -1.70 11.89
C LEU A 71 -0.45 -1.89 10.51
N LEU A 72 -0.43 -0.83 9.70
CA LEU A 72 0.23 -0.82 8.40
C LEU A 72 1.69 -0.39 8.56
N TYR A 73 2.62 -1.31 8.32
CA TYR A 73 4.05 -1.16 8.63
C TYR A 73 4.94 -1.80 7.56
N GLY A 74 6.25 -1.57 7.64
CA GLY A 74 7.26 -2.17 6.77
C GLY A 74 7.93 -3.37 7.44
N SER A 75 7.61 -4.58 6.98
CA SER A 75 8.33 -5.78 7.39
C SER A 75 9.76 -5.81 6.82
N GLN A 76 10.61 -6.65 7.40
CA GLN A 76 11.94 -6.97 6.91
C GLN A 76 11.88 -7.91 5.69
N THR A 77 10.93 -8.85 5.72
CA THR A 77 10.80 -9.96 4.78
C THR A 77 9.37 -10.06 4.23
N PRO A 78 9.19 -10.63 3.02
CA PRO A 78 7.88 -10.88 2.44
C PRO A 78 7.24 -12.10 3.12
N ASN A 79 6.00 -11.95 3.61
CA ASN A 79 5.16 -13.02 4.13
C ASN A 79 3.69 -12.53 4.09
N GLU A 80 2.73 -13.39 4.42
CA GLU A 80 1.28 -13.15 4.47
C GLU A 80 0.85 -11.70 4.77
N GLU A 81 1.46 -11.10 5.78
CA GLU A 81 1.18 -9.78 6.30
C GLU A 81 1.42 -8.72 5.22
N CYS A 82 2.50 -8.92 4.45
CA CYS A 82 2.90 -8.11 3.32
C CYS A 82 2.09 -8.42 2.04
N LEU A 83 1.40 -9.56 2.02
CA LEU A 83 0.84 -10.13 0.83
C LEU A 83 -0.55 -9.55 0.55
N PHE A 84 -0.60 -8.51 -0.29
CA PHE A 84 -1.85 -7.89 -0.68
C PHE A 84 -2.41 -8.53 -1.95
N LEU A 85 -3.60 -9.14 -1.89
CA LEU A 85 -4.42 -9.42 -3.07
C LEU A 85 -4.99 -8.11 -3.62
N GLU A 86 -4.43 -7.61 -4.71
CA GLU A 86 -4.88 -6.38 -5.34
C GLU A 86 -5.97 -6.58 -6.39
N ARG A 87 -6.72 -5.52 -6.72
CA ARG A 87 -7.63 -5.52 -7.87
C ARG A 87 -8.04 -4.10 -8.29
N LEU A 88 -8.51 -3.95 -9.53
CA LEU A 88 -9.18 -2.73 -10.00
C LEU A 88 -10.47 -2.47 -9.21
N GLU A 89 -10.57 -1.29 -8.61
CA GLU A 89 -11.74 -0.84 -7.87
C GLU A 89 -12.65 -0.01 -8.78
N GLU A 90 -12.09 1.02 -9.43
CA GLU A 90 -12.80 1.84 -10.42
C GLU A 90 -11.84 2.54 -11.40
N ASN A 91 -12.22 3.67 -12.01
CA ASN A 91 -11.62 4.19 -13.25
C ASN A 91 -10.13 4.57 -13.12
N HIS A 92 -9.25 3.58 -13.31
CA HIS A 92 -7.82 3.67 -13.03
C HIS A 92 -7.56 3.94 -11.54
N TYR A 93 -8.34 3.27 -10.66
CA TYR A 93 -8.05 3.16 -9.23
C TYR A 93 -8.14 1.69 -8.82
N ASN A 94 -7.06 1.19 -8.22
CA ASN A 94 -6.95 -0.15 -7.68
C ASN A 94 -7.00 -0.11 -6.16
N THR A 95 -7.20 -1.28 -5.57
CA THR A 95 -7.22 -1.53 -4.14
C THR A 95 -6.37 -2.76 -3.83
N TYR A 96 -5.90 -2.85 -2.58
CA TYR A 96 -4.89 -3.81 -2.11
C TYR A 96 -5.39 -4.46 -0.81
N ILE A 97 -5.93 -5.68 -0.91
CA ILE A 97 -6.59 -6.40 0.20
C ILE A 97 -5.58 -7.32 0.87
N SER A 98 -5.44 -7.28 2.19
CA SER A 98 -4.57 -8.22 2.89
C SER A 98 -4.99 -9.68 2.66
N LYS A 99 -4.20 -10.51 1.97
CA LYS A 99 -4.48 -11.91 1.79
C LYS A 99 -4.41 -12.71 3.09
N LYS A 100 -3.71 -12.18 4.11
CA LYS A 100 -3.87 -12.59 5.50
C LYS A 100 -5.29 -12.26 5.93
N HIS A 101 -5.58 -10.97 6.10
CA HIS A 101 -6.86 -10.52 6.63
C HIS A 101 -7.99 -10.47 5.59
N ALA A 102 -8.14 -11.57 4.84
CA ALA A 102 -9.13 -11.70 3.77
C ALA A 102 -10.54 -11.99 4.31
N GLU A 103 -10.64 -12.53 5.52
CA GLU A 103 -11.90 -12.85 6.19
C GLU A 103 -12.56 -11.57 6.75
N LYS A 104 -11.77 -10.75 7.44
CA LYS A 104 -12.18 -9.44 7.91
C LYS A 104 -12.15 -8.42 6.76
N ASN A 105 -11.38 -8.71 5.71
CA ASN A 105 -11.29 -7.98 4.43
C ASN A 105 -10.58 -6.63 4.57
N TRP A 106 -9.44 -6.62 5.27
CA TRP A 106 -8.70 -5.40 5.53
C TRP A 106 -7.85 -4.97 4.33
N PHE A 107 -7.51 -3.68 4.29
CA PHE A 107 -6.77 -3.09 3.17
C PHE A 107 -5.67 -2.17 3.68
N VAL A 108 -4.60 -2.01 2.91
CA VAL A 108 -3.80 -0.79 3.03
C VAL A 108 -4.65 0.40 2.54
N GLY A 109 -4.69 1.50 3.31
CA GLY A 109 -5.32 2.75 2.91
C GLY A 109 -4.88 3.89 3.83
N LEU A 110 -5.19 5.15 3.48
CA LEU A 110 -4.72 6.31 4.26
C LEU A 110 -5.73 7.44 4.48
N LYS A 111 -5.31 8.37 5.35
CA LYS A 111 -6.03 9.47 5.99
C LYS A 111 -6.54 9.05 7.39
N LYS A 112 -5.60 8.76 8.30
CA LYS A 112 -5.75 8.69 9.76
C LYS A 112 -5.30 10.04 10.33
N ASN A 113 -6.10 11.08 10.10
CA ASN A 113 -5.69 12.49 10.19
C ASN A 113 -4.67 12.91 9.11
N GLY A 114 -4.17 11.95 8.31
CA GLY A 114 -3.16 12.12 7.28
C GLY A 114 -2.56 10.76 6.87
N SER A 115 -1.90 10.09 7.81
CA SER A 115 -1.19 8.82 7.60
C SER A 115 -2.13 7.61 7.43
N CYS A 116 -1.57 6.40 7.52
CA CYS A 116 -2.27 5.15 7.25
C CYS A 116 -3.52 4.88 8.13
N LYS A 117 -4.64 4.45 7.52
CA LYS A 117 -5.84 3.99 8.23
C LYS A 117 -5.66 2.54 8.67
N ARG A 118 -5.95 2.24 9.93
CA ARG A 118 -5.58 0.95 10.51
C ARG A 118 -6.73 -0.04 10.48
N GLY A 119 -6.44 -1.31 10.25
CA GLY A 119 -7.34 -2.41 10.63
C GLY A 119 -8.78 -2.23 10.19
N PRO A 120 -9.72 -2.55 11.08
CA PRO A 120 -10.96 -3.11 10.62
C PRO A 120 -12.01 -2.02 10.37
N ARG A 121 -11.53 -0.79 10.10
CA ARG A 121 -12.29 0.26 9.43
C ARG A 121 -11.70 0.59 8.05
N THR A 122 -10.76 -0.22 7.53
CA THR A 122 -10.44 -0.24 6.12
C THR A 122 -11.32 -1.28 5.42
N HIS A 123 -12.14 -0.81 4.47
CA HIS A 123 -13.14 -1.61 3.80
C HIS A 123 -13.32 -1.20 2.32
N TYR A 124 -14.04 -2.04 1.55
CA TYR A 124 -14.30 -1.88 0.12
C TYR A 124 -14.83 -0.47 -0.24
N GLY A 125 -14.39 0.09 -1.38
CA GLY A 125 -14.93 1.33 -1.93
C GLY A 125 -14.46 2.64 -1.27
N GLN A 126 -13.63 2.60 -0.23
CA GLN A 126 -13.25 3.80 0.51
C GLN A 126 -12.13 4.59 -0.19
N LYS A 127 -12.23 5.93 -0.23
CA LYS A 127 -11.22 6.76 -0.90
C LYS A 127 -9.81 6.44 -0.38
N ALA A 128 -9.74 6.19 0.93
CA ALA A 128 -8.59 5.65 1.64
C ALA A 128 -7.83 4.56 0.88
N ILE A 129 -8.58 3.62 0.29
CA ILE A 129 -8.04 2.46 -0.40
C ILE A 129 -8.01 2.64 -1.93
N LEU A 130 -8.86 3.50 -2.52
CA LEU A 130 -8.78 3.84 -3.95
C LEU A 130 -7.40 4.45 -4.30
N PHE A 131 -6.46 3.62 -4.77
CA PHE A 131 -5.12 4.01 -5.18
C PHE A 131 -4.99 4.01 -6.70
N LEU A 132 -4.70 5.15 -7.31
CA LEU A 132 -4.30 5.21 -8.72
C LEU A 132 -2.86 4.70 -8.87
N PRO A 133 -2.61 3.61 -9.61
CA PRO A 133 -1.27 3.07 -9.80
C PRO A 133 -0.56 3.77 -10.97
N LEU A 134 0.72 4.10 -10.78
CA LEU A 134 1.64 4.56 -11.82
C LEU A 134 2.81 3.55 -11.93
N PRO A 135 2.61 2.42 -12.62
CA PRO A 135 3.56 1.32 -12.63
C PRO A 135 4.68 1.51 -13.66
N VAL A 136 5.66 0.60 -13.62
CA VAL A 136 6.68 0.44 -14.66
C VAL A 136 6.06 0.04 -16.01
N SER A 137 5.44 -1.14 -16.07
CA SER A 137 4.99 -1.79 -17.29
C SER A 137 3.65 -2.51 -17.10
N SER A 138 2.70 -1.81 -16.47
CA SER A 138 1.38 -2.33 -16.11
C SER A 138 1.45 -3.60 -15.25
N ASP A 139 2.39 -3.58 -14.30
CA ASP A 139 2.71 -4.61 -13.35
C ASP A 139 2.76 -4.05 -11.92
N TYR A 7 6.77 -2.66 -18.27
CA TYR A 7 7.33 -3.79 -17.52
C TYR A 7 7.29 -3.52 -15.99
N LYS A 8 8.32 -2.85 -15.45
CA LYS A 8 8.51 -2.49 -14.04
C LYS A 8 7.26 -1.95 -13.31
N LYS A 9 7.16 -2.10 -11.98
CA LYS A 9 6.01 -1.60 -11.21
C LYS A 9 6.41 -0.88 -9.90
N PRO A 10 7.19 0.21 -10.01
CA PRO A 10 7.39 1.19 -8.95
C PRO A 10 6.12 2.02 -8.79
N LYS A 11 5.05 1.43 -8.26
CA LYS A 11 3.77 2.10 -8.09
C LYS A 11 3.82 3.18 -6.99
N LEU A 12 3.90 4.42 -7.45
CA LEU A 12 3.50 5.58 -6.67
C LEU A 12 1.98 5.54 -6.52
N LEU A 13 1.53 4.83 -5.47
CA LEU A 13 0.11 4.64 -5.14
C LEU A 13 -0.49 5.94 -4.56
N TYR A 14 -1.23 6.67 -5.40
CA TYR A 14 -1.90 7.93 -5.05
C TYR A 14 -3.27 7.67 -4.40
N CYS A 15 -3.37 7.80 -3.08
CA CYS A 15 -4.61 7.64 -2.31
C CYS A 15 -5.68 8.66 -2.74
N SER A 16 -6.88 8.20 -3.12
CA SER A 16 -7.94 9.05 -3.68
C SER A 16 -8.30 10.27 -2.82
N ASN A 17 -9.08 10.07 -1.74
CA ASN A 17 -9.58 11.13 -0.86
C ASN A 17 -8.46 11.66 0.05
N GLY A 18 -7.46 12.32 -0.55
CA GLY A 18 -6.28 12.81 0.16
C GLY A 18 -5.16 13.22 -0.79
N GLY A 19 -4.91 12.41 -1.82
CA GLY A 19 -3.93 12.68 -2.86
C GLY A 19 -2.49 12.28 -2.49
N HIS A 20 -2.31 11.53 -1.40
CA HIS A 20 -1.02 11.06 -0.94
C HIS A 20 -0.46 9.89 -1.76
N PHE A 21 0.74 10.07 -2.33
CA PHE A 21 1.62 8.94 -2.62
C PHE A 21 1.91 8.20 -1.31
N LEU A 22 1.57 6.90 -1.27
CA LEU A 22 1.90 6.03 -0.14
C LEU A 22 3.41 6.08 0.19
N ARG A 23 3.75 6.57 1.39
CA ARG A 23 5.12 6.92 1.80
C ARG A 23 5.56 6.03 2.96
N ILE A 24 6.74 5.40 2.85
CA ILE A 24 7.23 4.43 3.84
C ILE A 24 8.46 4.98 4.57
N LEU A 25 8.48 4.89 5.91
CA LEU A 25 9.48 5.54 6.74
C LEU A 25 10.51 4.55 7.27
N PRO A 26 11.81 4.90 7.28
CA PRO A 26 12.91 4.11 7.84
C PRO A 26 12.55 3.34 9.11
N ASP A 27 11.95 4.06 10.06
CA ASP A 27 11.36 3.63 11.32
C ASP A 27 10.65 2.26 11.25
N GLY A 28 10.05 1.94 10.11
CA GLY A 28 9.33 0.69 9.86
C GLY A 28 7.81 0.87 9.80
N THR A 29 7.33 2.12 9.75
CA THR A 29 5.93 2.46 9.49
C THR A 29 5.70 3.03 8.09
N VAL A 30 4.44 3.38 7.82
CA VAL A 30 4.01 3.95 6.55
C VAL A 30 2.89 4.98 6.78
N ASP A 31 2.76 5.90 5.83
CA ASP A 31 1.81 7.02 5.84
C ASP A 31 1.73 7.70 4.44
N GLY A 32 1.53 9.01 4.38
CA GLY A 32 1.18 9.77 3.19
C GLY A 32 2.06 11.01 3.00
N THR A 33 2.57 11.21 1.78
CA THR A 33 2.95 12.54 1.31
C THR A 33 2.28 12.77 -0.04
N ARG A 34 2.00 14.02 -0.43
CA ARG A 34 1.26 14.26 -1.66
C ARG A 34 1.95 13.62 -2.88
N ASP A 35 3.22 13.96 -3.13
CA ASP A 35 3.90 13.70 -4.39
C ASP A 35 5.33 13.15 -4.22
N ARG A 36 6.15 13.22 -5.26
CA ARG A 36 7.57 12.80 -5.36
C ARG A 36 8.50 13.68 -4.51
N SER A 37 8.11 13.88 -3.25
CA SER A 37 8.59 14.89 -2.31
C SER A 37 9.56 14.28 -1.31
N ASP A 38 9.08 13.30 -0.55
CA ASP A 38 9.90 12.44 0.28
C ASP A 38 10.92 11.67 -0.61
N GLN A 39 11.89 11.04 0.04
CA GLN A 39 12.89 10.16 -0.55
C GLN A 39 12.47 8.68 -0.54
N HIS A 40 11.46 8.28 0.26
CA HIS A 40 10.94 6.91 0.31
C HIS A 40 9.46 6.80 -0.08
N ILE A 41 9.19 7.03 -1.38
CA ILE A 41 7.90 6.74 -2.04
C ILE A 41 8.03 5.71 -3.18
N GLN A 42 9.23 5.19 -3.46
CA GLN A 42 9.42 4.24 -4.56
C GLN A 42 8.96 2.84 -4.15
N LEU A 43 7.66 2.60 -4.02
CA LEU A 43 7.18 1.25 -3.69
C LEU A 43 7.10 0.38 -4.96
N GLN A 44 7.78 -0.75 -4.94
CA GLN A 44 8.02 -1.65 -6.06
C GLN A 44 7.26 -2.97 -5.86
N LEU A 45 6.33 -3.26 -6.78
CA LEU A 45 5.42 -4.39 -6.69
C LEU A 45 6.02 -5.68 -7.28
N SER A 46 5.70 -6.85 -6.69
CA SER A 46 6.05 -8.16 -7.23
C SER A 46 4.99 -9.21 -6.86
N ALA A 47 4.51 -9.99 -7.84
CA ALA A 47 3.40 -10.92 -7.65
C ALA A 47 3.80 -12.27 -7.04
N GLU A 48 2.88 -12.88 -6.28
CA GLU A 48 2.96 -14.26 -5.78
C GLU A 48 2.06 -15.19 -6.61
N SER A 49 0.79 -14.81 -6.70
CA SER A 49 -0.35 -15.62 -7.13
C SER A 49 -1.44 -14.68 -7.67
N VAL A 50 -2.67 -15.18 -7.86
CA VAL A 50 -3.84 -14.62 -8.56
C VAL A 50 -4.12 -13.11 -8.40
N GLY A 51 -3.20 -12.28 -8.90
CA GLY A 51 -3.15 -10.85 -8.66
C GLY A 51 -2.98 -10.53 -7.17
N GLU A 52 -2.18 -11.32 -6.45
CA GLU A 52 -1.73 -11.03 -5.10
C GLU A 52 -0.23 -10.75 -5.07
N VAL A 53 0.14 -9.77 -4.24
CA VAL A 53 1.32 -8.95 -4.43
C VAL A 53 2.08 -8.67 -3.13
N TYR A 54 3.40 -8.60 -3.27
CA TYR A 54 4.35 -8.03 -2.33
C TYR A 54 4.70 -6.63 -2.81
N ILE A 55 4.77 -5.65 -1.91
CA ILE A 55 5.15 -4.27 -2.21
C ILE A 55 6.37 -3.88 -1.37
N LYS A 56 7.54 -3.77 -2.02
CA LYS A 56 8.83 -3.49 -1.40
C LYS A 56 9.32 -2.08 -1.76
N SER A 57 9.76 -1.27 -0.80
CA SER A 57 10.50 -0.05 -1.14
C SER A 57 11.74 -0.38 -1.99
N THR A 58 11.84 0.18 -3.20
CA THR A 58 12.84 -0.19 -4.18
C THR A 58 14.25 -0.20 -3.59
N GLU A 59 14.66 0.94 -3.03
CA GLU A 59 15.96 1.18 -2.44
C GLU A 59 16.16 0.51 -1.05
N THR A 60 15.37 0.86 -0.03
CA THR A 60 15.59 0.41 1.34
C THR A 60 15.22 -1.06 1.60
N GLY A 61 14.21 -1.59 0.88
CA GLY A 61 13.84 -2.99 1.01
C GLY A 61 12.76 -3.27 2.07
N GLN A 62 12.02 -2.23 2.48
CA GLN A 62 10.95 -2.33 3.46
C GLN A 62 9.65 -2.80 2.78
N TYR A 63 9.11 -3.92 3.25
CA TYR A 63 7.92 -4.58 2.72
C TYR A 63 6.65 -4.06 3.38
N LEU A 64 5.77 -3.37 2.63
CA LEU A 64 4.48 -2.94 3.11
C LEU A 64 3.66 -4.15 3.60
N ALA A 65 3.13 -4.10 4.82
CA ALA A 65 2.50 -5.23 5.50
C ALA A 65 1.37 -4.80 6.45
N MET A 66 0.50 -5.75 6.82
CA MET A 66 -0.59 -5.55 7.79
C MET A 66 -0.51 -6.57 8.93
N ASP A 67 -0.64 -6.10 10.19
CA ASP A 67 -0.35 -6.89 11.40
C ASP A 67 -1.52 -7.77 11.88
N THR A 68 -1.82 -7.69 13.18
CA THR A 68 -2.98 -8.30 13.85
C THR A 68 -4.11 -7.32 14.16
N ASP A 69 -3.81 -6.05 14.47
CA ASP A 69 -4.79 -4.99 14.67
C ASP A 69 -5.37 -4.54 13.31
N GLY A 70 -4.51 -4.55 12.29
CA GLY A 70 -4.79 -4.03 10.97
C GLY A 70 -4.05 -2.73 10.68
N LEU A 71 -3.04 -2.39 11.48
CA LEU A 71 -2.09 -1.31 11.24
C LEU A 71 -1.12 -1.69 10.13
N LEU A 72 -0.81 -0.73 9.26
CA LEU A 72 0.16 -0.91 8.19
C LEU A 72 1.59 -0.71 8.71
N TYR A 73 2.51 -1.60 8.31
CA TYR A 73 3.91 -1.55 8.73
C TYR A 73 4.87 -1.97 7.60
N GLY A 74 6.17 -1.84 7.85
CA GLY A 74 7.26 -2.15 6.92
C GLY A 74 8.11 -3.32 7.41
N SER A 75 7.87 -4.53 6.89
CA SER A 75 8.66 -5.71 7.25
C SER A 75 10.05 -5.69 6.57
N GLN A 76 11.00 -6.44 7.14
CA GLN A 76 12.30 -6.68 6.54
C GLN A 76 12.20 -7.63 5.33
N THR A 77 11.38 -8.67 5.48
CA THR A 77 11.26 -9.81 4.56
C THR A 77 9.85 -9.91 3.96
N PRO A 78 9.70 -10.62 2.83
CA PRO A 78 8.40 -10.98 2.29
C PRO A 78 7.77 -12.11 3.13
N ASN A 79 6.47 -12.02 3.40
CA ASN A 79 5.66 -13.02 4.09
C ASN A 79 4.19 -12.70 3.84
N GLU A 80 3.26 -13.59 4.20
CA GLU A 80 1.81 -13.36 4.11
C GLU A 80 1.38 -12.02 4.72
N GLU A 81 2.05 -11.60 5.81
CA GLU A 81 1.96 -10.29 6.45
C GLU A 81 1.99 -9.17 5.42
N CYS A 82 2.91 -9.34 4.48
CA CYS A 82 3.30 -8.35 3.49
C CYS A 82 2.49 -8.47 2.20
N LEU A 83 1.55 -9.43 2.14
CA LEU A 83 0.94 -9.82 0.88
C LEU A 83 -0.50 -9.32 0.76
N PHE A 84 -0.79 -8.64 -0.34
CA PHE A 84 -2.09 -8.06 -0.61
C PHE A 84 -2.67 -8.61 -1.92
N LEU A 85 -3.94 -9.01 -1.93
CA LEU A 85 -4.67 -9.25 -3.16
C LEU A 85 -4.93 -7.89 -3.82
N GLU A 86 -4.19 -7.59 -4.90
CA GLU A 86 -4.41 -6.39 -5.69
C GLU A 86 -5.68 -6.57 -6.52
N ARG A 87 -6.62 -5.63 -6.44
CA ARG A 87 -7.81 -5.62 -7.28
C ARG A 87 -8.13 -4.19 -7.73
N LEU A 88 -8.60 -4.01 -8.97
CA LEU A 88 -8.95 -2.71 -9.52
C LEU A 88 -10.43 -2.39 -9.29
N GLU A 89 -10.72 -1.20 -8.79
CA GLU A 89 -12.02 -0.56 -8.92
C GLU A 89 -12.11 0.07 -10.32
N GLU A 90 -13.24 -0.12 -11.01
CA GLU A 90 -13.55 0.31 -12.38
C GLU A 90 -12.71 1.50 -12.88
N ASN A 91 -12.74 2.62 -12.15
CA ASN A 91 -12.07 3.86 -12.50
C ASN A 91 -10.55 3.82 -12.19
N HIS A 92 -9.87 2.77 -12.64
CA HIS A 92 -8.42 2.57 -12.55
C HIS A 92 -7.88 2.31 -11.13
N TYR A 93 -8.35 3.05 -10.12
CA TYR A 93 -7.93 2.94 -8.73
C TYR A 93 -7.75 1.49 -8.28
N ASN A 94 -6.53 1.15 -7.85
CA ASN A 94 -6.22 -0.15 -7.29
C ASN A 94 -6.61 -0.19 -5.81
N THR A 95 -6.83 -1.40 -5.32
CA THR A 95 -7.14 -1.72 -3.93
C THR A 95 -6.32 -2.94 -3.52
N TYR A 96 -5.98 -3.03 -2.24
CA TYR A 96 -5.05 -4.01 -1.69
C TYR A 96 -5.65 -4.68 -0.46
N ILE A 97 -6.24 -5.87 -0.65
CA ILE A 97 -6.91 -6.63 0.42
C ILE A 97 -5.90 -7.56 1.09
N SER A 98 -5.82 -7.59 2.43
CA SER A 98 -4.90 -8.49 3.13
C SER A 98 -5.10 -9.96 2.76
N LYS A 99 -4.05 -10.65 2.29
CA LYS A 99 -3.98 -12.10 2.19
C LYS A 99 -4.43 -12.81 3.47
N LYS A 100 -4.13 -12.24 4.64
CA LYS A 100 -4.46 -12.85 5.92
C LYS A 100 -5.92 -12.54 6.27
N HIS A 101 -6.22 -11.25 6.44
CA HIS A 101 -7.50 -10.79 6.95
C HIS A 101 -8.56 -10.72 5.84
N ALA A 102 -8.68 -11.79 5.07
CA ALA A 102 -9.51 -11.87 3.87
C ALA A 102 -10.99 -12.09 4.18
N GLU A 103 -11.29 -12.73 5.31
CA GLU A 103 -12.65 -13.04 5.76
C GLU A 103 -13.32 -11.79 6.33
N LYS A 104 -12.62 -11.06 7.21
CA LYS A 104 -13.01 -9.74 7.66
C LYS A 104 -12.85 -8.71 6.52
N ASN A 105 -11.88 -8.94 5.64
CA ASN A 105 -11.66 -8.22 4.38
C ASN A 105 -11.06 -6.83 4.62
N TRP A 106 -9.85 -6.78 5.19
CA TRP A 106 -9.16 -5.54 5.50
C TRP A 106 -8.33 -5.02 4.32
N PHE A 107 -8.33 -3.69 4.13
CA PHE A 107 -7.71 -3.04 2.98
C PHE A 107 -6.59 -2.10 3.42
N VAL A 108 -5.54 -1.96 2.61
CA VAL A 108 -4.63 -0.81 2.76
C VAL A 108 -5.43 0.50 2.65
N GLY A 109 -5.19 1.49 3.53
CA GLY A 109 -5.85 2.78 3.49
C GLY A 109 -5.08 3.88 4.22
N LEU A 110 -4.97 5.06 3.61
CA LEU A 110 -4.52 6.30 4.24
C LEU A 110 -5.70 7.25 4.43
N LYS A 111 -5.54 8.29 5.26
CA LYS A 111 -6.53 9.36 5.40
C LYS A 111 -5.98 10.75 5.07
N LYS A 112 -6.88 11.73 5.00
CA LYS A 112 -6.63 13.11 4.59
C LYS A 112 -5.49 13.76 5.40
N ASN A 113 -5.40 13.41 6.70
CA ASN A 113 -4.36 13.87 7.61
C ASN A 113 -2.94 13.45 7.18
N GLY A 114 -2.84 12.42 6.32
CA GLY A 114 -1.57 11.83 5.88
C GLY A 114 -1.35 10.45 6.49
N SER A 115 -1.65 10.30 7.78
CA SER A 115 -1.53 9.04 8.51
C SER A 115 -2.54 7.97 8.05
N CYS A 116 -2.55 6.84 8.75
CA CYS A 116 -3.15 5.59 8.26
C CYS A 116 -4.64 5.46 8.57
N LYS A 117 -5.27 4.45 7.96
CA LYS A 117 -6.52 3.87 8.42
C LYS A 117 -6.30 2.37 8.57
N ARG A 118 -6.71 1.80 9.70
CA ARG A 118 -6.38 0.44 10.10
C ARG A 118 -7.55 -0.52 9.88
N GLY A 119 -7.23 -1.79 9.60
CA GLY A 119 -8.07 -2.87 10.10
C GLY A 119 -9.53 -2.78 9.70
N PRO A 120 -10.42 -3.13 10.63
CA PRO A 120 -11.69 -3.73 10.29
C PRO A 120 -12.73 -2.60 10.16
N ARG A 121 -12.41 -1.69 9.24
CA ARG A 121 -12.84 -0.29 9.26
C ARG A 121 -12.39 0.44 7.97
N THR A 122 -11.25 0.04 7.39
CA THR A 122 -10.84 0.41 6.04
C THR A 122 -11.93 -0.02 5.03
N HIS A 123 -11.89 -1.31 4.66
CA HIS A 123 -12.96 -2.06 4.01
C HIS A 123 -13.32 -1.58 2.60
N TYR A 124 -14.24 -2.28 1.94
CA TYR A 124 -14.77 -1.84 0.64
C TYR A 124 -15.81 -0.72 0.86
N GLY A 125 -15.35 0.41 1.41
CA GLY A 125 -16.21 1.50 1.85
C GLY A 125 -15.51 2.85 1.79
N GLN A 126 -14.54 3.10 2.69
CA GLN A 126 -13.89 4.41 2.75
C GLN A 126 -12.98 4.62 1.52
N LYS A 127 -13.28 5.62 0.69
CA LYS A 127 -12.57 5.89 -0.57
C LYS A 127 -11.04 5.97 -0.42
N ALA A 128 -10.55 6.33 0.76
CA ALA A 128 -9.21 6.02 1.26
C ALA A 128 -8.55 4.77 0.65
N ILE A 129 -9.28 3.65 0.58
CA ILE A 129 -8.77 2.37 0.10
C ILE A 129 -8.51 2.33 -1.43
N LEU A 130 -8.99 3.33 -2.18
CA LEU A 130 -8.79 3.49 -3.61
C LEU A 130 -7.48 4.25 -3.89
N PHE A 131 -6.47 3.57 -4.44
CA PHE A 131 -5.17 4.13 -4.78
C PHE A 131 -4.92 4.14 -6.29
N LEU A 132 -4.80 5.31 -6.91
CA LEU A 132 -4.47 5.44 -8.33
C LEU A 132 -3.00 5.07 -8.54
N PRO A 133 -2.67 4.04 -9.34
CA PRO A 133 -1.29 3.60 -9.50
C PRO A 133 -0.54 4.43 -10.53
N LEU A 134 0.51 5.14 -10.10
CA LEU A 134 1.50 5.68 -11.01
C LEU A 134 2.76 4.79 -11.00
N PRO A 135 2.87 3.76 -11.87
CA PRO A 135 4.07 2.90 -11.96
C PRO A 135 5.26 3.63 -12.61
N VAL A 136 5.60 4.81 -12.09
CA VAL A 136 6.47 5.83 -12.70
C VAL A 136 6.02 6.27 -14.11
N SER A 137 6.02 5.35 -15.08
CA SER A 137 5.54 5.54 -16.45
C SER A 137 4.53 4.45 -16.81
N SER A 138 3.56 4.75 -17.69
CA SER A 138 2.45 3.85 -18.05
C SER A 138 2.89 2.61 -18.84
N ASP A 139 3.62 1.72 -18.18
CA ASP A 139 4.22 0.50 -18.70
C ASP A 139 4.51 -0.45 -17.51
N TYR A 7 8.03 -5.10 -10.48
CA TYR A 7 9.50 -5.10 -10.39
C TYR A 7 10.00 -3.80 -9.71
N LYS A 8 11.31 -3.53 -9.73
CA LYS A 8 11.91 -2.25 -9.32
C LYS A 8 11.59 -1.14 -10.33
N LYS A 9 10.30 -0.82 -10.46
CA LYS A 9 9.75 0.20 -11.34
C LYS A 9 8.67 0.95 -10.53
N PRO A 10 8.84 2.24 -10.23
CA PRO A 10 7.94 3.05 -9.38
C PRO A 10 6.46 3.04 -9.77
N LYS A 11 5.75 1.95 -9.50
CA LYS A 11 4.29 1.88 -9.55
C LYS A 11 3.70 2.58 -8.33
N LEU A 12 3.54 3.88 -8.46
CA LEU A 12 3.15 4.75 -7.35
C LEU A 12 1.63 4.66 -7.09
N LEU A 13 1.26 4.35 -5.84
CA LEU A 13 -0.12 4.28 -5.38
C LEU A 13 -0.58 5.68 -4.91
N TYR A 14 -1.32 6.40 -5.76
CA TYR A 14 -1.84 7.74 -5.47
C TYR A 14 -3.28 7.69 -4.95
N CYS A 15 -3.52 7.99 -3.67
CA CYS A 15 -4.86 7.94 -3.09
C CYS A 15 -5.84 8.91 -3.79
N SER A 16 -7.14 8.70 -3.62
CA SER A 16 -8.19 9.58 -4.15
C SER A 16 -8.37 10.85 -3.29
N ASN A 17 -9.24 10.80 -2.28
CA ASN A 17 -9.56 11.91 -1.38
C ASN A 17 -8.32 12.38 -0.61
N GLY A 18 -8.08 13.70 -0.57
CA GLY A 18 -6.83 14.28 -0.06
C GLY A 18 -5.67 14.02 -1.02
N GLY A 19 -5.38 12.74 -1.28
CA GLY A 19 -4.69 12.27 -2.46
C GLY A 19 -3.18 12.14 -2.29
N HIS A 20 -2.72 11.59 -1.17
CA HIS A 20 -1.33 11.32 -0.94
C HIS A 20 -0.83 10.12 -1.75
N PHE A 21 0.45 10.17 -2.14
CA PHE A 21 1.21 9.01 -2.55
C PHE A 21 1.50 8.14 -1.32
N LEU A 22 1.16 6.84 -1.39
CA LEU A 22 1.48 5.89 -0.33
C LEU A 22 2.99 5.85 -0.06
N ARG A 23 3.39 5.93 1.22
CA ARG A 23 4.76 6.16 1.67
C ARG A 23 5.15 5.12 2.73
N ILE A 24 6.41 4.65 2.70
CA ILE A 24 6.97 3.73 3.69
C ILE A 24 8.26 4.30 4.30
N LEU A 25 8.40 4.25 5.63
CA LEU A 25 9.44 4.96 6.36
C LEU A 25 10.54 4.03 6.91
N PRO A 26 11.82 4.43 6.80
CA PRO A 26 12.94 3.83 7.51
C PRO A 26 12.66 3.33 8.92
N ASP A 27 12.08 4.21 9.74
CA ASP A 27 11.75 3.94 11.13
C ASP A 27 10.86 2.70 11.33
N GLY A 28 10.07 2.33 10.31
CA GLY A 28 9.10 1.25 10.40
C GLY A 28 7.70 1.64 9.91
N THR A 29 7.24 2.87 10.08
CA THR A 29 5.85 3.21 9.74
C THR A 29 5.57 3.23 8.24
N VAL A 30 4.26 3.29 7.95
CA VAL A 30 3.71 3.64 6.65
C VAL A 30 2.89 4.93 6.81
N ASP A 31 2.66 5.60 5.69
CA ASP A 31 2.21 6.99 5.67
C ASP A 31 1.69 7.44 4.28
N GLY A 32 1.25 8.69 4.19
CA GLY A 32 0.83 9.40 2.98
C GLY A 32 1.57 10.75 2.83
N THR A 33 2.29 10.95 1.72
CA THR A 33 2.78 12.30 1.34
C THR A 33 1.96 12.87 0.20
N ARG A 34 1.54 14.14 0.32
CA ARG A 34 0.83 14.82 -0.76
C ARG A 34 1.64 14.94 -2.07
N ASP A 35 2.97 14.77 -2.00
CA ASP A 35 3.88 14.94 -3.12
C ASP A 35 4.94 13.82 -3.19
N ARG A 36 5.24 13.38 -4.41
CA ARG A 36 6.12 12.26 -4.72
C ARG A 36 7.63 12.61 -4.64
N SER A 37 8.05 13.28 -3.57
CA SER A 37 9.43 13.72 -3.36
C SER A 37 10.25 12.78 -2.46
N ASP A 38 9.59 11.90 -1.70
CA ASP A 38 10.24 11.10 -0.67
C ASP A 38 11.16 9.98 -1.24
N GLN A 39 12.22 9.62 -0.52
CA GLN A 39 13.05 8.47 -0.85
C GLN A 39 12.28 7.14 -0.94
N HIS A 40 11.14 7.03 -0.26
CA HIS A 40 10.32 5.82 -0.20
C HIS A 40 8.81 6.12 -0.29
N ILE A 41 8.45 6.87 -1.33
CA ILE A 41 7.23 6.60 -2.13
C ILE A 41 7.53 5.57 -3.23
N GLN A 42 8.77 5.55 -3.74
CA GLN A 42 9.23 4.52 -4.67
C GLN A 42 9.42 3.16 -3.98
N LEU A 43 9.46 2.10 -4.78
CA LEU A 43 9.24 0.74 -4.32
C LEU A 43 9.71 -0.29 -5.36
N GLN A 44 9.87 -1.54 -4.91
CA GLN A 44 9.93 -2.72 -5.73
C GLN A 44 8.63 -3.52 -5.54
N LEU A 45 7.66 -3.26 -6.42
CA LEU A 45 6.43 -4.03 -6.46
C LEU A 45 6.75 -5.45 -6.90
N SER A 46 6.73 -6.40 -5.97
CA SER A 46 7.15 -7.78 -6.18
C SER A 46 5.90 -8.68 -6.19
N ALA A 47 5.39 -9.01 -7.37
CA ALA A 47 4.19 -9.83 -7.52
C ALA A 47 4.47 -11.32 -7.22
N GLU A 48 3.53 -11.96 -6.52
CA GLU A 48 3.53 -13.39 -6.25
C GLU A 48 2.85 -14.17 -7.39
N SER A 49 1.67 -13.67 -7.79
CA SER A 49 0.73 -14.35 -8.68
C SER A 49 -0.16 -13.31 -9.39
N VAL A 50 -1.17 -13.78 -10.12
CA VAL A 50 -2.09 -13.01 -10.95
C VAL A 50 -3.04 -12.11 -10.14
N GLY A 51 -2.46 -11.21 -9.33
CA GLY A 51 -3.19 -10.27 -8.48
C GLY A 51 -2.39 -9.85 -7.25
N GLU A 52 -1.72 -10.80 -6.60
CA GLU A 52 -1.09 -10.57 -5.30
C GLU A 52 0.34 -10.02 -5.35
N VAL A 53 0.60 -9.06 -4.46
CA VAL A 53 1.80 -8.23 -4.43
C VAL A 53 2.43 -8.09 -3.04
N TYR A 54 3.77 -8.06 -3.00
CA TYR A 54 4.60 -7.67 -1.88
C TYR A 54 5.37 -6.39 -2.28
N ILE A 55 5.21 -5.28 -1.55
CA ILE A 55 5.92 -4.04 -1.88
C ILE A 55 7.21 -3.92 -1.06
N LYS A 56 8.38 -4.09 -1.69
CA LYS A 56 9.66 -3.97 -0.99
C LYS A 56 10.30 -2.58 -1.14
N SER A 57 10.60 -1.90 -0.03
CA SER A 57 11.27 -0.58 -0.01
C SER A 57 12.77 -0.71 -0.21
N THR A 58 13.17 -1.34 -1.33
CA THR A 58 14.50 -1.82 -1.71
C THR A 58 15.68 -1.41 -0.83
N GLU A 59 15.96 -0.11 -0.78
CA GLU A 59 17.12 0.50 -0.18
C GLU A 59 17.21 0.21 1.33
N THR A 60 16.09 0.34 2.04
CA THR A 60 15.95 -0.15 3.42
C THR A 60 15.54 -1.62 3.43
N GLY A 61 14.80 -2.05 2.40
CA GLY A 61 14.42 -3.43 2.14
C GLY A 61 13.19 -3.90 2.91
N GLN A 62 12.47 -2.99 3.56
CA GLN A 62 11.29 -3.28 4.36
C GLN A 62 10.12 -3.69 3.46
N TYR A 63 9.07 -4.24 4.06
CA TYR A 63 7.91 -4.80 3.36
C TYR A 63 6.62 -4.06 3.71
N LEU A 64 6.08 -3.26 2.79
CA LEU A 64 4.81 -2.58 3.03
C LEU A 64 3.70 -3.60 3.31
N ALA A 65 3.15 -3.56 4.51
CA ALA A 65 2.37 -4.64 5.09
C ALA A 65 1.33 -4.13 6.08
N MET A 66 0.36 -4.98 6.44
CA MET A 66 -0.46 -4.79 7.62
C MET A 66 0.05 -5.75 8.71
N ASP A 67 0.20 -5.29 9.94
CA ASP A 67 0.41 -6.21 11.05
C ASP A 67 -0.92 -6.88 11.47
N THR A 68 -0.90 -7.64 12.55
CA THR A 68 -2.02 -8.50 12.95
C THR A 68 -3.28 -7.73 13.36
N ASP A 69 -3.11 -6.47 13.80
CA ASP A 69 -4.17 -5.52 14.08
C ASP A 69 -4.74 -4.90 12.79
N GLY A 70 -3.96 -4.91 11.71
CA GLY A 70 -4.18 -4.11 10.51
C GLY A 70 -3.37 -2.81 10.52
N LEU A 71 -2.49 -2.64 11.51
CA LEU A 71 -1.52 -1.55 11.57
C LEU A 71 -0.63 -1.55 10.31
N LEU A 72 -0.82 -0.59 9.41
CA LEU A 72 0.00 -0.45 8.21
C LEU A 72 1.44 -0.06 8.55
N TYR A 73 2.43 -0.84 8.08
CA TYR A 73 3.82 -0.63 8.40
C TYR A 73 4.77 -1.30 7.39
N GLY A 74 6.08 -1.11 7.57
CA GLY A 74 7.15 -1.68 6.78
C GLY A 74 7.81 -2.86 7.51
N SER A 75 7.36 -4.08 7.24
CA SER A 75 7.79 -5.27 7.97
C SER A 75 9.16 -5.80 7.50
N GLN A 76 9.60 -6.89 8.14
CA GLN A 76 10.90 -7.51 7.95
C GLN A 76 10.96 -8.37 6.69
N THR A 77 9.92 -9.20 6.52
CA THR A 77 9.86 -10.33 5.60
C THR A 77 8.70 -10.23 4.60
N PRO A 78 8.79 -10.93 3.45
CA PRO A 78 7.68 -11.08 2.52
C PRO A 78 6.68 -12.10 3.08
N ASN A 79 5.98 -11.73 4.15
CA ASN A 79 4.97 -12.59 4.79
C ASN A 79 3.59 -12.35 4.16
N GLU A 80 2.63 -13.24 4.38
CA GLU A 80 1.26 -13.04 3.94
C GLU A 80 0.68 -11.70 4.47
N GLU A 81 1.16 -11.26 5.64
CA GLU A 81 0.87 -9.97 6.26
C GLU A 81 1.23 -8.80 5.33
N CYS A 82 2.28 -9.01 4.51
CA CYS A 82 2.72 -8.12 3.46
C CYS A 82 1.93 -8.27 2.14
N LEU A 83 1.24 -9.39 1.95
CA LEU A 83 0.78 -9.85 0.65
C LEU A 83 -0.60 -9.29 0.32
N PHE A 84 -0.62 -8.25 -0.51
CA PHE A 84 -1.87 -7.62 -0.91
C PHE A 84 -2.36 -8.14 -2.25
N LEU A 85 -3.59 -8.65 -2.33
CA LEU A 85 -4.29 -8.87 -3.58
C LEU A 85 -4.66 -7.50 -4.17
N GLU A 86 -3.93 -7.08 -5.20
CA GLU A 86 -4.25 -5.87 -5.95
C GLU A 86 -5.52 -6.11 -6.81
N ARG A 87 -6.50 -5.19 -6.74
CA ARG A 87 -7.72 -5.27 -7.52
C ARG A 87 -8.30 -3.86 -7.72
N LEU A 88 -9.03 -3.62 -8.81
CA LEU A 88 -9.84 -2.42 -8.93
C LEU A 88 -10.83 -2.31 -7.76
N GLU A 89 -11.17 -1.08 -7.36
CA GLU A 89 -12.44 -0.78 -6.71
C GLU A 89 -13.54 -1.33 -7.64
N GLU A 90 -13.76 -0.61 -8.73
CA GLU A 90 -14.15 -1.06 -10.06
C GLU A 90 -13.89 0.09 -11.05
N ASN A 91 -14.23 1.32 -10.65
CA ASN A 91 -14.09 2.55 -11.40
C ASN A 91 -12.63 3.03 -11.46
N HIS A 92 -11.76 2.27 -12.14
CA HIS A 92 -10.37 2.63 -12.49
C HIS A 92 -9.38 2.61 -11.31
N TYR A 93 -9.73 3.21 -10.17
CA TYR A 93 -8.90 3.20 -8.97
C TYR A 93 -8.60 1.77 -8.51
N ASN A 94 -7.33 1.46 -8.22
CA ASN A 94 -6.93 0.20 -7.61
C ASN A 94 -7.10 0.24 -6.09
N THR A 95 -7.09 -0.95 -5.51
CA THR A 95 -7.23 -1.23 -4.10
C THR A 95 -6.35 -2.47 -3.80
N TYR A 96 -5.90 -2.61 -2.56
CA TYR A 96 -4.89 -3.60 -2.17
C TYR A 96 -5.37 -4.33 -0.91
N ILE A 97 -5.91 -5.55 -1.07
CA ILE A 97 -6.58 -6.32 -0.02
C ILE A 97 -5.60 -7.29 0.64
N SER A 98 -5.44 -7.26 1.96
CA SER A 98 -4.57 -8.23 2.63
C SER A 98 -5.04 -9.68 2.38
N LYS A 99 -4.26 -10.49 1.66
CA LYS A 99 -4.53 -11.90 1.45
C LYS A 99 -4.50 -12.71 2.76
N LYS A 100 -3.82 -12.18 3.79
CA LYS A 100 -3.85 -12.72 5.15
C LYS A 100 -5.17 -12.34 5.82
N HIS A 101 -5.44 -11.03 5.93
CA HIS A 101 -6.62 -10.52 6.61
C HIS A 101 -7.84 -10.49 5.67
N ALA A 102 -8.04 -11.61 4.97
CA ALA A 102 -9.06 -11.80 3.94
C ALA A 102 -10.43 -12.19 4.52
N GLU A 103 -10.44 -12.69 5.76
CA GLU A 103 -11.63 -13.04 6.52
C GLU A 103 -12.52 -11.81 6.74
N LYS A 104 -11.90 -10.74 7.24
CA LYS A 104 -12.48 -9.41 7.39
C LYS A 104 -12.29 -8.58 6.11
N ASN A 105 -11.27 -8.89 5.30
CA ASN A 105 -10.98 -8.28 4.01
C ASN A 105 -10.49 -6.83 4.20
N TRP A 106 -9.37 -6.68 4.91
CA TRP A 106 -8.76 -5.37 5.16
C TRP A 106 -7.98 -4.85 3.95
N PHE A 107 -7.93 -3.53 3.79
CA PHE A 107 -7.35 -2.88 2.62
C PHE A 107 -6.24 -1.88 3.02
N VAL A 108 -5.23 -1.68 2.17
CA VAL A 108 -4.40 -0.48 2.30
C VAL A 108 -5.30 0.77 2.20
N GLY A 109 -5.05 1.77 3.05
CA GLY A 109 -5.82 3.02 3.05
C GLY A 109 -5.05 4.17 3.72
N LEU A 110 -5.27 5.40 3.25
CA LEU A 110 -4.71 6.61 3.88
C LEU A 110 -5.72 7.76 3.90
N LYS A 111 -5.35 8.88 4.55
CA LYS A 111 -6.16 10.06 4.85
C LYS A 111 -6.62 10.01 6.32
N LYS A 112 -5.77 10.52 7.20
CA LYS A 112 -5.87 10.46 8.65
C LYS A 112 -4.78 11.36 9.23
N ASN A 113 -5.11 12.63 9.44
CA ASN A 113 -4.11 13.69 9.59
C ASN A 113 -3.07 13.61 8.46
N GLY A 114 -3.56 13.33 7.24
CA GLY A 114 -2.74 13.04 6.07
C GLY A 114 -2.27 11.58 5.94
N SER A 115 -2.05 10.89 7.06
CA SER A 115 -1.33 9.62 7.10
C SER A 115 -2.19 8.37 6.81
N CYS A 116 -1.60 7.20 7.02
CA CYS A 116 -2.17 5.88 6.76
C CYS A 116 -3.23 5.46 7.81
N LYS A 117 -4.15 4.56 7.42
CA LYS A 117 -5.28 4.10 8.24
C LYS A 117 -5.16 2.61 8.57
N ARG A 118 -5.33 2.22 9.83
CA ARG A 118 -5.19 0.82 10.23
C ARG A 118 -6.45 -0.01 9.94
N GLY A 119 -6.27 -1.27 9.54
CA GLY A 119 -7.20 -2.34 9.93
C GLY A 119 -8.67 -2.08 9.68
N PRO A 120 -9.52 -2.44 10.65
CA PRO A 120 -10.74 -3.13 10.32
C PRO A 120 -11.88 -2.11 10.13
N ARG A 121 -11.70 -1.33 9.07
CA ARG A 121 -12.38 -0.08 8.75
C ARG A 121 -12.00 0.38 7.33
N THR A 122 -10.77 0.11 6.90
CA THR A 122 -10.41 0.18 5.49
C THR A 122 -11.18 -0.89 4.71
N HIS A 123 -12.10 -0.44 3.88
CA HIS A 123 -13.06 -1.34 3.24
C HIS A 123 -13.72 -0.74 2.00
N TYR A 124 -14.49 -1.57 1.29
CA TYR A 124 -15.18 -1.21 0.06
C TYR A 124 -16.25 -0.14 0.30
N GLY A 125 -15.79 1.10 0.46
CA GLY A 125 -16.62 2.25 0.83
C GLY A 125 -15.77 3.51 1.01
N GLN A 126 -14.71 3.44 1.82
CA GLN A 126 -13.89 4.60 2.15
C GLN A 126 -12.96 5.04 0.99
N LYS A 127 -13.08 6.28 0.51
CA LYS A 127 -12.20 6.84 -0.51
C LYS A 127 -10.71 6.61 -0.18
N ALA A 128 -10.37 6.60 1.11
CA ALA A 128 -9.10 6.10 1.65
C ALA A 128 -8.44 4.99 0.84
N ILE A 129 -9.21 3.97 0.46
CA ILE A 129 -8.69 2.76 -0.18
C ILE A 129 -8.61 2.86 -1.71
N LEU A 130 -9.20 3.90 -2.31
CA LEU A 130 -9.14 4.13 -3.75
C LEU A 130 -7.78 4.75 -4.12
N PHE A 131 -6.89 3.94 -4.68
CA PHE A 131 -5.55 4.32 -5.12
C PHE A 131 -5.41 4.26 -6.65
N LEU A 132 -5.24 5.41 -7.30
CA LEU A 132 -4.87 5.49 -8.71
C LEU A 132 -3.41 5.04 -8.85
N PRO A 133 -3.12 3.94 -9.57
CA PRO A 133 -1.76 3.45 -9.74
C PRO A 133 -1.08 4.23 -10.88
N LEU A 134 0.20 4.59 -10.72
CA LEU A 134 1.03 5.10 -11.79
C LEU A 134 2.07 4.04 -12.21
N PRO A 135 1.68 2.97 -12.93
CA PRO A 135 2.56 1.87 -13.28
C PRO A 135 3.54 2.28 -14.39
N VAL A 136 4.63 2.95 -14.02
CA VAL A 136 5.63 3.43 -14.97
C VAL A 136 6.14 2.35 -15.93
N SER A 137 5.62 2.39 -17.15
CA SER A 137 5.70 1.33 -18.17
C SER A 137 5.40 -0.06 -17.57
N SER A 138 4.27 -0.21 -16.88
CA SER A 138 3.84 -1.41 -16.15
C SER A 138 4.47 -1.48 -14.73
N ASP A 139 4.11 -2.52 -13.97
CA ASP A 139 4.91 -3.00 -12.85
C ASP A 139 6.39 -3.26 -13.22
N TYR A 7 11.44 5.08 -11.92
CA TYR A 7 12.56 5.10 -10.96
C TYR A 7 13.31 3.77 -10.99
N LYS A 8 12.83 2.75 -10.26
CA LYS A 8 13.14 1.34 -10.54
C LYS A 8 11.85 0.50 -10.51
N LYS A 9 10.98 0.78 -11.48
CA LYS A 9 9.72 0.08 -11.73
C LYS A 9 8.76 -0.03 -10.51
N PRO A 10 8.51 1.07 -9.78
CA PRO A 10 7.51 1.12 -8.73
C PRO A 10 6.07 1.22 -9.27
N LYS A 11 5.10 1.21 -8.35
CA LYS A 11 3.83 1.92 -8.53
C LYS A 11 3.78 3.10 -7.55
N LEU A 12 3.62 4.31 -8.09
CA LEU A 12 3.40 5.49 -7.26
C LEU A 12 1.89 5.59 -6.98
N LEU A 13 1.49 5.03 -5.83
CA LEU A 13 0.10 4.86 -5.40
C LEU A 13 -0.45 6.13 -4.73
N TYR A 14 -1.16 6.97 -5.50
CA TYR A 14 -1.84 8.18 -5.03
C TYR A 14 -3.19 7.83 -4.37
N CYS A 15 -3.33 7.99 -3.07
CA CYS A 15 -4.61 7.73 -2.38
C CYS A 15 -5.68 8.75 -2.80
N SER A 16 -6.85 8.28 -3.27
CA SER A 16 -7.89 9.14 -3.85
C SER A 16 -8.23 10.35 -2.94
N ASN A 17 -8.83 10.05 -1.79
CA ASN A 17 -9.30 11.00 -0.79
C ASN A 17 -8.22 11.31 0.25
N GLY A 18 -7.29 10.37 0.48
CA GLY A 18 -6.08 10.65 1.25
C GLY A 18 -5.21 11.73 0.59
N GLY A 19 -5.29 11.89 -0.74
CA GLY A 19 -4.58 12.91 -1.49
C GLY A 19 -3.12 12.54 -1.75
N HIS A 20 -2.44 12.12 -0.69
CA HIS A 20 -1.05 11.75 -0.67
C HIS A 20 -0.74 10.41 -1.36
N PHE A 21 0.52 10.25 -1.73
CA PHE A 21 1.12 9.01 -2.16
C PHE A 21 1.48 8.13 -0.96
N LEU A 22 1.20 6.82 -1.07
CA LEU A 22 1.56 5.83 -0.06
C LEU A 22 3.08 5.83 0.21
N ARG A 23 3.47 6.06 1.46
CA ARG A 23 4.85 6.16 1.92
C ARG A 23 5.14 5.16 3.06
N ILE A 24 6.35 4.59 3.07
CA ILE A 24 6.94 3.92 4.23
C ILE A 24 8.00 4.84 4.86
N LEU A 25 8.27 4.72 6.17
CA LEU A 25 9.26 5.53 6.86
C LEU A 25 10.36 4.64 7.49
N PRO A 26 11.61 5.14 7.56
CA PRO A 26 12.79 4.43 8.08
C PRO A 26 12.58 3.50 9.27
N ASP A 27 11.94 4.02 10.32
CA ASP A 27 11.60 3.31 11.54
C ASP A 27 10.82 1.99 11.29
N GLY A 28 10.03 1.96 10.21
CA GLY A 28 9.17 0.83 9.86
C GLY A 28 7.72 1.24 9.56
N THR A 29 7.21 2.35 10.11
CA THR A 29 5.80 2.71 9.93
C THR A 29 5.46 3.17 8.50
N VAL A 30 4.17 3.38 8.26
CA VAL A 30 3.60 3.76 6.97
C VAL A 30 2.58 4.91 7.11
N ASP A 31 2.50 5.73 6.06
CA ASP A 31 1.61 6.88 5.97
C ASP A 31 1.48 7.42 4.53
N GLY A 32 1.02 8.66 4.39
CA GLY A 32 1.00 9.42 3.15
C GLY A 32 2.13 10.46 3.09
N THR A 33 2.60 10.79 1.89
CA THR A 33 3.28 12.06 1.60
C THR A 33 2.73 12.68 0.33
N ARG A 34 2.65 14.02 0.23
CA ARG A 34 1.85 14.63 -0.81
C ARG A 34 2.33 14.34 -2.24
N ASP A 35 3.64 14.18 -2.46
CA ASP A 35 4.21 13.98 -3.78
C ASP A 35 5.17 12.78 -3.85
N ARG A 36 5.28 12.18 -5.05
CA ARG A 36 6.17 11.07 -5.34
C ARG A 36 7.65 11.50 -5.52
N SER A 37 8.11 12.43 -4.68
CA SER A 37 9.49 12.93 -4.60
C SER A 37 10.16 12.59 -3.26
N ASP A 38 9.41 12.06 -2.29
CA ASP A 38 9.90 11.72 -0.96
C ASP A 38 10.95 10.59 -1.01
N GLN A 39 11.60 10.30 0.12
CA GLN A 39 12.67 9.32 0.24
C GLN A 39 12.19 7.86 0.24
N HIS A 40 10.89 7.61 0.48
CA HIS A 40 10.30 6.28 0.51
C HIS A 40 8.88 6.22 -0.06
N ILE A 41 8.76 6.57 -1.35
CA ILE A 41 7.54 6.46 -2.16
C ILE A 41 7.71 5.53 -3.38
N GLN A 42 8.96 5.15 -3.69
CA GLN A 42 9.35 4.33 -4.82
C GLN A 42 9.01 2.83 -4.60
N LEU A 43 7.76 2.54 -4.22
CA LEU A 43 7.40 1.20 -3.78
C LEU A 43 7.20 0.25 -4.97
N GLN A 44 7.83 -0.92 -4.88
CA GLN A 44 8.00 -1.89 -5.96
C GLN A 44 7.07 -3.08 -5.77
N LEU A 45 6.00 -3.12 -6.58
CA LEU A 45 5.09 -4.25 -6.62
C LEU A 45 5.79 -5.49 -7.20
N SER A 46 5.98 -6.52 -6.37
CA SER A 46 6.44 -7.84 -6.77
C SER A 46 5.31 -8.87 -6.60
N ALA A 47 4.79 -9.41 -7.70
CA ALA A 47 3.66 -10.34 -7.66
C ALA A 47 4.05 -11.72 -7.10
N GLU A 48 3.23 -12.26 -6.21
CA GLU A 48 3.27 -13.68 -5.82
C GLU A 48 2.65 -14.54 -6.92
N SER A 49 1.50 -14.10 -7.45
CA SER A 49 0.78 -14.77 -8.52
C SER A 49 -0.20 -13.81 -9.21
N VAL A 50 -1.13 -14.36 -9.98
CA VAL A 50 -2.11 -13.67 -10.81
C VAL A 50 -3.19 -12.92 -10.02
N GLY A 51 -2.77 -12.03 -9.12
CA GLY A 51 -3.64 -11.26 -8.23
C GLY A 51 -2.91 -10.80 -6.98
N GLU A 52 -2.19 -11.71 -6.32
CA GLU A 52 -1.50 -11.47 -5.07
C GLU A 52 -0.11 -10.86 -5.27
N VAL A 53 0.21 -9.89 -4.41
CA VAL A 53 1.37 -9.02 -4.51
C VAL A 53 2.03 -8.72 -3.15
N TYR A 54 3.35 -8.55 -3.19
CA TYR A 54 4.18 -8.02 -2.14
C TYR A 54 4.74 -6.66 -2.60
N ILE A 55 4.38 -5.57 -1.90
CA ILE A 55 4.89 -4.22 -2.22
C ILE A 55 6.17 -3.96 -1.45
N LYS A 56 7.31 -3.93 -2.15
CA LYS A 56 8.61 -3.71 -1.57
C LYS A 56 9.01 -2.23 -1.49
N SER A 57 10.00 -1.93 -0.65
CA SER A 57 10.76 -0.67 -0.72
C SER A 57 12.14 -0.96 -1.30
N THR A 58 12.45 -0.40 -2.48
CA THR A 58 13.63 -0.74 -3.27
C THR A 58 14.96 -0.77 -2.48
N GLU A 59 15.51 0.41 -2.23
CA GLU A 59 16.75 0.71 -1.52
C GLU A 59 17.00 -0.12 -0.24
N THR A 60 16.05 -0.11 0.71
CA THR A 60 16.13 -0.86 1.96
C THR A 60 15.73 -2.34 1.80
N GLY A 61 15.09 -2.69 0.69
CA GLY A 61 14.61 -4.04 0.46
C GLY A 61 13.44 -4.43 1.37
N GLN A 62 12.78 -3.46 2.01
CA GLN A 62 11.64 -3.72 2.90
C GLN A 62 10.40 -4.19 2.13
N TYR A 63 9.32 -4.47 2.88
CA TYR A 63 8.07 -5.09 2.48
C TYR A 63 6.90 -4.40 3.20
N LEU A 64 6.16 -3.51 2.53
CA LEU A 64 5.01 -2.82 3.07
C LEU A 64 3.92 -3.80 3.52
N ALA A 65 3.44 -3.69 4.76
CA ALA A 65 2.61 -4.68 5.41
C ALA A 65 1.54 -4.08 6.31
N MET A 66 0.50 -4.87 6.59
CA MET A 66 -0.52 -4.58 7.59
C MET A 66 -0.44 -5.62 8.71
N ASP A 67 -0.36 -5.21 9.98
CA ASP A 67 -0.10 -6.14 11.07
C ASP A 67 -1.38 -6.79 11.65
N THR A 68 -1.32 -7.15 12.93
CA THR A 68 -2.25 -8.04 13.61
C THR A 68 -3.49 -7.30 14.12
N ASP A 69 -3.30 -6.09 14.64
CA ASP A 69 -4.36 -5.12 14.89
C ASP A 69 -4.89 -4.57 13.55
N GLY A 70 -3.96 -4.39 12.63
CA GLY A 70 -4.09 -3.83 11.31
C GLY A 70 -3.42 -2.46 11.16
N LEU A 71 -2.44 -2.13 12.02
CA LEU A 71 -1.57 -0.99 11.78
C LEU A 71 -0.77 -1.22 10.48
N LEU A 72 -0.67 -0.18 9.64
CA LEU A 72 0.15 -0.23 8.43
C LEU A 72 1.61 0.10 8.75
N TYR A 73 2.52 -0.67 8.17
CA TYR A 73 3.96 -0.58 8.42
C TYR A 73 4.72 -1.22 7.26
N GLY A 74 5.99 -1.58 7.47
CA GLY A 74 6.70 -2.53 6.61
C GLY A 74 7.73 -3.36 7.36
N SER A 75 8.01 -4.56 6.84
CA SER A 75 9.01 -5.50 7.38
C SER A 75 10.29 -5.48 6.52
N GLN A 76 11.40 -5.99 7.04
CA GLN A 76 12.63 -6.20 6.27
C GLN A 76 12.51 -7.42 5.34
N THR A 77 11.86 -8.45 5.86
CA THR A 77 11.57 -9.75 5.26
C THR A 77 10.10 -9.84 4.81
N PRO A 78 9.76 -10.73 3.86
CA PRO A 78 8.38 -10.94 3.43
C PRO A 78 7.61 -11.76 4.47
N ASN A 79 6.31 -11.52 4.62
CA ASN A 79 5.37 -12.50 5.17
C ASN A 79 3.94 -12.14 4.75
N GLU A 80 2.96 -12.99 5.07
CA GLU A 80 1.55 -12.88 4.71
C GLU A 80 0.97 -11.46 4.89
N GLU A 81 1.43 -10.74 5.91
CA GLU A 81 1.05 -9.39 6.31
C GLU A 81 1.34 -8.38 5.20
N CYS A 82 2.39 -8.68 4.43
CA CYS A 82 2.77 -7.95 3.23
C CYS A 82 1.96 -8.34 1.98
N LEU A 83 1.20 -9.44 2.03
CA LEU A 83 0.64 -10.09 0.86
C LEU A 83 -0.76 -9.57 0.54
N PHE A 84 -0.85 -8.67 -0.44
CA PHE A 84 -2.10 -8.06 -0.84
C PHE A 84 -2.63 -8.66 -2.16
N LEU A 85 -3.90 -9.03 -2.21
CA LEU A 85 -4.62 -9.22 -3.45
C LEU A 85 -4.86 -7.83 -4.06
N GLU A 86 -4.16 -7.52 -5.16
CA GLU A 86 -4.45 -6.31 -5.92
C GLU A 86 -5.75 -6.50 -6.71
N ARG A 87 -6.56 -5.45 -6.79
CA ARG A 87 -7.59 -5.33 -7.81
C ARG A 87 -7.78 -3.86 -8.21
N LEU A 88 -8.60 -3.62 -9.23
CA LEU A 88 -9.02 -2.29 -9.67
C LEU A 88 -10.48 -2.04 -9.25
N GLU A 89 -10.79 -0.84 -8.73
CA GLU A 89 -12.16 -0.40 -8.53
C GLU A 89 -12.77 0.09 -9.85
N GLU A 90 -12.63 -0.74 -10.90
CA GLU A 90 -12.79 -0.37 -12.32
C GLU A 90 -11.85 0.79 -12.72
N ASN A 91 -12.20 2.01 -12.31
CA ASN A 91 -11.78 3.24 -12.95
C ASN A 91 -10.37 3.68 -12.55
N HIS A 92 -9.34 2.92 -12.97
CA HIS A 92 -7.91 3.20 -12.79
C HIS A 92 -7.43 2.98 -11.34
N TYR A 93 -8.17 3.49 -10.35
CA TYR A 93 -7.88 3.27 -8.92
C TYR A 93 -7.72 1.79 -8.58
N ASN A 94 -6.57 1.43 -8.00
CA ASN A 94 -6.37 0.14 -7.36
C ASN A 94 -6.97 0.11 -5.95
N THR A 95 -7.14 -1.11 -5.46
CA THR A 95 -7.30 -1.46 -4.05
C THR A 95 -6.46 -2.71 -3.75
N TYR A 96 -5.99 -2.83 -2.51
CA TYR A 96 -5.07 -3.86 -2.05
C TYR A 96 -5.62 -4.53 -0.79
N ILE A 97 -6.17 -5.74 -0.94
CA ILE A 97 -6.83 -6.48 0.15
C ILE A 97 -5.85 -7.49 0.76
N SER A 98 -5.64 -7.49 2.08
CA SER A 98 -4.78 -8.48 2.72
C SER A 98 -5.26 -9.92 2.49
N LYS A 99 -4.45 -10.75 1.84
CA LYS A 99 -4.67 -12.18 1.73
C LYS A 99 -4.49 -12.91 3.08
N LYS A 100 -3.85 -12.26 4.06
CA LYS A 100 -3.73 -12.78 5.42
C LYS A 100 -5.05 -12.60 6.16
N HIS A 101 -5.54 -11.37 6.23
CA HIS A 101 -6.79 -11.05 6.91
C HIS A 101 -8.01 -11.39 6.03
N ALA A 102 -8.03 -12.61 5.48
CA ALA A 102 -8.88 -13.00 4.35
C ALA A 102 -10.38 -12.87 4.61
N GLU A 103 -10.84 -13.23 5.81
CA GLU A 103 -12.25 -13.25 6.17
C GLU A 103 -12.76 -11.83 6.43
N LYS A 104 -12.10 -11.11 7.33
CA LYS A 104 -12.41 -9.71 7.62
C LYS A 104 -12.11 -8.80 6.41
N ASN A 105 -11.26 -9.27 5.49
CA ASN A 105 -10.87 -8.63 4.23
C ASN A 105 -10.45 -7.17 4.43
N TRP A 106 -9.37 -6.98 5.18
CA TRP A 106 -8.78 -5.68 5.44
C TRP A 106 -8.06 -5.14 4.20
N PHE A 107 -7.97 -3.82 4.09
CA PHE A 107 -7.43 -3.13 2.93
C PHE A 107 -6.26 -2.22 3.33
N VAL A 108 -5.30 -1.99 2.42
CA VAL A 108 -4.45 -0.81 2.56
C VAL A 108 -5.32 0.46 2.45
N GLY A 109 -5.09 1.48 3.27
CA GLY A 109 -5.79 2.76 3.14
C GLY A 109 -5.12 3.89 3.93
N LEU A 110 -5.36 5.15 3.51
CA LEU A 110 -4.91 6.34 4.25
C LEU A 110 -6.09 7.18 4.75
N LYS A 111 -5.94 7.77 5.94
CA LYS A 111 -6.83 8.81 6.45
C LYS A 111 -6.95 9.98 5.48
N LYS A 112 -8.09 10.68 5.52
CA LYS A 112 -8.24 11.93 4.78
C LYS A 112 -7.19 12.99 5.22
N ASN A 113 -6.67 12.85 6.44
CA ASN A 113 -5.57 13.65 6.98
C ASN A 113 -4.17 13.29 6.44
N GLY A 114 -4.01 12.11 5.81
CA GLY A 114 -2.73 11.65 5.26
C GLY A 114 -2.07 10.49 6.03
N SER A 115 -2.45 10.24 7.28
CA SER A 115 -1.96 9.12 8.09
C SER A 115 -2.54 7.77 7.61
N CYS A 116 -2.23 6.67 8.30
CA CYS A 116 -2.63 5.31 7.97
C CYS A 116 -4.04 4.94 8.46
N LYS A 117 -4.76 4.08 7.74
CA LYS A 117 -5.99 3.46 8.24
C LYS A 117 -5.71 2.12 8.98
N ARG A 118 -6.29 1.94 10.17
CA ARG A 118 -6.13 0.74 11.00
C ARG A 118 -7.11 -0.38 10.61
N GLY A 119 -6.58 -1.55 10.23
CA GLY A 119 -7.27 -2.83 10.41
C GLY A 119 -8.70 -2.85 9.99
N PRO A 120 -9.61 -3.20 10.89
CA PRO A 120 -10.89 -3.65 10.46
C PRO A 120 -11.83 -2.44 10.24
N ARG A 121 -11.25 -1.23 10.19
CA ARG A 121 -11.86 0.03 9.79
C ARG A 121 -11.11 0.64 8.57
N THR A 122 -10.25 -0.17 7.91
CA THR A 122 -9.82 0.08 6.53
C THR A 122 -11.02 -0.07 5.59
N HIS A 123 -11.20 -1.26 5.02
CA HIS A 123 -12.44 -1.77 4.46
C HIS A 123 -13.03 -0.97 3.28
N TYR A 124 -14.13 -1.47 2.74
CA TYR A 124 -14.76 -0.87 1.57
C TYR A 124 -15.46 0.47 1.88
N GLY A 125 -16.03 1.12 0.87
CA GLY A 125 -16.91 2.27 1.05
C GLY A 125 -16.17 3.60 1.20
N GLN A 126 -15.17 3.65 2.09
CA GLN A 126 -14.34 4.85 2.29
C GLN A 126 -13.22 4.87 1.23
N LYS A 127 -13.33 5.74 0.22
CA LYS A 127 -12.38 5.83 -0.89
C LYS A 127 -10.95 6.17 -0.44
N ALA A 128 -10.75 6.53 0.83
CA ALA A 128 -9.56 6.33 1.64
C ALA A 128 -8.76 5.04 1.33
N ILE A 129 -9.41 3.95 0.91
CA ILE A 129 -8.76 2.70 0.48
C ILE A 129 -8.41 2.62 -1.03
N LEU A 130 -8.91 3.53 -1.86
CA LEU A 130 -8.61 3.58 -3.30
C LEU A 130 -7.30 4.33 -3.57
N PHE A 131 -6.42 3.72 -4.38
CA PHE A 131 -5.13 4.29 -4.79
C PHE A 131 -5.00 4.37 -6.31
N LEU A 132 -4.96 5.57 -6.88
CA LEU A 132 -4.63 5.80 -8.28
C LEU A 132 -3.16 5.45 -8.53
N PRO A 133 -2.84 4.43 -9.34
CA PRO A 133 -1.48 4.05 -9.64
C PRO A 133 -0.92 4.94 -10.76
N LEU A 134 0.24 5.54 -10.52
CA LEU A 134 1.13 5.99 -11.57
C LEU A 134 2.33 5.01 -11.64
N PRO A 135 2.32 4.03 -12.56
CA PRO A 135 3.43 3.10 -12.73
C PRO A 135 4.78 3.78 -13.02
N VAL A 136 5.85 3.15 -12.57
CA VAL A 136 7.25 3.36 -12.90
C VAL A 136 7.85 4.75 -12.65
N SER A 137 7.34 5.78 -13.31
CA SER A 137 7.94 7.12 -13.44
C SER A 137 9.40 7.04 -13.89
N SER A 138 9.60 6.73 -15.18
CA SER A 138 10.92 6.54 -15.79
C SER A 138 11.68 5.33 -15.23
N ASP A 139 11.39 4.14 -15.77
CA ASP A 139 12.20 2.93 -15.62
C ASP A 139 12.25 2.33 -14.20
N TYR A 7 14.15 3.79 -5.17
CA TYR A 7 14.06 4.53 -6.44
C TYR A 7 13.96 3.64 -7.70
N LYS A 8 14.24 2.33 -7.63
CA LYS A 8 14.06 1.40 -8.76
C LYS A 8 12.60 1.32 -9.31
N LYS A 9 12.19 2.31 -10.10
CA LYS A 9 10.98 2.34 -10.91
C LYS A 9 9.67 1.98 -10.16
N PRO A 10 9.31 2.74 -9.10
CA PRO A 10 8.22 2.37 -8.22
C PRO A 10 6.82 2.57 -8.83
N LYS A 11 5.81 1.93 -8.20
CA LYS A 11 4.40 2.18 -8.47
C LYS A 11 3.84 3.15 -7.43
N LEU A 12 3.48 4.34 -7.88
CA LEU A 12 3.07 5.43 -7.01
C LEU A 12 1.54 5.42 -6.83
N LEU A 13 1.10 4.94 -5.67
CA LEU A 13 -0.31 4.73 -5.35
C LEU A 13 -0.91 5.99 -4.72
N TYR A 14 -1.65 6.76 -5.52
CA TYR A 14 -2.30 8.01 -5.10
C TYR A 14 -3.65 7.75 -4.43
N CYS A 15 -3.72 7.96 -3.12
CA CYS A 15 -4.77 7.42 -2.25
C CYS A 15 -5.92 8.41 -2.04
N SER A 16 -7.15 8.06 -2.45
CA SER A 16 -8.29 8.98 -2.49
C SER A 16 -8.93 9.28 -1.12
N ASN A 17 -8.11 9.53 -0.09
CA ASN A 17 -8.51 10.15 1.18
C ASN A 17 -7.92 11.56 1.31
N GLY A 18 -6.69 11.76 0.84
CA GLY A 18 -6.07 13.08 0.75
C GLY A 18 -4.98 13.17 -0.34
N GLY A 19 -5.03 12.30 -1.35
CA GLY A 19 -4.12 12.36 -2.49
C GLY A 19 -2.67 11.97 -2.16
N HIS A 20 -2.47 11.25 -1.04
CA HIS A 20 -1.18 10.73 -0.65
C HIS A 20 -0.67 9.70 -1.65
N PHE A 21 0.53 9.92 -2.19
CA PHE A 21 1.40 8.81 -2.57
C PHE A 21 1.72 7.98 -1.31
N LEU A 22 1.38 6.69 -1.32
CA LEU A 22 1.72 5.79 -0.23
C LEU A 22 3.23 5.82 0.07
N ARG A 23 3.61 5.96 1.35
CA ARG A 23 5.00 6.13 1.81
C ARG A 23 5.39 5.04 2.83
N ILE A 24 6.61 4.50 2.69
CA ILE A 24 7.16 3.44 3.54
C ILE A 24 8.60 3.74 3.98
N LEU A 25 8.84 3.72 5.29
CA LEU A 25 10.02 4.35 5.87
C LEU A 25 11.11 3.35 6.30
N PRO A 26 12.39 3.74 6.22
CA PRO A 26 13.54 3.05 6.82
C PRO A 26 13.32 2.45 8.21
N ASP A 27 12.76 3.26 9.11
CA ASP A 27 12.44 2.88 10.48
C ASP A 27 11.45 1.70 10.57
N GLY A 28 10.68 1.47 9.51
CA GLY A 28 9.70 0.38 9.44
C GLY A 28 8.25 0.82 9.66
N THR A 29 7.93 2.11 9.70
CA THR A 29 6.54 2.57 9.61
C THR A 29 6.08 2.82 8.17
N VAL A 30 4.78 3.09 8.04
CA VAL A 30 4.09 3.42 6.81
C VAL A 30 3.08 4.55 7.03
N ASP A 31 2.92 5.38 6.00
CA ASP A 31 2.02 6.53 6.02
C ASP A 31 1.76 7.12 4.61
N GLY A 32 1.21 8.33 4.57
CA GLY A 32 0.87 9.09 3.38
C GLY A 32 1.71 10.36 3.23
N THR A 33 2.26 10.58 2.03
CA THR A 33 2.85 11.85 1.63
C THR A 33 2.26 12.23 0.27
N ARG A 34 1.97 13.50 -0.01
CA ARG A 34 1.37 13.83 -1.31
C ARG A 34 2.28 13.41 -2.47
N ASP A 35 3.58 13.69 -2.36
CA ASP A 35 4.37 14.11 -3.51
C ASP A 35 5.64 13.25 -3.78
N ARG A 36 6.01 13.13 -5.06
CA ARG A 36 7.30 12.57 -5.48
C ARG A 36 8.51 13.37 -4.99
N SER A 37 8.29 14.60 -4.51
CA SER A 37 9.30 15.40 -3.82
C SER A 37 9.61 14.87 -2.42
N ASP A 38 8.90 13.85 -1.94
CA ASP A 38 9.35 13.08 -0.79
C ASP A 38 10.60 12.25 -1.16
N GLN A 39 11.00 11.33 -0.29
CA GLN A 39 12.08 10.37 -0.51
C GLN A 39 11.59 8.92 -0.43
N HIS A 40 10.45 8.63 0.21
CA HIS A 40 10.07 7.28 0.59
C HIS A 40 8.71 6.80 0.03
N ILE A 41 8.29 7.39 -1.09
CA ILE A 41 7.20 6.90 -1.95
C ILE A 41 7.58 5.63 -2.75
N GLN A 42 8.72 5.01 -2.43
CA GLN A 42 9.47 4.18 -3.37
C GLN A 42 9.14 2.69 -3.30
N LEU A 43 7.85 2.35 -3.46
CA LEU A 43 7.35 0.96 -3.45
C LEU A 43 7.31 0.28 -4.83
N GLN A 44 7.68 -1.00 -4.82
CA GLN A 44 7.75 -1.91 -5.96
C GLN A 44 6.91 -3.18 -5.74
N LEU A 45 6.47 -3.80 -6.84
CA LEU A 45 5.62 -4.99 -6.80
C LEU A 45 6.44 -6.26 -6.99
N SER A 46 6.56 -7.09 -5.94
CA SER A 46 6.96 -8.49 -6.07
C SER A 46 5.70 -9.37 -6.03
N ALA A 47 5.18 -9.72 -7.21
CA ALA A 47 3.97 -10.55 -7.33
C ALA A 47 4.20 -11.98 -6.81
N GLU A 48 3.24 -12.49 -6.03
CA GLU A 48 3.18 -13.90 -5.66
C GLU A 48 2.60 -14.74 -6.82
N SER A 49 1.60 -14.19 -7.48
CA SER A 49 0.79 -14.80 -8.52
C SER A 49 -0.03 -13.74 -9.25
N VAL A 50 -0.92 -14.16 -10.15
CA VAL A 50 -1.72 -13.33 -11.05
C VAL A 50 -2.81 -12.52 -10.32
N GLY A 51 -2.39 -11.66 -9.39
CA GLY A 51 -3.26 -10.81 -8.59
C GLY A 51 -2.65 -10.48 -7.22
N GLU A 52 -2.06 -11.47 -6.57
CA GLU A 52 -1.46 -11.33 -5.26
C GLU A 52 -0.04 -10.79 -5.29
N VAL A 53 0.26 -9.89 -4.34
CA VAL A 53 1.48 -9.10 -4.28
C VAL A 53 2.10 -9.03 -2.88
N TYR A 54 3.43 -9.04 -2.87
CA TYR A 54 4.24 -8.53 -1.78
C TYR A 54 4.78 -7.17 -2.23
N ILE A 55 4.49 -6.08 -1.51
CA ILE A 55 4.93 -4.74 -1.89
C ILE A 55 6.28 -4.41 -1.22
N LYS A 56 7.33 -4.37 -2.04
CA LYS A 56 8.74 -4.24 -1.64
C LYS A 56 9.23 -2.80 -1.83
N SER A 57 9.72 -2.13 -0.79
CA SER A 57 10.35 -0.81 -0.96
C SER A 57 11.67 -0.95 -1.73
N THR A 58 11.71 -0.40 -2.94
CA THR A 58 12.78 -0.52 -3.95
C THR A 58 14.20 -0.61 -3.37
N GLU A 59 14.61 0.46 -2.67
CA GLU A 59 15.95 0.63 -2.12
C GLU A 59 16.04 0.21 -0.64
N THR A 60 15.08 0.62 0.20
CA THR A 60 15.12 0.29 1.65
C THR A 60 14.92 -1.21 1.91
N GLY A 61 14.33 -1.95 0.96
CA GLY A 61 14.09 -3.38 1.08
C GLY A 61 12.82 -3.72 1.88
N GLN A 62 12.14 -2.71 2.42
CA GLN A 62 11.07 -2.83 3.40
C GLN A 62 9.75 -3.30 2.77
N TYR A 63 9.20 -4.43 3.24
CA TYR A 63 7.89 -4.95 2.89
C TYR A 63 6.76 -4.16 3.53
N LEU A 64 5.92 -3.49 2.74
CA LEU A 64 4.66 -2.95 3.23
C LEU A 64 3.77 -4.10 3.70
N ALA A 65 3.28 -4.06 4.95
CA ALA A 65 2.47 -5.11 5.55
C ALA A 65 1.37 -4.56 6.45
N MET A 66 0.31 -5.34 6.66
CA MET A 66 -0.80 -5.00 7.54
C MET A 66 -0.84 -5.94 8.75
N ASP A 67 -0.71 -5.41 9.97
CA ASP A 67 -0.51 -6.24 11.15
C ASP A 67 -1.81 -6.88 11.68
N THR A 68 -1.85 -7.16 12.98
CA THR A 68 -2.81 -8.00 13.67
C THR A 68 -4.07 -7.23 14.10
N ASP A 69 -3.93 -5.96 14.45
CA ASP A 69 -5.05 -5.03 14.56
C ASP A 69 -5.50 -4.60 13.15
N GLY A 70 -4.51 -4.43 12.27
CA GLY A 70 -4.59 -3.90 10.92
C GLY A 70 -3.79 -2.61 10.73
N LEU A 71 -2.78 -2.36 11.57
CA LEU A 71 -1.78 -1.32 11.39
C LEU A 71 -0.97 -1.56 10.12
N LEU A 72 -0.93 -0.59 9.20
CA LEU A 72 -0.01 -0.58 8.08
C LEU A 72 1.41 -0.27 8.58
N TYR A 73 2.38 -1.11 8.23
CA TYR A 73 3.78 -0.94 8.62
C TYR A 73 4.73 -1.49 7.55
N GLY A 74 6.04 -1.43 7.81
CA GLY A 74 7.11 -1.81 6.90
C GLY A 74 8.06 -2.82 7.57
N SER A 75 8.04 -4.10 7.16
CA SER A 75 8.93 -5.12 7.73
C SER A 75 10.13 -5.36 6.79
N GLN A 76 11.37 -5.38 7.27
CA GLN A 76 12.51 -5.61 6.38
C GLN A 76 12.45 -6.96 5.68
N THR A 77 12.11 -7.97 6.46
CA THR A 77 11.94 -9.37 6.06
C THR A 77 10.46 -9.68 5.73
N PRO A 78 10.18 -10.62 4.81
CA PRO A 78 8.83 -10.89 4.35
C PRO A 78 8.02 -11.68 5.39
N ASN A 79 6.70 -11.55 5.37
CA ASN A 79 5.79 -12.32 6.22
C ASN A 79 4.38 -12.15 5.62
N GLU A 80 3.52 -13.15 5.71
CA GLU A 80 2.27 -13.28 4.96
C GLU A 80 1.35 -12.03 5.00
N GLU A 81 1.39 -11.26 6.08
CA GLU A 81 0.73 -9.98 6.34
C GLU A 81 1.09 -8.92 5.29
N CYS A 82 2.25 -9.12 4.66
CA CYS A 82 2.70 -8.39 3.49
C CYS A 82 1.83 -8.63 2.24
N LEU A 83 1.12 -9.76 2.20
CA LEU A 83 0.49 -10.30 1.02
C LEU A 83 -0.85 -9.63 0.76
N PHE A 84 -0.87 -8.69 -0.18
CA PHE A 84 -2.10 -8.08 -0.62
C PHE A 84 -2.62 -8.73 -1.90
N LEU A 85 -3.88 -8.52 -2.24
CA LEU A 85 -4.48 -8.80 -3.54
C LEU A 85 -4.67 -7.47 -4.28
N GLU A 86 -3.90 -7.24 -5.35
CA GLU A 86 -4.00 -6.06 -6.20
C GLU A 86 -5.22 -6.20 -7.13
N ARG A 87 -6.35 -5.63 -6.69
CA ARG A 87 -7.61 -5.61 -7.41
C ARG A 87 -7.82 -4.22 -8.03
N LEU A 88 -8.03 -4.12 -9.35
CA LEU A 88 -8.46 -2.88 -9.97
C LEU A 88 -9.94 -2.57 -9.73
N GLU A 89 -10.31 -1.30 -9.87
CA GLU A 89 -11.66 -0.77 -9.70
C GLU A 89 -12.27 -0.45 -11.07
N GLU A 90 -13.56 -0.06 -11.09
CA GLU A 90 -14.09 0.76 -12.17
C GLU A 90 -13.23 2.04 -12.32
N ASN A 91 -12.98 2.45 -13.56
CA ASN A 91 -12.16 3.60 -13.94
C ASN A 91 -10.86 3.75 -13.13
N HIS A 92 -9.85 2.94 -13.48
CA HIS A 92 -8.43 3.24 -13.28
C HIS A 92 -7.90 2.95 -11.86
N TYR A 93 -8.66 3.28 -10.82
CA TYR A 93 -8.25 3.04 -9.44
C TYR A 93 -7.90 1.57 -9.16
N ASN A 94 -7.05 1.33 -8.17
CA ASN A 94 -6.72 0.04 -7.62
C ASN A 94 -7.05 -0.03 -6.13
N THR A 95 -7.08 -1.26 -5.61
CA THR A 95 -7.37 -1.62 -4.22
C THR A 95 -6.50 -2.81 -3.82
N TYR A 96 -5.99 -2.79 -2.59
CA TYR A 96 -5.04 -3.78 -2.07
C TYR A 96 -5.65 -4.49 -0.86
N ILE A 97 -6.17 -5.70 -1.06
CA ILE A 97 -6.91 -6.44 -0.03
C ILE A 97 -6.01 -7.44 0.70
N SER A 98 -6.11 -7.50 2.02
CA SER A 98 -5.32 -8.37 2.87
C SER A 98 -5.62 -9.86 2.64
N LYS A 99 -4.87 -10.57 1.78
CA LYS A 99 -5.08 -11.97 1.53
C LYS A 99 -4.77 -12.87 2.74
N LYS A 100 -3.99 -12.38 3.71
CA LYS A 100 -3.72 -13.07 4.96
C LYS A 100 -5.01 -13.10 5.79
N HIS A 101 -5.53 -11.90 6.08
CA HIS A 101 -6.78 -11.69 6.80
C HIS A 101 -7.99 -11.89 5.86
N ALA A 102 -8.02 -13.04 5.18
CA ALA A 102 -8.89 -13.32 4.04
C ALA A 102 -10.39 -13.15 4.33
N GLU A 103 -10.84 -13.58 5.51
CA GLU A 103 -12.24 -13.62 5.91
C GLU A 103 -12.79 -12.21 6.20
N LYS A 104 -12.00 -11.38 6.88
CA LYS A 104 -12.35 -9.98 7.14
C LYS A 104 -12.04 -9.07 5.94
N ASN A 105 -11.03 -9.43 5.13
CA ASN A 105 -10.61 -8.72 3.91
C ASN A 105 -10.46 -7.21 4.14
N TRP A 106 -9.39 -6.84 4.84
CA TRP A 106 -9.02 -5.46 5.14
C TRP A 106 -8.31 -4.81 3.95
N PHE A 107 -8.31 -3.48 3.87
CA PHE A 107 -7.83 -2.77 2.68
C PHE A 107 -6.80 -1.69 3.07
N VAL A 108 -5.67 -1.62 2.37
CA VAL A 108 -4.66 -0.59 2.63
C VAL A 108 -5.27 0.82 2.44
N GLY A 109 -5.21 1.71 3.44
CA GLY A 109 -5.80 3.05 3.38
C GLY A 109 -5.09 4.08 4.28
N LEU A 110 -5.21 5.38 3.94
CA LEU A 110 -4.50 6.50 4.55
C LEU A 110 -5.43 7.63 5.04
N LYS A 111 -4.88 8.54 5.88
CA LYS A 111 -5.57 9.58 6.64
C LYS A 111 -5.06 11.00 6.29
N LYS A 112 -5.89 12.04 6.42
CA LYS A 112 -5.51 13.43 6.13
C LYS A 112 -4.45 13.94 7.12
N ASN A 113 -4.50 13.44 8.37
CA ASN A 113 -3.44 13.64 9.38
C ASN A 113 -2.07 13.17 8.87
N GLY A 114 -2.05 12.28 7.87
CA GLY A 114 -0.83 11.74 7.27
C GLY A 114 -0.71 10.23 7.47
N SER A 115 -1.08 9.74 8.65
CA SER A 115 -0.94 8.32 9.01
C SER A 115 -1.84 7.39 8.19
N CYS A 116 -1.72 6.08 8.45
CA CYS A 116 -2.62 5.07 7.92
C CYS A 116 -4.02 5.11 8.55
N LYS A 117 -4.98 4.43 7.91
CA LYS A 117 -6.25 4.04 8.52
C LYS A 117 -6.31 2.51 8.57
N ARG A 118 -6.60 1.95 9.74
CA ARG A 118 -6.22 0.58 10.08
C ARG A 118 -7.37 -0.43 9.93
N GLY A 119 -7.02 -1.67 9.59
CA GLY A 119 -7.83 -2.81 10.00
C GLY A 119 -9.29 -2.77 9.61
N PRO A 120 -10.16 -3.19 10.54
CA PRO A 120 -11.41 -3.82 10.17
C PRO A 120 -12.50 -2.76 10.09
N ARG A 121 -12.17 -1.71 9.33
CA ARG A 121 -12.91 -0.47 9.11
C ARG A 121 -12.77 -0.12 7.63
N THR A 122 -11.53 0.02 7.18
CA THR A 122 -11.08 0.35 5.82
C THR A 122 -12.06 -0.13 4.73
N HIS A 123 -11.86 -1.37 4.30
CA HIS A 123 -12.81 -2.17 3.53
C HIS A 123 -13.22 -1.54 2.20
N TYR A 124 -14.23 -2.11 1.53
CA TYR A 124 -14.79 -1.52 0.33
C TYR A 124 -15.68 -0.30 0.67
N GLY A 125 -15.07 0.74 1.25
CA GLY A 125 -15.80 1.90 1.78
C GLY A 125 -14.91 3.12 2.04
N GLN A 126 -13.85 2.98 2.84
CA GLN A 126 -12.97 4.11 3.17
C GLN A 126 -12.34 4.69 1.89
N LYS A 127 -12.73 5.88 1.44
CA LYS A 127 -12.32 6.40 0.11
C LYS A 127 -10.81 6.29 -0.14
N ALA A 128 -10.02 6.53 0.92
CA ALA A 128 -8.68 6.02 1.15
C ALA A 128 -8.23 4.89 0.22
N ILE A 129 -8.94 3.76 0.28
CA ILE A 129 -8.60 2.50 -0.38
C ILE A 129 -8.59 2.60 -1.91
N LEU A 130 -9.30 3.58 -2.49
CA LEU A 130 -9.24 3.83 -3.93
C LEU A 130 -7.90 4.49 -4.29
N PHE A 131 -6.93 3.66 -4.70
CA PHE A 131 -5.56 4.05 -5.04
C PHE A 131 -5.42 4.28 -6.55
N LEU A 132 -5.39 5.53 -7.01
CA LEU A 132 -5.10 5.81 -8.42
C LEU A 132 -3.63 5.45 -8.73
N PRO A 133 -3.36 4.54 -9.68
CA PRO A 133 -2.01 4.02 -9.89
C PRO A 133 -1.22 4.89 -10.86
N LEU A 134 -0.08 5.44 -10.40
CA LEU A 134 0.91 6.05 -11.27
C LEU A 134 2.17 5.16 -11.32
N PRO A 135 2.23 4.15 -12.21
CA PRO A 135 3.40 3.33 -12.39
C PRO A 135 4.55 4.15 -13.00
N VAL A 136 5.54 4.52 -12.18
CA VAL A 136 6.68 5.38 -12.53
C VAL A 136 6.29 6.84 -12.87
N SER A 137 5.38 7.02 -13.84
CA SER A 137 4.97 8.31 -14.38
C SER A 137 4.18 9.15 -13.37
N SER A 138 4.89 9.75 -12.41
CA SER A 138 4.35 10.78 -11.53
C SER A 138 3.99 12.07 -12.28
N ASP A 139 3.47 13.07 -11.56
CA ASP A 139 3.57 14.46 -11.95
C ASP A 139 5.00 15.00 -11.72
N TYR A 7 10.68 9.77 -12.98
CA TYR A 7 11.80 8.83 -13.23
C TYR A 7 12.02 7.91 -12.04
N LYS A 8 12.28 6.61 -12.27
CA LYS A 8 12.55 5.63 -11.21
C LYS A 8 11.45 5.62 -10.13
N LYS A 9 10.19 5.51 -10.57
CA LYS A 9 9.02 5.37 -9.71
C LYS A 9 8.25 4.09 -10.11
N PRO A 10 8.65 2.89 -9.64
CA PRO A 10 8.14 1.63 -10.18
C PRO A 10 6.62 1.53 -10.11
N LYS A 11 6.01 1.70 -8.92
CA LYS A 11 4.57 1.91 -8.82
C LYS A 11 4.18 2.91 -7.73
N LEU A 12 3.72 4.09 -8.16
CA LEU A 12 3.18 5.14 -7.29
C LEU A 12 1.69 4.91 -7.02
N LEU A 13 1.30 4.90 -5.74
CA LEU A 13 -0.09 4.72 -5.29
C LEU A 13 -0.64 6.05 -4.72
N TYR A 14 -1.42 6.79 -5.50
CA TYR A 14 -2.05 8.05 -5.07
C TYR A 14 -3.42 7.84 -4.41
N CYS A 15 -3.56 8.15 -3.13
CA CYS A 15 -4.83 8.01 -2.39
C CYS A 15 -5.91 8.97 -2.89
N SER A 16 -6.79 8.45 -3.76
CA SER A 16 -7.87 9.13 -4.49
C SER A 16 -8.25 10.53 -3.98
N ASN A 17 -9.04 10.58 -2.90
CA ASN A 17 -9.50 11.82 -2.29
C ASN A 17 -8.87 12.03 -0.90
N GLY A 18 -7.75 11.33 -0.63
CA GLY A 18 -6.89 11.58 0.52
C GLY A 18 -5.82 12.62 0.19
N GLY A 19 -5.23 12.50 -1.00
CA GLY A 19 -4.22 13.43 -1.52
C GLY A 19 -2.81 12.85 -1.49
N HIS A 20 -2.50 12.10 -0.43
CA HIS A 20 -1.19 11.51 -0.22
C HIS A 20 -0.86 10.38 -1.19
N PHE A 21 0.43 10.23 -1.45
CA PHE A 21 1.06 9.10 -2.10
C PHE A 21 1.52 8.13 -1.01
N LEU A 22 1.23 6.84 -1.17
CA LEU A 22 1.58 5.83 -0.17
C LEU A 22 3.11 5.75 0.01
N ARG A 23 3.58 5.96 1.25
CA ARG A 23 4.99 5.99 1.61
C ARG A 23 5.34 4.90 2.63
N ILE A 24 6.50 4.27 2.45
CA ILE A 24 7.12 3.33 3.41
C ILE A 24 8.39 3.95 3.99
N LEU A 25 8.72 3.72 5.26
CA LEU A 25 9.85 4.38 5.90
C LEU A 25 10.87 3.41 6.55
N PRO A 26 12.18 3.72 6.46
CA PRO A 26 13.29 2.95 7.02
C PRO A 26 13.09 2.28 8.37
N ASP A 27 12.64 3.07 9.35
CA ASP A 27 12.32 2.65 10.70
C ASP A 27 11.42 1.40 10.76
N GLY A 28 10.55 1.24 9.76
CA GLY A 28 9.61 0.14 9.66
C GLY A 28 8.13 0.54 9.60
N THR A 29 7.79 1.83 9.57
CA THR A 29 6.38 2.26 9.40
C THR A 29 5.96 2.54 7.94
N VAL A 30 4.68 2.85 7.79
CA VAL A 30 4.01 3.27 6.55
C VAL A 30 3.08 4.44 6.82
N ASP A 31 2.95 5.34 5.84
CA ASP A 31 2.09 6.52 5.93
C ASP A 31 1.75 7.15 4.56
N GLY A 32 1.05 8.29 4.61
CA GLY A 32 0.71 9.15 3.49
C GLY A 32 1.58 10.40 3.48
N THR A 33 2.32 10.64 2.39
CA THR A 33 3.03 11.91 2.16
C THR A 33 2.40 12.64 0.97
N ARG A 34 2.26 13.96 1.04
CA ARG A 34 1.44 14.72 0.09
C ARG A 34 1.97 14.67 -1.36
N ASP A 35 3.28 14.50 -1.56
CA ASP A 35 3.92 14.54 -2.87
C ASP A 35 4.50 13.18 -3.33
N ARG A 36 5.06 13.18 -4.53
CA ARG A 36 5.68 12.07 -5.22
C ARG A 36 7.20 12.29 -5.41
N SER A 37 7.75 13.36 -4.81
CA SER A 37 9.19 13.62 -4.72
C SER A 37 9.85 13.01 -3.48
N ASP A 38 9.08 12.44 -2.54
CA ASP A 38 9.61 11.95 -1.27
C ASP A 38 10.50 10.70 -1.44
N GLN A 39 11.21 10.32 -0.38
CA GLN A 39 12.26 9.30 -0.35
C GLN A 39 11.74 7.92 -0.80
N HIS A 40 10.64 7.47 -0.19
CA HIS A 40 10.12 6.13 -0.34
C HIS A 40 8.61 6.11 -0.56
N ILE A 41 8.18 6.97 -1.49
CA ILE A 41 6.96 6.83 -2.30
C ILE A 41 7.23 5.98 -3.55
N GLN A 42 8.49 5.82 -3.93
CA GLN A 42 8.94 5.13 -5.13
C GLN A 42 9.01 3.62 -4.88
N LEU A 43 7.84 3.05 -4.57
CA LEU A 43 7.72 1.63 -4.18
C LEU A 43 7.89 0.69 -5.38
N GLN A 44 8.42 -0.50 -5.07
CA GLN A 44 8.79 -1.57 -5.97
C GLN A 44 7.81 -2.75 -5.84
N LEU A 45 6.88 -2.85 -6.78
CA LEU A 45 5.90 -3.93 -6.83
C LEU A 45 6.60 -5.29 -7.01
N SER A 46 6.20 -6.29 -6.21
CA SER A 46 6.72 -7.66 -6.22
C SER A 46 5.55 -8.66 -6.20
N ALA A 47 5.10 -9.11 -7.36
CA ALA A 47 4.02 -10.09 -7.47
C ALA A 47 4.38 -11.44 -6.83
N GLU A 48 3.44 -12.05 -6.10
CA GLU A 48 3.55 -13.41 -5.57
C GLU A 48 2.88 -14.40 -6.53
N SER A 49 1.64 -14.10 -6.90
CA SER A 49 0.71 -15.02 -7.53
C SER A 49 -0.47 -14.24 -8.15
N VAL A 50 -1.52 -14.95 -8.54
CA VAL A 50 -2.68 -14.51 -9.35
C VAL A 50 -3.33 -13.17 -8.95
N GLY A 51 -2.65 -12.06 -9.24
CA GLY A 51 -3.09 -10.70 -8.90
C GLY A 51 -2.75 -10.30 -7.46
N GLU A 52 -1.87 -11.05 -6.80
CA GLU A 52 -1.50 -10.83 -5.41
C GLU A 52 -0.02 -10.51 -5.26
N VAL A 53 0.25 -9.57 -4.35
CA VAL A 53 1.43 -8.74 -4.37
C VAL A 53 2.01 -8.47 -2.98
N TYR A 54 3.33 -8.33 -2.97
CA TYR A 54 4.08 -7.60 -1.98
C TYR A 54 4.52 -6.29 -2.64
N ILE A 55 4.55 -5.17 -1.92
CA ILE A 55 5.17 -3.93 -2.40
C ILE A 55 6.35 -3.58 -1.51
N LYS A 56 7.53 -3.41 -2.11
CA LYS A 56 8.77 -3.18 -1.36
C LYS A 56 9.28 -1.74 -1.51
N SER A 57 10.27 -1.37 -0.69
CA SER A 57 11.15 -0.25 -0.97
C SER A 57 12.37 -0.75 -1.75
N THR A 58 12.71 -0.13 -2.89
CA THR A 58 13.94 -0.53 -3.60
C THR A 58 15.17 -0.59 -2.70
N GLU A 59 15.42 0.49 -1.94
CA GLU A 59 16.66 0.72 -1.21
C GLU A 59 16.76 -0.19 0.03
N THR A 60 15.84 -0.01 0.99
CA THR A 60 15.82 -0.75 2.26
C THR A 60 15.20 -2.16 2.12
N GLY A 61 14.62 -2.50 0.97
CA GLY A 61 14.17 -3.85 0.69
C GLY A 61 13.02 -4.30 1.59
N GLN A 62 12.18 -3.36 2.03
CA GLN A 62 11.09 -3.60 2.98
C GLN A 62 9.86 -4.26 2.32
N TYR A 63 8.74 -4.18 3.02
CA TYR A 63 7.42 -4.70 2.67
C TYR A 63 6.34 -3.78 3.24
N LEU A 64 5.54 -3.11 2.40
CA LEU A 64 4.24 -2.63 2.80
C LEU A 64 3.49 -3.80 3.45
N ALA A 65 2.91 -3.59 4.64
CA ALA A 65 2.30 -4.68 5.41
C ALA A 65 1.17 -4.19 6.31
N MET A 66 0.21 -5.05 6.61
CA MET A 66 -0.89 -4.82 7.52
C MET A 66 -0.82 -5.86 8.63
N ASP A 67 -0.48 -5.49 9.87
CA ASP A 67 -0.19 -6.48 10.89
C ASP A 67 -1.45 -7.19 11.42
N THR A 68 -1.28 -7.92 12.52
CA THR A 68 -2.24 -8.82 13.15
C THR A 68 -3.42 -8.08 13.80
N ASP A 69 -3.18 -6.90 14.38
CA ASP A 69 -4.22 -5.97 14.80
C ASP A 69 -4.85 -5.27 13.56
N GLY A 70 -3.98 -5.01 12.58
CA GLY A 70 -4.23 -4.35 11.32
C GLY A 70 -3.41 -3.06 11.14
N LEU A 71 -2.39 -2.82 11.97
CA LEU A 71 -1.49 -1.68 11.82
C LEU A 71 -0.81 -1.72 10.45
N LEU A 72 -0.97 -0.66 9.64
CA LEU A 72 -0.26 -0.53 8.39
C LEU A 72 1.19 -0.07 8.62
N TYR A 73 2.15 -0.93 8.28
CA TYR A 73 3.57 -0.76 8.53
C TYR A 73 4.43 -1.21 7.33
N GLY A 74 5.75 -1.17 7.50
CA GLY A 74 6.77 -1.41 6.48
C GLY A 74 7.78 -2.48 6.91
N SER A 75 7.41 -3.77 6.87
CA SER A 75 8.23 -4.84 7.43
C SER A 75 9.55 -5.00 6.66
N GLN A 76 10.60 -5.52 7.30
CA GLN A 76 11.86 -5.82 6.61
C GLN A 76 11.76 -7.09 5.77
N THR A 77 11.14 -8.10 6.38
CA THR A 77 10.95 -9.47 5.87
C THR A 77 9.48 -9.73 5.46
N PRO A 78 9.23 -10.69 4.56
CA PRO A 78 7.88 -11.02 4.11
C PRO A 78 7.13 -11.89 5.14
N ASN A 79 5.80 -11.81 5.11
CA ASN A 79 4.84 -12.66 5.82
C ASN A 79 3.46 -12.40 5.20
N GLU A 80 2.46 -13.22 5.53
CA GLU A 80 1.08 -13.08 5.05
C GLU A 80 0.53 -11.65 5.22
N GLU A 81 0.92 -11.00 6.31
CA GLU A 81 0.60 -9.62 6.69
C GLU A 81 0.95 -8.66 5.55
N CYS A 82 2.03 -9.01 4.86
CA CYS A 82 2.63 -8.23 3.79
C CYS A 82 1.98 -8.49 2.43
N LEU A 83 1.10 -9.51 2.33
CA LEU A 83 0.60 -10.00 1.05
C LEU A 83 -0.80 -9.46 0.75
N PHE A 84 -0.88 -8.57 -0.22
CA PHE A 84 -2.11 -7.91 -0.64
C PHE A 84 -2.62 -8.51 -1.95
N LEU A 85 -3.89 -8.90 -2.01
CA LEU A 85 -4.55 -9.13 -3.29
C LEU A 85 -4.76 -7.75 -3.92
N GLU A 86 -4.06 -7.47 -5.02
CA GLU A 86 -4.29 -6.24 -5.78
C GLU A 86 -5.56 -6.42 -6.64
N ARG A 87 -6.52 -5.50 -6.49
CA ARG A 87 -7.61 -5.33 -7.43
C ARG A 87 -7.50 -3.95 -8.08
N LEU A 88 -8.03 -3.81 -9.29
CA LEU A 88 -8.38 -2.53 -9.90
C LEU A 88 -9.90 -2.35 -9.83
N GLU A 89 -10.38 -1.23 -9.29
CA GLU A 89 -11.81 -0.93 -9.22
C GLU A 89 -12.33 -0.42 -10.57
N GLU A 90 -12.06 -1.19 -11.63
CA GLU A 90 -12.34 -0.89 -13.04
C GLU A 90 -11.69 0.42 -13.52
N ASN A 91 -12.18 1.57 -13.05
CA ASN A 91 -11.73 2.90 -13.46
C ASN A 91 -10.37 3.27 -12.83
N HIS A 92 -9.30 2.54 -13.22
CA HIS A 92 -7.90 2.87 -12.97
C HIS A 92 -7.44 2.65 -11.51
N TYR A 93 -8.19 3.15 -10.53
CA TYR A 93 -7.87 3.03 -9.10
C TYR A 93 -7.60 1.58 -8.67
N ASN A 94 -6.46 1.33 -8.04
CA ASN A 94 -6.19 0.07 -7.36
C ASN A 94 -6.74 0.06 -5.93
N THR A 95 -6.81 -1.16 -5.41
CA THR A 95 -7.13 -1.54 -4.03
C THR A 95 -6.27 -2.74 -3.65
N TYR A 96 -6.00 -2.90 -2.35
CA TYR A 96 -5.07 -3.87 -1.80
C TYR A 96 -5.65 -4.53 -0.55
N ILE A 97 -6.08 -5.79 -0.66
CA ILE A 97 -6.71 -6.55 0.43
C ILE A 97 -5.71 -7.54 1.03
N SER A 98 -5.32 -7.37 2.29
CA SER A 98 -4.35 -8.25 2.96
C SER A 98 -4.91 -9.67 3.15
N LYS A 99 -4.42 -10.67 2.38
CA LYS A 99 -5.09 -11.98 2.31
C LYS A 99 -5.01 -12.82 3.59
N LYS A 100 -4.25 -12.37 4.59
CA LYS A 100 -4.23 -12.97 5.91
C LYS A 100 -5.58 -12.73 6.59
N HIS A 101 -5.93 -11.45 6.71
CA HIS A 101 -7.13 -11.00 7.40
C HIS A 101 -8.36 -11.05 6.47
N ALA A 102 -8.52 -12.19 5.78
CA ALA A 102 -9.47 -12.35 4.68
C ALA A 102 -10.86 -12.81 5.11
N GLU A 103 -11.20 -12.65 6.39
CA GLU A 103 -12.54 -12.83 6.93
C GLU A 103 -13.22 -11.45 6.95
N LYS A 104 -12.64 -10.53 7.73
CA LYS A 104 -13.02 -9.12 7.72
C LYS A 104 -12.64 -8.44 6.40
N ASN A 105 -11.52 -8.83 5.78
CA ASN A 105 -11.02 -8.30 4.51
C ASN A 105 -10.63 -6.82 4.66
N TRP A 106 -9.53 -6.59 5.37
CA TRP A 106 -8.96 -5.27 5.62
C TRP A 106 -8.25 -4.68 4.40
N PHE A 107 -7.98 -3.38 4.44
CA PHE A 107 -7.43 -2.64 3.29
C PHE A 107 -6.31 -1.68 3.71
N VAL A 108 -5.43 -1.35 2.76
CA VAL A 108 -4.38 -0.34 2.92
C VAL A 108 -4.97 1.08 3.02
N GLY A 109 -5.72 1.39 4.09
CA GLY A 109 -6.34 2.69 4.27
C GLY A 109 -5.38 3.76 4.76
N LEU A 110 -5.32 4.92 4.08
CA LEU A 110 -4.67 6.13 4.61
C LEU A 110 -5.72 7.13 5.09
N LYS A 111 -5.61 7.63 6.33
CA LYS A 111 -6.50 8.69 6.81
C LYS A 111 -6.14 10.01 6.11
N LYS A 112 -7.14 10.84 5.78
CA LYS A 112 -7.01 11.99 4.88
C LYS A 112 -6.29 13.22 5.51
N ASN A 113 -5.49 12.98 6.55
CA ASN A 113 -4.45 13.85 7.09
C ASN A 113 -3.05 13.40 6.60
N GLY A 114 -2.84 12.09 6.48
CA GLY A 114 -1.57 11.45 6.18
C GLY A 114 -1.28 10.20 7.03
N SER A 115 -1.92 10.05 8.19
CA SER A 115 -1.66 8.92 9.09
C SER A 115 -2.33 7.63 8.60
N CYS A 116 -1.59 6.52 8.57
CA CYS A 116 -2.11 5.23 8.15
C CYS A 116 -3.19 4.68 9.09
N LYS A 117 -4.20 4.01 8.53
CA LYS A 117 -5.28 3.42 9.33
C LYS A 117 -4.89 2.04 9.89
N ARG A 118 -5.57 1.62 10.94
CA ARG A 118 -5.26 0.42 11.69
C ARG A 118 -6.45 -0.55 11.69
N GLY A 119 -6.35 -1.65 10.92
CA GLY A 119 -7.28 -2.75 11.06
C GLY A 119 -8.73 -2.37 10.79
N PRO A 120 -9.63 -2.79 11.66
CA PRO A 120 -10.89 -3.31 11.17
C PRO A 120 -11.95 -2.21 11.07
N ARG A 121 -11.49 -0.98 10.77
CA ARG A 121 -12.23 0.15 10.27
C ARG A 121 -12.07 0.23 8.74
N THR A 122 -10.91 -0.20 8.23
CA THR A 122 -10.60 -0.15 6.80
C THR A 122 -11.51 -1.08 5.99
N HIS A 123 -12.19 -0.51 4.99
CA HIS A 123 -13.07 -1.25 4.10
C HIS A 123 -13.45 -0.45 2.86
N TYR A 124 -14.36 -0.98 2.05
CA TYR A 124 -14.87 -0.28 0.87
C TYR A 124 -15.57 1.05 1.18
N GLY A 125 -15.83 1.84 0.14
CA GLY A 125 -16.48 3.15 0.26
C GLY A 125 -15.49 4.26 0.61
N GLN A 126 -14.64 4.03 1.63
CA GLN A 126 -13.60 4.96 2.01
C GLN A 126 -12.60 5.23 0.87
N LYS A 127 -12.58 6.44 0.33
CA LYS A 127 -11.59 6.86 -0.67
C LYS A 127 -10.15 6.67 -0.15
N ALA A 128 -9.98 6.72 1.18
CA ALA A 128 -8.85 6.23 1.96
C ALA A 128 -8.15 4.99 1.39
N ILE A 129 -8.92 4.02 0.87
CA ILE A 129 -8.41 2.73 0.37
C ILE A 129 -8.19 2.70 -1.16
N LEU A 130 -8.59 3.74 -1.90
CA LEU A 130 -8.58 3.75 -3.36
C LEU A 130 -7.33 4.48 -3.90
N PHE A 131 -6.43 3.74 -4.54
CA PHE A 131 -5.12 4.25 -4.96
C PHE A 131 -4.98 4.35 -6.48
N LEU A 132 -4.99 5.55 -7.05
CA LEU A 132 -4.70 5.75 -8.47
C LEU A 132 -3.23 5.37 -8.74
N PRO A 133 -2.96 4.38 -9.60
CA PRO A 133 -1.61 3.90 -9.84
C PRO A 133 -0.92 4.68 -10.97
N LEU A 134 0.30 5.18 -10.73
CA LEU A 134 1.15 5.82 -11.74
C LEU A 134 2.51 5.11 -11.87
N PRO A 135 2.58 3.96 -12.54
CA PRO A 135 3.79 3.15 -12.61
C PRO A 135 4.78 3.58 -13.71
N VAL A 136 6.07 3.64 -13.36
CA VAL A 136 7.22 3.74 -14.26
C VAL A 136 7.27 5.05 -15.06
N SER A 137 6.34 5.22 -16.00
CA SER A 137 6.23 6.39 -16.89
C SER A 137 5.67 7.60 -16.13
N SER A 138 6.36 8.02 -15.07
CA SER A 138 5.90 9.01 -14.12
C SER A 138 7.07 9.59 -13.32
N ASP A 139 6.87 10.75 -12.71
CA ASP A 139 7.66 11.18 -11.56
C ASP A 139 6.71 11.55 -10.43
N TYR A 7 14.15 5.69 -2.08
CA TYR A 7 15.15 6.63 -2.63
C TYR A 7 15.02 6.72 -4.14
N LYS A 8 15.20 5.61 -4.87
CA LYS A 8 14.78 5.55 -6.26
C LYS A 8 13.26 5.36 -6.33
N LYS A 9 12.63 5.79 -7.43
CA LYS A 9 11.17 5.82 -7.54
C LYS A 9 10.66 5.56 -8.97
N PRO A 10 10.73 4.29 -9.42
CA PRO A 10 10.34 3.86 -10.75
C PRO A 10 8.85 3.51 -10.86
N LYS A 11 8.10 3.53 -9.75
CA LYS A 11 6.64 3.42 -9.77
C LYS A 11 6.04 3.79 -8.40
N LEU A 12 5.02 4.67 -8.42
CA LEU A 12 4.41 5.31 -7.27
C LEU A 12 2.93 4.92 -7.16
N LEU A 13 2.29 5.21 -6.02
CA LEU A 13 0.90 4.82 -5.75
C LEU A 13 0.12 5.94 -5.04
N TYR A 14 -0.82 6.56 -5.76
CA TYR A 14 -1.55 7.77 -5.37
C TYR A 14 -2.97 7.47 -4.87
N CYS A 15 -3.23 7.67 -3.58
CA CYS A 15 -4.57 7.59 -2.99
C CYS A 15 -5.51 8.63 -3.61
N SER A 16 -6.49 8.18 -4.40
CA SER A 16 -7.44 9.08 -5.06
C SER A 16 -8.28 9.86 -4.04
N ASN A 17 -9.22 9.18 -3.39
CA ASN A 17 -10.08 9.68 -2.32
C ASN A 17 -9.25 9.89 -1.03
N GLY A 18 -8.36 10.88 -1.07
CA GLY A 18 -7.39 11.19 -0.01
C GLY A 18 -6.34 12.20 -0.49
N GLY A 19 -5.80 11.99 -1.69
CA GLY A 19 -4.88 12.90 -2.36
C GLY A 19 -3.42 12.68 -2.01
N HIS A 20 -3.08 11.63 -1.27
CA HIS A 20 -1.72 11.30 -0.88
C HIS A 20 -1.04 10.35 -1.86
N PHE A 21 0.27 10.22 -1.74
CA PHE A 21 0.98 9.01 -2.12
C PHE A 21 1.08 8.08 -0.91
N LEU A 22 0.89 6.78 -1.10
CA LEU A 22 1.18 5.78 -0.08
C LEU A 22 2.69 5.77 0.19
N ARG A 23 3.10 6.02 1.45
CA ARG A 23 4.49 6.30 1.79
C ARG A 23 4.97 5.41 2.94
N ILE A 24 6.22 4.94 2.88
CA ILE A 24 6.88 4.11 3.88
C ILE A 24 8.19 4.76 4.32
N LEU A 25 8.57 4.71 5.60
CA LEU A 25 9.77 5.36 6.10
C LEU A 25 10.80 4.36 6.67
N PRO A 26 12.11 4.63 6.54
CA PRO A 26 13.21 3.79 6.98
C PRO A 26 13.00 2.98 8.25
N ASP A 27 12.67 3.69 9.34
CA ASP A 27 12.37 3.17 10.66
C ASP A 27 11.36 2.01 10.65
N GLY A 28 10.40 2.06 9.72
CA GLY A 28 9.32 1.10 9.61
C GLY A 28 7.93 1.74 9.48
N THR A 29 7.70 2.99 9.88
CA THR A 29 6.33 3.53 9.80
C THR A 29 5.83 3.73 8.36
N VAL A 30 4.52 3.96 8.25
CA VAL A 30 3.80 4.18 7.00
C VAL A 30 2.78 5.31 7.13
N ASP A 31 2.59 6.02 6.01
CA ASP A 31 1.77 7.23 5.98
C ASP A 31 1.20 7.58 4.58
N GLY A 32 0.50 8.71 4.54
CA GLY A 32 -0.07 9.37 3.38
C GLY A 32 0.57 10.73 3.16
N THR A 33 1.50 10.84 2.21
CA THR A 33 2.29 12.04 1.96
C THR A 33 1.93 12.58 0.58
N ARG A 34 1.43 13.82 0.50
CA ARG A 34 0.92 14.39 -0.75
C ARG A 34 2.02 14.78 -1.76
N ASP A 35 3.25 15.03 -1.29
CA ASP A 35 4.34 15.48 -2.13
C ASP A 35 5.26 14.34 -2.60
N ARG A 36 5.49 14.25 -3.91
CA ARG A 36 6.29 13.22 -4.57
C ARG A 36 7.81 13.39 -4.44
N SER A 37 8.30 14.44 -3.77
CA SER A 37 9.74 14.68 -3.69
C SER A 37 10.44 13.65 -2.79
N ASP A 38 9.73 13.09 -1.81
CA ASP A 38 10.28 12.20 -0.79
C ASP A 38 10.99 10.95 -1.35
N GLN A 39 11.84 10.36 -0.52
CA GLN A 39 12.56 9.12 -0.82
C GLN A 39 11.64 7.92 -1.12
N HIS A 40 10.56 7.75 -0.35
CA HIS A 40 9.86 6.47 -0.25
C HIS A 40 8.33 6.59 -0.43
N ILE A 41 7.91 7.29 -1.50
CA ILE A 41 6.58 7.16 -2.12
C ILE A 41 6.55 6.06 -3.22
N GLN A 42 7.58 5.22 -3.24
CA GLN A 42 7.90 4.19 -4.24
C GLN A 42 7.54 2.77 -3.79
N LEU A 43 7.22 1.88 -4.75
CA LEU A 43 7.01 0.47 -4.45
C LEU A 43 7.28 -0.52 -5.59
N GLN A 44 8.15 -1.50 -5.32
CA GLN A 44 8.22 -2.74 -6.09
C GLN A 44 7.03 -3.64 -5.71
N LEU A 45 5.93 -3.50 -6.44
CA LEU A 45 4.86 -4.49 -6.40
C LEU A 45 5.40 -5.84 -6.89
N SER A 46 5.65 -6.75 -5.95
CA SER A 46 6.35 -8.00 -6.21
C SER A 46 5.35 -9.16 -6.17
N ALA A 47 4.82 -9.55 -7.34
CA ALA A 47 3.76 -10.54 -7.45
C ALA A 47 4.16 -11.93 -6.94
N GLU A 48 3.32 -12.51 -6.07
CA GLU A 48 3.35 -13.93 -5.74
C GLU A 48 2.70 -14.75 -6.86
N SER A 49 1.56 -14.27 -7.36
CA SER A 49 0.80 -14.88 -8.44
C SER A 49 -0.16 -13.87 -9.07
N VAL A 50 -1.10 -14.36 -9.89
CA VAL A 50 -2.03 -13.61 -10.72
C VAL A 50 -3.12 -12.87 -9.91
N GLY A 51 -2.70 -12.02 -8.98
CA GLY A 51 -3.58 -11.26 -8.09
C GLY A 51 -2.87 -10.79 -6.82
N GLU A 52 -2.07 -11.67 -6.23
CA GLU A 52 -1.39 -11.42 -4.96
C GLU A 52 0.01 -10.84 -5.13
N VAL A 53 0.30 -9.82 -4.32
CA VAL A 53 1.52 -9.03 -4.36
C VAL A 53 2.13 -8.77 -2.98
N TYR A 54 3.46 -8.75 -2.94
CA TYR A 54 4.25 -8.27 -1.82
C TYR A 54 4.76 -6.87 -2.16
N ILE A 55 4.39 -5.85 -1.40
CA ILE A 55 4.81 -4.48 -1.68
C ILE A 55 6.15 -4.18 -1.02
N LYS A 56 7.23 -4.20 -1.80
CA LYS A 56 8.55 -3.82 -1.29
C LYS A 56 8.85 -2.36 -1.60
N SER A 57 9.55 -1.65 -0.72
CA SER A 57 10.35 -0.49 -1.13
C SER A 57 11.51 -0.98 -2.02
N THR A 58 11.73 -0.40 -3.20
CA THR A 58 12.52 -1.07 -4.24
C THR A 58 13.97 -1.38 -3.84
N GLU A 59 14.77 -0.35 -3.56
CA GLU A 59 16.18 -0.49 -3.21
C GLU A 59 16.38 -0.98 -1.77
N THR A 60 15.70 -0.34 -0.82
CA THR A 60 15.76 -0.65 0.61
C THR A 60 15.17 -2.03 0.92
N GLY A 61 14.18 -2.48 0.13
CA GLY A 61 13.67 -3.85 0.17
C GLY A 61 12.65 -4.10 1.27
N GLN A 62 12.33 -3.10 2.09
CA GLN A 62 11.49 -3.24 3.28
C GLN A 62 10.00 -3.27 2.88
N TYR A 63 9.23 -4.13 3.54
CA TYR A 63 7.95 -4.64 3.06
C TYR A 63 6.76 -3.84 3.57
N LEU A 64 6.16 -2.98 2.74
CA LEU A 64 4.92 -2.29 3.08
C LEU A 64 3.81 -3.31 3.36
N ALA A 65 3.34 -3.38 4.60
CA ALA A 65 2.62 -4.51 5.15
C ALA A 65 1.69 -4.11 6.30
N MET A 66 0.95 -5.08 6.83
CA MET A 66 0.07 -4.95 7.99
C MET A 66 0.61 -5.74 9.20
N ASP A 67 0.44 -5.21 10.42
CA ASP A 67 0.57 -5.97 11.67
C ASP A 67 -0.78 -6.60 12.10
N THR A 68 -0.81 -7.10 13.33
CA THR A 68 -1.87 -7.86 14.00
C THR A 68 -3.25 -7.21 13.99
N ASP A 69 -3.34 -5.90 14.20
CA ASP A 69 -4.58 -5.12 14.02
C ASP A 69 -4.55 -4.37 12.67
N GLY A 70 -3.98 -4.97 11.63
CA GLY A 70 -3.87 -4.34 10.32
C GLY A 70 -3.04 -3.06 10.33
N LEU A 71 -2.10 -2.95 11.29
CA LEU A 71 -1.31 -1.74 11.50
C LEU A 71 -0.31 -1.59 10.36
N LEU A 72 -0.51 -0.62 9.48
CA LEU A 72 0.34 -0.44 8.31
C LEU A 72 1.78 -0.03 8.70
N TYR A 73 2.77 -0.77 8.19
CA TYR A 73 4.18 -0.56 8.48
C TYR A 73 5.10 -1.22 7.45
N GLY A 74 6.42 -1.20 7.70
CA GLY A 74 7.48 -1.76 6.88
C GLY A 74 8.07 -3.03 7.52
N SER A 75 7.59 -4.21 7.15
CA SER A 75 8.13 -5.47 7.64
C SER A 75 9.54 -5.74 7.10
N GLN A 76 10.31 -6.55 7.83
CA GLN A 76 11.58 -7.09 7.39
C GLN A 76 11.39 -8.16 6.30
N THR A 77 10.38 -9.01 6.48
CA THR A 77 10.12 -10.21 5.70
C THR A 77 8.83 -10.10 4.86
N PRO A 78 8.73 -10.89 3.77
CA PRO A 78 7.47 -11.12 3.09
C PRO A 78 6.61 -12.05 3.94
N ASN A 79 5.39 -11.64 4.28
CA ASN A 79 4.44 -12.47 5.01
C ASN A 79 3.01 -12.24 4.52
N GLU A 80 2.12 -13.15 4.90
CA GLU A 80 0.71 -13.24 4.53
C GLU A 80 -0.06 -11.90 4.74
N GLU A 81 0.45 -11.04 5.62
CA GLU A 81 -0.06 -9.71 5.92
C GLU A 81 0.33 -8.72 4.83
N CYS A 82 1.59 -8.81 4.39
CA CYS A 82 2.16 -8.05 3.28
C CYS A 82 1.64 -8.53 1.93
N LEU A 83 1.28 -9.82 1.88
CA LEU A 83 0.74 -10.48 0.70
C LEU A 83 -0.64 -9.92 0.39
N PHE A 84 -0.65 -8.79 -0.31
CA PHE A 84 -1.86 -8.12 -0.69
C PHE A 84 -2.45 -8.73 -1.97
N LEU A 85 -3.64 -9.33 -1.90
CA LEU A 85 -4.47 -9.56 -3.08
C LEU A 85 -4.91 -8.21 -3.63
N GLU A 86 -4.37 -7.78 -4.77
CA GLU A 86 -4.76 -6.52 -5.38
C GLU A 86 -6.16 -6.62 -6.02
N ARG A 87 -6.85 -5.49 -6.23
CA ARG A 87 -8.02 -5.43 -7.12
C ARG A 87 -8.37 -3.99 -7.53
N LEU A 88 -8.74 -3.77 -8.80
CA LEU A 88 -9.05 -2.45 -9.35
C LEU A 88 -10.47 -1.96 -9.04
N GLU A 89 -10.64 -0.63 -9.03
CA GLU A 89 -11.90 0.07 -8.83
C GLU A 89 -11.91 1.43 -9.58
N GLU A 90 -13.10 1.91 -9.94
CA GLU A 90 -13.41 3.15 -10.64
C GLU A 90 -12.45 3.43 -11.83
N ASN A 91 -11.89 4.64 -11.97
CA ASN A 91 -10.90 4.91 -13.02
C ASN A 91 -9.54 4.27 -12.73
N HIS A 92 -9.50 2.93 -12.71
CA HIS A 92 -8.30 2.11 -12.62
C HIS A 92 -7.46 2.40 -11.37
N TYR A 93 -8.12 2.59 -10.23
CA TYR A 93 -7.43 2.66 -8.94
C TYR A 93 -7.35 1.25 -8.35
N ASN A 94 -6.14 0.79 -8.03
CA ASN A 94 -6.01 -0.47 -7.32
C ASN A 94 -6.31 -0.31 -5.83
N THR A 95 -6.78 -1.40 -5.26
CA THR A 95 -6.89 -1.68 -3.83
C THR A 95 -6.02 -2.89 -3.53
N TYR A 96 -5.66 -3.08 -2.25
CA TYR A 96 -4.72 -4.12 -1.82
C TYR A 96 -5.21 -4.75 -0.51
N ILE A 97 -5.64 -6.02 -0.58
CA ILE A 97 -6.35 -6.77 0.47
C ILE A 97 -5.44 -7.85 1.08
N SER A 98 -5.11 -7.77 2.36
CA SER A 98 -4.14 -8.69 2.98
C SER A 98 -4.62 -10.15 3.00
N LYS A 99 -4.09 -11.00 2.10
CA LYS A 99 -4.54 -12.36 1.81
C LYS A 99 -4.57 -13.31 3.02
N LYS A 100 -3.80 -13.03 4.09
CA LYS A 100 -3.92 -13.74 5.35
C LYS A 100 -5.37 -13.72 5.82
N HIS A 101 -5.93 -12.52 5.84
CA HIS A 101 -7.23 -12.23 6.41
C HIS A 101 -8.34 -12.64 5.44
N ALA A 102 -8.34 -13.90 4.99
CA ALA A 102 -9.20 -14.39 3.93
C ALA A 102 -10.70 -14.20 4.17
N GLU A 103 -11.11 -14.10 5.44
CA GLU A 103 -12.49 -13.86 5.85
C GLU A 103 -12.76 -12.37 6.06
N LYS A 104 -12.01 -11.72 6.95
CA LYS A 104 -12.21 -10.33 7.32
C LYS A 104 -11.87 -9.38 6.15
N ASN A 105 -10.83 -9.69 5.39
CA ASN A 105 -10.36 -8.98 4.20
C ASN A 105 -10.02 -7.52 4.50
N TRP A 106 -8.91 -7.30 5.21
CA TRP A 106 -8.41 -5.98 5.57
C TRP A 106 -7.69 -5.31 4.41
N PHE A 107 -7.86 -3.99 4.28
CA PHE A 107 -7.39 -3.23 3.10
C PHE A 107 -6.35 -2.19 3.50
N VAL A 108 -5.31 -1.99 2.69
CA VAL A 108 -4.48 -0.79 2.85
C VAL A 108 -5.35 0.47 2.68
N GLY A 109 -5.35 1.36 3.67
CA GLY A 109 -6.07 2.63 3.61
C GLY A 109 -5.37 3.74 4.40
N LEU A 110 -5.65 4.99 4.03
CA LEU A 110 -5.08 6.17 4.67
C LEU A 110 -6.13 6.99 5.42
N LYS A 111 -5.73 7.58 6.55
CA LYS A 111 -6.47 8.61 7.26
C LYS A 111 -6.33 9.95 6.52
N LYS A 112 -7.44 10.59 6.14
CA LYS A 112 -7.49 11.74 5.24
C LYS A 112 -6.45 12.85 5.50
N ASN A 113 -6.15 13.15 6.77
CA ASN A 113 -5.08 14.08 7.12
C ASN A 113 -3.80 13.82 6.32
N GLY A 114 -3.41 12.55 6.25
CA GLY A 114 -2.10 12.11 5.75
C GLY A 114 -1.39 11.22 6.77
N SER A 115 -1.95 10.05 7.02
CA SER A 115 -1.33 8.99 7.83
C SER A 115 -1.97 7.65 7.48
N CYS A 116 -1.42 6.54 7.96
CA CYS A 116 -2.06 5.24 7.88
C CYS A 116 -3.45 5.22 8.54
N LYS A 117 -4.34 4.35 8.07
CA LYS A 117 -5.39 3.79 8.92
C LYS A 117 -5.44 2.26 8.77
N ARG A 118 -5.92 1.56 9.79
CA ARG A 118 -5.59 0.15 10.02
C ARG A 118 -6.80 -0.77 10.23
N GLY A 119 -6.59 -2.06 9.97
CA GLY A 119 -7.41 -3.15 10.50
C GLY A 119 -8.91 -3.10 10.23
N PRO A 120 -9.69 -3.72 11.12
CA PRO A 120 -10.72 -4.64 10.70
C PRO A 120 -12.04 -3.91 10.47
N ARG A 121 -11.99 -3.04 9.47
CA ARG A 121 -12.97 -2.03 9.12
C ARG A 121 -12.59 -1.36 7.79
N THR A 122 -11.29 -1.20 7.53
CA THR A 122 -10.78 -0.94 6.19
C THR A 122 -11.38 -1.94 5.19
N HIS A 123 -12.27 -1.46 4.33
CA HIS A 123 -13.14 -2.33 3.56
C HIS A 123 -13.84 -1.66 2.38
N TYR A 124 -14.43 -2.48 1.52
CA TYR A 124 -15.05 -2.12 0.25
C TYR A 124 -16.22 -1.13 0.43
N GLY A 125 -15.88 0.13 0.64
CA GLY A 125 -16.79 1.21 0.98
C GLY A 125 -16.01 2.48 1.37
N GLN A 126 -14.96 2.33 2.18
CA GLN A 126 -14.04 3.41 2.50
C GLN A 126 -13.19 3.73 1.27
N LYS A 127 -13.61 4.70 0.47
CA LYS A 127 -12.95 5.02 -0.79
C LYS A 127 -11.48 5.45 -0.59
N ALA A 128 -11.13 5.86 0.63
CA ALA A 128 -9.80 5.78 1.22
C ALA A 128 -8.86 4.73 0.58
N ILE A 129 -9.37 3.52 0.34
CA ILE A 129 -8.60 2.38 -0.16
C ILE A 129 -8.30 2.41 -1.67
N LEU A 130 -8.82 3.37 -2.44
CA LEU A 130 -8.63 3.49 -3.89
C LEU A 130 -7.33 4.22 -4.27
N PHE A 131 -6.32 3.49 -4.76
CA PHE A 131 -5.03 4.06 -5.17
C PHE A 131 -4.74 3.95 -6.68
N LEU A 132 -4.52 5.08 -7.36
CA LEU A 132 -4.06 5.13 -8.73
C LEU A 132 -2.56 4.79 -8.81
N PRO A 133 -2.15 3.76 -9.56
CA PRO A 133 -0.73 3.51 -9.79
C PRO A 133 -0.19 4.54 -10.78
N LEU A 134 1.00 5.07 -10.49
CA LEU A 134 1.74 5.96 -11.39
C LEU A 134 3.10 5.32 -11.69
N PRO A 135 3.15 4.39 -12.67
CA PRO A 135 4.33 3.59 -12.93
C PRO A 135 5.27 4.23 -13.96
N VAL A 136 6.57 3.92 -13.86
CA VAL A 136 7.57 4.15 -14.90
C VAL A 136 8.18 2.83 -15.39
N SER A 137 8.61 1.93 -14.48
CA SER A 137 9.20 0.65 -14.91
C SER A 137 9.18 -0.50 -13.87
N SER A 138 9.61 -1.68 -14.31
CA SER A 138 9.71 -2.92 -13.54
C SER A 138 10.98 -2.95 -12.68
N ASP A 139 11.16 -1.89 -11.89
CA ASP A 139 12.29 -1.65 -11.01
C ASP A 139 11.80 -1.29 -9.59
N TYR A 7 17.62 5.67 -4.08
CA TYR A 7 17.19 6.38 -5.31
C TYR A 7 15.77 5.97 -5.73
N LYS A 8 15.01 6.85 -6.38
CA LYS A 8 13.58 6.64 -6.60
C LYS A 8 13.25 5.68 -7.76
N LYS A 9 12.92 4.42 -7.43
CA LYS A 9 12.39 3.38 -8.34
C LYS A 9 10.91 3.02 -8.02
N PRO A 10 9.91 3.85 -8.34
CA PRO A 10 8.56 3.70 -7.79
C PRO A 10 7.55 2.93 -8.65
N LYS A 11 6.50 2.42 -8.00
CA LYS A 11 5.13 2.55 -8.50
C LYS A 11 4.37 3.56 -7.65
N LEU A 12 3.88 4.64 -8.26
CA LEU A 12 3.23 5.72 -7.53
C LEU A 12 1.77 5.35 -7.22
N LEU A 13 1.54 4.74 -6.04
CA LEU A 13 0.18 4.56 -5.50
C LEU A 13 -0.38 5.91 -5.04
N TYR A 14 -1.12 6.56 -5.93
CA TYR A 14 -1.80 7.84 -5.70
C TYR A 14 -3.14 7.62 -5.00
N CYS A 15 -3.17 7.82 -3.68
CA CYS A 15 -4.38 7.86 -2.86
C CYS A 15 -5.41 8.85 -3.44
N SER A 16 -6.64 8.40 -3.67
CA SER A 16 -7.75 9.32 -3.94
C SER A 16 -7.95 10.30 -2.76
N ASN A 17 -8.32 9.73 -1.62
CA ASN A 17 -8.69 10.34 -0.35
C ASN A 17 -7.64 11.28 0.24
N GLY A 18 -7.42 12.43 -0.39
CA GLY A 18 -6.40 13.41 0.00
C GLY A 18 -5.16 13.33 -0.90
N GLY A 19 -5.26 12.71 -2.08
CA GLY A 19 -4.28 12.86 -3.15
C GLY A 19 -2.93 12.15 -2.97
N HIS A 20 -2.50 11.90 -1.73
CA HIS A 20 -1.18 11.41 -1.36
C HIS A 20 -0.55 10.35 -2.27
N PHE A 21 0.77 10.43 -2.46
CA PHE A 21 1.57 9.25 -2.73
C PHE A 21 1.80 8.46 -1.44
N LEU A 22 1.61 7.14 -1.49
CA LEU A 22 1.95 6.23 -0.40
C LEU A 22 3.47 6.21 -0.15
N ARG A 23 3.92 6.44 1.10
CA ARG A 23 5.32 6.70 1.44
C ARG A 23 5.74 5.99 2.74
N ILE A 24 6.85 5.23 2.72
CA ILE A 24 7.37 4.49 3.89
C ILE A 24 8.32 5.35 4.73
N LEU A 25 8.66 4.94 5.97
CA LEU A 25 9.79 5.47 6.73
C LEU A 25 10.66 4.31 7.29
N PRO A 26 12.00 4.47 7.31
CA PRO A 26 12.98 3.46 7.72
C PRO A 26 12.60 2.54 8.87
N ASP A 27 12.21 3.16 9.99
CA ASP A 27 11.76 2.51 11.22
C ASP A 27 10.75 1.37 10.96
N GLY A 28 9.91 1.54 9.94
CA GLY A 28 8.81 0.65 9.64
C GLY A 28 7.55 1.40 9.23
N THR A 29 7.21 2.54 9.82
CA THR A 29 5.89 3.12 9.56
C THR A 29 5.70 3.59 8.11
N VAL A 30 4.47 3.97 7.81
CA VAL A 30 4.05 4.44 6.48
C VAL A 30 2.99 5.53 6.61
N ASP A 31 2.86 6.32 5.57
CA ASP A 31 2.00 7.49 5.52
C ASP A 31 1.70 7.94 4.07
N GLY A 32 0.85 8.96 3.97
CA GLY A 32 0.42 9.66 2.77
C GLY A 32 1.12 11.01 2.65
N THR A 33 2.06 11.14 1.72
CA THR A 33 2.71 12.42 1.42
C THR A 33 2.12 13.05 0.17
N ARG A 34 2.02 14.36 0.07
CA ARG A 34 1.54 14.98 -1.17
C ARG A 34 2.47 14.69 -2.35
N ASP A 35 3.78 14.96 -2.21
CA ASP A 35 4.65 15.16 -3.36
C ASP A 35 5.80 14.13 -3.49
N ARG A 36 6.21 13.90 -4.75
CA ARG A 36 7.31 13.02 -5.12
C ARG A 36 8.70 13.58 -4.76
N SER A 37 8.75 14.79 -4.17
CA SER A 37 9.93 15.26 -3.46
C SER A 37 10.32 14.31 -2.33
N ASP A 38 9.35 13.65 -1.69
CA ASP A 38 9.56 12.92 -0.44
C ASP A 38 10.43 11.65 -0.58
N GLN A 39 11.15 11.32 0.47
CA GLN A 39 12.20 10.31 0.54
C GLN A 39 11.63 8.98 1.01
N HIS A 40 11.11 8.24 0.03
CA HIS A 40 10.67 6.83 0.05
C HIS A 40 9.21 6.65 -0.40
N ILE A 41 8.86 7.29 -1.52
CA ILE A 41 7.68 6.94 -2.34
C ILE A 41 7.96 5.65 -3.15
N GLN A 42 9.24 5.30 -3.31
CA GLN A 42 9.74 4.26 -4.19
C GLN A 42 9.52 2.82 -3.67
N LEU A 43 8.23 2.50 -3.52
CA LEU A 43 7.70 1.17 -3.30
C LEU A 43 7.46 0.47 -4.65
N GLN A 44 7.52 -0.87 -4.64
CA GLN A 44 7.31 -1.72 -5.78
C GLN A 44 6.38 -2.89 -5.43
N LEU A 45 5.14 -2.82 -5.91
CA LEU A 45 4.23 -3.95 -5.92
C LEU A 45 4.87 -5.08 -6.76
N SER A 46 5.29 -6.14 -6.08
CA SER A 46 6.04 -7.27 -6.63
C SER A 46 5.18 -8.53 -6.56
N ALA A 47 4.74 -9.08 -7.69
CA ALA A 47 3.69 -10.09 -7.74
C ALA A 47 4.11 -11.47 -7.18
N GLU A 48 3.23 -12.10 -6.38
CA GLU A 48 3.31 -13.54 -6.09
C GLU A 48 2.59 -14.34 -7.20
N SER A 49 1.41 -13.87 -7.57
CA SER A 49 0.57 -14.47 -8.61
C SER A 49 -0.37 -13.43 -9.23
N VAL A 50 -1.23 -13.89 -10.14
CA VAL A 50 -2.03 -13.10 -11.08
C VAL A 50 -3.12 -12.24 -10.40
N GLY A 51 -2.69 -11.28 -9.59
CA GLY A 51 -3.56 -10.36 -8.85
C GLY A 51 -3.02 -10.00 -7.45
N GLU A 52 -1.99 -10.69 -6.95
CA GLU A 52 -1.49 -10.48 -5.59
C GLU A 52 -0.02 -10.05 -5.54
N VAL A 53 0.21 -9.04 -4.69
CA VAL A 53 1.40 -8.19 -4.65
C VAL A 53 2.06 -8.08 -3.27
N TYR A 54 3.39 -8.09 -3.25
CA TYR A 54 4.23 -7.75 -2.11
C TYR A 54 4.78 -6.34 -2.31
N ILE A 55 4.47 -5.39 -1.44
CA ILE A 55 4.94 -4.02 -1.61
C ILE A 55 6.36 -3.85 -1.08
N LYS A 56 7.33 -3.99 -1.98
CA LYS A 56 8.75 -3.96 -1.70
C LYS A 56 9.29 -2.52 -1.67
N SER A 57 9.92 -2.07 -0.58
CA SER A 57 10.70 -0.83 -0.58
C SER A 57 12.00 -1.03 -1.34
N THR A 58 12.19 -0.31 -2.45
CA THR A 58 13.38 -0.48 -3.28
C THR A 58 14.64 0.18 -2.72
N GLU A 59 14.61 0.62 -1.46
CA GLU A 59 15.66 1.38 -0.81
C GLU A 59 16.12 0.64 0.46
N THR A 60 15.17 0.41 1.37
CA THR A 60 15.42 -0.31 2.62
C THR A 60 15.25 -1.82 2.47
N GLY A 61 14.65 -2.28 1.36
CA GLY A 61 14.37 -3.70 1.13
C GLY A 61 13.15 -4.22 1.90
N GLN A 62 12.45 -3.34 2.63
CA GLN A 62 11.34 -3.69 3.50
C GLN A 62 10.07 -4.06 2.70
N TYR A 63 9.06 -4.53 3.43
CA TYR A 63 7.83 -5.11 2.93
C TYR A 63 6.62 -4.41 3.55
N LEU A 64 6.06 -3.39 2.91
CA LEU A 64 4.91 -2.68 3.46
C LEU A 64 3.73 -3.64 3.59
N ALA A 65 3.16 -3.76 4.79
CA ALA A 65 2.35 -4.88 5.23
C ALA A 65 1.38 -4.44 6.33
N MET A 66 0.31 -5.22 6.57
CA MET A 66 -0.58 -5.01 7.70
C MET A 66 -0.43 -6.12 8.75
N ASP A 67 0.00 -5.76 9.96
CA ASP A 67 0.28 -6.73 11.02
C ASP A 67 -1.00 -7.25 11.70
N THR A 68 -0.88 -7.68 12.95
CA THR A 68 -1.80 -8.53 13.67
C THR A 68 -3.07 -7.83 14.13
N ASP A 69 -2.96 -6.56 14.54
CA ASP A 69 -4.05 -5.74 15.05
C ASP A 69 -4.73 -4.94 13.93
N GLY A 70 -3.93 -4.49 12.97
CA GLY A 70 -4.28 -3.47 12.00
C GLY A 70 -3.10 -2.57 11.59
N LEU A 71 -1.99 -2.56 12.33
CA LEU A 71 -0.83 -1.71 12.07
C LEU A 71 -0.27 -1.90 10.65
N LEU A 72 -0.33 -0.84 9.82
CA LEU A 72 0.38 -0.79 8.55
C LEU A 72 1.86 -0.42 8.78
N TYR A 73 2.80 -1.27 8.34
CA TYR A 73 4.23 -1.10 8.58
C TYR A 73 5.10 -1.90 7.60
N GLY A 74 6.41 -1.64 7.62
CA GLY A 74 7.43 -2.35 6.87
C GLY A 74 7.90 -3.62 7.59
N SER A 75 7.43 -4.78 7.13
CA SER A 75 8.08 -6.03 7.50
C SER A 75 9.47 -6.09 6.85
N GLN A 76 10.27 -7.04 7.33
CA GLN A 76 11.63 -7.30 6.90
C GLN A 76 11.64 -8.50 5.95
N THR A 77 10.72 -9.43 6.21
CA THR A 77 10.49 -10.67 5.48
C THR A 77 9.12 -10.66 4.76
N PRO A 78 9.00 -11.30 3.58
CA PRO A 78 7.75 -11.38 2.84
C PRO A 78 6.83 -12.45 3.44
N ASN A 79 5.56 -12.12 3.68
CA ASN A 79 4.52 -13.10 4.01
C ASN A 79 3.11 -12.51 3.76
N GLU A 80 2.07 -13.32 3.96
CA GLU A 80 0.64 -13.07 3.82
C GLU A 80 0.14 -11.67 4.28
N GLU A 81 0.82 -11.08 5.26
CA GLU A 81 0.54 -9.78 5.88
C GLU A 81 0.99 -8.65 4.95
N CYS A 82 2.09 -8.90 4.22
CA CYS A 82 2.60 -8.06 3.15
C CYS A 82 1.90 -8.35 1.83
N LEU A 83 1.53 -9.61 1.60
CA LEU A 83 0.97 -10.04 0.33
C LEU A 83 -0.48 -9.57 0.22
N PHE A 84 -0.69 -8.49 -0.52
CA PHE A 84 -2.00 -7.93 -0.76
C PHE A 84 -2.60 -8.49 -2.05
N LEU A 85 -3.85 -8.96 -2.02
CA LEU A 85 -4.62 -9.16 -3.23
C LEU A 85 -5.02 -7.78 -3.76
N GLU A 86 -4.41 -7.37 -4.88
CA GLU A 86 -4.73 -6.13 -5.56
C GLU A 86 -6.03 -6.29 -6.37
N ARG A 87 -7.14 -5.74 -5.88
CA ARG A 87 -8.41 -5.69 -6.61
C ARG A 87 -8.48 -4.39 -7.40
N LEU A 88 -8.87 -4.46 -8.68
CA LEU A 88 -9.00 -3.30 -9.56
C LEU A 88 -10.46 -2.82 -9.59
N GLU A 89 -10.74 -1.61 -9.11
CA GLU A 89 -12.08 -1.04 -9.08
C GLU A 89 -12.48 -0.47 -10.45
N GLU A 90 -12.41 -1.33 -11.47
CA GLU A 90 -12.80 -1.06 -12.85
C GLU A 90 -11.97 0.09 -13.47
N ASN A 91 -12.28 1.33 -13.11
CA ASN A 91 -11.64 2.53 -13.66
C ASN A 91 -10.28 2.81 -13.00
N HIS A 92 -9.34 1.87 -13.09
CA HIS A 92 -7.91 2.06 -12.78
C HIS A 92 -7.55 2.25 -11.29
N TYR A 93 -8.42 2.87 -10.48
CA TYR A 93 -8.26 2.84 -9.02
C TYR A 93 -8.31 1.39 -8.51
N ASN A 94 -7.34 1.01 -7.68
CA ASN A 94 -7.22 -0.30 -7.09
C ASN A 94 -7.31 -0.22 -5.55
N THR A 95 -7.50 -1.40 -4.94
CA THR A 95 -7.50 -1.63 -3.49
C THR A 95 -6.69 -2.89 -3.16
N TYR A 96 -6.18 -2.99 -1.93
CA TYR A 96 -5.18 -3.99 -1.54
C TYR A 96 -5.61 -4.78 -0.29
N ILE A 97 -6.12 -6.01 -0.47
CA ILE A 97 -6.65 -6.84 0.63
C ILE A 97 -5.58 -7.77 1.19
N SER A 98 -5.31 -7.71 2.49
CA SER A 98 -4.28 -8.52 3.15
C SER A 98 -4.56 -10.03 3.04
N LYS A 99 -3.69 -10.83 2.38
CA LYS A 99 -3.90 -12.27 2.24
C LYS A 99 -4.00 -13.02 3.57
N LYS A 100 -3.31 -12.58 4.63
CA LYS A 100 -3.50 -13.12 5.97
C LYS A 100 -4.91 -12.77 6.42
N HIS A 101 -5.16 -11.47 6.63
CA HIS A 101 -6.45 -10.99 7.09
C HIS A 101 -7.52 -10.90 5.99
N ALA A 102 -7.66 -11.99 5.22
CA ALA A 102 -8.61 -12.08 4.11
C ALA A 102 -10.03 -12.40 4.60
N GLU A 103 -10.15 -13.09 5.74
CA GLU A 103 -11.40 -13.49 6.36
C GLU A 103 -12.10 -12.29 7.00
N LYS A 104 -11.38 -11.55 7.82
CA LYS A 104 -11.79 -10.25 8.36
C LYS A 104 -11.77 -9.18 7.25
N ASN A 105 -10.92 -9.39 6.23
CA ASN A 105 -10.89 -8.67 4.96
C ASN A 105 -10.34 -7.26 5.12
N TRP A 106 -9.10 -7.17 5.63
CA TRP A 106 -8.47 -5.89 5.94
C TRP A 106 -7.74 -5.30 4.73
N PHE A 107 -7.98 -4.01 4.46
CA PHE A 107 -7.50 -3.31 3.26
C PHE A 107 -6.45 -2.25 3.60
N VAL A 108 -5.41 -2.10 2.79
CA VAL A 108 -4.58 -0.89 2.89
C VAL A 108 -5.44 0.36 2.61
N GLY A 109 -5.35 1.39 3.45
CA GLY A 109 -5.89 2.71 3.12
C GLY A 109 -5.12 3.86 3.80
N LEU A 110 -5.34 5.09 3.32
CA LEU A 110 -4.77 6.31 3.88
C LEU A 110 -5.86 7.31 4.33
N LYS A 111 -5.66 7.82 5.54
CA LYS A 111 -6.49 8.84 6.18
C LYS A 111 -6.20 10.21 5.56
N LYS A 112 -7.20 11.11 5.51
CA LYS A 112 -7.13 12.38 4.77
C LYS A 112 -5.89 13.21 5.16
N ASN A 113 -5.60 13.27 6.46
CA ASN A 113 -4.46 13.98 7.02
C ASN A 113 -3.08 13.40 6.63
N GLY A 114 -3.06 12.20 6.02
CA GLY A 114 -1.85 11.49 5.64
C GLY A 114 -1.55 10.27 6.52
N SER A 115 -2.28 10.06 7.61
CA SER A 115 -2.05 8.87 8.45
C SER A 115 -2.57 7.58 7.81
N CYS A 116 -2.37 6.46 8.49
CA CYS A 116 -2.78 5.13 8.05
C CYS A 116 -4.27 4.84 8.29
N LYS A 117 -4.83 3.89 7.54
CA LYS A 117 -6.05 3.19 7.93
C LYS A 117 -5.70 1.81 8.48
N ARG A 118 -5.94 1.63 9.77
CA ARG A 118 -5.60 0.43 10.51
C ARG A 118 -6.73 -0.61 10.47
N GLY A 119 -6.39 -1.86 10.13
CA GLY A 119 -7.19 -3.03 10.51
C GLY A 119 -8.68 -2.94 10.23
N PRO A 120 -9.51 -3.24 11.23
CA PRO A 120 -10.67 -4.04 10.94
C PRO A 120 -11.91 -3.17 10.72
N ARG A 121 -11.68 -2.01 10.10
CA ARG A 121 -12.70 -1.10 9.61
C ARG A 121 -12.20 -0.34 8.37
N THR A 122 -11.17 -0.85 7.69
CA THR A 122 -10.62 -0.28 6.46
C THR A 122 -11.66 -0.41 5.33
N HIS A 123 -11.76 -1.61 4.78
CA HIS A 123 -12.96 -2.16 4.15
C HIS A 123 -13.52 -1.44 2.90
N TYR A 124 -14.35 -2.18 2.16
CA TYR A 124 -14.90 -1.75 0.88
C TYR A 124 -16.01 -0.70 1.04
N GLY A 125 -15.62 0.50 1.48
CA GLY A 125 -16.55 1.59 1.77
C GLY A 125 -15.87 2.96 1.87
N GLN A 126 -14.75 3.06 2.59
CA GLN A 126 -14.05 4.32 2.79
C GLN A 126 -13.23 4.72 1.54
N LYS A 127 -13.35 5.97 1.09
CA LYS A 127 -12.55 6.48 -0.03
C LYS A 127 -11.06 6.24 0.25
N ALA A 128 -10.68 6.34 1.53
CA ALA A 128 -9.39 5.98 2.10
C ALA A 128 -8.69 4.76 1.50
N ILE A 129 -9.41 3.72 1.05
CA ILE A 129 -8.78 2.53 0.48
C ILE A 129 -8.54 2.60 -1.05
N LEU A 130 -9.07 3.61 -1.76
CA LEU A 130 -8.98 3.70 -3.22
C LEU A 130 -7.69 4.40 -3.70
N PHE A 131 -6.82 3.69 -4.43
CA PHE A 131 -5.53 4.17 -4.93
C PHE A 131 -5.41 4.07 -6.46
N LEU A 132 -5.11 5.15 -7.16
CA LEU A 132 -4.72 5.11 -8.58
C LEU A 132 -3.21 4.78 -8.68
N PRO A 133 -2.81 3.64 -9.28
CA PRO A 133 -1.41 3.29 -9.43
C PRO A 133 -0.84 3.93 -10.68
N LEU A 134 0.33 4.58 -10.59
CA LEU A 134 1.15 4.89 -11.76
C LEU A 134 2.52 4.18 -11.66
N PRO A 135 2.65 2.96 -12.21
CA PRO A 135 3.91 2.24 -12.30
C PRO A 135 5.00 3.07 -12.99
N VAL A 136 6.10 3.42 -12.28
CA VAL A 136 7.22 4.21 -12.78
C VAL A 136 6.79 5.58 -13.34
N SER A 137 6.21 5.60 -14.55
CA SER A 137 5.51 6.73 -15.14
C SER A 137 4.58 6.29 -16.29
N SER A 138 3.83 5.22 -16.07
CA SER A 138 2.77 4.73 -16.96
C SER A 138 1.44 4.57 -16.20
N ASP A 139 0.39 4.23 -16.95
CA ASP A 139 -0.81 3.58 -16.45
C ASP A 139 -0.46 2.26 -15.70
N TYR A 7 14.91 5.05 -14.13
CA TYR A 7 15.66 6.31 -14.09
C TYR A 7 14.77 7.51 -13.73
N LYS A 8 14.59 7.84 -12.45
CA LYS A 8 15.06 7.11 -11.27
C LYS A 8 14.00 7.14 -10.15
N LYS A 9 12.86 6.51 -10.38
CA LYS A 9 11.74 6.47 -9.43
C LYS A 9 10.67 5.46 -9.89
N PRO A 10 10.66 4.21 -9.36
CA PRO A 10 9.76 3.13 -9.80
C PRO A 10 8.27 3.47 -9.99
N LYS A 11 7.41 3.25 -8.99
CA LYS A 11 5.96 3.41 -9.14
C LYS A 11 5.36 3.99 -7.86
N LEU A 12 4.45 4.97 -7.97
CA LEU A 12 3.79 5.59 -6.83
C LEU A 12 2.30 5.19 -6.77
N LEU A 13 1.76 5.04 -5.56
CA LEU A 13 0.34 4.77 -5.33
C LEU A 13 -0.31 5.93 -4.56
N TYR A 14 -1.16 6.72 -5.22
CA TYR A 14 -1.81 7.92 -4.69
C TYR A 14 -3.19 7.62 -4.09
N CYS A 15 -3.34 7.71 -2.76
CA CYS A 15 -4.62 7.57 -2.08
C CYS A 15 -5.60 8.69 -2.50
N SER A 16 -6.70 8.31 -3.15
CA SER A 16 -7.67 9.21 -3.78
C SER A 16 -8.14 10.37 -2.89
N ASN A 17 -8.80 10.06 -1.76
CA ASN A 17 -9.52 11.06 -0.98
C ASN A 17 -8.59 11.93 -0.12
N GLY A 18 -7.57 11.30 0.49
CA GLY A 18 -6.53 11.99 1.23
C GLY A 18 -5.61 12.82 0.32
N GLY A 19 -5.27 12.27 -0.85
CA GLY A 19 -4.47 12.94 -1.86
C GLY A 19 -2.96 12.80 -1.61
N HIS A 20 -2.53 11.65 -1.08
CA HIS A 20 -1.13 11.37 -0.74
C HIS A 20 -0.62 10.05 -1.32
N PHE A 21 0.66 10.07 -1.70
CA PHE A 21 1.46 8.94 -2.13
C PHE A 21 1.81 8.04 -0.93
N LEU A 22 1.47 6.75 -1.04
CA LEU A 22 1.78 5.73 -0.03
C LEU A 22 3.28 5.61 0.23
N ARG A 23 3.68 5.74 1.50
CA ARG A 23 5.07 5.80 1.93
C ARG A 23 5.31 4.93 3.17
N ILE A 24 6.47 4.26 3.22
CA ILE A 24 7.04 3.70 4.45
C ILE A 24 8.01 4.70 5.08
N LEU A 25 7.97 4.87 6.41
CA LEU A 25 8.88 5.72 7.15
C LEU A 25 10.06 4.89 7.71
N PRO A 26 11.27 5.48 7.81
CA PRO A 26 12.49 4.83 8.31
C PRO A 26 12.34 3.83 9.45
N ASP A 27 11.64 4.23 10.50
CA ASP A 27 11.35 3.44 11.69
C ASP A 27 10.66 2.10 11.38
N GLY A 28 9.87 2.05 10.30
CA GLY A 28 9.08 0.89 9.92
C GLY A 28 7.59 1.20 9.65
N THR A 29 7.01 2.25 10.26
CA THR A 29 5.59 2.55 10.05
C THR A 29 5.29 3.08 8.64
N VAL A 30 4.02 3.35 8.36
CA VAL A 30 3.54 3.82 7.06
C VAL A 30 2.65 5.06 7.14
N ASP A 31 2.70 5.87 6.09
CA ASP A 31 1.90 7.06 5.94
C ASP A 31 1.68 7.47 4.47
N GLY A 32 1.11 8.66 4.31
CA GLY A 32 0.80 9.34 3.06
C GLY A 32 1.51 10.69 2.99
N THR A 33 2.35 10.90 1.98
CA THR A 33 2.87 12.24 1.67
C THR A 33 2.15 12.81 0.47
N ARG A 34 1.68 14.06 0.58
CA ARG A 34 1.05 14.75 -0.53
C ARG A 34 2.06 15.27 -1.56
N ASP A 35 3.36 15.13 -1.27
CA ASP A 35 4.44 15.50 -2.17
C ASP A 35 5.35 14.29 -2.50
N ARG A 36 5.81 14.23 -3.76
CA ARG A 36 6.61 13.14 -4.32
C ARG A 36 8.12 13.43 -4.40
N SER A 37 8.68 14.31 -3.57
CA SER A 37 10.13 14.45 -3.45
C SER A 37 10.80 13.28 -2.73
N ASP A 38 10.03 12.55 -1.92
CA ASP A 38 10.54 11.48 -1.08
C ASP A 38 11.08 10.30 -1.93
N GLN A 39 11.81 9.40 -1.29
CA GLN A 39 12.44 8.23 -1.90
C GLN A 39 11.91 6.90 -1.32
N HIS A 40 11.10 6.95 -0.26
CA HIS A 40 10.39 5.78 0.30
C HIS A 40 8.99 5.60 -0.29
N ILE A 41 8.49 6.60 -1.03
CA ILE A 41 7.21 6.56 -1.76
C ILE A 41 7.16 5.51 -2.87
N GLN A 42 8.32 5.16 -3.45
CA GLN A 42 8.37 4.22 -4.56
C GLN A 42 8.09 2.77 -4.13
N LEU A 43 7.27 2.07 -4.91
CA LEU A 43 6.85 0.70 -4.66
C LEU A 43 7.04 -0.17 -5.91
N GLN A 44 7.16 -1.48 -5.70
CA GLN A 44 7.25 -2.52 -6.70
C GLN A 44 6.38 -3.71 -6.27
N LEU A 45 5.41 -4.07 -7.11
CA LEU A 45 4.46 -5.13 -6.84
C LEU A 45 5.07 -6.50 -7.19
N SER A 46 5.75 -7.08 -6.21
CA SER A 46 6.36 -8.41 -6.34
C SER A 46 5.27 -9.50 -6.24
N ALA A 47 4.66 -9.84 -7.38
CA ALA A 47 3.63 -10.87 -7.49
C ALA A 47 4.01 -12.22 -6.86
N GLU A 48 3.10 -12.81 -6.07
CA GLU A 48 3.20 -14.17 -5.55
C GLU A 48 2.40 -15.16 -6.40
N SER A 49 1.13 -14.80 -6.65
CA SER A 49 0.07 -15.73 -6.99
C SER A 49 -1.13 -14.96 -7.59
N VAL A 50 -2.27 -15.63 -7.75
CA VAL A 50 -3.47 -15.26 -8.49
C VAL A 50 -3.99 -13.82 -8.26
N GLY A 51 -3.27 -12.83 -8.79
CA GLY A 51 -3.57 -11.41 -8.64
C GLY A 51 -3.11 -10.85 -7.29
N GLU A 52 -2.15 -11.50 -6.63
CA GLU A 52 -1.66 -11.10 -5.32
C GLU A 52 -0.16 -10.79 -5.29
N VAL A 53 0.16 -9.76 -4.50
CA VAL A 53 1.38 -8.96 -4.59
C VAL A 53 2.05 -8.73 -3.23
N TYR A 54 3.38 -8.74 -3.22
CA TYR A 54 4.19 -8.21 -2.14
C TYR A 54 4.62 -6.79 -2.50
N ILE A 55 4.19 -5.79 -1.73
CA ILE A 55 4.57 -4.39 -2.00
C ILE A 55 5.98 -4.12 -1.49
N LYS A 56 6.98 -4.27 -2.37
CA LYS A 56 8.37 -3.99 -2.01
C LYS A 56 8.72 -2.52 -2.32
N SER A 57 9.15 -1.75 -1.31
CA SER A 57 9.52 -0.34 -1.47
C SER A 57 10.93 -0.17 -2.08
N THR A 58 11.13 -0.79 -3.24
CA THR A 58 12.36 -1.07 -3.98
C THR A 58 13.66 -0.46 -3.42
N GLU A 59 13.76 0.85 -3.48
CA GLU A 59 14.99 1.60 -3.24
C GLU A 59 15.40 1.65 -1.75
N THR A 60 14.45 1.44 -0.82
CA THR A 60 14.75 0.99 0.55
C THR A 60 14.54 -0.52 0.69
N GLY A 61 13.58 -1.07 -0.06
CA GLY A 61 13.42 -2.50 -0.30
C GLY A 61 12.56 -3.22 0.73
N GLN A 62 11.85 -2.48 1.57
CA GLN A 62 11.06 -3.00 2.69
C GLN A 62 9.66 -3.42 2.23
N TYR A 63 9.08 -4.39 2.94
CA TYR A 63 7.86 -5.10 2.57
C TYR A 63 6.62 -4.42 3.20
N LEU A 64 6.02 -3.47 2.48
CA LEU A 64 4.88 -2.69 2.96
C LEU A 64 3.67 -3.59 3.26
N ALA A 65 3.12 -3.48 4.48
CA ALA A 65 2.29 -4.50 5.10
C ALA A 65 1.25 -3.93 6.06
N MET A 66 0.32 -4.77 6.51
CA MET A 66 -0.53 -4.52 7.67
C MET A 66 -0.26 -5.54 8.76
N ASP A 67 0.02 -5.10 9.99
CA ASP A 67 0.24 -6.03 11.10
C ASP A 67 -1.06 -6.40 11.84
N THR A 68 -0.90 -7.24 12.85
CA THR A 68 -1.87 -7.91 13.68
C THR A 68 -2.90 -6.96 14.31
N ASP A 69 -2.45 -5.77 14.71
CA ASP A 69 -3.26 -4.72 15.32
C ASP A 69 -4.02 -3.88 14.28
N GLY A 70 -3.79 -4.12 12.99
CA GLY A 70 -4.34 -3.33 11.91
C GLY A 70 -3.50 -2.13 11.50
N LEU A 71 -2.28 -1.95 12.04
CA LEU A 71 -1.41 -0.86 11.64
C LEU A 71 -0.73 -1.16 10.29
N LEU A 72 -0.90 -0.28 9.29
CA LEU A 72 -0.02 -0.25 8.13
C LEU A 72 1.42 0.05 8.55
N TYR A 73 2.38 -0.71 8.03
CA TYR A 73 3.80 -0.57 8.28
C TYR A 73 4.58 -1.16 7.09
N GLY A 74 5.87 -1.44 7.27
CA GLY A 74 6.57 -2.36 6.39
C GLY A 74 7.60 -3.24 7.12
N SER A 75 7.70 -4.52 6.73
CA SER A 75 8.64 -5.46 7.32
C SER A 75 9.99 -5.48 6.58
N GLN A 76 10.96 -6.14 7.21
CA GLN A 76 12.19 -6.59 6.57
C GLN A 76 11.93 -7.83 5.69
N THR A 77 11.04 -8.70 6.17
CA THR A 77 10.70 -9.98 5.56
C THR A 77 9.50 -9.87 4.59
N PRO A 78 9.42 -10.77 3.59
CA PRO A 78 8.19 -11.02 2.88
C PRO A 78 7.30 -11.92 3.74
N ASN A 79 6.10 -11.45 4.09
CA ASN A 79 5.12 -12.24 4.84
C ASN A 79 3.70 -11.92 4.39
N GLU A 80 2.76 -12.77 4.74
CA GLU A 80 1.34 -12.69 4.40
C GLU A 80 0.75 -11.29 4.67
N GLU A 81 1.18 -10.65 5.75
CA GLU A 81 0.89 -9.29 6.21
C GLU A 81 1.23 -8.26 5.13
N CYS A 82 2.32 -8.54 4.40
CA CYS A 82 2.75 -7.79 3.23
C CYS A 82 2.04 -8.21 1.94
N LEU A 83 1.46 -9.41 1.91
CA LEU A 83 0.89 -9.92 0.68
C LEU A 83 -0.57 -9.48 0.55
N PHE A 84 -0.85 -8.79 -0.55
CA PHE A 84 -2.14 -8.21 -0.83
C PHE A 84 -2.72 -8.77 -2.13
N LEU A 85 -3.98 -9.20 -2.12
CA LEU A 85 -4.74 -9.42 -3.34
C LEU A 85 -5.04 -8.05 -3.95
N GLU A 86 -4.40 -7.75 -5.09
CA GLU A 86 -4.64 -6.52 -5.82
C GLU A 86 -6.09 -6.50 -6.38
N ARG A 87 -6.64 -5.31 -6.59
CA ARG A 87 -7.89 -5.13 -7.33
C ARG A 87 -7.99 -3.72 -7.93
N LEU A 88 -7.83 -3.61 -9.25
CA LEU A 88 -8.20 -2.42 -10.00
C LEU A 88 -9.72 -2.24 -10.00
N GLU A 89 -10.24 -1.22 -9.30
CA GLU A 89 -11.66 -0.96 -9.18
C GLU A 89 -12.25 -0.27 -10.43
N GLU A 90 -12.01 -0.88 -11.60
CA GLU A 90 -12.39 -0.45 -12.95
C GLU A 90 -11.76 0.91 -13.34
N ASN A 91 -12.12 1.95 -12.61
CA ASN A 91 -11.76 3.36 -12.78
C ASN A 91 -10.31 3.66 -12.41
N HIS A 92 -9.37 2.86 -12.92
CA HIS A 92 -7.91 3.01 -12.76
C HIS A 92 -7.37 2.76 -11.33
N TYR A 93 -8.10 3.15 -10.29
CA TYR A 93 -7.70 2.99 -8.89
C TYR A 93 -7.46 1.53 -8.48
N ASN A 94 -6.28 1.25 -7.92
CA ASN A 94 -5.92 -0.02 -7.31
C ASN A 94 -6.44 -0.14 -5.87
N THR A 95 -6.49 -1.38 -5.37
CA THR A 95 -6.76 -1.73 -3.97
C THR A 95 -5.96 -2.97 -3.59
N TYR A 96 -5.78 -3.24 -2.29
CA TYR A 96 -4.83 -4.24 -1.80
C TYR A 96 -5.37 -4.93 -0.53
N ILE A 97 -5.86 -6.17 -0.67
CA ILE A 97 -6.58 -6.90 0.39
C ILE A 97 -5.72 -8.00 1.04
N SER A 98 -5.54 -7.95 2.36
CA SER A 98 -4.58 -8.80 3.10
C SER A 98 -4.77 -10.32 2.93
N LYS A 99 -3.76 -11.03 2.44
CA LYS A 99 -3.61 -12.48 2.48
C LYS A 99 -3.67 -13.05 3.91
N LYS A 100 -3.18 -12.30 4.91
CA LYS A 100 -3.20 -12.75 6.29
C LYS A 100 -4.62 -12.62 6.84
N HIS A 101 -5.18 -11.42 6.77
CA HIS A 101 -6.51 -11.13 7.26
C HIS A 101 -7.57 -11.40 6.19
N ALA A 102 -7.52 -12.60 5.58
CA ALA A 102 -8.26 -12.94 4.36
C ALA A 102 -9.72 -13.33 4.59
N GLU A 103 -10.16 -13.43 5.85
CA GLU A 103 -11.55 -13.63 6.22
C GLU A 103 -12.21 -12.27 6.49
N LYS A 104 -11.59 -11.46 7.36
CA LYS A 104 -12.02 -10.10 7.64
C LYS A 104 -11.84 -9.18 6.40
N ASN A 105 -10.87 -9.49 5.55
CA ASN A 105 -10.55 -8.79 4.31
C ASN A 105 -10.18 -7.33 4.56
N TRP A 106 -9.08 -7.12 5.28
CA TRP A 106 -8.52 -5.79 5.55
C TRP A 106 -7.83 -5.23 4.32
N PHE A 107 -7.93 -3.91 4.13
CA PHE A 107 -7.40 -3.22 2.95
C PHE A 107 -6.25 -2.30 3.33
N VAL A 108 -5.21 -2.20 2.51
CA VAL A 108 -4.35 -1.02 2.57
C VAL A 108 -5.24 0.23 2.39
N GLY A 109 -5.14 1.21 3.28
CA GLY A 109 -5.82 2.50 3.11
C GLY A 109 -5.13 3.60 3.93
N LEU A 110 -5.09 4.81 3.39
CA LEU A 110 -4.54 5.99 4.08
C LEU A 110 -5.66 6.93 4.52
N LYS A 111 -5.52 7.48 5.73
CA LYS A 111 -6.47 8.39 6.31
C LYS A 111 -6.37 9.77 5.66
N LYS A 112 -7.48 10.49 5.58
CA LYS A 112 -7.60 11.80 4.97
C LYS A 112 -6.77 12.87 5.71
N ASN A 113 -6.37 12.58 6.95
CA ASN A 113 -5.30 13.25 7.66
C ASN A 113 -4.02 13.29 6.82
N GLY A 114 -3.51 12.10 6.45
CA GLY A 114 -2.12 11.91 6.05
C GLY A 114 -1.56 10.55 6.48
N SER A 115 -1.98 10.07 7.64
CA SER A 115 -1.51 8.83 8.25
C SER A 115 -2.09 7.57 7.59
N CYS A 116 -1.66 6.40 8.07
CA CYS A 116 -2.32 5.11 7.91
C CYS A 116 -3.80 5.11 8.37
N LYS A 117 -4.53 4.02 8.10
CA LYS A 117 -5.75 3.64 8.81
C LYS A 117 -5.60 2.31 9.59
N ARG A 118 -6.67 1.90 10.26
CA ARG A 118 -6.75 0.83 11.24
C ARG A 118 -7.52 -0.39 10.71
N GLY A 119 -6.81 -1.49 10.41
CA GLY A 119 -7.38 -2.85 10.45
C GLY A 119 -8.83 -2.95 10.02
N PRO A 120 -9.73 -3.28 10.95
CA PRO A 120 -10.83 -4.09 10.54
C PRO A 120 -12.06 -3.23 10.18
N ARG A 121 -11.82 -1.97 9.84
CA ARG A 121 -12.73 -1.15 9.03
C ARG A 121 -12.04 -0.49 7.82
N THR A 122 -10.79 -0.88 7.50
CA THR A 122 -10.28 -0.66 6.15
C THR A 122 -10.96 -1.66 5.23
N HIS A 123 -11.89 -1.14 4.43
CA HIS A 123 -12.86 -1.98 3.74
C HIS A 123 -13.51 -1.30 2.55
N TYR A 124 -14.36 -2.06 1.85
CA TYR A 124 -14.99 -1.67 0.60
C TYR A 124 -16.06 -0.57 0.80
N GLY A 125 -15.60 0.63 1.15
CA GLY A 125 -16.47 1.77 1.48
C GLY A 125 -15.69 3.08 1.55
N GLN A 126 -14.70 3.17 2.46
CA GLN A 126 -13.93 4.40 2.63
C GLN A 126 -12.90 4.61 1.50
N LYS A 127 -13.03 5.70 0.74
CA LYS A 127 -12.19 5.98 -0.43
C LYS A 127 -10.68 5.98 -0.10
N ALA A 128 -10.33 6.13 1.18
CA ALA A 128 -9.05 5.76 1.77
C ALA A 128 -8.35 4.57 1.08
N ILE A 129 -9.09 3.53 0.70
CA ILE A 129 -8.54 2.32 0.06
C ILE A 129 -8.13 2.51 -1.42
N LEU A 130 -8.65 3.52 -2.12
CA LEU A 130 -8.51 3.66 -3.56
C LEU A 130 -7.19 4.35 -3.95
N PHE A 131 -6.25 3.59 -4.52
CA PHE A 131 -4.93 4.11 -4.92
C PHE A 131 -4.81 4.34 -6.42
N LEU A 132 -4.77 5.59 -6.88
CA LEU A 132 -4.45 5.89 -8.27
C LEU A 132 -2.96 5.59 -8.55
N PRO A 133 -2.64 4.76 -9.55
CA PRO A 133 -1.26 4.36 -9.81
C PRO A 133 -0.55 5.35 -10.74
N LEU A 134 0.66 5.75 -10.36
CA LEU A 134 1.61 6.44 -11.24
C LEU A 134 2.81 5.51 -11.52
N PRO A 135 2.71 4.62 -12.53
CA PRO A 135 3.78 3.68 -12.87
C PRO A 135 4.87 4.40 -13.68
N VAL A 136 5.57 5.34 -13.04
CA VAL A 136 6.57 6.19 -13.69
C VAL A 136 7.67 5.39 -14.41
N SER A 137 8.15 4.31 -13.79
CA SER A 137 9.30 3.54 -14.23
C SER A 137 9.30 2.15 -13.56
N SER A 138 10.41 1.42 -13.67
CA SER A 138 10.74 0.32 -12.76
C SER A 138 12.16 0.46 -12.20
N ASP A 139 12.58 1.72 -12.03
CA ASP A 139 13.89 2.16 -11.59
C ASP A 139 13.87 3.69 -11.32
N TYR A 7 11.15 -1.70 -11.55
CA TYR A 7 12.55 -2.10 -11.58
C TYR A 7 13.47 -0.95 -12.04
N LYS A 8 13.70 0.08 -11.22
CA LYS A 8 13.10 0.39 -9.92
C LYS A 8 12.78 1.89 -9.87
N LYS A 9 11.57 2.28 -10.28
CA LYS A 9 11.27 3.67 -10.61
C LYS A 9 10.19 4.31 -9.71
N PRO A 10 9.99 5.64 -9.78
CA PRO A 10 8.89 6.35 -9.12
C PRO A 10 7.49 5.95 -9.63
N LYS A 11 7.12 4.68 -9.45
CA LYS A 11 5.78 4.18 -9.71
C LYS A 11 4.83 4.56 -8.56
N LEU A 12 3.96 5.53 -8.82
CA LEU A 12 3.23 6.25 -7.77
C LEU A 12 1.87 5.61 -7.47
N LEU A 13 1.66 5.13 -6.23
CA LEU A 13 0.35 4.70 -5.76
C LEU A 13 -0.34 5.89 -5.08
N TYR A 14 -1.10 6.68 -5.85
CA TYR A 14 -1.82 7.86 -5.38
C TYR A 14 -3.12 7.48 -4.65
N CYS A 15 -3.21 7.73 -3.34
CA CYS A 15 -4.46 7.57 -2.60
C CYS A 15 -5.51 8.61 -3.05
N SER A 16 -6.73 8.16 -3.35
CA SER A 16 -7.83 9.03 -3.74
C SER A 16 -8.06 10.19 -2.76
N ASN A 17 -8.37 9.86 -1.49
CA ASN A 17 -8.59 10.84 -0.42
C ASN A 17 -7.28 11.47 0.08
N GLY A 18 -7.33 12.73 0.51
CA GLY A 18 -6.20 13.46 1.06
C GLY A 18 -5.18 13.89 0.00
N GLY A 19 -4.74 12.94 -0.82
CA GLY A 19 -3.90 13.17 -1.99
C GLY A 19 -2.52 12.51 -1.90
N HIS A 20 -2.18 11.90 -0.77
CA HIS A 20 -0.89 11.29 -0.54
C HIS A 20 -0.60 10.09 -1.44
N PHE A 21 0.67 9.98 -1.82
CA PHE A 21 1.27 8.80 -2.43
C PHE A 21 1.72 7.83 -1.32
N LEU A 22 1.45 6.54 -1.45
CA LEU A 22 1.88 5.53 -0.48
C LEU A 22 3.41 5.58 -0.24
N ARG A 23 3.85 5.71 1.02
CA ARG A 23 5.26 5.98 1.34
C ARG A 23 5.70 5.36 2.67
N ILE A 24 6.87 4.71 2.66
CA ILE A 24 7.49 4.04 3.82
C ILE A 24 8.28 5.02 4.69
N LEU A 25 8.31 4.82 6.02
CA LEU A 25 9.09 5.62 6.95
C LEU A 25 10.24 4.79 7.57
N PRO A 26 11.48 5.33 7.60
CA PRO A 26 12.69 4.68 8.09
C PRO A 26 12.58 3.78 9.31
N ASP A 27 11.92 4.30 10.35
CA ASP A 27 11.68 3.64 11.63
C ASP A 27 11.18 2.19 11.48
N GLY A 28 10.37 1.93 10.45
CA GLY A 28 9.62 0.70 10.34
C GLY A 28 8.27 0.89 9.64
N THR A 29 7.52 1.94 9.98
CA THR A 29 6.13 2.06 9.51
C THR A 29 5.98 2.56 8.06
N VAL A 30 4.73 2.76 7.64
CA VAL A 30 4.33 3.33 6.36
C VAL A 30 3.20 4.34 6.58
N ASP A 31 2.97 5.22 5.61
CA ASP A 31 1.90 6.22 5.62
C ASP A 31 1.75 6.82 4.20
N GLY A 32 1.22 8.04 4.11
CA GLY A 32 1.08 8.86 2.92
C GLY A 32 2.17 9.94 2.89
N THR A 33 2.84 10.14 1.74
CA THR A 33 3.61 11.36 1.50
C THR A 33 2.86 12.26 0.53
N ARG A 34 2.92 13.56 0.75
CA ARG A 34 2.01 14.51 0.12
C ARG A 34 2.56 15.08 -1.20
N ASP A 35 3.83 14.81 -1.51
CA ASP A 35 4.50 15.24 -2.73
C ASP A 35 5.05 14.06 -3.56
N ARG A 36 5.24 14.29 -4.86
CA ARG A 36 5.69 13.30 -5.84
C ARG A 36 7.18 13.37 -6.23
N SER A 37 8.02 14.16 -5.53
CA SER A 37 9.48 14.06 -5.63
C SER A 37 10.10 13.28 -4.46
N ASP A 38 9.30 12.94 -3.44
CA ASP A 38 9.82 12.37 -2.20
C ASP A 38 10.53 11.01 -2.38
N GLN A 39 11.48 10.74 -1.48
CA GLN A 39 12.56 9.76 -1.59
C GLN A 39 12.06 8.32 -1.74
N HIS A 40 10.92 7.99 -1.13
CA HIS A 40 10.41 6.62 -1.07
C HIS A 40 8.95 6.50 -1.49
N ILE A 41 8.53 7.30 -2.49
CA ILE A 41 7.39 6.94 -3.34
C ILE A 41 7.74 5.74 -4.24
N GLN A 42 9.02 5.66 -4.63
CA GLN A 42 9.61 4.64 -5.48
C GLN A 42 9.74 3.26 -4.81
N LEU A 43 8.66 2.76 -4.22
CA LEU A 43 8.60 1.39 -3.69
C LEU A 43 8.41 0.39 -4.83
N GLN A 44 9.09 -0.74 -4.72
CA GLN A 44 9.34 -1.75 -5.74
C GLN A 44 8.37 -2.93 -5.62
N LEU A 45 7.63 -3.28 -6.68
CA LEU A 45 6.73 -4.43 -6.62
C LEU A 45 7.49 -5.77 -6.62
N SER A 46 6.89 -6.76 -5.96
CA SER A 46 7.29 -8.17 -6.05
C SER A 46 6.02 -9.05 -5.99
N ALA A 47 5.66 -9.65 -7.12
CA ALA A 47 4.42 -10.41 -7.29
C ALA A 47 4.55 -11.89 -6.91
N GLU A 48 3.43 -12.52 -6.56
CA GLU A 48 3.29 -13.95 -6.28
C GLU A 48 2.53 -14.65 -7.42
N SER A 49 1.36 -14.14 -7.77
CA SER A 49 0.45 -14.75 -8.74
C SER A 49 -0.51 -13.69 -9.32
N VAL A 50 -1.61 -14.16 -9.91
CA VAL A 50 -2.63 -13.41 -10.67
C VAL A 50 -3.23 -12.18 -9.95
N GLY A 51 -2.41 -11.13 -9.82
CA GLY A 51 -2.73 -9.89 -9.12
C GLY A 51 -2.43 -9.98 -7.62
N GLU A 52 -1.44 -10.78 -7.22
CA GLU A 52 -1.03 -10.92 -5.83
C GLU A 52 0.39 -10.37 -5.67
N VAL A 53 0.55 -9.58 -4.62
CA VAL A 53 1.66 -8.62 -4.51
C VAL A 53 2.22 -8.37 -3.11
N TYR A 54 3.51 -8.08 -3.09
CA TYR A 54 4.28 -7.53 -1.98
C TYR A 54 5.05 -6.30 -2.50
N ILE A 55 4.98 -5.15 -1.83
CA ILE A 55 5.73 -3.95 -2.22
C ILE A 55 6.92 -3.74 -1.27
N LYS A 56 8.15 -3.85 -1.78
CA LYS A 56 9.38 -3.69 -1.00
C LYS A 56 10.01 -2.28 -1.19
N SER A 57 10.67 -1.78 -0.14
CA SER A 57 11.24 -0.44 -0.07
C SER A 57 12.75 -0.52 -0.27
N THR A 58 13.21 -0.61 -1.53
CA THR A 58 14.58 -0.96 -1.89
C THR A 58 15.67 -0.42 -0.95
N GLU A 59 15.67 0.89 -0.71
CA GLU A 59 16.64 1.60 0.11
C GLU A 59 16.72 1.09 1.58
N THR A 60 15.60 0.63 2.14
CA THR A 60 15.49 0.18 3.54
C THR A 60 15.24 -1.32 3.68
N GLY A 61 14.75 -1.97 2.63
CA GLY A 61 14.30 -3.35 2.63
C GLY A 61 12.86 -3.54 3.14
N GLN A 62 12.20 -2.48 3.62
CA GLN A 62 10.92 -2.61 4.31
C GLN A 62 9.77 -2.99 3.38
N TYR A 63 8.81 -3.77 3.89
CA TYR A 63 7.85 -4.51 3.10
C TYR A 63 6.40 -4.15 3.49
N LEU A 64 5.62 -3.55 2.59
CA LEU A 64 4.27 -3.11 2.87
C LEU A 64 3.42 -4.23 3.49
N ALA A 65 2.97 -4.06 4.74
CA ALA A 65 2.24 -5.05 5.51
C ALA A 65 1.17 -4.43 6.42
N MET A 66 0.23 -5.26 6.89
CA MET A 66 -0.72 -4.88 7.96
C MET A 66 -0.47 -5.76 9.19
N ASP A 67 -0.58 -5.21 10.41
CA ASP A 67 -0.36 -6.00 11.61
C ASP A 67 -1.53 -6.94 11.97
N THR A 68 -1.54 -7.29 13.24
CA THR A 68 -2.55 -8.04 13.96
C THR A 68 -3.86 -7.30 14.21
N ASP A 69 -3.84 -5.99 14.48
CA ASP A 69 -5.05 -5.17 14.53
C ASP A 69 -5.42 -4.67 13.11
N GLY A 70 -4.38 -4.38 12.31
CA GLY A 70 -4.48 -3.91 10.93
C GLY A 70 -3.81 -2.56 10.69
N LEU A 71 -2.88 -2.15 11.56
CA LEU A 71 -2.04 -0.98 11.34
C LEU A 71 -1.06 -1.28 10.21
N LEU A 72 -0.99 -0.36 9.23
CA LEU A 72 -0.07 -0.47 8.11
C LEU A 72 1.37 -0.29 8.61
N TYR A 73 2.31 -1.13 8.15
CA TYR A 73 3.72 -1.02 8.53
C TYR A 73 4.64 -1.70 7.51
N GLY A 74 5.97 -1.61 7.74
CA GLY A 74 6.99 -2.30 6.96
C GLY A 74 7.48 -3.59 7.64
N SER A 75 7.13 -4.77 7.11
CA SER A 75 7.82 -6.02 7.43
C SER A 75 9.22 -6.04 6.79
N GLN A 76 9.93 -7.15 6.88
CA GLN A 76 11.17 -7.43 6.15
C GLN A 76 10.99 -8.67 5.25
N THR A 77 10.40 -9.71 5.83
CA THR A 77 10.01 -10.94 5.15
C THR A 77 8.65 -10.81 4.45
N PRO A 78 8.45 -11.52 3.32
CA PRO A 78 7.21 -11.49 2.57
C PRO A 78 6.19 -12.45 3.22
N ASN A 79 5.77 -12.15 4.45
CA ASN A 79 4.82 -13.00 5.17
C ASN A 79 3.39 -12.71 4.72
N GLU A 80 2.45 -13.56 5.10
CA GLU A 80 1.04 -13.40 4.75
C GLU A 80 0.51 -12.00 5.11
N GLU A 81 0.96 -11.47 6.25
CA GLU A 81 0.67 -10.13 6.76
C GLU A 81 1.08 -9.06 5.75
N CYS A 82 2.14 -9.38 5.00
CA CYS A 82 2.74 -8.58 3.96
C CYS A 82 2.09 -8.79 2.57
N LEU A 83 1.20 -9.78 2.41
CA LEU A 83 0.73 -10.22 1.10
C LEU A 83 -0.62 -9.60 0.76
N PHE A 84 -0.66 -8.83 -0.34
CA PHE A 84 -1.86 -8.18 -0.81
C PHE A 84 -2.40 -8.81 -2.09
N LEU A 85 -3.70 -9.11 -2.09
CA LEU A 85 -4.52 -9.41 -3.26
C LEU A 85 -4.96 -8.09 -3.88
N GLU A 86 -4.37 -7.72 -5.02
CA GLU A 86 -4.62 -6.47 -5.74
C GLU A 86 -5.73 -6.63 -6.79
N ARG A 87 -6.76 -5.77 -6.78
CA ARG A 87 -7.68 -5.60 -7.91
C ARG A 87 -8.18 -4.16 -8.02
N LEU A 88 -8.75 -3.80 -9.17
CA LEU A 88 -9.44 -2.53 -9.36
C LEU A 88 -10.81 -2.49 -8.65
N GLU A 89 -11.26 -1.28 -8.28
CA GLU A 89 -12.57 -1.04 -7.68
C GLU A 89 -13.21 0.24 -8.26
N GLU A 90 -13.82 1.12 -7.45
CA GLU A 90 -14.49 2.32 -7.98
C GLU A 90 -13.54 3.19 -8.82
N ASN A 91 -14.05 3.82 -9.89
CA ASN A 91 -13.35 4.67 -10.84
C ASN A 91 -11.98 4.13 -11.27
N HIS A 92 -11.89 2.81 -11.42
CA HIS A 92 -10.69 2.09 -11.83
C HIS A 92 -9.47 2.31 -10.91
N TYR A 93 -9.69 2.75 -9.66
CA TYR A 93 -8.62 2.81 -8.67
C TYR A 93 -8.28 1.39 -8.20
N ASN A 94 -7.00 1.08 -7.97
CA ASN A 94 -6.58 -0.21 -7.45
C ASN A 94 -6.79 -0.28 -5.94
N THR A 95 -6.94 -1.51 -5.45
CA THR A 95 -7.19 -1.84 -4.06
C THR A 95 -6.36 -3.07 -3.68
N TYR A 96 -5.57 -2.93 -2.62
CA TYR A 96 -4.68 -3.95 -2.09
C TYR A 96 -5.30 -4.55 -0.82
N ILE A 97 -5.83 -5.77 -0.93
CA ILE A 97 -6.57 -6.46 0.15
C ILE A 97 -5.64 -7.46 0.84
N SER A 98 -5.51 -7.41 2.17
CA SER A 98 -4.70 -8.39 2.89
C SER A 98 -5.17 -9.82 2.60
N LYS A 99 -4.37 -10.61 1.89
CA LYS A 99 -4.68 -11.99 1.58
C LYS A 99 -4.69 -12.89 2.82
N LYS A 100 -4.01 -12.46 3.89
CA LYS A 100 -4.08 -13.08 5.20
C LYS A 100 -5.38 -12.67 5.90
N HIS A 101 -5.54 -11.37 6.14
CA HIS A 101 -6.72 -10.81 6.80
C HIS A 101 -7.90 -10.68 5.81
N ALA A 102 -8.14 -11.75 5.04
CA ALA A 102 -9.06 -11.78 3.90
C ALA A 102 -10.50 -12.10 4.30
N GLU A 103 -10.68 -12.85 5.40
CA GLU A 103 -11.97 -13.18 5.96
C GLU A 103 -12.61 -11.94 6.59
N LYS A 104 -11.83 -11.19 7.36
CA LYS A 104 -12.21 -9.88 7.85
C LYS A 104 -12.16 -8.85 6.70
N ASN A 105 -11.23 -9.03 5.75
CA ASN A 105 -11.18 -8.35 4.46
C ASN A 105 -10.60 -6.93 4.57
N TRP A 106 -9.36 -6.83 5.07
CA TRP A 106 -8.71 -5.56 5.35
C TRP A 106 -7.96 -4.96 4.16
N PHE A 107 -7.92 -3.63 4.07
CA PHE A 107 -7.31 -2.90 2.96
C PHE A 107 -6.28 -1.87 3.48
N VAL A 108 -5.21 -1.60 2.72
CA VAL A 108 -4.14 -0.68 3.12
C VAL A 108 -4.57 0.80 3.05
N GLY A 109 -5.62 1.19 3.79
CA GLY A 109 -6.20 2.52 3.70
C GLY A 109 -5.31 3.65 4.27
N LEU A 110 -5.30 4.81 3.60
CA LEU A 110 -4.69 6.05 4.09
C LEU A 110 -5.77 7.14 4.26
N LYS A 111 -6.30 7.26 5.48
CA LYS A 111 -7.41 8.09 5.93
C LYS A 111 -7.49 9.53 5.39
N LYS A 112 -8.74 10.02 5.30
CA LYS A 112 -9.19 11.39 5.13
C LYS A 112 -8.30 12.45 5.82
N ASN A 113 -7.90 12.20 7.08
CA ASN A 113 -7.08 13.13 7.86
C ASN A 113 -5.65 13.31 7.32
N GLY A 114 -5.26 12.49 6.33
CA GLY A 114 -3.95 12.53 5.71
C GLY A 114 -2.94 11.65 6.42
N SER A 115 -3.32 10.41 6.78
CA SER A 115 -2.48 9.43 7.45
C SER A 115 -3.16 8.06 7.49
N CYS A 116 -2.47 7.02 7.97
CA CYS A 116 -2.95 5.64 8.09
C CYS A 116 -4.42 5.48 8.50
N LYS A 117 -5.14 4.56 7.83
CA LYS A 117 -6.40 3.99 8.29
C LYS A 117 -6.25 2.48 8.57
N ARG A 118 -6.09 2.16 9.84
CA ARG A 118 -5.91 0.84 10.43
C ARG A 118 -7.13 -0.09 10.23
N GLY A 119 -6.86 -1.35 9.85
CA GLY A 119 -7.68 -2.48 10.28
C GLY A 119 -9.17 -2.43 9.92
N PRO A 120 -10.03 -2.84 10.86
CA PRO A 120 -11.09 -3.74 10.45
C PRO A 120 -12.39 -2.98 10.15
N ARG A 121 -12.22 -1.83 9.50
CA ARG A 121 -13.26 -1.01 8.89
C ARG A 121 -12.65 -0.12 7.78
N THR A 122 -11.62 -0.64 7.10
CA THR A 122 -11.00 -0.04 5.93
C THR A 122 -11.87 -0.32 4.70
N HIS A 123 -11.80 -1.55 4.19
CA HIS A 123 -12.85 -2.14 3.36
C HIS A 123 -13.12 -1.39 2.04
N TYR A 124 -14.08 -1.88 1.26
CA TYR A 124 -14.45 -1.32 -0.04
C TYR A 124 -14.87 0.16 0.04
N GLY A 125 -14.80 0.87 -1.09
CA GLY A 125 -15.47 2.14 -1.30
C GLY A 125 -14.85 3.37 -0.62
N GLN A 126 -14.38 3.25 0.63
CA GLN A 126 -13.84 4.36 1.40
C GLN A 126 -12.55 4.85 0.74
N LYS A 127 -12.57 6.02 0.10
CA LYS A 127 -11.49 6.50 -0.76
C LYS A 127 -10.08 6.44 -0.16
N ALA A 128 -9.92 6.43 1.18
CA ALA A 128 -8.79 5.84 1.90
C ALA A 128 -8.04 4.71 1.16
N ILE A 129 -8.78 3.71 0.71
CA ILE A 129 -8.29 2.44 0.16
C ILE A 129 -8.10 2.46 -1.36
N LEU A 130 -8.51 3.53 -2.04
CA LEU A 130 -8.51 3.61 -3.50
C LEU A 130 -7.21 4.24 -4.01
N PHE A 131 -6.33 3.43 -4.61
CA PHE A 131 -5.01 3.82 -5.09
C PHE A 131 -4.93 3.87 -6.62
N LEU A 132 -4.71 5.04 -7.20
CA LEU A 132 -4.45 5.18 -8.63
C LEU A 132 -2.95 4.91 -8.90
N PRO A 133 -2.59 3.88 -9.68
CA PRO A 133 -1.21 3.58 -9.96
C PRO A 133 -0.73 4.41 -11.17
N LEU A 134 0.37 5.14 -11.01
CA LEU A 134 1.10 5.79 -12.11
C LEU A 134 2.48 5.13 -12.26
N PRO A 135 2.57 3.99 -12.95
CA PRO A 135 3.80 3.23 -13.09
C PRO A 135 4.69 3.83 -14.20
N VAL A 136 5.49 4.84 -13.85
CA VAL A 136 6.33 5.58 -14.80
C VAL A 136 7.27 4.66 -15.62
N SER A 137 6.88 4.44 -16.88
CA SER A 137 7.44 3.41 -17.77
C SER A 137 7.55 2.05 -17.05
N SER A 138 6.46 1.59 -16.45
CA SER A 138 6.38 0.42 -15.57
C SER A 138 6.89 0.71 -14.15
N ASP A 139 6.96 -0.33 -13.34
CA ASP A 139 7.59 -0.37 -12.01
C ASP A 139 9.08 0.03 -12.06
N TYR A 7 9.25 -6.80 -8.98
CA TYR A 7 9.96 -7.20 -10.21
C TYR A 7 10.31 -5.96 -11.05
N LYS A 8 9.84 -5.88 -12.30
CA LYS A 8 9.89 -4.65 -13.09
C LYS A 8 9.01 -3.54 -12.50
N LYS A 9 9.04 -2.36 -13.12
CA LYS A 9 8.05 -1.29 -12.99
C LYS A 9 7.55 -0.97 -11.58
N PRO A 10 8.30 -0.18 -10.81
CA PRO A 10 7.76 0.60 -9.68
C PRO A 10 6.50 1.37 -10.06
N LYS A 11 5.69 1.74 -9.08
CA LYS A 11 4.55 2.63 -9.31
C LYS A 11 4.18 3.47 -8.09
N LEU A 12 3.95 4.77 -8.29
CA LEU A 12 3.58 5.67 -7.22
C LEU A 12 2.08 5.54 -6.95
N LEU A 13 1.70 4.93 -5.82
CA LEU A 13 0.32 4.67 -5.44
C LEU A 13 -0.33 5.90 -4.82
N TYR A 14 -1.00 6.71 -5.65
CA TYR A 14 -1.66 7.97 -5.32
C TYR A 14 -3.03 7.70 -4.68
N CYS A 15 -3.15 7.77 -3.34
CA CYS A 15 -4.43 7.67 -2.64
C CYS A 15 -5.34 8.85 -2.98
N SER A 16 -6.28 8.64 -3.91
CA SER A 16 -7.24 9.68 -4.32
C SER A 16 -7.93 10.36 -3.12
N ASN A 17 -8.32 9.58 -2.11
CA ASN A 17 -8.86 10.08 -0.85
C ASN A 17 -7.80 10.83 -0.03
N GLY A 18 -7.49 12.07 -0.42
CA GLY A 18 -6.48 12.92 0.21
C GLY A 18 -5.44 13.40 -0.80
N GLY A 19 -5.12 12.57 -1.78
CA GLY A 19 -4.27 12.90 -2.93
C GLY A 19 -2.84 12.42 -2.79
N HIS A 20 -2.34 12.24 -1.56
CA HIS A 20 -1.00 11.77 -1.26
C HIS A 20 -0.67 10.39 -1.82
N PHE A 21 0.60 10.06 -1.72
CA PHE A 21 1.21 8.81 -2.17
C PHE A 21 1.44 7.91 -0.96
N LEU A 22 1.19 6.60 -1.15
CA LEU A 22 1.54 5.59 -0.16
C LEU A 22 3.04 5.64 0.17
N ARG A 23 3.36 5.90 1.43
CA ARG A 23 4.71 6.18 1.92
C ARG A 23 5.12 5.17 3.00
N ILE A 24 6.41 4.85 3.11
CA ILE A 24 6.95 3.89 4.08
C ILE A 24 8.25 4.43 4.69
N LEU A 25 8.39 4.45 6.01
CA LEU A 25 9.40 5.23 6.70
C LEU A 25 10.45 4.37 7.43
N PRO A 26 11.70 4.87 7.59
CA PRO A 26 12.83 4.16 8.20
C PRO A 26 12.53 3.34 9.45
N ASP A 27 11.87 3.98 10.40
CA ASP A 27 11.41 3.42 11.67
C ASP A 27 10.57 2.13 11.50
N GLY A 28 9.86 2.02 10.36
CA GLY A 28 8.94 0.92 10.08
C GLY A 28 7.52 1.36 9.74
N THR A 29 7.06 2.56 10.13
CA THR A 29 5.67 2.94 9.86
C THR A 29 5.40 3.24 8.39
N VAL A 30 4.11 3.46 8.10
CA VAL A 30 3.59 3.81 6.77
C VAL A 30 2.65 5.02 6.87
N ASP A 31 2.58 5.78 5.77
CA ASP A 31 2.16 7.18 5.78
C ASP A 31 1.65 7.67 4.39
N GLY A 32 1.18 8.91 4.35
CA GLY A 32 0.63 9.63 3.20
C GLY A 32 1.37 10.96 2.95
N THR A 33 2.21 11.01 1.90
CA THR A 33 2.95 12.23 1.52
C THR A 33 2.42 12.82 0.22
N ARG A 34 2.23 14.14 0.16
CA ARG A 34 1.76 14.80 -1.06
C ARG A 34 2.72 14.57 -2.25
N ASP A 35 4.03 14.54 -2.02
CA ASP A 35 5.00 14.74 -3.09
C ASP A 35 5.49 13.46 -3.80
N ARG A 36 5.73 13.56 -5.11
CA ARG A 36 6.21 12.51 -5.99
C ARG A 36 7.75 12.37 -6.02
N SER A 37 8.49 13.18 -5.25
CA SER A 37 9.91 12.98 -4.96
C SER A 37 10.18 12.99 -3.45
N ASP A 38 9.20 12.54 -2.64
CA ASP A 38 9.44 12.22 -1.24
C ASP A 38 10.55 11.18 -1.10
N GLN A 39 11.25 11.15 0.03
CA GLN A 39 12.31 10.18 0.26
C GLN A 39 11.81 8.71 0.27
N HIS A 40 10.49 8.49 0.40
CA HIS A 40 9.90 7.14 0.34
C HIS A 40 8.54 7.09 -0.38
N ILE A 41 8.55 7.20 -1.71
CA ILE A 41 7.39 6.92 -2.56
C ILE A 41 7.69 5.89 -3.67
N GLN A 42 8.97 5.56 -3.87
CA GLN A 42 9.49 4.61 -4.84
C GLN A 42 9.16 3.13 -4.49
N LEU A 43 7.87 2.79 -4.39
CA LEU A 43 7.46 1.42 -4.10
C LEU A 43 7.59 0.49 -5.33
N GLN A 44 8.03 -0.74 -5.07
CA GLN A 44 8.45 -1.72 -6.07
C GLN A 44 7.60 -3.00 -5.93
N LEU A 45 6.78 -3.32 -6.93
CA LEU A 45 5.82 -4.42 -6.85
C LEU A 45 6.36 -5.74 -7.41
N SER A 46 6.24 -6.83 -6.65
CA SER A 46 6.48 -8.20 -7.09
C SER A 46 5.22 -9.07 -6.89
N ALA A 47 4.59 -9.53 -7.99
CA ALA A 47 3.44 -10.40 -7.92
C ALA A 47 3.79 -11.81 -7.41
N GLU A 48 3.07 -12.31 -6.42
CA GLU A 48 3.13 -13.71 -6.01
C GLU A 48 2.46 -14.61 -7.08
N SER A 49 1.29 -14.17 -7.56
CA SER A 49 0.49 -14.85 -8.57
C SER A 49 -0.52 -13.90 -9.21
N VAL A 50 -1.52 -14.46 -9.88
CA VAL A 50 -2.54 -13.79 -10.69
C VAL A 50 -3.53 -12.95 -9.86
N GLY A 51 -3.01 -12.00 -9.07
CA GLY A 51 -3.77 -11.13 -8.19
C GLY A 51 -2.96 -10.67 -6.98
N GLU A 52 -2.26 -11.60 -6.34
CA GLU A 52 -1.52 -11.36 -5.11
C GLU A 52 -0.12 -10.78 -5.34
N VAL A 53 0.28 -9.86 -4.46
CA VAL A 53 1.48 -9.04 -4.58
C VAL A 53 2.20 -8.80 -3.24
N TYR A 54 3.53 -8.65 -3.34
CA TYR A 54 4.39 -8.09 -2.31
C TYR A 54 4.90 -6.72 -2.80
N ILE A 55 4.73 -5.67 -1.99
CA ILE A 55 5.22 -4.33 -2.29
C ILE A 55 6.48 -4.05 -1.46
N LYS A 56 7.63 -3.92 -2.14
CA LYS A 56 8.92 -3.69 -1.53
C LYS A 56 9.34 -2.22 -1.60
N SER A 57 9.94 -1.68 -0.53
CA SER A 57 10.53 -0.35 -0.49
C SER A 57 11.97 -0.42 -1.02
N THR A 58 12.18 -0.06 -2.30
CA THR A 58 13.39 -0.35 -3.04
C THR A 58 14.71 -0.11 -2.30
N GLU A 59 14.86 1.06 -1.68
CA GLU A 59 16.08 1.51 -0.99
C GLU A 59 16.39 0.75 0.32
N THR A 60 15.46 0.75 1.29
CA THR A 60 15.61 0.06 2.58
C THR A 60 15.40 -1.45 2.45
N GLY A 61 14.66 -1.88 1.43
CA GLY A 61 14.31 -3.27 1.16
C GLY A 61 13.09 -3.76 1.94
N GLN A 62 12.39 -2.88 2.68
CA GLN A 62 11.27 -3.24 3.54
C GLN A 62 10.08 -3.79 2.73
N TYR A 63 9.17 -4.50 3.40
CA TYR A 63 7.95 -5.05 2.84
C TYR A 63 6.71 -4.32 3.36
N LEU A 64 6.02 -3.56 2.51
CA LEU A 64 4.73 -2.98 2.89
C LEU A 64 3.77 -4.10 3.33
N ALA A 65 3.11 -3.93 4.47
CA ALA A 65 2.41 -5.02 5.16
C ALA A 65 1.32 -4.49 6.08
N MET A 66 0.40 -5.37 6.52
CA MET A 66 -0.68 -5.07 7.46
C MET A 66 -0.63 -5.98 8.69
N ASP A 67 -0.58 -5.41 9.89
CA ASP A 67 -0.33 -6.14 11.12
C ASP A 67 -1.61 -6.70 11.77
N THR A 68 -1.61 -6.83 13.10
CA THR A 68 -2.55 -7.59 13.91
C THR A 68 -3.76 -6.75 14.35
N ASP A 69 -3.58 -5.47 14.63
CA ASP A 69 -4.64 -4.54 14.98
C ASP A 69 -5.36 -4.01 13.73
N GLY A 70 -4.59 -3.90 12.63
CA GLY A 70 -4.93 -3.06 11.49
C GLY A 70 -3.75 -2.33 10.87
N LEU A 71 -2.72 -1.99 11.66
CA LEU A 71 -1.64 -1.09 11.28
C LEU A 71 -0.96 -1.53 9.98
N LEU A 72 -1.06 -0.72 8.92
CA LEU A 72 -0.21 -0.88 7.75
C LEU A 72 1.17 -0.27 8.03
N TYR A 73 2.23 -0.98 7.63
CA TYR A 73 3.62 -0.74 8.04
C TYR A 73 4.62 -1.41 7.10
N GLY A 74 5.90 -1.37 7.45
CA GLY A 74 7.02 -2.01 6.76
C GLY A 74 7.61 -3.18 7.56
N SER A 75 7.54 -4.40 7.03
CA SER A 75 8.15 -5.60 7.62
C SER A 75 9.48 -5.95 6.94
N GLN A 76 10.11 -7.01 7.44
CA GLN A 76 11.44 -7.49 7.02
C GLN A 76 11.35 -8.51 5.89
N THR A 77 10.45 -9.47 6.06
CA THR A 77 10.27 -10.65 5.22
C THR A 77 9.03 -10.55 4.31
N PRO A 78 8.99 -11.33 3.22
CA PRO A 78 7.79 -11.47 2.40
C PRO A 78 6.85 -12.50 3.04
N ASN A 79 6.11 -12.10 4.07
CA ASN A 79 5.12 -12.94 4.74
C ASN A 79 3.69 -12.56 4.35
N GLU A 80 2.71 -13.36 4.73
CA GLU A 80 1.31 -13.21 4.36
C GLU A 80 0.74 -11.82 4.76
N GLU A 81 1.19 -11.27 5.88
CA GLU A 81 0.97 -9.91 6.37
C GLU A 81 1.30 -8.89 5.28
N CYS A 82 2.35 -9.22 4.53
CA CYS A 82 2.94 -8.43 3.48
C CYS A 82 2.31 -8.72 2.11
N LEU A 83 1.31 -9.61 2.05
CA LEU A 83 0.78 -10.17 0.82
C LEU A 83 -0.62 -9.62 0.51
N PHE A 84 -0.70 -8.73 -0.49
CA PHE A 84 -1.93 -8.05 -0.85
C PHE A 84 -2.50 -8.57 -2.17
N LEU A 85 -3.81 -8.79 -2.24
CA LEU A 85 -4.51 -8.93 -3.51
C LEU A 85 -4.66 -7.52 -4.12
N GLU A 86 -4.01 -7.27 -5.26
CA GLU A 86 -4.17 -6.01 -5.98
C GLU A 86 -5.55 -5.95 -6.63
N ARG A 87 -6.56 -5.57 -5.84
CA ARG A 87 -7.91 -5.33 -6.32
C ARG A 87 -7.92 -4.00 -7.10
N LEU A 88 -7.49 -4.05 -8.36
CA LEU A 88 -7.93 -3.11 -9.38
C LEU A 88 -9.45 -2.96 -9.30
N GLU A 89 -9.91 -1.85 -8.74
CA GLU A 89 -11.30 -1.56 -8.46
C GLU A 89 -12.10 -1.44 -9.76
N GLU A 90 -13.41 -1.70 -9.75
CA GLU A 90 -14.31 -1.25 -10.81
C GLU A 90 -14.00 0.21 -11.19
N ASN A 91 -13.91 1.09 -10.19
CA ASN A 91 -13.57 2.51 -10.38
C ASN A 91 -12.05 2.73 -10.52
N HIS A 92 -11.38 1.96 -11.38
CA HIS A 92 -10.03 2.13 -11.95
C HIS A 92 -8.83 2.14 -10.98
N TYR A 93 -8.98 2.63 -9.75
CA TYR A 93 -7.93 2.69 -8.75
C TYR A 93 -7.46 1.27 -8.34
N ASN A 94 -6.20 1.08 -7.97
CA ASN A 94 -5.82 -0.08 -7.17
C ASN A 94 -6.34 0.08 -5.74
N THR A 95 -6.50 -1.08 -5.11
CA THR A 95 -6.78 -1.27 -3.69
C THR A 95 -6.10 -2.59 -3.29
N TYR A 96 -5.55 -2.67 -2.08
CA TYR A 96 -4.67 -3.77 -1.67
C TYR A 96 -5.22 -4.50 -0.45
N ILE A 97 -5.87 -5.66 -0.68
CA ILE A 97 -6.54 -6.44 0.36
C ILE A 97 -5.59 -7.47 0.94
N SER A 98 -5.39 -7.51 2.26
CA SER A 98 -4.53 -8.54 2.86
C SER A 98 -5.05 -9.96 2.57
N LYS A 99 -4.27 -10.78 1.87
CA LYS A 99 -4.59 -12.18 1.63
C LYS A 99 -4.56 -13.03 2.90
N LYS A 100 -3.88 -12.56 3.96
CA LYS A 100 -3.96 -13.17 5.28
C LYS A 100 -5.30 -12.83 5.91
N HIS A 101 -5.58 -11.53 6.09
CA HIS A 101 -6.81 -11.07 6.71
C HIS A 101 -8.00 -11.08 5.72
N ALA A 102 -8.17 -12.20 5.00
CA ALA A 102 -9.08 -12.34 3.87
C ALA A 102 -10.50 -12.78 4.27
N GLU A 103 -10.77 -12.90 5.57
CA GLU A 103 -12.10 -13.08 6.11
C GLU A 103 -12.68 -11.69 6.46
N LYS A 104 -11.97 -10.93 7.29
CA LYS A 104 -12.32 -9.57 7.64
C LYS A 104 -12.17 -8.63 6.42
N ASN A 105 -11.21 -8.94 5.53
CA ASN A 105 -10.92 -8.22 4.29
C ASN A 105 -10.46 -6.79 4.56
N TRP A 106 -9.30 -6.67 5.21
CA TRP A 106 -8.66 -5.40 5.51
C TRP A 106 -7.83 -4.91 4.32
N PHE A 107 -7.79 -3.58 4.14
CA PHE A 107 -7.13 -2.96 3.01
C PHE A 107 -6.03 -2.00 3.50
N VAL A 108 -4.94 -1.90 2.75
CA VAL A 108 -4.06 -0.74 2.87
C VAL A 108 -4.88 0.53 2.60
N GLY A 109 -4.80 1.57 3.46
CA GLY A 109 -5.46 2.85 3.16
C GLY A 109 -4.86 4.07 3.87
N LEU A 110 -5.09 5.26 3.30
CA LEU A 110 -4.67 6.53 3.89
C LEU A 110 -5.85 7.48 4.16
N LYS A 111 -5.77 8.19 5.29
CA LYS A 111 -6.39 9.47 5.60
C LYS A 111 -7.21 9.43 6.89
N LYS A 112 -6.48 9.69 7.98
CA LYS A 112 -6.96 10.10 9.30
C LYS A 112 -6.13 11.32 9.70
N ASN A 113 -6.72 12.51 9.76
CA ASN A 113 -5.99 13.76 9.96
C ASN A 113 -4.81 13.84 8.97
N GLY A 114 -5.10 13.54 7.71
CA GLY A 114 -4.10 13.49 6.64
C GLY A 114 -3.44 12.10 6.50
N SER A 115 -2.83 11.59 7.57
CA SER A 115 -1.96 10.40 7.50
C SER A 115 -2.71 9.05 7.47
N CYS A 116 -1.96 7.97 7.69
CA CYS A 116 -2.36 6.56 7.67
C CYS A 116 -3.75 6.25 8.25
N LYS A 117 -4.53 5.38 7.58
CA LYS A 117 -5.85 4.94 8.03
C LYS A 117 -5.96 3.41 7.95
N ARG A 118 -6.07 2.76 9.11
CA ARG A 118 -5.70 1.36 9.32
C ARG A 118 -6.83 0.47 9.87
N GLY A 119 -6.73 -0.83 9.61
CA GLY A 119 -7.66 -1.83 10.16
C GLY A 119 -9.09 -1.83 9.62
N PRO A 120 -10.03 -2.25 10.46
CA PRO A 120 -10.97 -3.27 10.05
C PRO A 120 -12.23 -2.68 9.40
N ARG A 121 -12.22 -1.37 9.15
CA ARG A 121 -13.22 -0.65 8.38
C ARG A 121 -12.57 0.24 7.31
N THR A 122 -11.32 -0.04 6.92
CA THR A 122 -10.72 0.51 5.69
C THR A 122 -11.64 0.15 4.51
N HIS A 123 -11.52 -1.10 4.07
CA HIS A 123 -12.58 -1.87 3.43
C HIS A 123 -13.15 -1.31 2.12
N TYR A 124 -14.09 -2.03 1.51
CA TYR A 124 -15.08 -1.39 0.65
C TYR A 124 -16.04 -0.57 1.52
N GLY A 125 -15.51 0.50 2.13
CA GLY A 125 -16.21 1.32 3.12
C GLY A 125 -15.70 2.75 3.10
N GLN A 126 -14.44 2.97 3.49
CA GLN A 126 -13.81 4.29 3.50
C GLN A 126 -12.81 4.43 2.35
N LYS A 127 -12.85 5.57 1.67
CA LYS A 127 -12.20 5.78 0.36
C LYS A 127 -10.67 5.78 0.45
N ALA A 128 -10.13 5.82 1.67
CA ALA A 128 -8.75 5.63 2.02
C ALA A 128 -7.99 4.57 1.20
N ILE A 129 -8.70 3.53 0.74
CA ILE A 129 -8.16 2.43 -0.04
C ILE A 129 -7.87 2.76 -1.52
N LEU A 130 -8.49 3.82 -2.08
CA LEU A 130 -8.49 4.08 -3.52
C LEU A 130 -7.19 4.71 -4.07
N PHE A 131 -6.22 3.86 -4.45
CA PHE A 131 -4.91 4.26 -4.97
C PHE A 131 -4.84 4.29 -6.51
N LEU A 132 -4.76 5.48 -7.13
CA LEU A 132 -4.39 5.59 -8.54
C LEU A 132 -2.91 5.21 -8.73
N PRO A 133 -2.58 4.23 -9.58
CA PRO A 133 -1.19 3.87 -9.84
C PRO A 133 -0.57 4.81 -10.87
N LEU A 134 0.53 5.49 -10.51
CA LEU A 134 1.38 6.16 -11.49
C LEU A 134 2.65 5.31 -11.76
N PRO A 135 2.61 4.38 -12.74
CA PRO A 135 3.78 3.60 -13.15
C PRO A 135 4.73 4.44 -14.01
N VAL A 136 5.34 5.48 -13.40
CA VAL A 136 6.15 6.48 -14.09
C VAL A 136 7.34 5.89 -14.87
N SER A 137 8.01 4.88 -14.31
CA SER A 137 9.25 4.35 -14.87
C SER A 137 9.08 3.78 -16.30
N SER A 138 9.85 4.30 -17.26
CA SER A 138 9.74 3.87 -18.66
C SER A 138 10.46 2.55 -18.96
N ASP A 139 10.20 1.53 -18.14
CA ASP A 139 10.81 0.21 -18.21
C ASP A 139 9.84 -0.87 -18.73
N TYR A 7 17.53 -0.52 -5.28
CA TYR A 7 17.56 -0.26 -6.73
C TYR A 7 16.42 0.71 -7.19
N LYS A 8 16.69 2.01 -7.08
CA LYS A 8 15.83 3.14 -7.48
C LYS A 8 15.26 3.05 -8.92
N LYS A 9 14.21 2.25 -9.10
CA LYS A 9 13.33 2.29 -10.28
C LYS A 9 11.88 2.00 -9.86
N PRO A 10 11.11 3.01 -9.40
CA PRO A 10 9.94 2.78 -8.56
C PRO A 10 8.64 2.51 -9.32
N LYS A 11 7.59 2.24 -8.54
CA LYS A 11 6.18 2.43 -8.89
C LYS A 11 5.53 3.22 -7.75
N LEU A 12 4.72 4.24 -8.04
CA LEU A 12 4.08 5.03 -6.98
C LEU A 12 2.61 4.66 -6.83
N LEU A 13 2.15 4.48 -5.59
CA LEU A 13 0.74 4.22 -5.27
C LEU A 13 0.11 5.49 -4.67
N TYR A 14 -0.74 6.16 -5.46
CA TYR A 14 -1.34 7.45 -5.12
C TYR A 14 -2.76 7.27 -4.56
N CYS A 15 -2.91 7.29 -3.23
CA CYS A 15 -4.22 7.26 -2.59
C CYS A 15 -5.06 8.48 -2.97
N SER A 16 -6.10 8.27 -3.77
CA SER A 16 -7.03 9.31 -4.20
C SER A 16 -7.52 10.19 -3.03
N ASN A 17 -7.88 9.55 -1.91
CA ASN A 17 -8.54 10.13 -0.75
C ASN A 17 -8.13 11.57 -0.39
N GLY A 18 -6.83 11.81 -0.28
CA GLY A 18 -6.24 13.15 -0.23
C GLY A 18 -5.00 13.22 -1.12
N GLY A 19 -5.09 12.60 -2.31
CA GLY A 19 -4.01 12.48 -3.28
C GLY A 19 -2.65 12.09 -2.70
N HIS A 20 -2.60 11.15 -1.76
CA HIS A 20 -1.38 10.81 -1.05
C HIS A 20 -0.54 9.78 -1.81
N PHE A 21 0.66 10.17 -2.23
CA PHE A 21 1.72 9.22 -2.52
C PHE A 21 2.00 8.39 -1.26
N LEU A 22 1.77 7.07 -1.32
CA LEU A 22 2.02 6.14 -0.23
C LEU A 22 3.52 6.07 0.08
N ARG A 23 3.90 6.42 1.32
CA ARG A 23 5.27 6.74 1.73
C ARG A 23 5.71 5.79 2.86
N ILE A 24 6.80 5.02 2.67
CA ILE A 24 7.29 4.02 3.63
C ILE A 24 8.66 4.39 4.20
N LEU A 25 8.80 4.45 5.52
CA LEU A 25 9.97 5.00 6.19
C LEU A 25 10.93 3.90 6.72
N PRO A 26 12.26 4.12 6.64
CA PRO A 26 13.30 3.24 7.13
C PRO A 26 13.01 2.47 8.42
N ASP A 27 12.62 3.20 9.46
CA ASP A 27 12.25 2.67 10.78
C ASP A 27 11.25 1.51 10.70
N GLY A 28 10.37 1.52 9.68
CA GLY A 28 9.30 0.56 9.52
C GLY A 28 7.92 1.18 9.26
N THR A 29 7.63 2.41 9.70
CA THR A 29 6.29 2.96 9.52
C THR A 29 5.96 3.34 8.07
N VAL A 30 4.71 3.75 7.86
CA VAL A 30 4.19 4.18 6.57
C VAL A 30 3.08 5.23 6.76
N ASP A 31 2.88 6.05 5.72
CA ASP A 31 1.93 7.16 5.71
C ASP A 31 1.65 7.68 4.27
N GLY A 32 0.96 8.82 4.18
CA GLY A 32 0.54 9.50 2.97
C GLY A 32 1.14 10.91 2.85
N THR A 33 1.83 11.21 1.74
CA THR A 33 2.16 12.60 1.39
C THR A 33 1.41 13.04 0.15
N ARG A 34 0.66 14.15 0.25
CA ARG A 34 -0.08 14.70 -0.89
C ARG A 34 0.83 14.95 -2.10
N ASP A 35 2.13 15.22 -1.88
CA ASP A 35 3.07 15.62 -2.91
C ASP A 35 4.41 14.87 -2.81
N ARG A 36 4.99 14.54 -3.97
CA ARG A 36 6.15 13.66 -4.13
C ARG A 36 7.49 14.32 -3.77
N SER A 37 7.56 15.03 -2.64
CA SER A 37 8.75 15.73 -2.17
C SER A 37 9.76 14.81 -1.48
N ASP A 38 9.28 13.81 -0.74
CA ASP A 38 10.12 12.82 -0.10
C ASP A 38 10.61 11.78 -1.13
N GLN A 39 11.74 11.13 -0.85
CA GLN A 39 12.17 9.92 -1.55
C GLN A 39 11.31 8.72 -1.14
N HIS A 40 10.81 8.70 0.10
CA HIS A 40 10.18 7.53 0.71
C HIS A 40 8.84 7.08 0.10
N ILE A 41 8.36 7.82 -0.90
CA ILE A 41 7.36 7.36 -1.87
C ILE A 41 7.85 6.16 -2.71
N GLN A 42 9.16 5.89 -2.70
CA GLN A 42 9.87 4.83 -3.43
C GLN A 42 9.41 3.37 -3.17
N LEU A 43 8.16 3.07 -3.54
CA LEU A 43 7.60 1.73 -3.55
C LEU A 43 7.87 1.00 -4.88
N GLN A 44 7.60 -0.29 -4.88
CA GLN A 44 7.72 -1.22 -5.99
C GLN A 44 6.72 -2.37 -5.73
N LEU A 45 6.05 -2.90 -6.76
CA LEU A 45 4.92 -3.81 -6.66
C LEU A 45 5.26 -5.19 -7.26
N SER A 46 5.70 -6.13 -6.42
CA SER A 46 6.12 -7.47 -6.82
C SER A 46 4.98 -8.47 -6.68
N ALA A 47 4.35 -8.87 -7.79
CA ALA A 47 3.37 -9.96 -7.79
C ALA A 47 4.00 -11.30 -7.39
N GLU A 48 3.30 -12.09 -6.58
CA GLU A 48 3.71 -13.44 -6.19
C GLU A 48 2.89 -14.50 -6.93
N SER A 49 1.57 -14.35 -6.89
CA SER A 49 0.61 -15.42 -7.21
C SER A 49 -0.74 -14.82 -7.63
N VAL A 50 -1.77 -15.66 -7.72
CA VAL A 50 -3.10 -15.42 -8.31
C VAL A 50 -3.80 -14.11 -7.88
N GLY A 51 -3.30 -12.98 -8.40
CA GLY A 51 -3.78 -11.64 -8.07
C GLY A 51 -3.23 -11.11 -6.74
N GLU A 52 -2.18 -11.76 -6.19
CA GLU A 52 -1.60 -11.43 -4.91
C GLU A 52 -0.15 -10.95 -5.02
N VAL A 53 0.13 -9.91 -4.23
CA VAL A 53 1.24 -8.96 -4.43
C VAL A 53 1.93 -8.52 -3.14
N TYR A 54 3.22 -8.22 -3.25
CA TYR A 54 4.07 -7.62 -2.24
C TYR A 54 4.46 -6.21 -2.65
N ILE A 55 4.11 -5.21 -1.85
CA ILE A 55 4.65 -3.86 -2.02
C ILE A 55 5.97 -3.75 -1.25
N LYS A 56 7.08 -3.60 -1.99
CA LYS A 56 8.42 -3.48 -1.41
C LYS A 56 9.01 -2.08 -1.65
N SER A 57 9.81 -1.56 -0.70
CA SER A 57 10.60 -0.36 -0.94
C SER A 57 11.73 -0.66 -1.94
N THR A 58 12.04 0.26 -2.86
CA THR A 58 13.02 0.00 -3.93
C THR A 58 14.44 -0.21 -3.44
N GLU A 59 14.83 0.51 -2.39
CA GLU A 59 16.20 0.54 -1.85
C GLU A 59 16.37 -0.48 -0.71
N THR A 60 15.69 -0.27 0.41
CA THR A 60 15.82 -1.13 1.59
C THR A 60 15.11 -2.48 1.44
N GLY A 61 14.23 -2.65 0.44
CA GLY A 61 13.51 -3.91 0.22
C GLY A 61 12.48 -4.20 1.33
N GLN A 62 12.02 -3.15 2.03
CA GLN A 62 11.09 -3.29 3.14
C GLN A 62 9.68 -3.55 2.63
N TYR A 63 9.07 -4.61 3.14
CA TYR A 63 7.80 -5.17 2.68
C TYR A 63 6.61 -4.51 3.38
N LEU A 64 5.92 -3.59 2.72
CA LEU A 64 4.67 -3.05 3.23
C LEU A 64 3.73 -4.21 3.61
N ALA A 65 3.19 -4.16 4.83
CA ALA A 65 2.49 -5.25 5.47
C ALA A 65 1.46 -4.74 6.45
N MET A 66 0.44 -5.55 6.73
CA MET A 66 -0.62 -5.23 7.68
C MET A 66 -0.60 -6.23 8.84
N ASP A 67 -0.51 -5.73 10.07
CA ASP A 67 -0.35 -6.60 11.24
C ASP A 67 -1.69 -7.09 11.82
N THR A 68 -1.73 -7.28 13.13
CA THR A 68 -2.71 -8.04 13.87
C THR A 68 -3.98 -7.26 14.17
N ASP A 69 -3.87 -5.95 14.49
CA ASP A 69 -5.01 -5.08 14.71
C ASP A 69 -5.48 -4.43 13.40
N GLY A 70 -4.53 -4.18 12.49
CA GLY A 70 -4.68 -3.41 11.29
C GLY A 70 -3.43 -2.61 10.91
N LEU A 71 -2.57 -2.28 11.88
CA LEU A 71 -1.44 -1.37 11.69
C LEU A 71 -0.56 -1.75 10.50
N LEU A 72 -0.22 -0.74 9.70
CA LEU A 72 0.61 -0.87 8.51
C LEU A 72 2.09 -0.68 8.85
N TYR A 73 2.93 -1.56 8.32
CA TYR A 73 4.37 -1.55 8.61
C TYR A 73 5.21 -2.17 7.49
N GLY A 74 6.51 -1.87 7.47
CA GLY A 74 7.50 -2.37 6.51
C GLY A 74 8.29 -3.56 7.07
N SER A 75 7.87 -4.79 6.78
CA SER A 75 8.52 -6.00 7.24
C SER A 75 9.90 -6.20 6.59
N GLN A 76 10.79 -6.91 7.28
CA GLN A 76 12.06 -7.36 6.76
C GLN A 76 11.88 -8.34 5.60
N THR A 77 10.92 -9.24 5.74
CA THR A 77 10.70 -10.42 4.89
C THR A 77 9.29 -10.45 4.28
N PRO A 78 9.12 -11.14 3.13
CA PRO A 78 7.80 -11.42 2.58
C PRO A 78 7.13 -12.53 3.40
N ASN A 79 5.85 -12.35 3.74
CA ASN A 79 4.99 -13.37 4.34
C ASN A 79 3.53 -12.93 4.15
N GLU A 80 2.55 -13.75 4.55
CA GLU A 80 1.13 -13.50 4.29
C GLU A 80 0.65 -12.10 4.72
N GLU A 81 1.17 -11.59 5.84
CA GLU A 81 0.96 -10.25 6.41
C GLU A 81 1.27 -9.17 5.38
N CYS A 82 2.29 -9.46 4.58
CA CYS A 82 2.83 -8.61 3.55
C CYS A 82 2.17 -8.86 2.18
N LEU A 83 1.39 -9.92 2.05
CA LEU A 83 0.85 -10.41 0.78
C LEU A 83 -0.57 -9.91 0.57
N PHE A 84 -0.72 -8.86 -0.21
CA PHE A 84 -2.00 -8.24 -0.51
C PHE A 84 -2.69 -8.93 -1.67
N LEU A 85 -4.01 -9.15 -1.59
CA LEU A 85 -4.83 -9.45 -2.75
C LEU A 85 -5.17 -8.12 -3.42
N GLU A 86 -4.73 -7.93 -4.68
CA GLU A 86 -5.08 -6.77 -5.47
C GLU A 86 -6.53 -6.86 -5.99
N ARG A 87 -7.15 -5.72 -6.26
CA ARG A 87 -8.33 -5.58 -7.10
C ARG A 87 -8.23 -4.25 -7.84
N LEU A 88 -8.17 -4.30 -9.18
CA LEU A 88 -8.34 -3.15 -10.04
C LEU A 88 -9.82 -2.78 -9.98
N GLU A 89 -10.13 -1.57 -9.50
CA GLU A 89 -11.43 -0.95 -9.50
C GLU A 89 -11.70 -0.35 -10.89
N GLU A 90 -12.79 -0.80 -11.53
CA GLU A 90 -13.16 -0.41 -12.88
C GLU A 90 -13.25 1.10 -13.02
N ASN A 91 -13.66 1.81 -11.95
CA ASN A 91 -13.54 3.27 -11.86
C ASN A 91 -12.08 3.73 -11.63
N HIS A 92 -11.14 3.21 -12.43
CA HIS A 92 -9.75 3.62 -12.54
C HIS A 92 -9.00 3.81 -11.21
N TYR A 93 -8.99 2.79 -10.35
CA TYR A 93 -8.14 2.73 -9.16
C TYR A 93 -7.72 1.28 -8.87
N ASN A 94 -6.86 1.06 -7.89
CA ASN A 94 -6.45 -0.25 -7.39
C ASN A 94 -6.63 -0.33 -5.87
N THR A 95 -6.62 -1.55 -5.32
CA THR A 95 -6.98 -1.82 -3.92
C THR A 95 -6.26 -3.06 -3.37
N TYR A 96 -5.36 -2.84 -2.41
CA TYR A 96 -4.56 -3.89 -1.79
C TYR A 96 -5.20 -4.36 -0.48
N ILE A 97 -5.91 -5.49 -0.54
CA ILE A 97 -6.56 -6.12 0.62
C ILE A 97 -5.57 -7.06 1.32
N SER A 98 -5.36 -6.92 2.63
CA SER A 98 -4.50 -7.86 3.35
C SER A 98 -5.15 -9.24 3.45
N LYS A 99 -4.76 -10.17 2.56
CA LYS A 99 -5.31 -11.53 2.60
C LYS A 99 -4.68 -12.43 3.67
N LYS A 100 -3.93 -11.85 4.62
CA LYS A 100 -3.79 -12.40 5.96
C LYS A 100 -5.17 -12.42 6.60
N HIS A 101 -5.80 -11.24 6.67
CA HIS A 101 -7.19 -11.06 7.03
C HIS A 101 -8.13 -11.44 5.87
N ALA A 102 -7.99 -12.67 5.35
CA ALA A 102 -8.81 -13.19 4.24
C ALA A 102 -10.32 -13.21 4.54
N GLU A 103 -10.70 -13.19 5.81
CA GLU A 103 -12.06 -13.22 6.31
C GLU A 103 -12.60 -11.78 6.45
N LYS A 104 -11.93 -10.97 7.26
CA LYS A 104 -12.33 -9.62 7.60
C LYS A 104 -12.04 -8.62 6.46
N ASN A 105 -11.09 -8.93 5.57
CA ASN A 105 -10.77 -8.19 4.35
C ASN A 105 -10.44 -6.72 4.60
N TRP A 106 -9.35 -6.49 5.32
CA TRP A 106 -8.84 -5.17 5.68
C TRP A 106 -8.00 -4.55 4.55
N PHE A 107 -8.12 -3.23 4.36
CA PHE A 107 -7.46 -2.50 3.26
C PHE A 107 -6.36 -1.58 3.78
N VAL A 108 -5.23 -1.45 3.05
CA VAL A 108 -4.11 -0.59 3.43
C VAL A 108 -4.38 0.91 3.24
N GLY A 109 -5.53 1.40 3.70
CA GLY A 109 -5.99 2.74 3.36
C GLY A 109 -5.15 3.88 3.96
N LEU A 110 -5.27 5.09 3.39
CA LEU A 110 -4.70 6.32 3.97
C LEU A 110 -5.79 7.36 4.33
N LYS A 111 -5.72 7.88 5.55
CA LYS A 111 -6.61 8.91 6.07
C LYS A 111 -6.40 10.26 5.38
N LYS A 112 -7.41 11.12 5.34
CA LYS A 112 -7.35 12.46 4.72
C LYS A 112 -6.09 13.23 5.17
N ASN A 113 -5.84 13.20 6.48
CA ASN A 113 -4.72 13.85 7.17
C ASN A 113 -3.35 13.39 6.66
N GLY A 114 -3.30 12.19 6.06
CA GLY A 114 -2.07 11.54 5.62
C GLY A 114 -1.62 10.40 6.52
N SER A 115 -2.28 10.18 7.67
CA SER A 115 -1.99 9.00 8.49
C SER A 115 -2.43 7.71 7.78
N CYS A 116 -2.00 6.56 8.28
CA CYS A 116 -2.65 5.31 7.93
C CYS A 116 -4.16 5.36 8.23
N LYS A 117 -4.92 4.55 7.50
CA LYS A 117 -6.33 4.29 7.75
C LYS A 117 -6.55 2.79 7.72
N ARG A 118 -6.20 2.20 8.85
CA ARG A 118 -5.89 0.79 9.07
C ARG A 118 -7.12 -0.07 9.43
N GLY A 119 -6.98 -1.40 9.33
CA GLY A 119 -7.81 -2.32 10.10
C GLY A 119 -9.30 -2.31 9.82
N PRO A 120 -10.08 -2.79 10.79
CA PRO A 120 -11.30 -3.51 10.51
C PRO A 120 -12.50 -2.58 10.37
N ARG A 121 -12.23 -1.27 10.35
CA ARG A 121 -13.16 -0.21 10.05
C ARG A 121 -13.05 0.23 8.57
N THR A 122 -12.00 -0.21 7.87
CA THR A 122 -11.90 -0.10 6.41
C THR A 122 -12.84 -1.10 5.73
N HIS A 123 -13.30 -0.77 4.53
CA HIS A 123 -14.22 -1.56 3.73
C HIS A 123 -14.29 -0.96 2.33
N TYR A 124 -15.12 -1.53 1.44
CA TYR A 124 -15.28 -1.03 0.08
C TYR A 124 -16.12 0.26 0.02
N GLY A 125 -15.57 1.35 0.58
CA GLY A 125 -16.29 2.62 0.69
C GLY A 125 -15.41 3.80 1.11
N GLN A 126 -14.64 3.67 2.19
CA GLN A 126 -13.76 4.70 2.70
C GLN A 126 -12.66 4.98 1.65
N LYS A 127 -12.70 6.14 0.98
CA LYS A 127 -11.92 6.34 -0.27
C LYS A 127 -10.41 6.21 -0.03
N ALA A 128 -10.00 6.34 1.23
CA ALA A 128 -8.78 5.79 1.82
C ALA A 128 -8.20 4.58 1.08
N ILE A 129 -9.04 3.61 0.69
CA ILE A 129 -8.58 2.37 0.05
C ILE A 129 -8.15 2.53 -1.42
N LEU A 130 -8.61 3.57 -2.13
CA LEU A 130 -8.50 3.69 -3.58
C LEU A 130 -7.17 4.30 -4.04
N PHE A 131 -6.23 3.46 -4.48
CA PHE A 131 -4.89 3.85 -4.94
C PHE A 131 -4.80 3.90 -6.47
N LEU A 132 -4.49 5.06 -7.04
CA LEU A 132 -4.11 5.13 -8.46
C LEU A 132 -2.65 4.69 -8.62
N PRO A 133 -2.35 3.67 -9.44
CA PRO A 133 -0.98 3.23 -9.66
C PRO A 133 -0.30 4.09 -10.73
N LEU A 134 0.91 4.57 -10.43
CA LEU A 134 1.82 5.17 -11.40
C LEU A 134 3.03 4.22 -11.55
N PRO A 135 2.93 3.19 -12.41
CA PRO A 135 3.95 2.16 -12.52
C PRO A 135 5.16 2.65 -13.32
N VAL A 136 5.93 3.59 -12.75
CA VAL A 136 7.06 4.24 -13.41
C VAL A 136 8.08 3.26 -14.02
N SER A 137 8.46 2.19 -13.30
CA SER A 137 9.37 1.18 -13.84
C SER A 137 9.15 -0.24 -13.30
N SER A 138 9.98 -1.18 -13.74
CA SER A 138 9.93 -2.60 -13.41
C SER A 138 10.35 -2.86 -11.95
N ASP A 139 9.92 -4.00 -11.40
CA ASP A 139 10.20 -4.37 -10.01
C ASP A 139 11.58 -5.02 -9.81
#